data_7PDS
#
_entry.id   7PDS
#
_cell.length_a   1.00
_cell.length_b   1.00
_cell.length_c   1.00
_cell.angle_alpha   90.00
_cell.angle_beta   90.00
_cell.angle_gamma   90.00
#
_symmetry.space_group_name_H-M   'P 1'
#
loop_
_entity.id
_entity.type
_entity.pdbx_description
1 polymer 'Similar to D. nodosus vapE'
2 polymer polyA
3 non-polymer 'PHOSPHOTHIOPHOSPHORIC ACID-ADENYLATE ESTER'
4 non-polymer 'MAGNESIUM ION'
#
loop_
_entity_poly.entity_id
_entity_poly.type
_entity_poly.pdbx_seq_one_letter_code
_entity_poly.pdbx_strand_id
1 'polypeptide(L)'
;MFEMIDSRTGVLNANDWKSQLRRSATTQALKKTTTNAEIILCNDESLKGLVQYDAFEKVTKLKRLPYWRSKGDANYYWAD
IDTTHVISHIDKLYNVQFSRDLIDTVIEKEAYQNRFHPIKSMIESKSWDGIKRIETLFIDYLGAEDNHYNREVTKKWMMG
AVARIYQPGIKYDSMIILYGGQGVGKSTAVSKLGGHWYNQSIKTFKGDEVYKKLQGSWICEIEELSAFQKSTIEDIKGFI
SAIVDIYRASYGKRTERHPRQCVFVGTTNNYEFLKDQTGNRRFFPITTDKNKATKSPFDDLTPVVVQQMFAEARVYFDEN
PTDKALLLDKEASEMALKVQEAHSEKDALVGEIEEFLERPIPSDYWYRTLEEKRVSAHDVIDQDYIKLYGDGKLIELPNA
KPGAYVWRDKVCSMEIWKVMMKRDDQPQQHHLRKIDKALRNTNYCGTVKKQTRYGEGIGKQYGFSVDLASYYKNLKV
;
A,B,C,D,E,F
2 'polydeoxyribonucleotide' (DT)(DA)(DA)(DA)(DA) M
#
# COMPACT_ATOMS: atom_id res chain seq x y z
N ASN A 15 10.46 -49.33 -45.00
CA ASN A 15 11.72 -48.68 -45.35
C ASN A 15 12.41 -48.15 -44.11
N ASP A 16 13.75 -48.16 -44.14
CA ASP A 16 14.51 -47.62 -43.03
C ASP A 16 14.44 -46.10 -43.03
N TRP A 17 14.10 -45.53 -41.87
CA TRP A 17 14.06 -44.08 -41.72
C TRP A 17 15.39 -43.50 -41.26
N LYS A 18 16.33 -44.35 -40.83
CA LYS A 18 17.66 -43.87 -40.47
C LYS A 18 18.29 -43.09 -41.62
N SER A 19 17.98 -43.46 -42.86
CA SER A 19 18.57 -42.79 -44.01
C SER A 19 18.10 -41.34 -44.15
N GLN A 20 16.98 -40.97 -43.51
CA GLN A 20 16.49 -39.61 -43.64
C GLN A 20 17.33 -38.60 -42.86
N LEU A 21 18.03 -39.04 -41.83
CA LEU A 21 18.79 -38.14 -40.98
C LEU A 21 19.93 -37.49 -41.76
N ARG A 22 20.11 -36.19 -41.56
CA ARG A 22 21.20 -35.45 -42.18
C ARG A 22 22.45 -35.60 -41.33
N ARG A 23 23.56 -35.97 -41.96
CA ARG A 23 24.84 -36.12 -41.29
C ARG A 23 25.88 -35.24 -41.97
N SER A 24 26.79 -34.69 -41.17
CA SER A 24 27.90 -33.94 -41.73
C SER A 24 28.83 -34.89 -42.48
N ALA A 25 29.15 -34.53 -43.73
CA ALA A 25 29.97 -35.41 -44.56
C ALA A 25 31.40 -35.51 -44.08
N THR A 26 31.84 -34.61 -43.21
CA THR A 26 33.22 -34.63 -42.71
C THR A 26 33.33 -35.44 -41.41
N THR A 27 32.59 -35.05 -40.39
CA THR A 27 32.68 -35.70 -39.08
C THR A 27 31.91 -37.01 -39.01
N GLN A 28 31.06 -37.30 -40.00
CA GLN A 28 30.25 -38.52 -40.01
C GLN A 28 29.39 -38.63 -38.75
N ALA A 29 28.81 -37.51 -38.34
CA ALA A 29 27.96 -37.46 -37.16
C ALA A 29 26.70 -36.67 -37.47
N LEU A 30 25.64 -36.97 -36.73
CA LEU A 30 24.37 -36.29 -36.95
C LEU A 30 24.49 -34.80 -36.64
N LYS A 31 23.63 -34.01 -37.25
CA LYS A 31 23.64 -32.57 -37.06
C LYS A 31 22.63 -32.19 -35.98
N LYS A 32 23.03 -31.26 -35.12
CA LYS A 32 22.15 -30.74 -34.09
C LYS A 32 21.13 -29.81 -34.74
N THR A 33 20.17 -30.38 -35.46
CA THR A 33 19.33 -29.62 -36.37
C THR A 33 17.87 -29.97 -36.13
N THR A 34 17.00 -28.98 -36.35
CA THR A 34 15.58 -29.14 -36.04
C THR A 34 14.95 -30.28 -36.83
N THR A 35 15.37 -30.45 -38.09
CA THR A 35 14.78 -31.53 -38.89
C THR A 35 15.22 -32.90 -38.41
N ASN A 36 16.47 -33.02 -37.94
CA ASN A 36 16.91 -34.29 -37.37
C ASN A 36 16.11 -34.62 -36.12
N ALA A 37 15.90 -33.63 -35.25
CA ALA A 37 15.10 -33.86 -34.05
C ALA A 37 13.67 -34.22 -34.40
N GLU A 38 13.11 -33.57 -35.43
CA GLU A 38 11.75 -33.89 -35.84
C GLU A 38 11.64 -35.31 -36.36
N ILE A 39 12.60 -35.74 -37.19
CA ILE A 39 12.58 -37.10 -37.72
C ILE A 39 12.71 -38.10 -36.58
N ILE A 40 13.64 -37.87 -35.67
CA ILE A 40 13.84 -38.78 -34.54
C ILE A 40 12.60 -38.84 -33.67
N LEU A 41 11.97 -37.70 -33.42
CA LEU A 41 10.83 -37.65 -32.53
C LEU A 41 9.56 -38.18 -33.18
N CYS A 42 9.52 -38.22 -34.51
CA CYS A 42 8.35 -38.72 -35.21
C CYS A 42 8.50 -40.16 -35.68
N ASN A 43 9.71 -40.73 -35.60
CA ASN A 43 9.93 -42.09 -36.06
C ASN A 43 10.44 -43.05 -35.00
N ASP A 44 10.96 -42.56 -33.88
CA ASP A 44 11.42 -43.45 -32.83
C ASP A 44 10.23 -44.14 -32.18
N GLU A 45 10.41 -45.41 -31.82
CA GLU A 45 9.32 -46.18 -31.23
C GLU A 45 8.99 -45.69 -29.83
N SER A 46 10.02 -45.28 -29.07
CA SER A 46 9.78 -44.83 -27.70
C SER A 46 9.17 -43.43 -27.66
N LEU A 47 9.44 -42.63 -28.69
CA LEU A 47 8.98 -41.24 -28.73
C LEU A 47 7.90 -40.99 -29.76
N LYS A 48 7.27 -42.04 -30.29
CA LYS A 48 6.23 -41.86 -31.30
C LYS A 48 4.93 -41.40 -30.66
N GLY A 49 4.46 -40.22 -31.07
CA GLY A 49 3.14 -39.76 -30.65
C GLY A 49 2.98 -39.62 -29.15
N LEU A 50 3.97 -39.03 -28.49
CA LEU A 50 3.88 -38.81 -27.04
C LEU A 50 3.08 -37.57 -26.68
N VAL A 51 3.22 -36.49 -27.42
CA VAL A 51 2.71 -35.18 -27.03
C VAL A 51 1.59 -34.78 -27.95
N GLN A 52 0.63 -34.03 -27.40
CA GLN A 52 -0.45 -33.41 -28.17
C GLN A 52 -0.75 -32.06 -27.54
N TYR A 53 -1.10 -31.09 -28.38
CA TYR A 53 -1.26 -29.71 -27.93
C TYR A 53 -2.68 -29.47 -27.47
N ASP A 54 -2.86 -29.31 -26.16
CA ASP A 54 -4.17 -29.03 -25.60
C ASP A 54 -4.67 -27.70 -26.13
N ALA A 55 -5.82 -27.71 -26.80
CA ALA A 55 -6.32 -26.50 -27.43
C ALA A 55 -6.91 -25.53 -26.42
N PHE A 56 -7.60 -26.06 -25.40
CA PHE A 56 -8.26 -25.20 -24.43
C PHE A 56 -7.24 -24.34 -23.67
N GLU A 57 -6.38 -25.00 -22.90
CA GLU A 57 -5.24 -24.35 -22.27
C GLU A 57 -4.01 -24.62 -23.14
N LYS A 58 -3.36 -23.54 -23.57
CA LYS A 58 -2.33 -23.65 -24.59
C LYS A 58 -1.06 -24.30 -24.05
N VAL A 59 -1.13 -25.58 -23.74
CA VAL A 59 -0.01 -26.31 -23.16
C VAL A 59 0.15 -27.65 -23.87
N THR A 60 1.36 -28.18 -23.82
CA THR A 60 1.63 -29.52 -24.34
C THR A 60 1.27 -30.55 -23.29
N LYS A 61 0.51 -31.57 -23.68
CA LYS A 61 0.07 -32.61 -22.78
C LYS A 61 0.47 -33.96 -23.36
N LEU A 62 0.50 -34.97 -22.50
CA LEU A 62 0.89 -36.29 -22.96
C LEU A 62 -0.28 -36.99 -23.63
N LYS A 63 -0.01 -37.66 -24.75
CA LYS A 63 -0.98 -38.53 -25.39
C LYS A 63 -0.95 -39.94 -24.83
N ARG A 64 0.19 -40.36 -24.29
CA ARG A 64 0.34 -41.64 -23.61
C ARG A 64 1.47 -41.51 -22.60
N LEU A 65 1.46 -42.37 -21.61
CA LEU A 65 2.52 -42.32 -20.60
C LEU A 65 3.83 -42.78 -21.20
N PRO A 66 4.88 -41.97 -21.18
CA PRO A 66 6.17 -42.41 -21.71
C PRO A 66 6.82 -43.44 -20.79
N TYR A 67 7.83 -44.12 -21.35
CA TYR A 67 8.44 -45.23 -20.63
C TYR A 67 9.17 -44.81 -19.37
N TRP A 68 9.44 -43.52 -19.17
CA TRP A 68 10.17 -43.08 -17.99
C TRP A 68 9.26 -42.65 -16.86
N ARG A 69 7.95 -42.77 -17.02
CA ARG A 69 7.01 -42.40 -15.97
C ARG A 69 6.35 -43.65 -15.39
N SER A 70 6.06 -43.60 -14.10
CA SER A 70 5.39 -44.71 -13.43
C SER A 70 4.03 -44.97 -14.07
N LYS A 71 3.69 -46.25 -14.20
CA LYS A 71 2.45 -46.62 -14.88
C LYS A 71 1.22 -46.08 -14.18
N GLY A 72 1.30 -45.88 -12.86
CA GLY A 72 0.20 -45.32 -12.12
C GLY A 72 0.09 -43.82 -12.14
N ASP A 73 1.02 -43.14 -12.82
CA ASP A 73 1.00 -41.69 -12.84
C ASP A 73 -0.21 -41.16 -13.62
N ALA A 74 -0.82 -40.11 -13.08
CA ALA A 74 -1.97 -39.47 -13.71
C ALA A 74 -1.67 -38.06 -14.16
N ASN A 75 -0.44 -37.58 -13.98
CA ASN A 75 -0.05 -36.26 -14.47
C ASN A 75 0.17 -36.35 -15.97
N TYR A 76 -0.62 -35.61 -16.74
CA TYR A 76 -0.58 -35.66 -18.19
C TYR A 76 -0.05 -34.36 -18.80
N TYR A 77 0.84 -33.67 -18.11
CA TYR A 77 1.44 -32.44 -18.61
C TYR A 77 2.92 -32.67 -18.88
N TRP A 78 3.41 -32.07 -19.97
CA TRP A 78 4.80 -32.18 -20.34
C TRP A 78 5.62 -31.22 -19.49
N ALA A 79 6.54 -31.76 -18.70
CA ALA A 79 7.39 -30.97 -17.80
C ALA A 79 8.82 -30.98 -18.32
N ASP A 80 9.69 -30.26 -17.61
CA ASP A 80 11.09 -30.20 -18.01
C ASP A 80 11.80 -31.53 -17.80
N ILE A 81 11.34 -32.34 -16.85
CA ILE A 81 11.93 -33.66 -16.68
C ILE A 81 11.66 -34.53 -17.89
N ASP A 82 10.51 -34.35 -18.54
CA ASP A 82 10.24 -35.11 -19.75
C ASP A 82 11.14 -34.68 -20.90
N THR A 83 11.43 -33.38 -21.00
CA THR A 83 12.40 -32.92 -22.00
C THR A 83 13.79 -33.47 -21.69
N THR A 84 14.15 -33.53 -20.41
CA THR A 84 15.43 -34.13 -20.02
C THR A 84 15.50 -35.58 -20.45
N HIS A 85 14.42 -36.33 -20.22
CA HIS A 85 14.42 -37.75 -20.58
C HIS A 85 14.45 -37.93 -22.09
N VAL A 86 13.78 -37.03 -22.83
CA VAL A 86 13.83 -37.10 -24.30
C VAL A 86 15.25 -36.86 -24.79
N ILE A 87 15.91 -35.84 -24.26
CA ILE A 87 17.29 -35.54 -24.67
C ILE A 87 18.21 -36.71 -24.33
N SER A 88 18.06 -37.26 -23.12
CA SER A 88 18.90 -38.39 -22.71
C SER A 88 18.68 -39.60 -23.60
N HIS A 89 17.42 -39.92 -23.91
CA HIS A 89 17.12 -41.06 -24.76
C HIS A 89 17.69 -40.87 -26.16
N ILE A 90 17.52 -39.68 -26.72
CA ILE A 90 18.04 -39.41 -28.06
C ILE A 90 19.55 -39.52 -28.07
N ASP A 91 20.21 -38.98 -27.04
CA ASP A 91 21.66 -39.07 -26.97
C ASP A 91 22.14 -40.51 -26.83
N LYS A 92 21.47 -41.30 -25.99
CA LYS A 92 21.88 -42.69 -25.80
C LYS A 92 21.72 -43.48 -27.09
N LEU A 93 20.54 -43.42 -27.71
CA LEU A 93 20.35 -44.19 -28.93
C LEU A 93 21.14 -43.62 -30.09
N TYR A 94 21.16 -42.29 -30.23
CA TYR A 94 21.76 -41.63 -31.37
C TYR A 94 22.86 -40.72 -30.86
N ASN A 95 24.06 -40.86 -31.42
CA ASN A 95 25.17 -40.08 -30.87
C ASN A 95 25.05 -38.61 -31.26
N VAL A 96 24.01 -37.95 -30.76
CA VAL A 96 23.81 -36.52 -30.98
C VAL A 96 23.22 -35.94 -29.71
N GLN A 97 23.69 -34.75 -29.34
CA GLN A 97 23.23 -34.08 -28.13
C GLN A 97 22.48 -32.82 -28.54
N PHE A 98 21.16 -32.87 -28.44
CA PHE A 98 20.32 -31.75 -28.80
C PHE A 98 20.17 -30.79 -27.62
N SER A 99 20.17 -29.50 -27.92
CA SER A 99 19.98 -28.50 -26.88
C SER A 99 18.55 -28.54 -26.36
N ARG A 100 18.37 -28.13 -25.11
CA ARG A 100 17.05 -28.16 -24.50
C ARG A 100 16.07 -27.25 -25.23
N ASP A 101 16.54 -26.09 -25.69
CA ASP A 101 15.67 -25.19 -26.42
C ASP A 101 15.20 -25.80 -27.73
N LEU A 102 16.11 -26.45 -28.45
CA LEU A 102 15.75 -27.08 -29.72
C LEU A 102 14.75 -28.21 -29.51
N ILE A 103 14.96 -29.01 -28.47
CA ILE A 103 14.05 -30.12 -28.20
C ILE A 103 12.69 -29.59 -27.76
N ASP A 104 12.67 -28.52 -26.97
CA ASP A 104 11.40 -27.92 -26.58
C ASP A 104 10.65 -27.38 -27.78
N THR A 105 11.37 -26.73 -28.71
CA THR A 105 10.74 -26.23 -29.93
C THR A 105 10.17 -27.38 -30.77
N VAL A 106 10.94 -28.45 -30.93
CA VAL A 106 10.44 -29.59 -31.70
C VAL A 106 9.25 -30.23 -31.01
N ILE A 107 9.26 -30.30 -29.68
CA ILE A 107 8.12 -30.85 -28.95
C ILE A 107 6.89 -29.99 -29.16
N GLU A 108 7.04 -28.67 -29.09
CA GLU A 108 5.91 -27.78 -29.31
C GLU A 108 5.35 -27.93 -30.71
N LYS A 109 6.22 -28.05 -31.72
CA LYS A 109 5.74 -28.23 -33.09
C LYS A 109 5.02 -29.56 -33.25
N GLU A 110 5.65 -30.65 -32.78
CA GLU A 110 5.07 -31.98 -32.94
C GLU A 110 3.81 -32.16 -32.10
N ALA A 111 3.61 -31.33 -31.09
CA ALA A 111 2.34 -31.30 -30.36
C ALA A 111 1.30 -30.48 -31.10
N TYR A 112 1.69 -29.32 -31.62
CA TYR A 112 0.76 -28.49 -32.38
C TYR A 112 0.22 -29.24 -33.59
N GLN A 113 1.01 -30.14 -34.17
CA GLN A 113 0.50 -30.96 -35.26
C GLN A 113 -0.63 -31.86 -34.80
N ASN A 114 -0.62 -32.27 -33.52
CA ASN A 114 -1.69 -33.08 -32.95
C ASN A 114 -2.38 -32.24 -31.87
N ARG A 115 -3.31 -31.41 -32.29
CA ARG A 115 -4.02 -30.53 -31.36
C ARG A 115 -5.41 -31.07 -31.10
N PHE A 116 -5.73 -31.29 -29.84
CA PHE A 116 -7.03 -31.79 -29.42
C PHE A 116 -7.59 -30.86 -28.38
N HIS A 117 -8.91 -30.75 -28.33
CA HIS A 117 -9.53 -29.92 -27.32
C HIS A 117 -10.30 -30.82 -26.38
N PRO A 118 -9.91 -30.93 -25.11
CA PRO A 118 -10.48 -31.98 -24.26
C PRO A 118 -11.90 -31.68 -23.83
N ILE A 119 -12.23 -30.41 -23.62
CA ILE A 119 -13.59 -30.05 -23.26
C ILE A 119 -14.54 -30.43 -24.40
N LYS A 120 -14.18 -30.07 -25.63
CA LYS A 120 -15.01 -30.44 -26.76
C LYS A 120 -15.12 -31.95 -26.90
N SER A 121 -14.07 -32.68 -26.54
CA SER A 121 -14.17 -34.14 -26.53
C SER A 121 -15.18 -34.62 -25.50
N MET A 122 -15.19 -34.00 -24.33
CA MET A 122 -16.18 -34.35 -23.31
C MET A 122 -17.60 -34.02 -23.78
N ILE A 123 -17.78 -32.87 -24.42
CA ILE A 123 -19.11 -32.46 -24.87
C ILE A 123 -19.64 -33.44 -25.92
N GLU A 124 -18.77 -33.90 -26.81
CA GLU A 124 -19.14 -34.79 -27.89
C GLU A 124 -18.83 -36.25 -27.58
N SER A 125 -18.49 -36.57 -26.33
CA SER A 125 -18.20 -37.95 -25.98
C SER A 125 -19.43 -38.84 -26.15
N LYS A 126 -20.60 -38.33 -25.78
CA LYS A 126 -21.86 -39.06 -25.93
C LYS A 126 -22.90 -38.14 -26.54
N SER A 127 -23.80 -38.72 -27.33
CA SER A 127 -24.93 -37.97 -27.85
C SER A 127 -25.97 -37.78 -26.75
N TRP A 128 -26.63 -36.63 -26.78
CA TRP A 128 -27.62 -36.31 -25.76
C TRP A 128 -28.80 -37.27 -25.86
N ASP A 129 -29.20 -37.82 -24.71
CA ASP A 129 -30.28 -38.81 -24.69
C ASP A 129 -31.62 -38.16 -24.99
N GLY A 130 -31.91 -37.03 -24.35
CA GLY A 130 -33.21 -36.41 -24.47
C GLY A 130 -33.92 -36.30 -23.14
N ILE A 131 -33.14 -36.26 -22.06
CA ILE A 131 -33.71 -36.25 -20.72
C ILE A 131 -33.97 -34.85 -20.21
N LYS A 132 -33.40 -33.83 -20.84
CA LYS A 132 -33.64 -32.43 -20.48
C LYS A 132 -33.25 -32.14 -19.02
N ARG A 133 -31.95 -32.24 -18.73
CA ARG A 133 -31.50 -32.13 -17.35
C ARG A 133 -31.12 -30.69 -16.99
N ILE A 134 -30.61 -29.93 -17.95
CA ILE A 134 -29.95 -28.65 -17.63
C ILE A 134 -30.94 -27.65 -17.07
N GLU A 135 -32.20 -27.70 -17.51
CA GLU A 135 -33.17 -26.72 -17.04
C GLU A 135 -33.43 -26.87 -15.54
N THR A 136 -33.53 -28.11 -15.07
CA THR A 136 -33.77 -28.39 -13.66
C THR A 136 -32.49 -28.71 -12.90
N LEU A 137 -31.34 -28.17 -13.35
CA LEU A 137 -30.08 -28.49 -12.71
C LEU A 137 -30.06 -28.05 -11.25
N PHE A 138 -30.11 -26.75 -11.01
CA PHE A 138 -30.08 -26.26 -9.64
C PHE A 138 -31.43 -26.44 -8.96
N ILE A 139 -32.46 -26.78 -9.73
CA ILE A 139 -33.78 -26.99 -9.16
C ILE A 139 -33.82 -28.27 -8.35
N ASP A 140 -33.25 -29.36 -8.88
CA ASP A 140 -33.29 -30.62 -8.17
C ASP A 140 -31.94 -31.07 -7.62
N TYR A 141 -30.88 -30.32 -7.90
CA TYR A 141 -29.60 -30.63 -7.25
C TYR A 141 -29.30 -29.68 -6.10
N LEU A 142 -29.83 -28.46 -6.13
CA LEU A 142 -29.62 -27.50 -5.06
C LEU A 142 -30.91 -27.05 -4.40
N GLY A 143 -32.07 -27.44 -4.90
CA GLY A 143 -33.33 -27.09 -4.28
C GLY A 143 -33.92 -25.76 -4.70
N ALA A 144 -33.42 -25.16 -5.77
CA ALA A 144 -33.99 -23.90 -6.24
C ALA A 144 -35.45 -24.09 -6.64
N GLU A 145 -36.25 -23.06 -6.39
CA GLU A 145 -37.68 -23.15 -6.66
C GLU A 145 -37.94 -23.32 -8.15
N ASP A 146 -39.01 -24.04 -8.46
CA ASP A 146 -39.31 -24.45 -9.84
C ASP A 146 -40.03 -23.32 -10.58
N ASN A 147 -39.35 -22.18 -10.67
CA ASN A 147 -39.86 -21.03 -11.39
C ASN A 147 -39.48 -21.12 -12.86
N HIS A 148 -40.09 -20.24 -13.66
CA HIS A 148 -39.65 -20.09 -15.04
C HIS A 148 -38.31 -19.37 -15.10
N TYR A 149 -38.09 -18.44 -14.16
CA TYR A 149 -36.84 -17.69 -14.12
C TYR A 149 -35.66 -18.61 -13.88
N ASN A 150 -35.77 -19.52 -12.91
CA ASN A 150 -34.67 -20.42 -12.60
C ASN A 150 -34.34 -21.31 -13.79
N ARG A 151 -35.38 -21.90 -14.40
CA ARG A 151 -35.15 -22.78 -15.55
C ARG A 151 -34.47 -22.03 -16.69
N GLU A 152 -35.02 -20.86 -17.05
CA GLU A 152 -34.45 -20.11 -18.17
C GLU A 152 -33.02 -19.69 -17.87
N VAL A 153 -32.75 -19.23 -16.65
CA VAL A 153 -31.42 -18.70 -16.36
C VAL A 153 -30.38 -19.82 -16.31
N THR A 154 -30.74 -20.98 -15.75
CA THR A 154 -29.78 -22.10 -15.76
C THR A 154 -29.55 -22.62 -17.17
N LYS A 155 -30.61 -22.71 -17.97
CA LYS A 155 -30.44 -23.14 -19.35
C LYS A 155 -29.54 -22.18 -20.11
N LYS A 156 -29.79 -20.88 -19.97
CA LYS A 156 -28.97 -19.90 -20.68
C LYS A 156 -27.54 -19.92 -20.19
N TRP A 157 -27.31 -20.17 -18.90
CA TRP A 157 -25.93 -20.25 -18.42
C TRP A 157 -25.20 -21.46 -18.99
N MET A 158 -25.88 -22.61 -19.07
CA MET A 158 -25.24 -23.78 -19.66
C MET A 158 -24.95 -23.56 -21.14
N MET A 159 -25.89 -22.96 -21.88
CA MET A 159 -25.64 -22.64 -23.28
C MET A 159 -24.51 -21.64 -23.42
N GLY A 160 -24.40 -20.69 -22.49
CA GLY A 160 -23.30 -19.74 -22.54
C GLY A 160 -21.95 -20.40 -22.33
N ALA A 161 -21.88 -21.34 -21.38
CA ALA A 161 -20.65 -22.09 -21.19
C ALA A 161 -20.26 -22.85 -22.45
N VAL A 162 -21.22 -23.55 -23.05
CA VAL A 162 -20.93 -24.31 -24.26
C VAL A 162 -20.54 -23.38 -25.39
N ALA A 163 -21.18 -22.21 -25.48
CA ALA A 163 -20.84 -21.25 -26.52
C ALA A 163 -19.41 -20.74 -26.36
N ARG A 164 -19.03 -20.40 -25.13
CA ARG A 164 -17.67 -19.94 -24.89
C ARG A 164 -16.66 -21.03 -25.20
N ILE A 165 -17.04 -22.30 -25.01
CA ILE A 165 -16.17 -23.38 -25.46
C ILE A 165 -16.06 -23.39 -26.99
N TYR A 166 -17.19 -23.29 -27.68
CA TYR A 166 -17.18 -23.44 -29.13
C TYR A 166 -16.87 -22.14 -29.86
N GLN A 167 -17.27 -21.00 -29.30
CA GLN A 167 -16.94 -19.69 -29.85
C GLN A 167 -16.20 -18.92 -28.77
N PRO A 168 -14.86 -19.00 -28.73
CA PRO A 168 -14.12 -18.46 -27.59
C PRO A 168 -14.29 -16.97 -27.37
N GLY A 169 -14.71 -16.21 -28.38
CA GLY A 169 -14.91 -14.79 -28.24
C GLY A 169 -16.35 -14.35 -28.09
N ILE A 170 -17.28 -15.27 -27.91
CA ILE A 170 -18.69 -14.91 -27.87
C ILE A 170 -18.97 -13.99 -26.68
N LYS A 171 -19.90 -13.06 -26.88
CA LYS A 171 -20.21 -12.08 -25.84
C LYS A 171 -21.11 -12.70 -24.78
N TYR A 172 -20.75 -12.52 -23.52
CA TYR A 172 -21.56 -13.00 -22.41
C TYR A 172 -21.18 -12.19 -21.18
N ASP A 173 -22.09 -11.34 -20.72
CA ASP A 173 -21.86 -10.51 -19.54
C ASP A 173 -22.70 -10.93 -18.35
N SER A 174 -23.45 -12.02 -18.46
CA SER A 174 -24.25 -12.51 -17.35
C SER A 174 -23.38 -13.34 -16.41
N MET A 175 -23.95 -13.63 -15.24
CA MET A 175 -23.33 -14.57 -14.30
C MET A 175 -24.40 -15.03 -13.31
N ILE A 176 -24.35 -16.33 -12.99
CA ILE A 176 -25.25 -16.89 -11.98
C ILE A 176 -24.68 -16.58 -10.60
N ILE A 177 -25.55 -16.29 -9.65
CA ILE A 177 -25.17 -16.17 -8.26
C ILE A 177 -26.09 -17.07 -7.45
N LEU A 178 -25.50 -18.04 -6.75
CA LEU A 178 -26.25 -19.05 -6.01
C LEU A 178 -26.29 -18.65 -4.54
N TYR A 179 -27.46 -18.31 -4.04
CA TYR A 179 -27.66 -18.05 -2.62
C TYR A 179 -28.25 -19.29 -1.96
N GLY A 180 -27.84 -19.55 -0.72
CA GLY A 180 -28.37 -20.71 0.02
C GLY A 180 -27.68 -20.94 1.36
N GLY A 181 -27.90 -22.11 1.97
CA GLY A 181 -27.32 -22.43 3.28
C GLY A 181 -25.85 -22.83 3.22
N GLN A 182 -25.19 -22.92 4.37
CA GLN A 182 -23.76 -23.31 4.43
C GLN A 182 -23.56 -24.73 3.89
N GLY A 183 -24.48 -25.66 4.19
CA GLY A 183 -24.30 -27.07 3.78
C GLY A 183 -25.05 -27.46 2.53
N VAL A 184 -25.66 -26.50 1.82
CA VAL A 184 -26.51 -26.84 0.64
C VAL A 184 -25.68 -27.54 -0.44
N GLY A 185 -24.42 -27.14 -0.64
CA GLY A 185 -23.57 -27.85 -1.62
C GLY A 185 -23.36 -27.07 -2.90
N LYS A 186 -23.56 -25.74 -2.86
CA LYS A 186 -23.42 -24.88 -4.08
C LYS A 186 -22.03 -25.06 -4.68
N SER A 187 -20.98 -24.93 -3.88
CA SER A 187 -19.59 -25.01 -4.41
C SER A 187 -19.32 -26.40 -4.99
N THR A 188 -19.83 -27.46 -4.34
CA THR A 188 -19.62 -28.84 -4.83
C THR A 188 -20.27 -28.99 -6.21
N ALA A 189 -21.48 -28.45 -6.38
CA ALA A 189 -22.20 -28.58 -7.67
C ALA A 189 -21.40 -27.87 -8.76
N VAL A 190 -20.89 -26.67 -8.47
CA VAL A 190 -20.08 -25.90 -9.46
C VAL A 190 -18.80 -26.69 -9.76
N SER A 191 -18.19 -27.28 -8.74
CA SER A 191 -16.92 -28.04 -8.93
C SER A 191 -17.17 -29.23 -9.85
N LYS A 192 -18.29 -29.94 -9.68
CA LYS A 192 -18.60 -31.11 -10.53
C LYS A 192 -18.78 -30.66 -11.99
N LEU A 193 -19.49 -29.55 -12.22
CA LEU A 193 -19.68 -29.03 -13.60
C LEU A 193 -18.32 -28.61 -14.18
N GLY A 194 -17.50 -27.94 -13.37
CA GLY A 194 -16.16 -27.51 -13.82
C GLY A 194 -15.24 -28.69 -14.09
N GLY A 195 -15.30 -29.71 -13.24
CA GLY A 195 -14.40 -30.86 -13.36
C GLY A 195 -12.94 -30.43 -13.24
N HIS A 196 -12.10 -30.87 -14.18
CA HIS A 196 -10.66 -30.49 -14.18
C HIS A 196 -10.51 -28.98 -14.43
N TRP A 197 -11.45 -28.36 -15.15
CA TRP A 197 -11.31 -26.94 -15.54
C TRP A 197 -11.98 -25.99 -14.54
N TYR A 198 -12.44 -26.50 -13.40
CA TYR A 198 -13.05 -25.64 -12.35
C TYR A 198 -11.99 -24.67 -11.79
N ASN A 199 -12.39 -23.41 -11.55
CA ASN A 199 -11.45 -22.40 -10.98
C ASN A 199 -11.99 -21.88 -9.64
N GLN A 200 -11.16 -21.92 -8.59
CA GLN A 200 -11.57 -21.39 -7.26
C GLN A 200 -10.60 -20.29 -6.84
N SER A 201 -9.80 -19.74 -7.77
CA SER A 201 -8.76 -18.76 -7.35
C SER A 201 -9.00 -17.34 -7.88
N ILE A 202 -10.26 -16.93 -8.07
CA ILE A 202 -10.55 -15.55 -8.47
C ILE A 202 -11.01 -14.83 -7.20
N LYS A 203 -10.03 -14.36 -6.44
CA LYS A 203 -10.28 -13.63 -5.20
C LYS A 203 -10.22 -12.13 -5.39
N THR A 204 -9.93 -11.65 -6.60
CA THR A 204 -9.87 -10.22 -6.87
C THR A 204 -10.10 -10.00 -8.35
N PHE A 205 -10.51 -8.78 -8.69
CA PHE A 205 -10.78 -8.40 -10.08
C PHE A 205 -9.77 -7.39 -10.61
N LYS A 206 -8.67 -7.17 -9.89
CA LYS A 206 -7.71 -6.13 -10.22
C LYS A 206 -6.35 -6.75 -10.49
N GLY A 207 -5.56 -6.07 -11.31
CA GLY A 207 -4.23 -6.54 -11.66
C GLY A 207 -4.23 -7.43 -12.89
N ASP A 208 -3.03 -7.75 -13.35
CA ASP A 208 -2.85 -8.57 -14.54
C ASP A 208 -2.79 -10.06 -14.24
N GLU A 209 -2.74 -10.46 -12.97
CA GLU A 209 -2.52 -11.86 -12.64
C GLU A 209 -3.77 -12.71 -12.84
N VAL A 210 -4.96 -12.15 -12.60
CA VAL A 210 -6.18 -12.93 -12.71
C VAL A 210 -6.39 -13.40 -14.14
N TYR A 211 -6.10 -12.53 -15.12
CA TYR A 211 -6.23 -12.91 -16.51
C TYR A 211 -5.31 -14.07 -16.85
N LYS A 212 -4.17 -14.18 -16.16
CA LYS A 212 -3.33 -15.36 -16.33
C LYS A 212 -3.91 -16.56 -15.59
N LYS A 213 -4.60 -16.32 -14.47
CA LYS A 213 -5.23 -17.41 -13.73
C LYS A 213 -6.40 -18.01 -14.49
N LEU A 214 -6.95 -17.31 -15.48
CA LEU A 214 -8.07 -17.80 -16.26
C LEU A 214 -7.64 -18.59 -17.49
N GLN A 215 -6.47 -19.22 -17.46
CA GLN A 215 -5.96 -19.88 -18.67
C GLN A 215 -6.68 -21.20 -18.92
N GLY A 216 -6.53 -22.16 -18.02
CA GLY A 216 -7.12 -23.47 -18.21
C GLY A 216 -8.47 -23.60 -17.56
N SER A 217 -9.07 -22.47 -17.21
CA SER A 217 -10.31 -22.42 -16.45
C SER A 217 -11.50 -22.26 -17.39
N TRP A 218 -12.57 -23.02 -17.13
CA TRP A 218 -13.80 -22.91 -17.94
C TRP A 218 -14.94 -22.43 -17.03
N ILE A 219 -15.29 -23.24 -16.03
CA ILE A 219 -16.31 -22.80 -15.04
C ILE A 219 -15.55 -22.15 -13.89
N CYS A 220 -15.74 -20.85 -13.67
CA CYS A 220 -14.97 -20.13 -12.64
C CYS A 220 -15.91 -19.70 -11.51
N GLU A 221 -15.53 -19.97 -10.26
CA GLU A 221 -16.44 -19.65 -9.14
C GLU A 221 -15.89 -18.47 -8.33
N ILE A 222 -16.66 -17.38 -8.25
CA ILE A 222 -16.26 -16.26 -7.35
C ILE A 222 -16.72 -16.73 -5.97
N GLU A 223 -15.98 -17.63 -5.35
CA GLU A 223 -16.46 -18.25 -4.08
C GLU A 223 -16.75 -17.18 -3.02
N GLU A 224 -17.97 -17.17 -2.47
CA GLU A 224 -18.34 -16.24 -1.36
C GLU A 224 -18.35 -14.79 -1.84
N LEU A 225 -18.29 -14.56 -3.15
CA LEU A 225 -18.25 -13.19 -3.71
C LEU A 225 -17.15 -12.40 -3.01
N SER A 226 -16.01 -13.05 -2.75
CA SER A 226 -14.88 -12.39 -2.04
C SER A 226 -14.34 -11.23 -2.89
N ALA A 227 -14.26 -11.44 -4.21
CA ALA A 227 -13.77 -10.37 -5.11
C ALA A 227 -14.71 -9.17 -5.05
N PHE A 228 -16.02 -9.43 -4.96
CA PHE A 228 -17.03 -8.32 -4.90
C PHE A 228 -16.64 -7.32 -3.81
N GLN A 229 -16.29 -7.81 -2.61
CA GLN A 229 -15.93 -6.90 -1.53
C GLN A 229 -14.75 -6.01 -1.91
N LYS A 230 -13.75 -6.58 -2.56
CA LYS A 230 -12.54 -5.82 -2.88
C LYS A 230 -12.76 -4.84 -4.01
N SER A 231 -13.69 -5.13 -4.91
CA SER A 231 -13.78 -4.49 -6.21
C SER A 231 -14.93 -3.50 -6.26
N THR A 232 -14.96 -2.74 -7.36
CA THR A 232 -16.03 -1.79 -7.66
C THR A 232 -16.83 -2.31 -8.84
N ILE A 233 -18.05 -1.78 -8.99
CA ILE A 233 -18.99 -2.29 -9.97
C ILE A 233 -18.41 -2.17 -11.38
N GLU A 234 -17.68 -1.08 -11.65
CA GLU A 234 -17.04 -0.91 -12.95
C GLU A 234 -16.00 -2.01 -13.19
N ASP A 235 -15.20 -2.33 -12.16
CA ASP A 235 -14.23 -3.41 -12.30
C ASP A 235 -14.91 -4.75 -12.56
N ILE A 236 -16.01 -5.01 -11.85
CA ILE A 236 -16.74 -6.27 -12.04
C ILE A 236 -17.27 -6.35 -13.46
N LYS A 237 -17.86 -5.26 -13.96
CA LYS A 237 -18.38 -5.26 -15.32
C LYS A 237 -17.27 -5.47 -16.33
N GLY A 238 -16.13 -4.78 -16.15
CA GLY A 238 -15.04 -4.93 -17.09
C GLY A 238 -14.45 -6.33 -17.09
N PHE A 239 -14.41 -6.97 -15.92
CA PHE A 239 -13.86 -8.32 -15.83
C PHE A 239 -14.82 -9.34 -16.41
N ILE A 240 -16.10 -9.23 -16.11
CA ILE A 240 -17.08 -10.19 -16.59
C ILE A 240 -17.27 -10.06 -18.10
N SER A 241 -17.30 -8.83 -18.61
CA SER A 241 -17.68 -8.57 -19.98
C SER A 241 -16.51 -8.53 -20.95
N ALA A 242 -15.29 -8.84 -20.49
CA ALA A 242 -14.15 -8.85 -21.40
C ALA A 242 -14.24 -10.02 -22.36
N ILE A 243 -13.46 -9.94 -23.44
CA ILE A 243 -13.46 -10.95 -24.48
C ILE A 243 -12.10 -11.60 -24.66
N VAL A 244 -11.02 -10.83 -24.58
CA VAL A 244 -9.69 -11.36 -24.79
C VAL A 244 -8.82 -11.05 -23.58
N ASP A 245 -7.74 -11.81 -23.44
CA ASP A 245 -6.78 -11.66 -22.35
C ASP A 245 -5.41 -11.42 -22.97
N ILE A 246 -4.99 -10.16 -23.01
CA ILE A 246 -3.76 -9.78 -23.69
C ILE A 246 -2.61 -9.85 -22.70
N TYR A 247 -1.81 -10.91 -22.79
CA TYR A 247 -0.63 -11.00 -21.94
C TYR A 247 0.39 -11.91 -22.59
N ARG A 248 1.67 -11.59 -22.37
CA ARG A 248 2.76 -12.41 -22.85
C ARG A 248 2.95 -13.62 -21.95
N ALA A 249 3.33 -14.74 -22.56
CA ALA A 249 3.63 -15.95 -21.80
C ALA A 249 4.87 -15.71 -20.95
N SER A 250 5.09 -16.65 -20.01
CA SER A 250 6.19 -16.48 -19.06
C SER A 250 7.54 -16.47 -19.76
N TYR A 251 7.74 -17.36 -20.74
CA TYR A 251 8.98 -17.42 -21.50
C TYR A 251 8.81 -17.04 -22.96
N GLY A 252 7.60 -16.68 -23.38
CA GLY A 252 7.39 -16.32 -24.77
C GLY A 252 7.93 -14.94 -25.09
N LYS A 253 8.01 -14.65 -26.39
CA LYS A 253 8.50 -13.37 -26.87
C LYS A 253 7.40 -12.46 -27.40
N ARG A 254 6.22 -13.00 -27.67
CA ARG A 254 5.14 -12.23 -28.27
C ARG A 254 3.88 -12.35 -27.40
N THR A 255 3.08 -11.29 -27.41
CA THR A 255 1.78 -11.34 -26.74
C THR A 255 0.89 -12.36 -27.42
N GLU A 256 0.06 -13.03 -26.61
CA GLU A 256 -0.63 -14.23 -27.05
C GLU A 256 -2.08 -14.02 -27.47
N ARG A 257 -2.80 -13.08 -26.84
CA ARG A 257 -4.17 -12.74 -27.24
C ARG A 257 -5.11 -13.94 -27.16
N HIS A 258 -5.32 -14.43 -25.94
CA HIS A 258 -6.26 -15.52 -25.74
C HIS A 258 -7.68 -14.99 -25.60
N PRO A 259 -8.63 -15.48 -26.39
CA PRO A 259 -10.04 -15.19 -26.14
C PRO A 259 -10.49 -15.77 -24.81
N ARG A 260 -11.53 -15.16 -24.25
CA ARG A 260 -12.06 -15.53 -22.93
C ARG A 260 -13.01 -16.71 -23.11
N GLN A 261 -12.57 -17.89 -22.72
CA GLN A 261 -13.39 -19.10 -22.80
C GLN A 261 -14.04 -19.48 -21.48
N CYS A 262 -13.97 -18.60 -20.48
CA CYS A 262 -14.45 -18.90 -19.14
C CYS A 262 -15.80 -18.23 -18.88
N VAL A 263 -16.66 -18.92 -18.15
CA VAL A 263 -17.95 -18.39 -17.74
C VAL A 263 -18.00 -18.42 -16.21
N PHE A 264 -18.60 -17.38 -15.63
CA PHE A 264 -18.48 -17.10 -14.20
C PHE A 264 -19.78 -17.42 -13.48
N VAL A 265 -19.67 -18.15 -12.38
CA VAL A 265 -20.77 -18.39 -11.45
C VAL A 265 -20.27 -18.17 -10.04
N GLY A 266 -20.93 -17.30 -9.29
CA GLY A 266 -20.55 -16.99 -7.93
C GLY A 266 -21.51 -17.64 -6.96
N THR A 267 -21.02 -17.97 -5.77
CA THR A 267 -21.81 -18.55 -4.71
C THR A 267 -21.73 -17.65 -3.49
N THR A 268 -22.84 -17.45 -2.81
CA THR A 268 -22.89 -16.54 -1.67
C THR A 268 -23.79 -17.11 -0.59
N ASN A 269 -23.56 -16.62 0.63
CA ASN A 269 -24.38 -16.96 1.78
C ASN A 269 -25.19 -15.79 2.30
N ASN A 270 -24.81 -14.56 1.96
CA ASN A 270 -25.54 -13.37 2.35
C ASN A 270 -26.69 -13.13 1.36
N TYR A 271 -27.86 -12.80 1.90
CA TYR A 271 -29.02 -12.60 1.03
C TYR A 271 -28.88 -11.32 0.21
N GLU A 272 -28.49 -10.22 0.85
CA GLU A 272 -28.41 -8.92 0.19
C GLU A 272 -26.96 -8.66 -0.21
N PHE A 273 -26.57 -9.24 -1.34
CA PHE A 273 -25.20 -9.11 -1.82
C PHE A 273 -25.03 -8.05 -2.89
N LEU A 274 -26.11 -7.62 -3.54
CA LEU A 274 -26.04 -6.59 -4.58
C LEU A 274 -26.21 -5.24 -3.90
N LYS A 275 -25.10 -4.68 -3.41
CA LYS A 275 -25.16 -3.42 -2.68
C LYS A 275 -25.41 -2.23 -3.60
N ASP A 276 -25.13 -2.35 -4.89
CA ASP A 276 -25.29 -1.25 -5.83
C ASP A 276 -26.59 -1.43 -6.61
N GLN A 277 -27.14 -0.31 -7.09
CA GLN A 277 -28.38 -0.31 -7.84
C GLN A 277 -28.24 0.34 -9.21
N THR A 278 -27.01 0.59 -9.67
CA THR A 278 -26.80 1.17 -11.00
C THR A 278 -26.58 0.07 -12.04
N GLY A 279 -25.54 -0.74 -11.85
CA GLY A 279 -25.35 -1.90 -12.71
C GLY A 279 -25.65 -3.20 -11.98
N ASN A 280 -26.83 -3.76 -12.22
CA ASN A 280 -27.21 -5.02 -11.62
C ASN A 280 -27.94 -5.95 -12.58
N ARG A 281 -28.08 -5.58 -13.85
CA ARG A 281 -28.72 -6.46 -14.82
C ARG A 281 -27.89 -7.69 -15.13
N ARG A 282 -26.59 -7.64 -14.85
CA ARG A 282 -25.71 -8.77 -15.18
C ARG A 282 -25.96 -9.95 -14.26
N PHE A 283 -26.08 -9.70 -12.96
CA PHE A 283 -26.14 -10.77 -11.98
C PHE A 283 -27.55 -11.33 -11.88
N PHE A 284 -27.66 -12.65 -11.93
CA PHE A 284 -28.94 -13.34 -11.82
C PHE A 284 -28.94 -14.23 -10.59
N PRO A 285 -29.48 -13.78 -9.47
CA PRO A 285 -29.44 -14.59 -8.25
C PRO A 285 -30.36 -15.79 -8.34
N ILE A 286 -29.94 -16.89 -7.72
CA ILE A 286 -30.73 -18.10 -7.58
C ILE A 286 -30.77 -18.47 -6.10
N THR A 287 -31.96 -18.70 -5.58
CA THR A 287 -32.13 -19.02 -4.16
C THR A 287 -32.27 -20.54 -4.03
N THR A 288 -31.30 -21.16 -3.36
CA THR A 288 -31.30 -22.60 -3.18
C THR A 288 -31.79 -22.96 -1.78
N ASP A 289 -32.18 -24.23 -1.62
CA ASP A 289 -32.63 -24.75 -0.29
C ASP A 289 -32.33 -26.24 -0.24
N LYS A 290 -31.57 -26.68 0.77
CA LYS A 290 -31.16 -28.11 0.85
C LYS A 290 -32.40 -29.01 1.01
N ASN A 291 -33.38 -28.58 1.80
CA ASN A 291 -34.58 -29.41 2.06
C ASN A 291 -35.35 -29.66 0.75
N LYS A 292 -35.23 -28.76 -0.22
CA LYS A 292 -35.96 -28.90 -1.47
C LYS A 292 -35.22 -29.76 -2.48
N ALA A 293 -33.94 -30.02 -2.25
CA ALA A 293 -33.14 -30.78 -3.21
C ALA A 293 -33.60 -32.22 -3.26
N THR A 294 -34.08 -32.66 -4.42
CA THR A 294 -34.47 -34.06 -4.59
C THR A 294 -33.25 -34.95 -4.73
N LYS A 295 -32.24 -34.51 -5.46
CA LYS A 295 -30.99 -35.22 -5.62
C LYS A 295 -29.92 -34.61 -4.71
N SER A 296 -28.68 -35.09 -4.84
CA SER A 296 -27.59 -34.61 -4.03
C SER A 296 -26.37 -34.38 -4.91
N PRO A 297 -25.76 -33.17 -4.98
CA PRO A 297 -24.66 -32.94 -5.92
C PRO A 297 -23.44 -33.78 -5.49
N PHE A 298 -23.40 -34.18 -4.22
CA PHE A 298 -22.25 -34.93 -3.68
C PHE A 298 -22.06 -36.28 -4.36
N ASP A 299 -23.14 -37.01 -4.64
CA ASP A 299 -22.99 -38.39 -5.19
C ASP A 299 -23.77 -38.56 -6.50
N ASP A 300 -24.57 -37.58 -6.92
CA ASP A 300 -25.39 -37.75 -8.10
C ASP A 300 -24.90 -36.93 -9.28
N LEU A 301 -24.03 -35.94 -9.05
CA LEU A 301 -23.43 -35.18 -10.13
C LEU A 301 -22.16 -35.91 -10.58
N THR A 302 -22.35 -37.11 -11.08
CA THR A 302 -21.27 -37.91 -11.62
C THR A 302 -20.78 -37.30 -12.92
N PRO A 303 -19.53 -37.59 -13.33
CA PRO A 303 -19.02 -37.02 -14.58
C PRO A 303 -19.88 -37.37 -15.79
N VAL A 304 -20.49 -38.55 -15.82
CA VAL A 304 -21.41 -38.87 -16.90
C VAL A 304 -22.64 -37.97 -16.90
N VAL A 305 -23.16 -37.60 -15.74
CA VAL A 305 -24.32 -36.73 -15.66
C VAL A 305 -23.99 -35.32 -16.16
N VAL A 306 -22.84 -34.77 -15.76
CA VAL A 306 -22.47 -33.45 -16.25
C VAL A 306 -22.15 -33.51 -17.75
N GLN A 307 -21.62 -34.63 -18.22
CA GLN A 307 -21.41 -34.81 -19.65
C GLN A 307 -22.75 -34.77 -20.39
N GLN A 308 -23.75 -35.47 -19.87
CA GLN A 308 -25.07 -35.47 -20.48
C GLN A 308 -25.76 -34.12 -20.40
N MET A 309 -25.47 -33.34 -19.35
CA MET A 309 -25.97 -31.98 -19.26
C MET A 309 -25.35 -31.08 -20.33
N PHE A 310 -24.03 -31.14 -20.47
CA PHE A 310 -23.38 -30.29 -21.44
C PHE A 310 -23.67 -30.71 -22.88
N ALA A 311 -23.95 -32.00 -23.10
CA ALA A 311 -24.39 -32.43 -24.43
C ALA A 311 -25.73 -31.80 -24.79
N GLU A 312 -26.67 -31.79 -23.84
CA GLU A 312 -27.96 -31.13 -24.07
C GLU A 312 -27.78 -29.65 -24.31
N ALA A 313 -26.90 -29.01 -23.53
CA ALA A 313 -26.62 -27.60 -23.72
C ALA A 313 -26.06 -27.34 -25.11
N ARG A 314 -25.17 -28.22 -25.58
CA ARG A 314 -24.64 -28.08 -26.93
C ARG A 314 -25.72 -28.23 -27.98
N VAL A 315 -26.65 -29.16 -27.78
CA VAL A 315 -27.75 -29.33 -28.73
C VAL A 315 -28.59 -28.05 -28.80
N TYR A 316 -28.94 -27.50 -27.63
CA TYR A 316 -29.75 -26.29 -27.60
C TYR A 316 -29.02 -25.12 -28.23
N PHE A 317 -27.72 -24.99 -27.97
CA PHE A 317 -26.95 -23.92 -28.59
C PHE A 317 -26.83 -24.10 -30.09
N ASP A 318 -26.62 -25.33 -30.55
CA ASP A 318 -26.52 -25.60 -31.98
C ASP A 318 -27.81 -25.31 -32.70
N GLU A 319 -28.94 -25.42 -31.99
CA GLU A 319 -30.22 -25.07 -32.62
C GLU A 319 -30.24 -23.61 -33.09
N ASN A 320 -29.44 -22.74 -32.47
CA ASN A 320 -29.27 -21.37 -32.94
C ASN A 320 -27.96 -20.78 -32.39
N PRO A 321 -26.83 -21.05 -33.04
CA PRO A 321 -25.52 -20.58 -32.53
C PRO A 321 -25.25 -19.10 -32.78
N THR A 322 -25.76 -18.27 -31.87
CA THR A 322 -25.50 -16.84 -31.92
C THR A 322 -25.49 -16.28 -30.50
N ASP A 323 -24.83 -15.13 -30.33
CA ASP A 323 -24.70 -14.55 -29.00
C ASP A 323 -26.03 -14.01 -28.47
N LYS A 324 -27.01 -13.80 -29.33
CA LYS A 324 -28.33 -13.37 -28.88
C LYS A 324 -29.18 -14.53 -28.36
N ALA A 325 -28.80 -15.77 -28.67
CA ALA A 325 -29.52 -16.93 -28.15
C ALA A 325 -29.27 -17.12 -26.66
N LEU A 326 -28.21 -16.55 -26.11
CA LEU A 326 -27.89 -16.69 -24.70
C LEU A 326 -28.61 -15.68 -23.82
N LEU A 327 -29.33 -14.72 -24.42
CA LEU A 327 -30.10 -13.77 -23.63
C LEU A 327 -31.36 -14.41 -23.09
N LEU A 328 -31.83 -13.92 -21.95
CA LEU A 328 -33.00 -14.48 -21.30
C LEU A 328 -34.27 -14.14 -22.07
N ASP A 329 -35.29 -14.98 -21.91
CA ASP A 329 -36.59 -14.74 -22.49
C ASP A 329 -37.21 -13.47 -21.91
N LYS A 330 -38.25 -12.97 -22.57
CA LYS A 330 -38.89 -11.75 -22.10
C LYS A 330 -39.54 -11.94 -20.74
N GLU A 331 -40.27 -13.04 -20.56
CA GLU A 331 -40.85 -13.34 -19.26
C GLU A 331 -39.76 -13.62 -18.23
N ALA A 332 -38.72 -14.35 -18.64
CA ALA A 332 -37.59 -14.60 -17.75
C ALA A 332 -36.89 -13.30 -17.37
N SER A 333 -36.74 -12.38 -18.32
CA SER A 333 -36.12 -11.09 -18.00
C SER A 333 -37.00 -10.28 -17.05
N GLU A 334 -38.32 -10.35 -17.24
CA GLU A 334 -39.24 -9.62 -16.36
C GLU A 334 -39.14 -10.14 -14.93
N MET A 335 -39.08 -11.46 -14.75
CA MET A 335 -38.83 -11.96 -13.39
C MET A 335 -37.42 -11.66 -12.91
N ALA A 336 -36.44 -11.63 -13.82
CA ALA A 336 -35.07 -11.38 -13.43
C ALA A 336 -34.89 -10.00 -12.84
N LEU A 337 -35.55 -9.00 -13.42
CA LEU A 337 -35.47 -7.65 -12.87
C LEU A 337 -36.00 -7.61 -11.44
N LYS A 338 -37.16 -8.25 -11.22
CA LYS A 338 -37.74 -8.29 -9.89
C LYS A 338 -36.83 -9.00 -8.90
N VAL A 339 -36.23 -10.11 -9.32
CA VAL A 339 -35.35 -10.86 -8.42
C VAL A 339 -34.10 -10.07 -8.09
N GLN A 340 -33.54 -9.37 -9.09
CA GLN A 340 -32.36 -8.55 -8.83
C GLN A 340 -32.68 -7.42 -7.86
N GLU A 341 -33.86 -6.81 -7.99
CA GLU A 341 -34.26 -5.81 -7.00
C GLU A 341 -34.47 -6.44 -5.63
N ALA A 342 -35.02 -7.65 -5.58
CA ALA A 342 -35.24 -8.31 -4.29
C ALA A 342 -33.94 -8.67 -3.61
N HIS A 343 -32.88 -8.91 -4.38
CA HIS A 343 -31.56 -9.22 -3.84
C HIS A 343 -30.66 -8.00 -3.77
N SER A 344 -31.18 -6.81 -4.08
CA SER A 344 -30.39 -5.59 -4.07
C SER A 344 -30.67 -4.81 -2.79
N GLU A 345 -29.61 -4.21 -2.24
CA GLU A 345 -29.71 -3.50 -0.98
C GLU A 345 -30.41 -2.15 -1.20
N LYS A 346 -31.52 -1.95 -0.51
CA LYS A 346 -32.40 -0.81 -0.74
C LYS A 346 -31.98 0.39 0.09
N ASP A 347 -32.41 1.56 -0.36
CA ASP A 347 -32.20 2.82 0.35
C ASP A 347 -33.51 3.23 1.00
N ALA A 348 -33.50 3.33 2.34
CA ALA A 348 -34.71 3.65 3.08
C ALA A 348 -34.95 5.14 3.20
N LEU A 349 -34.01 5.97 2.76
CA LEU A 349 -34.21 7.42 2.84
C LEU A 349 -35.27 7.90 1.86
N VAL A 350 -35.37 7.25 0.69
CA VAL A 350 -36.26 7.75 -0.36
C VAL A 350 -37.71 7.69 0.09
N GLY A 351 -38.08 6.66 0.86
CA GLY A 351 -39.43 6.59 1.38
C GLY A 351 -39.75 7.72 2.33
N GLU A 352 -38.81 8.05 3.22
CA GLU A 352 -39.02 9.17 4.14
C GLU A 352 -39.12 10.48 3.38
N ILE A 353 -38.27 10.67 2.36
CA ILE A 353 -38.34 11.89 1.56
C ILE A 353 -39.69 11.99 0.86
N GLU A 354 -40.17 10.87 0.30
CA GLU A 354 -41.46 10.89 -0.38
C GLU A 354 -42.59 11.22 0.59
N GLU A 355 -42.56 10.63 1.79
CA GLU A 355 -43.60 10.92 2.77
C GLU A 355 -43.57 12.38 3.19
N PHE A 356 -42.38 12.94 3.37
CA PHE A 356 -42.28 14.36 3.70
C PHE A 356 -42.80 15.24 2.57
N LEU A 357 -42.46 14.89 1.32
CA LEU A 357 -42.90 15.65 0.16
C LEU A 357 -44.40 15.55 -0.09
N GLU A 358 -45.05 14.47 0.35
CA GLU A 358 -46.47 14.31 0.15
C GLU A 358 -47.32 15.12 1.12
N ARG A 359 -46.71 15.72 2.13
CA ARG A 359 -47.47 16.53 3.08
C ARG A 359 -47.85 17.86 2.44
N PRO A 360 -49.13 18.22 2.43
CA PRO A 360 -49.50 19.56 1.96
C PRO A 360 -48.84 20.63 2.82
N ILE A 361 -48.31 21.65 2.15
CA ILE A 361 -47.69 22.76 2.87
C ILE A 361 -48.63 23.96 2.79
N PRO A 362 -48.74 24.76 3.84
CA PRO A 362 -49.65 25.91 3.80
C PRO A 362 -49.23 26.92 2.75
N SER A 363 -50.21 27.61 2.17
CA SER A 363 -49.89 28.70 1.28
C SER A 363 -49.18 29.79 2.05
N ASP A 364 -48.26 30.49 1.36
CA ASP A 364 -47.33 31.43 2.00
C ASP A 364 -46.46 30.69 3.01
N TYR A 365 -45.80 29.63 2.53
CA TYR A 365 -44.94 28.79 3.36
C TYR A 365 -43.49 29.21 3.31
N TRP A 366 -43.02 29.69 2.15
CA TRP A 366 -41.64 30.13 2.02
C TRP A 366 -41.38 31.46 2.71
N TYR A 367 -42.42 32.18 3.11
CA TYR A 367 -42.26 33.44 3.83
C TYR A 367 -42.21 33.26 5.34
N ARG A 368 -42.33 32.03 5.82
CA ARG A 368 -42.21 31.75 7.24
C ARG A 368 -40.76 31.52 7.62
N THR A 369 -40.43 31.83 8.87
CA THR A 369 -39.09 31.56 9.36
C THR A 369 -38.88 30.05 9.51
N LEU A 370 -37.62 29.66 9.67
CA LEU A 370 -37.29 28.24 9.75
C LEU A 370 -37.96 27.58 10.95
N GLU A 371 -38.00 28.28 12.08
CA GLU A 371 -38.57 27.70 13.29
C GLU A 371 -40.03 27.33 13.10
N GLU A 372 -40.81 28.22 12.48
CA GLU A 372 -42.20 27.89 12.19
C GLU A 372 -42.34 27.05 10.93
N LYS A 373 -41.34 27.05 10.05
CA LYS A 373 -41.35 26.12 8.93
C LYS A 373 -41.33 24.68 9.43
N ARG A 374 -40.52 24.40 10.45
CA ARG A 374 -40.45 23.05 10.99
C ARG A 374 -41.79 22.61 11.57
N VAL A 375 -42.45 23.49 12.32
CA VAL A 375 -43.72 23.09 12.94
C VAL A 375 -44.82 22.99 11.88
N SER A 376 -44.75 23.80 10.83
CA SER A 376 -45.74 23.68 9.76
C SER A 376 -45.55 22.39 8.97
N ALA A 377 -44.29 22.00 8.74
CA ALA A 377 -44.03 20.76 8.00
C ALA A 377 -44.15 19.52 8.86
N HIS A 378 -44.20 19.68 10.19
CA HIS A 378 -44.35 18.55 11.09
C HIS A 378 -45.72 18.49 11.73
N ASP A 379 -46.70 19.21 11.19
CA ASP A 379 -48.10 19.03 11.54
C ASP A 379 -48.70 18.15 10.45
N VAL A 380 -48.77 16.85 10.71
CA VAL A 380 -49.13 15.86 9.70
C VAL A 380 -50.61 15.56 9.82
N ILE A 381 -51.32 15.62 8.69
CA ILE A 381 -52.74 15.31 8.62
C ILE A 381 -52.92 14.02 7.83
N ASP A 382 -53.93 13.25 8.21
CA ASP A 382 -54.20 12.00 7.49
C ASP A 382 -54.63 12.29 6.07
N GLN A 383 -54.28 11.38 5.16
CA GLN A 383 -54.57 11.56 3.74
C GLN A 383 -56.06 11.47 3.43
N ASP A 384 -56.89 11.01 4.37
CA ASP A 384 -58.32 10.98 4.14
C ASP A 384 -58.96 12.36 4.28
N TYR A 385 -58.35 13.25 5.06
CA TYR A 385 -58.91 14.55 5.35
C TYR A 385 -58.59 15.60 4.30
N ILE A 386 -57.84 15.24 3.25
CA ILE A 386 -57.42 16.23 2.26
C ILE A 386 -58.61 16.84 1.56
N LYS A 387 -59.58 16.00 1.16
CA LYS A 387 -60.76 16.44 0.40
C LYS A 387 -60.33 17.26 -0.82
N LEU A 388 -59.54 16.62 -1.66
CA LEU A 388 -58.88 17.29 -2.77
C LEU A 388 -59.81 17.43 -3.97
N TYR A 389 -59.38 18.29 -4.90
CA TYR A 389 -60.07 18.52 -6.17
C TYR A 389 -59.08 18.54 -7.32
N GLY A 390 -58.03 17.73 -7.23
CA GLY A 390 -56.93 17.78 -8.18
C GLY A 390 -55.79 18.65 -7.69
N ASP A 391 -56.03 19.94 -7.53
CA ASP A 391 -55.02 20.85 -6.99
C ASP A 391 -55.47 21.51 -5.69
N GLY A 392 -56.68 22.06 -5.65
CA GLY A 392 -57.19 22.59 -4.41
C GLY A 392 -57.49 21.51 -3.39
N LYS A 393 -57.57 21.92 -2.13
CA LYS A 393 -57.82 20.98 -1.06
C LYS A 393 -58.37 21.71 0.16
N LEU A 394 -59.24 21.04 0.90
CA LEU A 394 -59.82 21.57 2.14
C LEU A 394 -59.47 20.58 3.24
N ILE A 395 -58.46 20.92 4.04
CA ILE A 395 -57.95 20.01 5.07
C ILE A 395 -58.84 20.07 6.31
N GLU A 396 -59.85 20.93 6.26
CA GLU A 396 -60.81 21.09 7.36
C GLU A 396 -60.11 21.47 8.67
N ALA A 400 -61.66 30.10 3.02
CA ALA A 400 -60.23 30.32 3.21
C ALA A 400 -59.49 28.98 3.24
N LYS A 401 -60.18 27.93 3.68
CA LYS A 401 -59.58 26.60 3.72
C LYS A 401 -59.14 26.08 2.35
N PRO A 402 -59.92 26.21 1.27
CA PRO A 402 -59.46 25.66 -0.01
C PRO A 402 -58.10 26.19 -0.47
N GLY A 403 -57.82 27.47 -0.24
CA GLY A 403 -56.55 28.05 -0.62
C GLY A 403 -55.49 28.07 0.46
N ALA A 404 -55.82 27.65 1.68
CA ALA A 404 -54.86 27.73 2.78
C ALA A 404 -53.65 26.83 2.54
N TYR A 405 -53.88 25.59 2.09
CA TYR A 405 -52.82 24.62 1.91
C TYR A 405 -52.73 24.23 0.44
N VAL A 406 -51.52 23.89 0.01
CA VAL A 406 -51.23 23.57 -1.38
C VAL A 406 -50.12 22.53 -1.41
N TRP A 407 -50.07 21.75 -2.48
CA TRP A 407 -49.01 20.78 -2.66
C TRP A 407 -47.66 21.48 -2.83
N ARG A 408 -46.60 20.76 -2.49
CA ARG A 408 -45.26 21.31 -2.63
C ARG A 408 -44.94 21.55 -4.10
N ASP A 409 -44.20 22.62 -4.38
CA ASP A 409 -43.77 22.95 -5.73
C ASP A 409 -42.28 22.77 -5.93
N LYS A 410 -41.47 22.91 -4.88
CA LYS A 410 -40.03 22.75 -4.97
C LYS A 410 -39.50 22.24 -3.65
N VAL A 411 -38.32 21.63 -3.69
CA VAL A 411 -37.65 21.11 -2.51
C VAL A 411 -36.15 21.17 -2.73
N CYS A 412 -35.41 21.45 -1.66
CA CYS A 412 -33.96 21.54 -1.71
C CYS A 412 -33.35 20.51 -0.76
N SER A 413 -32.13 20.10 -1.06
CA SER A 413 -31.42 19.19 -0.18
C SER A 413 -31.19 19.81 1.19
N MET A 414 -30.84 21.09 1.22
CA MET A 414 -30.66 21.77 2.50
C MET A 414 -31.99 21.95 3.23
N GLU A 415 -33.09 22.13 2.50
CA GLU A 415 -34.40 22.19 3.15
C GLU A 415 -34.74 20.85 3.78
N ILE A 416 -34.42 19.75 3.08
CA ILE A 416 -34.58 18.42 3.67
C ILE A 416 -33.74 18.30 4.93
N TRP A 417 -32.50 18.79 4.87
CA TRP A 417 -31.60 18.66 6.01
C TRP A 417 -32.12 19.45 7.22
N LYS A 418 -32.62 20.66 6.98
CA LYS A 418 -32.97 21.57 8.07
C LYS A 418 -34.40 21.41 8.54
N VAL A 419 -35.33 21.15 7.63
CA VAL A 419 -36.75 21.09 7.98
C VAL A 419 -37.19 19.65 8.26
N MET A 420 -36.94 18.73 7.34
CA MET A 420 -37.40 17.36 7.54
C MET A 420 -36.63 16.66 8.64
N MET A 421 -35.31 16.87 8.70
CA MET A 421 -34.48 16.22 9.70
C MET A 421 -34.30 17.05 10.96
N LYS A 422 -34.78 18.30 10.97
CA LYS A 422 -34.71 19.17 12.14
C LYS A 422 -33.28 19.32 12.65
N ARG A 423 -32.34 19.39 11.72
CA ARG A 423 -30.93 19.53 12.06
C ARG A 423 -30.54 20.99 12.11
N ASP A 424 -29.56 21.31 12.97
CA ASP A 424 -29.04 22.65 13.09
C ASP A 424 -27.56 22.75 12.79
N ASP A 425 -26.81 21.67 12.97
CA ASP A 425 -25.39 21.68 12.60
C ASP A 425 -25.23 21.80 11.09
N GLN A 426 -24.11 22.36 10.67
CA GLN A 426 -23.86 22.53 9.25
C GLN A 426 -23.58 21.18 8.61
N PRO A 427 -24.29 20.80 7.56
CA PRO A 427 -24.13 19.47 6.99
C PRO A 427 -22.88 19.36 6.12
N GLN A 428 -22.23 18.21 6.19
CA GLN A 428 -21.10 17.94 5.32
C GLN A 428 -21.59 17.68 3.90
N GLN A 429 -20.65 17.64 2.96
CA GLN A 429 -21.01 17.50 1.55
C GLN A 429 -21.67 16.16 1.28
N HIS A 430 -21.20 15.08 1.91
CA HIS A 430 -21.73 13.77 1.61
C HIS A 430 -23.17 13.61 2.08
N HIS A 431 -23.57 14.33 3.12
CA HIS A 431 -24.96 14.30 3.56
C HIS A 431 -25.88 14.80 2.46
N LEU A 432 -25.54 15.94 1.85
CA LEU A 432 -26.37 16.47 0.78
C LEU A 432 -26.22 15.66 -0.50
N ARG A 433 -25.07 15.01 -0.70
CA ARG A 433 -24.95 14.09 -1.83
C ARG A 433 -25.95 12.94 -1.69
N LYS A 434 -26.03 12.37 -0.48
CA LYS A 434 -26.99 11.30 -0.23
C LYS A 434 -28.42 11.81 -0.36
N ILE A 435 -28.69 13.03 0.13
CA ILE A 435 -30.04 13.58 0.04
C ILE A 435 -30.42 13.83 -1.42
N ASP A 436 -29.48 14.32 -2.23
CA ASP A 436 -29.75 14.54 -3.64
C ASP A 436 -30.00 13.22 -4.36
N LYS A 437 -29.22 12.18 -4.04
CA LYS A 437 -29.47 10.87 -4.63
C LYS A 437 -30.85 10.36 -4.26
N ALA A 438 -31.25 10.53 -3.00
CA ALA A 438 -32.59 10.12 -2.58
C ALA A 438 -33.67 10.92 -3.30
N LEU A 439 -33.46 12.22 -3.47
CA LEU A 439 -34.45 13.06 -4.13
C LEU A 439 -34.59 12.70 -5.61
N ARG A 440 -33.47 12.33 -6.25
CA ARG A 440 -33.55 11.90 -7.64
C ARG A 440 -34.23 10.54 -7.76
N ASN A 441 -33.96 9.63 -6.81
CA ASN A 441 -34.66 8.35 -6.82
C ASN A 441 -36.15 8.50 -6.51
N THR A 442 -36.55 9.62 -5.91
CA THR A 442 -37.96 9.88 -5.68
C THR A 442 -38.67 10.10 -7.00
N ASN A 443 -39.86 9.51 -7.14
CA ASN A 443 -40.61 9.61 -8.39
C ASN A 443 -41.31 10.94 -8.56
N TYR A 444 -41.32 11.79 -7.54
CA TYR A 444 -41.95 13.11 -7.63
C TYR A 444 -41.01 14.17 -8.16
N CYS A 445 -39.75 14.15 -7.74
CA CYS A 445 -38.78 15.14 -8.18
C CYS A 445 -38.22 14.79 -9.55
N GLY A 446 -37.85 15.83 -10.29
CA GLY A 446 -37.24 15.64 -11.59
C GLY A 446 -35.77 15.28 -11.50
N THR A 447 -34.97 15.75 -12.45
CA THR A 447 -33.53 15.51 -12.44
C THR A 447 -32.70 16.78 -12.63
N VAL A 448 -33.29 17.87 -13.12
CA VAL A 448 -32.59 19.14 -13.28
C VAL A 448 -32.92 20.03 -12.10
N LYS A 449 -31.94 20.80 -11.65
CA LYS A 449 -32.07 21.63 -10.46
C LYS A 449 -32.09 23.10 -10.87
N LYS A 450 -33.02 23.85 -10.29
CA LYS A 450 -33.17 25.28 -10.55
C LYS A 450 -32.87 26.05 -9.27
N GLN A 451 -32.33 27.26 -9.43
CA GLN A 451 -31.96 28.09 -8.30
C GLN A 451 -33.15 28.94 -7.86
N THR A 452 -33.47 28.89 -6.57
CA THR A 452 -34.60 29.62 -6.03
C THR A 452 -34.35 29.90 -4.56
N ARG A 453 -35.01 30.93 -4.04
CA ARG A 453 -34.92 31.30 -2.63
C ARG A 453 -35.89 30.43 -1.84
N TYR A 454 -35.41 29.86 -0.72
CA TYR A 454 -36.21 28.92 0.06
C TYR A 454 -36.60 29.45 1.43
N GLY A 455 -35.74 30.23 2.08
CA GLY A 455 -36.07 30.73 3.40
C GLY A 455 -34.86 31.31 4.09
N GLU A 456 -35.03 31.57 5.39
CA GLU A 456 -34.00 32.26 6.16
C GLU A 456 -32.81 31.34 6.44
N GLY A 457 -33.07 30.08 6.76
CA GLY A 457 -31.97 29.17 7.07
C GLY A 457 -31.41 28.50 5.85
N ILE A 458 -32.16 28.47 4.75
CA ILE A 458 -31.74 27.77 3.55
C ILE A 458 -31.15 28.74 2.52
N GLY A 459 -31.71 29.94 2.41
CA GLY A 459 -31.20 30.91 1.47
C GLY A 459 -31.56 30.58 0.03
N LYS A 460 -30.73 31.06 -0.89
CA LYS A 460 -30.92 30.82 -2.31
C LYS A 460 -30.15 29.58 -2.71
N GLN A 461 -30.87 28.52 -3.08
CA GLN A 461 -30.26 27.22 -3.28
C GLN A 461 -30.74 26.61 -4.59
N TYR A 462 -29.96 25.64 -5.07
CA TYR A 462 -30.35 24.83 -6.21
C TYR A 462 -31.20 23.66 -5.71
N GLY A 463 -32.46 23.61 -6.13
CA GLY A 463 -33.35 22.56 -5.70
C GLY A 463 -34.18 22.04 -6.86
N PHE A 464 -34.88 20.94 -6.59
CA PHE A 464 -35.69 20.29 -7.61
C PHE A 464 -37.06 20.96 -7.68
N SER A 465 -37.82 20.58 -8.72
CA SER A 465 -39.18 21.06 -8.91
C SER A 465 -40.10 19.86 -8.70
N VAL A 466 -40.54 19.67 -7.46
CA VAL A 466 -41.35 18.51 -7.12
C VAL A 466 -42.72 18.65 -7.76
N ASP A 467 -43.15 17.60 -8.46
CA ASP A 467 -44.47 17.55 -9.07
C ASP A 467 -45.17 16.29 -8.56
N LEU A 468 -46.25 16.49 -7.80
CA LEU A 468 -46.93 15.40 -7.13
C LEU A 468 -48.04 14.78 -7.97
N ALA A 469 -47.94 14.89 -9.30
CA ALA A 469 -49.01 14.38 -10.16
C ALA A 469 -49.25 12.89 -9.93
N SER A 470 -48.18 12.12 -9.73
CA SER A 470 -48.35 10.71 -9.39
C SER A 470 -49.12 10.54 -8.09
N TYR A 471 -48.95 11.46 -7.15
CA TYR A 471 -49.74 11.49 -5.94
C TYR A 471 -51.05 12.24 -6.19
N TYR A 472 -51.91 12.22 -5.17
CA TYR A 472 -53.24 12.85 -5.21
C TYR A 472 -54.08 12.43 -6.41
N LYS A 473 -53.67 11.36 -7.09
CA LYS A 473 -54.53 10.68 -8.05
C LYS A 473 -55.21 9.49 -7.38
N ASN A 474 -55.91 9.80 -6.30
CA ASN A 474 -56.51 8.79 -5.44
C ASN A 474 -57.85 9.27 -4.88
N ASN B 15 35.50 -56.47 -17.11
CA ASN B 15 34.17 -55.90 -17.28
C ASN B 15 34.11 -54.50 -16.69
N ASP B 16 35.13 -53.70 -16.99
CA ASP B 16 35.22 -52.34 -16.46
C ASP B 16 34.21 -51.43 -17.15
N TRP B 17 33.53 -50.60 -16.37
CA TRP B 17 32.50 -49.74 -16.92
C TRP B 17 33.06 -48.57 -17.71
N LYS B 18 34.31 -48.19 -17.49
CA LYS B 18 34.89 -47.06 -18.21
C LYS B 18 34.93 -47.30 -19.72
N SER B 19 34.93 -48.56 -20.15
CA SER B 19 34.88 -48.86 -21.58
C SER B 19 33.54 -48.47 -22.20
N GLN B 20 32.52 -48.24 -21.38
CA GLN B 20 31.20 -47.84 -21.86
C GLN B 20 31.14 -46.37 -22.28
N LEU B 21 32.16 -45.58 -21.93
CA LEU B 21 32.16 -44.16 -22.23
C LEU B 21 32.41 -43.91 -23.71
N ARG B 22 32.03 -42.73 -24.16
CA ARG B 22 32.16 -42.34 -25.56
C ARG B 22 33.25 -41.28 -25.69
N ARG B 23 34.21 -41.53 -26.58
CA ARG B 23 35.35 -40.65 -26.77
C ARG B 23 35.48 -40.29 -28.23
N SER B 24 36.02 -39.10 -28.49
CA SER B 24 36.28 -38.68 -29.86
C SER B 24 37.40 -39.53 -30.48
N ALA B 25 37.20 -39.91 -31.74
CA ALA B 25 38.17 -40.76 -32.41
C ALA B 25 39.50 -40.03 -32.61
N THR B 26 39.44 -38.75 -32.97
CA THR B 26 40.66 -38.01 -33.26
C THR B 26 41.51 -37.80 -32.02
N THR B 27 40.88 -37.40 -30.91
CA THR B 27 41.60 -36.97 -29.72
C THR B 27 41.65 -38.03 -28.62
N GLN B 28 40.72 -38.99 -28.63
CA GLN B 28 40.57 -39.96 -27.55
C GLN B 28 40.31 -39.26 -26.22
N ALA B 29 39.46 -38.24 -26.25
CA ALA B 29 39.01 -37.53 -25.05
C ALA B 29 37.51 -37.68 -24.93
N LEU B 30 37.03 -37.75 -23.68
CA LEU B 30 35.61 -37.96 -23.43
C LEU B 30 34.80 -36.80 -23.98
N LYS B 31 33.61 -37.12 -24.48
CA LYS B 31 32.69 -36.13 -25.03
C LYS B 31 31.79 -35.61 -23.93
N LYS B 32 31.56 -34.29 -23.92
CA LYS B 32 30.75 -33.64 -22.89
C LYS B 32 29.26 -33.80 -23.21
N THR B 33 28.83 -35.06 -23.26
CA THR B 33 27.45 -35.40 -23.59
C THR B 33 26.73 -35.91 -22.36
N THR B 34 25.40 -35.96 -22.47
CA THR B 34 24.57 -36.42 -21.35
C THR B 34 24.83 -37.87 -21.01
N THR B 35 25.11 -38.72 -22.01
CA THR B 35 25.27 -40.14 -21.74
C THR B 35 26.54 -40.42 -20.94
N ASN B 36 27.61 -39.66 -21.19
CA ASN B 36 28.82 -39.84 -20.39
C ASN B 36 28.59 -39.47 -18.93
N ALA B 37 27.89 -38.35 -18.70
CA ALA B 37 27.58 -37.96 -17.33
C ALA B 37 26.68 -38.99 -16.67
N GLU B 38 25.71 -39.52 -17.41
CA GLU B 38 24.85 -40.58 -16.89
C GLU B 38 25.67 -41.78 -16.45
N ILE B 39 26.57 -42.24 -17.32
CA ILE B 39 27.39 -43.40 -17.00
C ILE B 39 28.25 -43.14 -15.78
N ILE B 40 28.88 -41.96 -15.73
CA ILE B 40 29.77 -41.64 -14.62
C ILE B 40 29.00 -41.59 -13.31
N LEU B 41 27.85 -40.91 -13.30
CA LEU B 41 27.10 -40.78 -12.06
C LEU B 41 26.49 -42.12 -11.63
N CYS B 42 26.12 -42.97 -12.58
CA CYS B 42 25.53 -44.25 -12.26
C CYS B 42 26.57 -45.34 -12.02
N ASN B 43 27.86 -45.05 -12.20
CA ASN B 43 28.89 -46.05 -12.00
C ASN B 43 30.00 -45.63 -11.05
N ASP B 44 30.28 -44.34 -10.91
CA ASP B 44 31.34 -43.90 -10.02
C ASP B 44 31.00 -44.26 -8.58
N GLU B 45 31.99 -44.80 -7.86
CA GLU B 45 31.76 -45.22 -6.49
C GLU B 45 31.45 -44.04 -5.59
N SER B 46 32.14 -42.92 -5.78
CA SER B 46 31.94 -41.75 -4.93
C SER B 46 30.63 -41.04 -5.22
N LEU B 47 30.03 -41.27 -6.39
CA LEU B 47 28.82 -40.56 -6.80
C LEU B 47 27.68 -41.51 -7.13
N LYS B 48 27.68 -42.72 -6.58
CA LYS B 48 26.65 -43.70 -6.90
C LYS B 48 25.49 -43.56 -5.94
N GLY B 49 24.32 -43.23 -6.48
CA GLY B 49 23.08 -43.24 -5.71
C GLY B 49 23.07 -42.30 -4.53
N LEU B 50 23.47 -41.04 -4.74
CA LEU B 50 23.50 -40.06 -3.67
C LEU B 50 22.45 -38.97 -3.83
N VAL B 51 21.49 -39.15 -4.73
CA VAL B 51 20.40 -38.20 -4.91
C VAL B 51 19.09 -38.97 -5.03
N GLN B 52 18.00 -38.30 -4.64
CA GLN B 52 16.67 -38.85 -4.78
C GLN B 52 15.68 -37.69 -4.82
N TYR B 53 14.63 -37.85 -5.62
CA TYR B 53 13.66 -36.78 -5.86
C TYR B 53 12.57 -36.85 -4.80
N ASP B 54 12.24 -35.70 -4.23
CA ASP B 54 11.29 -35.63 -3.14
C ASP B 54 9.93 -35.23 -3.70
N ALA B 55 8.99 -36.15 -3.71
CA ALA B 55 7.74 -35.93 -4.43
C ALA B 55 6.84 -34.90 -3.72
N PHE B 56 6.96 -34.77 -2.41
CA PHE B 56 6.06 -33.85 -1.69
C PHE B 56 6.46 -32.40 -1.94
N GLU B 57 7.65 -32.01 -1.50
CA GLU B 57 8.25 -30.73 -1.89
C GLU B 57 9.23 -31.04 -3.01
N LYS B 58 8.92 -30.54 -4.21
CA LYS B 58 9.56 -31.03 -5.42
C LYS B 58 11.01 -30.56 -5.52
N VAL B 59 11.88 -31.15 -4.71
CA VAL B 59 13.30 -30.82 -4.68
C VAL B 59 14.12 -32.09 -4.77
N THR B 60 15.37 -31.95 -5.19
CA THR B 60 16.32 -33.04 -5.14
C THR B 60 16.90 -33.13 -3.74
N LYS B 61 16.86 -34.32 -3.15
CA LYS B 61 17.33 -34.53 -1.80
C LYS B 61 18.36 -35.65 -1.79
N LEU B 62 19.25 -35.59 -0.80
CA LEU B 62 20.37 -36.53 -0.71
C LEU B 62 19.86 -37.88 -0.23
N LYS B 63 20.19 -38.94 -0.97
CA LYS B 63 19.90 -40.29 -0.49
C LYS B 63 20.89 -40.71 0.59
N ARG B 64 22.15 -40.30 0.45
CA ARG B 64 23.17 -40.56 1.45
C ARG B 64 24.02 -39.29 1.57
N LEU B 65 25.12 -39.39 2.29
CA LEU B 65 25.96 -38.23 2.56
C LEU B 65 27.25 -38.33 1.74
N PRO B 66 27.50 -37.40 0.83
CA PRO B 66 28.70 -37.49 0.00
C PRO B 66 29.96 -37.20 0.80
N TYR B 67 31.10 -37.51 0.18
CA TYR B 67 32.37 -37.38 0.87
C TYR B 67 32.77 -35.94 1.14
N TRP B 68 32.17 -34.97 0.44
CA TRP B 68 32.54 -33.57 0.61
C TRP B 68 31.72 -32.87 1.67
N ARG B 69 30.75 -33.53 2.27
CA ARG B 69 29.93 -32.95 3.33
C ARG B 69 30.45 -33.36 4.70
N SER B 70 30.12 -32.55 5.69
CA SER B 70 30.52 -32.85 7.05
C SER B 70 29.84 -34.13 7.55
N LYS B 71 30.56 -34.87 8.40
CA LYS B 71 30.04 -36.16 8.86
C LYS B 71 28.76 -35.98 9.68
N GLY B 72 28.71 -34.95 10.51
CA GLY B 72 27.53 -34.68 11.31
C GLY B 72 26.46 -33.86 10.63
N ASP B 73 26.62 -33.57 9.34
CA ASP B 73 25.65 -32.74 8.63
C ASP B 73 24.32 -33.46 8.51
N ALA B 74 23.24 -32.76 8.86
CA ALA B 74 21.89 -33.27 8.70
C ALA B 74 21.15 -32.62 7.55
N ASN B 75 21.76 -31.65 6.87
CA ASN B 75 21.17 -31.01 5.72
C ASN B 75 21.18 -31.99 4.55
N TYR B 76 19.99 -32.44 4.15
CA TYR B 76 19.86 -33.45 3.10
C TYR B 76 19.36 -32.87 1.79
N TYR B 77 19.42 -31.56 1.61
CA TYR B 77 19.05 -30.94 0.36
C TYR B 77 20.27 -30.84 -0.56
N TRP B 78 20.00 -30.84 -1.86
CA TRP B 78 21.05 -30.77 -2.88
C TRP B 78 21.14 -29.34 -3.37
N ALA B 79 22.23 -28.66 -3.04
CA ALA B 79 22.45 -27.27 -3.39
C ALA B 79 23.47 -27.15 -4.51
N ASP B 80 23.75 -25.91 -4.92
CA ASP B 80 24.68 -25.68 -6.02
C ASP B 80 26.10 -26.07 -5.65
N ILE B 81 26.45 -26.03 -4.36
CA ILE B 81 27.79 -26.44 -3.96
C ILE B 81 28.00 -27.93 -4.20
N ASP B 82 26.96 -28.74 -4.03
CA ASP B 82 27.08 -30.16 -4.31
C ASP B 82 27.32 -30.41 -5.79
N THR B 83 26.63 -29.66 -6.66
CA THR B 83 26.88 -29.77 -8.09
C THR B 83 28.29 -29.31 -8.44
N THR B 84 28.76 -28.26 -7.75
CA THR B 84 30.15 -27.82 -7.92
C THR B 84 31.12 -28.95 -7.60
N HIS B 85 30.90 -29.63 -6.47
CA HIS B 85 31.78 -30.71 -6.08
C HIS B 85 31.69 -31.88 -7.05
N VAL B 86 30.49 -32.16 -7.57
CA VAL B 86 30.34 -33.24 -8.55
C VAL B 86 31.13 -32.91 -9.82
N ILE B 87 31.00 -31.67 -10.31
CA ILE B 87 31.73 -31.27 -11.50
C ILE B 87 33.23 -31.37 -11.27
N SER B 88 33.70 -30.87 -10.12
CA SER B 88 35.12 -30.90 -9.84
C SER B 88 35.64 -32.33 -9.73
N HIS B 89 34.90 -33.21 -9.06
CA HIS B 89 35.32 -34.60 -8.91
C HIS B 89 35.37 -35.29 -10.26
N ILE B 90 34.34 -35.10 -11.09
CA ILE B 90 34.29 -35.72 -12.40
C ILE B 90 35.45 -35.23 -13.26
N ASP B 91 35.74 -33.93 -13.21
CA ASP B 91 36.84 -33.38 -13.99
C ASP B 91 38.18 -33.93 -13.51
N LYS B 92 38.35 -34.05 -12.19
CA LYS B 92 39.63 -34.53 -11.67
C LYS B 92 39.87 -35.99 -12.04
N LEU B 93 38.89 -36.85 -11.79
CA LEU B 93 39.07 -38.27 -12.09
C LEU B 93 39.08 -38.54 -13.59
N TYR B 94 38.17 -37.87 -14.32
CA TYR B 94 38.06 -38.05 -15.79
C TYR B 94 38.37 -36.73 -16.49
N ASN B 95 39.14 -36.74 -17.58
CA ASN B 95 39.59 -35.46 -18.21
C ASN B 95 38.42 -34.58 -18.65
N VAL B 96 37.27 -35.19 -18.99
CA VAL B 96 36.12 -34.39 -19.53
C VAL B 96 35.67 -33.32 -18.53
N GLN B 97 35.38 -32.11 -19.02
CA GLN B 97 34.86 -31.01 -18.16
C GLN B 97 33.37 -30.82 -18.50
N PHE B 98 32.47 -30.92 -17.53
CA PHE B 98 31.05 -30.86 -17.84
C PHE B 98 30.49 -29.49 -17.45
N SER B 99 29.62 -28.97 -18.29
CA SER B 99 28.94 -27.72 -17.97
C SER B 99 28.00 -27.92 -16.78
N ARG B 100 27.76 -26.84 -16.04
CA ARG B 100 26.92 -26.94 -14.86
C ARG B 100 25.48 -27.28 -15.23
N ASP B 101 24.99 -26.77 -16.36
CA ASP B 101 23.64 -27.11 -16.79
C ASP B 101 23.51 -28.60 -17.07
N LEU B 102 24.52 -29.19 -17.72
CA LEU B 102 24.45 -30.61 -18.05
C LEU B 102 24.44 -31.46 -16.79
N ILE B 103 25.32 -31.15 -15.83
CA ILE B 103 25.35 -31.93 -14.59
C ILE B 103 24.08 -31.73 -13.80
N ASP B 104 23.55 -30.51 -13.78
CA ASP B 104 22.29 -30.28 -13.08
C ASP B 104 21.16 -31.10 -13.70
N THR B 105 21.11 -31.14 -15.03
CA THR B 105 20.09 -31.93 -15.72
C THR B 105 20.24 -33.42 -15.42
N VAL B 106 21.47 -33.93 -15.46
CA VAL B 106 21.68 -35.36 -15.21
C VAL B 106 21.37 -35.70 -13.76
N ILE B 107 21.73 -34.82 -12.82
CA ILE B 107 21.41 -35.04 -11.42
C ILE B 107 19.90 -35.05 -11.22
N GLU B 108 19.19 -34.14 -11.88
CA GLU B 108 17.73 -34.13 -11.79
C GLU B 108 17.14 -35.41 -12.34
N LYS B 109 17.67 -35.91 -13.46
CA LYS B 109 17.17 -37.16 -14.02
C LYS B 109 17.42 -38.34 -13.09
N GLU B 110 18.63 -38.42 -12.53
CA GLU B 110 18.95 -39.51 -11.61
C GLU B 110 18.09 -39.45 -10.36
N ALA B 111 17.83 -38.25 -9.85
CA ALA B 111 16.93 -38.11 -8.72
C ALA B 111 15.53 -38.55 -9.09
N TYR B 112 15.03 -38.12 -10.24
CA TYR B 112 13.69 -38.48 -10.67
C TYR B 112 13.54 -39.98 -10.83
N GLN B 113 14.62 -40.68 -11.18
CA GLN B 113 14.56 -42.14 -11.20
C GLN B 113 14.30 -42.68 -9.79
N ASN B 114 15.01 -42.17 -8.80
CA ASN B 114 14.82 -42.59 -7.41
C ASN B 114 13.88 -41.66 -6.66
N ARG B 115 12.69 -41.41 -7.21
CA ARG B 115 11.77 -40.48 -6.58
C ARG B 115 10.98 -41.19 -5.49
N PHE B 116 10.65 -40.45 -4.44
CA PHE B 116 9.95 -41.00 -3.29
C PHE B 116 9.07 -39.92 -2.69
N HIS B 117 8.10 -40.37 -1.89
CA HIS B 117 7.28 -39.45 -1.11
C HIS B 117 7.68 -39.58 0.35
N PRO B 118 8.22 -38.53 0.97
CA PRO B 118 8.68 -38.68 2.36
C PRO B 118 7.56 -38.97 3.34
N ILE B 119 6.40 -38.35 3.14
CA ILE B 119 5.28 -38.57 4.05
C ILE B 119 4.69 -39.96 3.86
N LYS B 120 4.53 -40.40 2.61
CA LYS B 120 4.06 -41.76 2.37
C LYS B 120 5.06 -42.78 2.91
N SER B 121 6.35 -42.49 2.79
CA SER B 121 7.36 -43.36 3.38
C SER B 121 7.24 -43.41 4.90
N MET B 122 6.99 -42.26 5.52
CA MET B 122 6.86 -42.23 6.98
C MET B 122 5.63 -42.98 7.46
N ILE B 123 4.49 -42.75 6.81
CA ILE B 123 3.25 -43.38 7.24
C ILE B 123 3.32 -44.89 7.05
N GLU B 124 3.89 -45.34 5.93
CA GLU B 124 3.97 -46.76 5.62
C GLU B 124 5.25 -47.41 6.14
N SER B 125 6.07 -46.68 6.91
CA SER B 125 7.32 -47.26 7.40
C SER B 125 7.05 -48.46 8.31
N LYS B 126 6.09 -48.35 9.22
CA LYS B 126 5.72 -49.43 10.11
C LYS B 126 4.21 -49.59 10.12
N SER B 127 3.75 -50.84 10.01
CA SER B 127 2.32 -51.10 10.05
C SER B 127 1.77 -50.78 11.44
N TRP B 128 0.48 -50.45 11.48
CA TRP B 128 -0.17 -50.11 12.73
C TRP B 128 -0.15 -51.30 13.68
N ASP B 129 0.20 -51.03 14.95
CA ASP B 129 0.35 -52.09 15.94
C ASP B 129 -0.96 -52.46 16.63
N GLY B 130 -2.07 -51.79 16.31
CA GLY B 130 -3.36 -52.12 16.87
C GLY B 130 -3.76 -51.33 18.09
N ILE B 131 -2.93 -50.41 18.56
CA ILE B 131 -3.25 -49.58 19.73
C ILE B 131 -4.08 -48.39 19.26
N LYS B 132 -5.15 -48.10 19.98
CA LYS B 132 -5.99 -46.94 19.66
C LYS B 132 -5.34 -45.69 20.21
N ARG B 133 -4.86 -44.83 19.31
CA ARG B 133 -4.22 -43.58 19.69
C ARG B 133 -4.80 -42.37 18.96
N ILE B 134 -5.46 -42.57 17.82
CA ILE B 134 -5.91 -41.46 17.00
C ILE B 134 -7.05 -40.70 17.68
N GLU B 135 -7.99 -41.42 18.29
CA GLU B 135 -9.19 -40.77 18.80
C GLU B 135 -8.88 -39.86 19.98
N THR B 136 -8.02 -40.31 20.89
CA THR B 136 -7.69 -39.57 22.09
C THR B 136 -6.37 -38.81 21.96
N LEU B 137 -6.08 -38.28 20.77
CA LEU B 137 -4.84 -37.54 20.60
C LEU B 137 -4.87 -36.24 21.38
N PHE B 138 -6.01 -35.54 21.41
CA PHE B 138 -6.12 -34.31 22.16
C PHE B 138 -6.83 -34.46 23.50
N ILE B 139 -7.53 -35.57 23.71
CA ILE B 139 -8.20 -35.79 24.99
C ILE B 139 -7.18 -36.01 26.11
N ASP B 140 -6.01 -36.57 25.79
CA ASP B 140 -5.02 -36.84 26.82
C ASP B 140 -3.74 -36.05 26.69
N TYR B 141 -3.30 -35.72 25.47
CA TYR B 141 -2.09 -34.91 25.33
C TYR B 141 -2.33 -33.45 25.64
N LEU B 142 -3.51 -32.92 25.28
CA LEU B 142 -3.83 -31.53 25.55
C LEU B 142 -4.91 -31.36 26.60
N GLY B 143 -5.46 -32.45 27.13
CA GLY B 143 -6.41 -32.34 28.22
C GLY B 143 -7.83 -32.01 27.83
N ALA B 144 -8.17 -32.13 26.54
CA ALA B 144 -9.53 -31.85 26.12
C ALA B 144 -10.51 -32.82 26.77
N GLU B 145 -11.78 -32.44 26.78
CA GLU B 145 -12.81 -33.27 27.37
C GLU B 145 -13.02 -34.53 26.54
N ASP B 146 -13.40 -35.61 27.22
CA ASP B 146 -13.55 -36.92 26.58
C ASP B 146 -14.97 -37.11 26.04
N ASN B 147 -15.38 -36.16 25.20
CA ASN B 147 -16.67 -36.27 24.53
C ASN B 147 -16.58 -37.31 23.41
N HIS B 148 -17.71 -37.51 22.72
CA HIS B 148 -17.68 -38.22 21.46
C HIS B 148 -17.35 -37.27 20.32
N TYR B 149 -17.71 -36.00 20.46
CA TYR B 149 -17.38 -34.99 19.48
C TYR B 149 -15.86 -34.84 19.34
N ASN B 150 -15.15 -34.75 20.46
CA ASN B 150 -13.71 -34.58 20.40
C ASN B 150 -13.03 -35.76 19.72
N ARG B 151 -13.42 -36.98 20.10
CA ARG B 151 -12.81 -38.18 19.52
C ARG B 151 -13.10 -38.26 18.03
N GLU B 152 -14.36 -38.02 17.64
CA GLU B 152 -14.68 -38.10 16.22
C GLU B 152 -13.94 -37.04 15.42
N VAL B 153 -13.84 -35.82 15.96
CA VAL B 153 -13.19 -34.74 15.23
C VAL B 153 -11.71 -35.03 15.06
N THR B 154 -11.03 -35.49 16.13
CA THR B 154 -9.62 -35.81 16.02
C THR B 154 -9.39 -36.96 15.03
N LYS B 155 -10.22 -38.00 15.11
CA LYS B 155 -10.09 -39.13 14.21
C LYS B 155 -10.24 -38.69 12.75
N LYS B 156 -11.31 -37.98 12.45
CA LYS B 156 -11.54 -37.52 11.09
C LYS B 156 -10.51 -36.52 10.63
N TRP B 157 -9.90 -35.75 11.54
CA TRP B 157 -8.87 -34.80 11.11
C TRP B 157 -7.58 -35.52 10.72
N MET B 158 -7.16 -36.51 11.51
CA MET B 158 -5.98 -37.26 11.10
C MET B 158 -6.25 -38.07 9.84
N MET B 159 -7.47 -38.62 9.71
CA MET B 159 -7.85 -39.27 8.47
C MET B 159 -7.80 -38.30 7.29
N GLY B 160 -8.23 -37.06 7.51
CA GLY B 160 -8.17 -36.07 6.44
C GLY B 160 -6.75 -35.72 6.06
N ALA B 161 -5.85 -35.67 7.04
CA ALA B 161 -4.44 -35.41 6.74
C ALA B 161 -3.86 -36.52 5.86
N VAL B 162 -4.06 -37.77 6.27
CA VAL B 162 -3.50 -38.87 5.46
C VAL B 162 -4.20 -38.94 4.10
N ALA B 163 -5.48 -38.58 4.04
CA ALA B 163 -6.17 -38.56 2.76
C ALA B 163 -5.60 -37.51 1.82
N ARG B 164 -5.36 -36.31 2.34
CA ARG B 164 -4.80 -35.25 1.52
C ARG B 164 -3.37 -35.55 1.11
N ILE B 165 -2.68 -36.42 1.86
CA ILE B 165 -1.42 -36.98 1.33
C ILE B 165 -1.69 -37.94 0.19
N TYR B 166 -2.66 -38.84 0.36
CA TYR B 166 -2.87 -39.89 -0.64
C TYR B 166 -3.78 -39.46 -1.78
N GLN B 167 -4.66 -38.48 -1.55
CA GLN B 167 -5.51 -37.92 -2.60
C GLN B 167 -5.36 -36.41 -2.55
N PRO B 168 -4.36 -35.86 -3.25
CA PRO B 168 -4.04 -34.43 -3.10
C PRO B 168 -5.22 -33.49 -3.28
N GLY B 169 -6.14 -33.79 -4.17
CA GLY B 169 -7.25 -32.91 -4.42
C GLY B 169 -8.51 -33.21 -3.64
N ILE B 170 -8.42 -34.03 -2.59
CA ILE B 170 -9.64 -34.45 -1.84
C ILE B 170 -10.24 -33.23 -1.13
N LYS B 171 -11.55 -33.26 -0.83
CA LYS B 171 -12.22 -32.11 -0.20
C LYS B 171 -12.27 -32.31 1.32
N TYR B 172 -11.46 -31.55 2.08
CA TYR B 172 -11.52 -31.63 3.56
C TYR B 172 -11.51 -30.21 4.14
N ASP B 173 -12.66 -29.53 4.11
CA ASP B 173 -12.78 -28.16 4.67
C ASP B 173 -12.49 -28.21 6.17
N SER B 174 -12.98 -29.23 6.86
CA SER B 174 -12.83 -29.34 8.34
C SER B 174 -11.45 -28.92 8.86
N MET B 175 -11.40 -27.89 9.72
CA MET B 175 -10.14 -27.50 10.35
C MET B 175 -10.38 -27.51 11.85
N ILE B 176 -9.37 -27.96 12.61
CA ILE B 176 -9.48 -28.05 14.06
C ILE B 176 -8.90 -26.78 14.66
N ILE B 177 -9.67 -26.12 15.51
CA ILE B 177 -9.20 -24.95 16.25
C ILE B 177 -9.08 -25.35 17.70
N LEU B 178 -7.85 -25.31 18.22
CA LEU B 178 -7.57 -25.72 19.59
C LEU B 178 -7.59 -24.50 20.49
N TYR B 179 -8.51 -24.46 21.42
CA TYR B 179 -8.61 -23.40 22.40
C TYR B 179 -8.03 -23.87 23.73
N GLY B 180 -7.34 -22.98 24.42
CA GLY B 180 -6.75 -23.34 25.70
C GLY B 180 -5.97 -22.18 26.27
N GLY B 181 -5.35 -22.44 27.41
CA GLY B 181 -4.57 -21.44 28.12
C GLY B 181 -3.29 -21.04 27.40
N GLN B 182 -2.38 -20.39 28.12
CA GLN B 182 -1.18 -19.86 27.52
C GLN B 182 -0.02 -20.85 27.46
N GLY B 183 -0.13 -21.98 28.15
CA GLY B 183 0.96 -22.94 28.16
C GLY B 183 0.50 -24.38 28.08
N VAL B 184 -0.67 -24.62 27.47
CA VAL B 184 -1.24 -25.96 27.45
C VAL B 184 -0.33 -26.92 26.68
N GLY B 185 0.18 -26.48 25.54
CA GLY B 185 0.97 -27.36 24.69
C GLY B 185 0.33 -27.54 23.33
N LYS B 186 -0.47 -26.56 22.92
CA LYS B 186 -1.21 -26.67 21.67
C LYS B 186 -0.26 -26.61 20.47
N SER B 187 0.48 -25.52 20.34
CA SER B 187 1.40 -25.37 19.23
C SER B 187 2.50 -26.42 19.28
N THR B 188 2.91 -26.84 20.47
CA THR B 188 3.92 -27.90 20.59
C THR B 188 3.38 -29.23 20.07
N ALA B 189 2.14 -29.57 20.44
CA ALA B 189 1.55 -30.81 19.95
C ALA B 189 1.35 -30.76 18.44
N VAL B 190 0.94 -29.61 17.91
CA VAL B 190 0.80 -29.46 16.46
C VAL B 190 2.15 -29.61 15.78
N SER B 191 3.19 -29.04 16.36
CA SER B 191 4.52 -29.18 15.79
C SER B 191 4.99 -30.63 15.79
N LYS B 192 4.73 -31.35 16.88
CA LYS B 192 5.11 -32.76 16.93
C LYS B 192 4.35 -33.57 15.90
N LEU B 193 3.07 -33.28 15.71
CA LEU B 193 2.28 -33.97 14.68
C LEU B 193 2.84 -33.68 13.30
N GLY B 194 3.13 -32.41 13.02
CA GLY B 194 3.61 -32.05 11.69
C GLY B 194 4.96 -32.65 11.38
N GLY B 195 5.89 -32.58 12.33
CA GLY B 195 7.22 -33.08 12.07
C GLY B 195 8.00 -32.10 11.21
N HIS B 196 8.81 -32.65 10.30
CA HIS B 196 9.59 -31.82 9.41
C HIS B 196 8.73 -31.04 8.43
N TRP B 197 7.49 -31.48 8.21
CA TRP B 197 6.57 -30.86 7.24
C TRP B 197 5.52 -30.02 7.92
N TYR B 198 5.89 -29.29 8.97
CA TYR B 198 4.99 -28.47 9.76
C TYR B 198 5.21 -27.01 9.42
N ASN B 199 4.11 -26.30 9.15
CA ASN B 199 4.15 -24.92 8.70
C ASN B 199 3.39 -24.05 9.68
N GLN B 200 4.03 -22.99 10.17
CA GLN B 200 3.35 -22.00 11.00
C GLN B 200 3.55 -20.58 10.47
N SER B 201 4.00 -20.43 9.24
CA SER B 201 4.26 -19.12 8.66
C SER B 201 3.08 -18.58 7.85
N ILE B 202 1.94 -19.26 7.86
CA ILE B 202 0.74 -18.75 7.21
C ILE B 202 0.14 -17.68 8.11
N LYS B 203 0.26 -16.43 7.70
CA LYS B 203 -0.24 -15.31 8.50
C LYS B 203 -1.18 -14.39 7.74
N THR B 204 -1.37 -14.60 6.44
CA THR B 204 -2.39 -13.90 5.66
C THR B 204 -3.07 -14.93 4.76
N PHE B 205 -4.18 -14.53 4.16
CA PHE B 205 -4.88 -15.36 3.21
C PHE B 205 -4.96 -14.73 1.83
N LYS B 206 -4.04 -13.81 1.53
CA LYS B 206 -4.10 -13.00 0.32
C LYS B 206 -2.80 -13.13 -0.46
N GLY B 207 -2.92 -13.20 -1.78
CA GLY B 207 -1.77 -13.30 -2.66
C GLY B 207 -1.38 -14.73 -2.95
N ASP B 208 -0.39 -14.87 -3.85
CA ASP B 208 0.15 -16.17 -4.22
C ASP B 208 1.26 -16.63 -3.28
N GLU B 209 1.79 -15.74 -2.45
CA GLU B 209 2.86 -16.12 -1.53
C GLU B 209 2.36 -17.13 -0.50
N VAL B 210 1.11 -17.00 -0.06
CA VAL B 210 0.57 -17.96 0.89
C VAL B 210 0.46 -19.34 0.24
N TYR B 211 0.09 -19.39 -1.04
CA TYR B 211 0.05 -20.67 -1.73
C TYR B 211 1.44 -21.27 -1.87
N LYS B 212 2.43 -20.44 -2.22
CA LYS B 212 3.80 -20.93 -2.30
C LYS B 212 4.27 -21.46 -0.95
N LYS B 213 3.85 -20.82 0.14
CA LYS B 213 4.15 -21.34 1.48
C LYS B 213 3.46 -22.68 1.71
N LEU B 214 2.20 -22.80 1.29
CA LEU B 214 1.46 -24.04 1.49
C LEU B 214 2.02 -25.21 0.71
N GLN B 215 2.78 -24.94 -0.35
CA GLN B 215 3.18 -26.01 -1.27
C GLN B 215 3.95 -27.12 -0.55
N GLY B 216 5.10 -26.80 0.02
CA GLY B 216 5.98 -27.83 0.55
C GLY B 216 5.63 -28.33 1.94
N SER B 217 4.48 -27.91 2.47
CA SER B 217 4.10 -28.17 3.85
C SER B 217 2.88 -29.08 3.93
N TRP B 218 2.84 -29.89 4.99
CA TRP B 218 1.76 -30.84 5.22
C TRP B 218 0.73 -30.35 6.24
N ILE B 219 1.17 -30.09 7.47
CA ILE B 219 0.27 -29.67 8.53
C ILE B 219 0.54 -28.20 8.80
N CYS B 220 -0.39 -27.34 8.37
CA CYS B 220 -0.24 -25.91 8.51
C CYS B 220 -1.09 -25.44 9.68
N GLU B 221 -0.49 -24.75 10.63
CA GLU B 221 -1.25 -24.15 11.71
C GLU B 221 -1.35 -22.65 11.50
N ILE B 222 -2.56 -22.14 11.65
CA ILE B 222 -2.81 -20.70 11.66
C ILE B 222 -2.56 -20.22 13.07
N GLU B 223 -1.30 -19.91 13.38
CA GLU B 223 -0.90 -19.61 14.74
C GLU B 223 -1.64 -18.39 15.26
N GLU B 224 -2.17 -18.51 16.47
CA GLU B 224 -2.90 -17.45 17.16
C GLU B 224 -4.11 -16.97 16.37
N LEU B 225 -4.48 -17.68 15.29
CA LEU B 225 -5.52 -17.25 14.37
C LEU B 225 -5.21 -15.87 13.79
N SER B 226 -3.92 -15.59 13.64
CA SER B 226 -3.50 -14.27 13.14
C SER B 226 -4.14 -13.98 11.78
N ALA B 227 -4.07 -14.95 10.86
CA ALA B 227 -4.63 -14.75 9.53
C ALA B 227 -6.13 -14.52 9.57
N PHE B 228 -6.80 -14.88 10.65
CA PHE B 228 -8.23 -14.64 10.75
C PHE B 228 -8.57 -13.18 11.04
N GLN B 229 -7.60 -12.39 11.50
CA GLN B 229 -7.86 -10.98 11.77
C GLN B 229 -7.62 -10.10 10.55
N LYS B 230 -6.76 -10.53 9.64
CA LYS B 230 -6.42 -9.72 8.47
C LYS B 230 -7.35 -9.96 7.28
N SER B 231 -8.34 -10.83 7.43
CA SER B 231 -9.22 -11.18 6.32
C SER B 231 -10.67 -11.17 6.79
N THR B 232 -11.57 -10.99 5.83
CA THR B 232 -12.99 -11.08 6.10
C THR B 232 -13.43 -12.53 6.23
N ILE B 233 -14.66 -12.73 6.68
CA ILE B 233 -15.16 -14.08 6.89
C ILE B 233 -15.23 -14.85 5.59
N GLU B 234 -15.63 -14.17 4.51
CA GLU B 234 -15.67 -14.82 3.21
C GLU B 234 -14.28 -15.26 2.76
N ASP B 235 -13.27 -14.43 2.99
CA ASP B 235 -11.92 -14.78 2.58
C ASP B 235 -11.42 -16.02 3.31
N ILE B 236 -11.62 -16.04 4.65
CA ILE B 236 -11.13 -17.18 5.47
C ILE B 236 -11.90 -18.45 5.10
N LYS B 237 -13.23 -18.38 5.01
CA LYS B 237 -14.04 -19.61 4.72
C LYS B 237 -13.67 -20.12 3.33
N GLY B 238 -13.46 -19.23 2.37
CA GLY B 238 -13.05 -19.64 1.01
C GLY B 238 -11.67 -20.28 1.02
N PHE B 239 -10.73 -19.71 1.76
CA PHE B 239 -9.37 -20.25 1.79
C PHE B 239 -9.32 -21.62 2.45
N ILE B 240 -10.12 -21.83 3.50
CA ILE B 240 -10.12 -23.12 4.18
C ILE B 240 -10.74 -24.19 3.29
N SER B 241 -11.87 -23.89 2.65
CA SER B 241 -12.61 -24.87 1.88
C SER B 241 -12.02 -25.13 0.51
N ALA B 242 -11.07 -24.32 0.04
CA ALA B 242 -10.53 -24.48 -1.30
C ALA B 242 -9.84 -25.84 -1.43
N ILE B 243 -9.96 -26.44 -2.63
CA ILE B 243 -9.38 -27.80 -2.86
C ILE B 243 -8.21 -27.69 -3.84
N VAL B 244 -8.24 -26.68 -4.73
CA VAL B 244 -7.16 -26.53 -5.75
C VAL B 244 -6.68 -25.08 -5.75
N ASP B 245 -5.35 -24.86 -5.85
CA ASP B 245 -4.82 -23.48 -5.96
C ASP B 245 -4.32 -23.31 -7.39
N ILE B 246 -4.88 -22.37 -8.14
CA ILE B 246 -4.38 -22.12 -9.52
C ILE B 246 -3.46 -20.90 -9.49
N TYR B 247 -2.18 -21.09 -9.80
CA TYR B 247 -1.19 -19.99 -9.75
C TYR B 247 0.10 -20.42 -10.45
N ARG B 248 0.98 -19.47 -10.76
CA ARG B 248 2.22 -19.75 -11.46
C ARG B 248 3.40 -19.68 -10.49
N ALA B 249 4.25 -20.69 -10.53
CA ALA B 249 5.39 -20.76 -9.63
C ALA B 249 6.36 -19.62 -9.92
N SER B 250 7.41 -19.52 -9.11
CA SER B 250 8.36 -18.42 -9.28
C SER B 250 9.05 -18.51 -10.64
N TYR B 251 9.64 -19.66 -10.95
CA TYR B 251 10.22 -19.94 -12.26
C TYR B 251 9.33 -20.98 -12.91
N GLY B 252 8.26 -20.53 -13.56
CA GLY B 252 7.27 -21.42 -14.11
C GLY B 252 6.95 -21.08 -15.55
N LYS B 253 6.36 -22.05 -16.24
CA LYS B 253 5.94 -21.89 -17.62
C LYS B 253 4.48 -21.47 -17.76
N ARG B 254 3.62 -21.91 -16.84
CA ARG B 254 2.19 -21.66 -16.91
C ARG B 254 1.61 -21.61 -15.52
N THR B 255 0.44 -20.99 -15.39
CA THR B 255 -0.25 -20.92 -14.11
C THR B 255 -0.85 -22.29 -13.81
N GLU B 256 -0.07 -23.15 -13.16
CA GLU B 256 -0.51 -24.56 -12.95
C GLU B 256 -1.61 -24.67 -11.89
N ARG B 257 -2.33 -25.79 -11.88
CA ARG B 257 -3.35 -26.02 -10.82
C ARG B 257 -2.71 -26.94 -9.78
N HIS B 258 -2.66 -26.50 -8.53
CA HIS B 258 -1.96 -27.30 -7.48
C HIS B 258 -2.98 -27.92 -6.52
N PRO B 259 -3.25 -29.25 -6.50
CA PRO B 259 -4.16 -29.79 -5.49
C PRO B 259 -3.62 -29.53 -4.10
N ARG B 260 -4.51 -29.28 -3.16
CA ARG B 260 -4.13 -28.84 -1.81
C ARG B 260 -3.83 -30.07 -0.97
N GLN B 261 -2.54 -30.32 -0.72
CA GLN B 261 -2.11 -31.45 0.10
C GLN B 261 -1.91 -31.08 1.56
N CYS B 262 -2.25 -29.86 1.95
CA CYS B 262 -2.05 -29.40 3.31
C CYS B 262 -3.36 -29.45 4.09
N VAL B 263 -3.25 -29.72 5.39
CA VAL B 263 -4.39 -29.74 6.29
C VAL B 263 -4.16 -28.68 7.36
N PHE B 264 -5.23 -27.95 7.71
CA PHE B 264 -5.11 -26.78 8.56
C PHE B 264 -5.55 -27.09 9.99
N VAL B 265 -4.76 -26.61 10.94
CA VAL B 265 -5.13 -26.58 12.35
C VAL B 265 -4.76 -25.20 12.87
N GLY B 266 -5.61 -24.66 13.71
CA GLY B 266 -5.34 -23.37 14.33
C GLY B 266 -5.27 -23.51 15.82
N THR B 267 -4.50 -22.62 16.46
CA THR B 267 -4.39 -22.57 17.90
C THR B 267 -4.75 -21.17 18.37
N THR B 268 -5.67 -21.08 19.32
CA THR B 268 -6.15 -19.78 19.76
C THR B 268 -6.22 -19.74 21.28
N ASN B 269 -6.16 -18.52 21.81
CA ASN B 269 -6.36 -18.26 23.22
C ASN B 269 -7.68 -17.57 23.52
N ASN B 270 -8.25 -16.87 22.55
CA ASN B 270 -9.56 -16.28 22.68
C ASN B 270 -10.64 -17.36 22.68
N TYR B 271 -11.75 -17.09 23.36
CA TYR B 271 -12.84 -18.05 23.41
C TYR B 271 -13.82 -17.85 22.27
N GLU B 272 -14.28 -16.63 22.05
CA GLU B 272 -15.22 -16.33 20.97
C GLU B 272 -14.44 -15.88 19.72
N PHE B 273 -13.76 -16.85 19.11
CA PHE B 273 -12.91 -16.56 17.96
C PHE B 273 -13.63 -16.68 16.62
N LEU B 274 -14.83 -17.24 16.59
CA LEU B 274 -15.60 -17.35 15.37
C LEU B 274 -16.48 -16.11 15.22
N LYS B 275 -16.24 -15.32 14.18
CA LYS B 275 -16.90 -14.04 14.00
C LYS B 275 -18.04 -14.08 13.00
N ASP B 276 -18.48 -15.27 12.60
CA ASP B 276 -19.56 -15.42 11.64
C ASP B 276 -20.84 -15.82 12.37
N GLN B 277 -21.93 -15.12 12.09
CA GLN B 277 -23.22 -15.46 12.68
C GLN B 277 -24.06 -16.36 11.78
N THR B 278 -23.76 -16.43 10.48
CA THR B 278 -24.53 -17.28 9.58
C THR B 278 -24.27 -18.76 9.85
N GLY B 279 -23.01 -19.12 10.08
CA GLY B 279 -22.67 -20.51 10.30
C GLY B 279 -21.18 -20.76 10.19
N ASN B 280 -20.68 -21.76 10.92
CA ASN B 280 -19.22 -22.06 10.92
C ASN B 280 -19.01 -23.57 10.87
N ARG B 281 -19.59 -24.25 9.88
CA ARG B 281 -19.53 -25.74 9.81
C ARG B 281 -18.08 -26.23 9.68
N ARG B 282 -17.26 -25.57 8.85
CA ARG B 282 -15.88 -26.06 8.61
C ARG B 282 -15.06 -26.05 9.90
N PHE B 283 -15.25 -25.04 10.76
CA PHE B 283 -14.42 -24.92 11.99
C PHE B 283 -14.88 -25.91 13.07
N PHE B 284 -13.93 -26.51 13.80
CA PHE B 284 -14.23 -27.45 14.88
C PHE B 284 -13.44 -27.07 16.12
N PRO B 285 -14.03 -26.26 16.99
CA PRO B 285 -13.31 -25.84 18.20
C PRO B 285 -13.16 -26.98 19.18
N ILE B 286 -11.93 -27.23 19.60
CA ILE B 286 -11.63 -28.23 20.63
C ILE B 286 -11.07 -27.47 21.83
N THR B 287 -11.77 -27.55 22.95
CA THR B 287 -11.39 -26.81 24.15
C THR B 287 -10.43 -27.67 24.96
N THR B 288 -9.15 -27.28 24.93
CA THR B 288 -8.11 -27.97 25.68
C THR B 288 -7.98 -27.37 27.06
N ASP B 289 -7.37 -28.12 27.97
CA ASP B 289 -7.25 -27.70 29.36
C ASP B 289 -6.09 -28.45 30.00
N LYS B 290 -5.04 -27.72 30.37
CA LYS B 290 -3.96 -28.32 31.13
C LYS B 290 -4.49 -28.73 32.51
N ASN B 291 -3.74 -29.60 33.18
CA ASN B 291 -4.05 -30.28 34.42
C ASN B 291 -5.07 -31.39 34.21
N LYS B 292 -5.62 -31.53 33.01
CA LYS B 292 -6.41 -32.71 32.63
C LYS B 292 -5.68 -33.56 31.61
N ALA B 293 -4.41 -33.26 31.34
CA ALA B 293 -3.63 -34.00 30.37
C ALA B 293 -2.89 -35.13 31.07
N THR B 294 -3.22 -36.37 30.71
CA THR B 294 -2.52 -37.51 31.28
C THR B 294 -1.14 -37.70 30.67
N LYS B 295 -0.89 -37.10 29.52
CA LYS B 295 0.42 -37.17 28.86
C LYS B 295 0.83 -35.78 28.43
N SER B 296 2.14 -35.59 28.25
CA SER B 296 2.68 -34.28 27.91
C SER B 296 3.14 -34.25 26.47
N PRO B 297 2.64 -33.31 25.66
CA PRO B 297 3.09 -33.24 24.26
C PRO B 297 4.55 -32.84 24.12
N PHE B 298 5.16 -32.27 25.17
CA PHE B 298 6.56 -31.86 25.09
C PHE B 298 7.51 -33.05 25.14
N ASP B 299 7.12 -34.12 25.82
CA ASP B 299 8.01 -35.25 26.05
C ASP B 299 7.53 -36.56 25.43
N ASP B 300 6.22 -36.78 25.37
CA ASP B 300 5.71 -38.09 24.97
C ASP B 300 5.43 -38.18 23.47
N LEU B 301 5.22 -37.05 22.80
CA LEU B 301 4.94 -37.05 21.37
C LEU B 301 6.25 -37.19 20.59
N THR B 302 6.86 -38.36 20.74
CA THR B 302 8.03 -38.72 19.95
C THR B 302 7.60 -39.05 18.52
N PRO B 303 8.52 -38.94 17.56
CA PRO B 303 8.14 -39.23 16.16
C PRO B 303 7.62 -40.64 15.95
N VAL B 304 8.02 -41.60 16.80
CA VAL B 304 7.46 -42.94 16.71
C VAL B 304 5.97 -42.92 17.01
N VAL B 305 5.58 -42.16 18.05
CA VAL B 305 4.17 -42.11 18.43
C VAL B 305 3.33 -41.47 17.33
N VAL B 306 3.81 -40.36 16.75
CA VAL B 306 3.03 -39.72 15.70
C VAL B 306 3.01 -40.58 14.45
N GLN B 307 4.08 -41.32 14.18
CA GLN B 307 4.06 -42.27 13.07
C GLN B 307 3.00 -43.34 13.29
N GLN B 308 2.88 -43.83 14.52
CA GLN B 308 1.84 -44.81 14.81
C GLN B 308 0.44 -44.21 14.64
N MET B 309 0.27 -42.97 15.09
CA MET B 309 -1.03 -42.29 14.91
C MET B 309 -1.37 -42.17 13.43
N PHE B 310 -0.40 -41.80 12.61
CA PHE B 310 -0.69 -41.63 11.19
C PHE B 310 -0.87 -42.97 10.48
N ALA B 311 -0.22 -44.02 10.96
CA ALA B 311 -0.49 -45.36 10.43
C ALA B 311 -1.92 -45.79 10.75
N GLU B 312 -2.38 -45.53 11.98
CA GLU B 312 -3.75 -45.83 12.34
C GLU B 312 -4.72 -45.01 11.48
N ALA B 313 -4.40 -43.74 11.25
CA ALA B 313 -5.22 -42.91 10.39
C ALA B 313 -5.30 -43.47 8.98
N ARG B 314 -4.16 -43.94 8.45
CA ARG B 314 -4.16 -44.51 7.11
C ARG B 314 -5.01 -45.77 7.06
N VAL B 315 -4.94 -46.59 8.11
CA VAL B 315 -5.77 -47.80 8.14
C VAL B 315 -7.26 -47.42 8.10
N TYR B 316 -7.66 -46.48 8.98
CA TYR B 316 -9.06 -46.08 9.02
C TYR B 316 -9.51 -45.49 7.70
N PHE B 317 -8.67 -44.68 7.07
CA PHE B 317 -9.04 -44.09 5.79
C PHE B 317 -9.11 -45.14 4.69
N ASP B 318 -8.15 -46.05 4.64
CA ASP B 318 -8.14 -47.10 3.64
C ASP B 318 -9.32 -48.05 3.78
N GLU B 319 -9.94 -48.11 4.96
CA GLU B 319 -11.18 -48.86 5.08
C GLU B 319 -12.26 -48.31 4.14
N ASN B 320 -12.17 -47.03 3.77
CA ASN B 320 -13.09 -46.41 2.82
C ASN B 320 -12.46 -45.17 2.20
N PRO B 321 -11.65 -45.32 1.15
CA PRO B 321 -10.91 -44.16 0.58
C PRO B 321 -11.81 -43.18 -0.17
N THR B 322 -12.66 -42.48 0.58
CA THR B 322 -13.61 -41.51 -0.03
C THR B 322 -13.67 -40.22 0.78
N ASP B 323 -14.05 -39.10 0.16
CA ASP B 323 -14.22 -37.80 0.89
C ASP B 323 -15.35 -37.94 1.92
N LYS B 324 -16.39 -38.72 1.61
CA LYS B 324 -17.55 -38.91 2.51
C LYS B 324 -17.06 -39.52 3.83
N ALA B 325 -16.07 -40.41 3.78
CA ALA B 325 -15.53 -41.04 5.01
C ALA B 325 -14.97 -39.95 5.93
N LEU B 326 -14.35 -38.91 5.38
CA LEU B 326 -13.76 -37.81 6.19
C LEU B 326 -14.83 -37.08 6.99
N LEU B 327 -16.07 -37.05 6.50
CA LEU B 327 -17.17 -36.31 7.18
C LEU B 327 -17.43 -36.89 8.57
N LEU B 328 -17.84 -36.05 9.53
CA LEU B 328 -18.06 -36.48 10.94
C LEU B 328 -19.26 -37.43 11.07
N ASP B 329 -19.48 -37.98 12.28
CA ASP B 329 -20.61 -38.92 12.53
C ASP B 329 -21.89 -38.10 12.66
N LYS B 330 -23.05 -38.72 12.49
CA LYS B 330 -24.35 -37.98 12.54
C LYS B 330 -24.48 -37.31 13.90
N GLU B 331 -24.12 -38.02 14.98
CA GLU B 331 -24.19 -37.43 16.35
C GLU B 331 -23.08 -36.38 16.49
N ALA B 332 -21.88 -36.67 15.98
CA ALA B 332 -20.78 -35.72 16.04
C ALA B 332 -21.14 -34.41 15.32
N SER B 333 -21.88 -34.50 14.22
CA SER B 333 -22.29 -33.28 13.53
C SER B 333 -23.28 -32.47 14.37
N GLU B 334 -24.23 -33.16 15.01
CA GLU B 334 -25.18 -32.46 15.86
C GLU B 334 -24.48 -31.77 17.03
N MET B 335 -23.50 -32.45 17.65
CA MET B 335 -22.75 -31.81 18.71
C MET B 335 -21.86 -30.69 18.19
N ALA B 336 -21.32 -30.85 16.98
CA ALA B 336 -20.45 -29.83 16.40
C ALA B 336 -21.21 -28.55 16.11
N LEU B 337 -22.48 -28.66 15.72
CA LEU B 337 -23.27 -27.46 15.50
C LEU B 337 -23.38 -26.63 16.79
N LYS B 338 -23.66 -27.31 17.91
CA LYS B 338 -23.74 -26.62 19.19
C LYS B 338 -22.40 -26.05 19.60
N VAL B 339 -21.32 -26.80 19.38
CA VAL B 339 -20.00 -26.30 19.76
C VAL B 339 -19.63 -25.06 18.95
N GLN B 340 -19.89 -25.09 17.65
CA GLN B 340 -19.57 -23.96 16.79
C GLN B 340 -20.40 -22.74 17.15
N GLU B 341 -21.68 -22.92 17.49
CA GLU B 341 -22.44 -21.76 17.92
C GLU B 341 -21.99 -21.28 19.29
N ALA B 342 -21.44 -22.18 20.11
CA ALA B 342 -20.95 -21.79 21.44
C ALA B 342 -19.69 -20.95 21.32
N HIS B 343 -18.80 -21.27 20.38
CA HIS B 343 -17.54 -20.56 20.24
C HIS B 343 -17.62 -19.39 19.25
N SER B 344 -18.82 -19.01 18.83
CA SER B 344 -18.99 -17.94 17.87
C SER B 344 -19.48 -16.67 18.54
N GLU B 345 -19.38 -15.56 17.80
CA GLU B 345 -19.88 -14.28 18.29
C GLU B 345 -21.38 -14.19 18.10
N LYS B 346 -22.04 -13.52 19.03
CA LYS B 346 -23.49 -13.40 19.03
C LYS B 346 -23.90 -11.98 18.64
N ASP B 347 -25.06 -11.88 18.01
CA ASP B 347 -25.68 -10.60 17.68
C ASP B 347 -26.73 -10.30 18.75
N ALA B 348 -26.38 -9.40 19.67
CA ALA B 348 -27.29 -9.09 20.78
C ALA B 348 -28.51 -8.32 20.29
N LEU B 349 -28.44 -7.77 19.07
CA LEU B 349 -29.56 -7.02 18.54
C LEU B 349 -30.74 -7.92 18.23
N VAL B 350 -30.48 -9.20 17.95
CA VAL B 350 -31.55 -10.11 17.55
C VAL B 350 -32.54 -10.32 18.68
N GLY B 351 -32.04 -10.51 19.91
CA GLY B 351 -32.95 -10.68 21.04
C GLY B 351 -33.77 -9.44 21.32
N GLU B 352 -33.15 -8.27 21.21
CA GLU B 352 -33.89 -7.01 21.38
C GLU B 352 -34.98 -6.87 20.33
N ILE B 353 -34.66 -7.19 19.08
CA ILE B 353 -35.65 -7.11 18.01
C ILE B 353 -36.80 -8.07 18.29
N GLU B 354 -36.48 -9.31 18.67
CA GLU B 354 -37.53 -10.29 18.95
C GLU B 354 -38.42 -9.82 20.09
N GLU B 355 -37.84 -9.26 21.15
CA GLU B 355 -38.64 -8.75 22.25
C GLU B 355 -39.54 -7.61 21.77
N PHE B 356 -39.02 -6.72 20.94
CA PHE B 356 -39.82 -5.61 20.44
C PHE B 356 -40.99 -6.11 19.61
N LEU B 357 -40.77 -7.12 18.76
CA LEU B 357 -41.83 -7.63 17.91
C LEU B 357 -42.91 -8.36 18.69
N GLU B 358 -42.61 -8.82 19.91
CA GLU B 358 -43.58 -9.56 20.70
C GLU B 358 -44.58 -8.67 21.42
N ARG B 359 -44.39 -7.36 21.41
CA ARG B 359 -45.33 -6.47 22.06
C ARG B 359 -46.57 -6.30 21.19
N PRO B 360 -47.76 -6.54 21.72
CA PRO B 360 -48.97 -6.24 20.96
C PRO B 360 -49.08 -4.75 20.68
N ILE B 361 -49.70 -4.41 19.57
CA ILE B 361 -49.82 -3.02 19.14
C ILE B 361 -51.30 -2.67 18.98
N PRO B 362 -51.68 -1.40 19.13
CA PRO B 362 -53.08 -1.03 18.95
C PRO B 362 -53.55 -1.31 17.54
N SER B 363 -54.86 -1.57 17.41
CA SER B 363 -55.42 -1.87 16.10
C SER B 363 -55.23 -0.71 15.13
N ASP B 364 -55.20 0.53 15.63
CA ASP B 364 -54.97 1.71 14.82
C ASP B 364 -53.51 2.14 14.82
N TYR B 365 -52.58 1.20 14.95
CA TYR B 365 -51.16 1.55 15.13
C TYR B 365 -50.62 2.29 13.92
N TRP B 366 -50.98 1.85 12.71
CA TRP B 366 -50.38 2.43 11.51
C TRP B 366 -50.97 3.79 11.18
N TYR B 367 -52.17 4.10 11.67
CA TYR B 367 -52.76 5.43 11.48
C TYR B 367 -52.47 6.32 12.69
N ARG B 368 -51.19 6.49 12.99
CA ARG B 368 -50.77 7.26 14.15
C ARG B 368 -49.54 8.08 13.83
N THR B 369 -49.35 9.14 14.58
CA THR B 369 -48.16 9.97 14.50
C THR B 369 -46.96 9.18 15.00
N LEU B 370 -45.76 9.63 14.62
CA LEU B 370 -44.54 8.94 15.06
C LEU B 370 -44.41 8.97 16.58
N GLU B 371 -44.71 10.11 17.20
CA GLU B 371 -44.65 10.18 18.67
C GLU B 371 -45.68 9.25 19.29
N GLU B 372 -46.87 9.18 18.70
CA GLU B 372 -47.88 8.24 19.21
C GLU B 372 -47.41 6.81 19.09
N LYS B 373 -46.72 6.48 17.99
CA LYS B 373 -46.16 5.15 17.84
C LYS B 373 -45.12 4.85 18.91
N ARG B 374 -44.23 5.81 19.17
CA ARG B 374 -43.21 5.61 20.21
C ARG B 374 -43.85 5.44 21.57
N VAL B 375 -44.94 6.18 21.84
CA VAL B 375 -45.62 6.07 23.12
C VAL B 375 -46.30 4.71 23.26
N SER B 376 -47.01 4.27 22.21
CA SER B 376 -47.78 3.03 22.30
C SER B 376 -46.88 1.81 22.27
N ALA B 377 -45.87 1.81 21.40
CA ALA B 377 -45.02 0.62 21.25
C ALA B 377 -44.17 0.39 22.49
N HIS B 378 -43.76 1.47 23.16
CA HIS B 378 -42.80 1.30 24.29
C HIS B 378 -43.47 0.85 25.59
N ASP B 379 -44.80 0.77 25.64
CA ASP B 379 -45.40 0.20 26.89
C ASP B 379 -45.20 -1.31 26.88
N VAL B 380 -45.20 -1.94 28.05
CA VAL B 380 -44.94 -3.41 28.15
C VAL B 380 -45.79 -4.17 27.12
N ILE B 381 -47.09 -3.85 27.06
CA ILE B 381 -48.01 -4.55 26.12
C ILE B 381 -48.15 -3.73 24.83
N ILE B 386 -54.12 -13.44 26.94
CA ILE B 386 -55.30 -14.28 27.11
C ILE B 386 -55.64 -14.97 25.79
N LEU B 394 -55.11 -15.53 19.21
CA LEU B 394 -54.72 -14.49 18.26
C LEU B 394 -55.32 -13.15 18.67
N ILE B 395 -56.45 -13.20 19.38
CA ILE B 395 -57.06 -11.97 19.88
C ILE B 395 -56.59 -11.70 21.30
N GLU B 396 -56.32 -10.43 21.59
CA GLU B 396 -55.74 -10.01 22.87
C GLU B 396 -56.75 -9.21 23.67
N LEU B 397 -56.60 -9.24 24.99
CA LEU B 397 -57.36 -8.37 25.90
C LEU B 397 -56.41 -7.74 26.90
N PRO B 398 -55.55 -6.80 26.48
CA PRO B 398 -54.65 -6.14 27.45
C PRO B 398 -55.40 -5.13 28.31
N ASN B 399 -56.29 -5.64 29.17
CA ASN B 399 -57.10 -4.82 30.05
C ASN B 399 -57.91 -3.80 29.26
N ALA B 400 -58.41 -4.23 28.09
CA ALA B 400 -59.21 -3.33 27.22
C ALA B 400 -60.25 -4.18 26.47
N LYS B 401 -60.91 -3.58 25.48
CA LYS B 401 -61.89 -4.33 24.65
C LYS B 401 -61.12 -5.34 23.78
N PRO B 402 -61.70 -6.50 23.42
CA PRO B 402 -61.03 -7.44 22.53
C PRO B 402 -60.80 -6.80 21.15
N GLY B 403 -59.63 -7.03 20.55
CA GLY B 403 -59.32 -6.48 19.22
C GLY B 403 -58.78 -5.06 19.29
N ALA B 404 -58.63 -4.49 20.50
CA ALA B 404 -58.01 -3.15 20.62
C ALA B 404 -56.51 -3.31 20.39
N TYR B 405 -55.95 -4.45 20.79
CA TYR B 405 -54.54 -4.73 20.59
C TYR B 405 -54.42 -6.01 19.77
N VAL B 406 -53.58 -5.98 18.74
CA VAL B 406 -53.38 -7.12 17.85
C VAL B 406 -51.89 -7.39 17.73
N TRP B 407 -51.57 -8.51 17.10
CA TRP B 407 -50.18 -8.87 16.87
C TRP B 407 -49.62 -8.12 15.67
N ARG B 408 -48.32 -7.83 15.73
CA ARG B 408 -47.67 -7.11 14.65
C ARG B 408 -47.65 -7.94 13.38
N ASP B 409 -47.77 -7.25 12.23
CA ASP B 409 -47.76 -7.90 10.93
C ASP B 409 -46.72 -7.34 9.98
N LYS B 410 -46.16 -6.17 10.25
CA LYS B 410 -45.15 -5.56 9.40
C LYS B 410 -44.03 -5.03 10.26
N VAL B 411 -42.79 -5.21 9.81
CA VAL B 411 -41.64 -4.62 10.49
C VAL B 411 -40.72 -4.02 9.44
N CYS B 412 -40.32 -2.78 9.64
CA CYS B 412 -39.35 -2.11 8.78
C CYS B 412 -38.10 -1.81 9.58
N SER B 413 -36.96 -1.79 8.88
CA SER B 413 -35.72 -1.42 9.55
C SER B 413 -35.77 0.02 10.06
N MET B 414 -36.39 0.91 9.29
CA MET B 414 -36.55 2.29 9.75
C MET B 414 -37.54 2.39 10.90
N GLU B 415 -38.55 1.50 10.93
CA GLU B 415 -39.44 1.46 12.07
C GLU B 415 -38.69 1.03 13.32
N ILE B 416 -37.78 0.07 13.19
CA ILE B 416 -36.92 -0.31 14.32
C ILE B 416 -36.06 0.87 14.73
N TRP B 417 -35.49 1.58 13.76
CA TRP B 417 -34.57 2.67 14.05
C TRP B 417 -35.27 3.83 14.74
N LYS B 418 -36.52 4.10 14.35
CA LYS B 418 -37.23 5.28 14.83
C LYS B 418 -38.15 5.00 16.01
N VAL B 419 -38.69 3.79 16.12
CA VAL B 419 -39.65 3.47 17.17
C VAL B 419 -39.00 2.65 18.28
N MET B 420 -38.28 1.58 17.92
CA MET B 420 -37.67 0.74 18.94
C MET B 420 -36.50 1.46 19.60
N MET B 421 -35.62 2.06 18.81
CA MET B 421 -34.48 2.80 19.35
C MET B 421 -34.83 4.24 19.68
N LYS B 422 -36.00 4.72 19.26
CA LYS B 422 -36.46 6.08 19.56
C LYS B 422 -35.41 7.12 19.15
N ARG B 423 -34.80 6.92 18.00
CA ARG B 423 -33.73 7.78 17.51
C ARG B 423 -34.26 8.67 16.39
N ASP B 424 -34.08 9.98 16.55
CA ASP B 424 -34.40 10.94 15.51
C ASP B 424 -33.25 11.17 14.55
N ASP B 425 -32.09 10.59 14.82
CA ASP B 425 -30.96 10.68 13.91
C ASP B 425 -31.26 9.91 12.63
N GLN B 426 -30.75 10.43 11.51
CA GLN B 426 -30.87 9.72 10.24
C GLN B 426 -29.85 8.60 10.19
N PRO B 427 -30.26 7.35 9.99
CA PRO B 427 -29.32 6.24 10.08
C PRO B 427 -28.43 6.14 8.86
N GLN B 428 -27.16 5.84 9.10
CA GLN B 428 -26.28 5.46 8.01
C GLN B 428 -26.68 4.08 7.48
N GLN B 429 -26.30 3.82 6.23
CA GLN B 429 -26.70 2.57 5.60
C GLN B 429 -26.16 1.36 6.35
N HIS B 430 -25.04 1.52 7.05
CA HIS B 430 -24.49 0.40 7.81
C HIS B 430 -25.32 0.09 9.06
N HIS B 431 -26.06 1.08 9.57
CA HIS B 431 -26.99 0.81 10.65
C HIS B 431 -28.16 -0.04 10.17
N LEU B 432 -28.76 0.34 9.04
CA LEU B 432 -29.92 -0.37 8.54
C LEU B 432 -29.54 -1.75 8.01
N ARG B 433 -28.31 -1.91 7.52
CA ARG B 433 -27.85 -3.24 7.15
C ARG B 433 -27.80 -4.17 8.36
N LYS B 434 -27.29 -3.67 9.48
CA LYS B 434 -27.25 -4.48 10.70
C LYS B 434 -28.65 -4.78 11.19
N ILE B 435 -29.56 -3.81 11.11
CA ILE B 435 -30.93 -4.06 11.52
C ILE B 435 -31.59 -5.09 10.61
N ASP B 436 -31.29 -5.04 9.31
CA ASP B 436 -31.83 -6.02 8.38
C ASP B 436 -31.32 -7.43 8.68
N LYS B 437 -30.03 -7.55 8.97
CA LYS B 437 -29.49 -8.87 9.34
C LYS B 437 -30.11 -9.37 10.63
N ALA B 438 -30.29 -8.49 11.60
CA ALA B 438 -30.94 -8.88 12.85
C ALA B 438 -32.38 -9.36 12.60
N LEU B 439 -33.10 -8.65 11.73
CA LEU B 439 -34.47 -9.05 11.42
C LEU B 439 -34.50 -10.40 10.69
N ARG B 440 -33.57 -10.62 9.78
CA ARG B 440 -33.53 -11.89 9.05
C ARG B 440 -33.20 -13.04 9.97
N ASN B 441 -32.31 -12.83 10.94
CA ASN B 441 -32.00 -13.89 11.90
C ASN B 441 -33.14 -14.15 12.87
N THR B 442 -34.12 -13.25 12.95
CA THR B 442 -35.28 -13.46 13.81
C THR B 442 -36.18 -14.54 13.22
N ASN B 443 -36.64 -15.45 14.09
CA ASN B 443 -37.50 -16.54 13.61
C ASN B 443 -38.91 -16.04 13.29
N TYR B 444 -39.40 -15.05 14.05
CA TYR B 444 -40.70 -14.47 13.76
C TYR B 444 -40.70 -13.81 12.39
N CYS B 445 -39.65 -13.07 12.08
CA CYS B 445 -39.55 -12.35 10.83
C CYS B 445 -39.25 -13.30 9.67
N GLY B 446 -39.76 -12.95 8.49
CA GLY B 446 -39.54 -13.76 7.31
C GLY B 446 -38.15 -13.55 6.72
N THR B 447 -38.04 -13.68 5.39
CA THR B 447 -36.77 -13.47 4.72
C THR B 447 -36.87 -12.62 3.45
N VAL B 448 -38.06 -12.36 2.94
CA VAL B 448 -38.26 -11.59 1.72
C VAL B 448 -39.00 -10.32 2.09
N LYS B 449 -38.47 -9.17 1.66
CA LYS B 449 -39.05 -7.87 1.97
C LYS B 449 -40.07 -7.49 0.90
N LYS B 450 -41.20 -6.95 1.33
CA LYS B 450 -42.23 -6.44 0.44
C LYS B 450 -42.55 -5.00 0.80
N GLN B 451 -42.73 -4.17 -0.22
CA GLN B 451 -42.91 -2.73 -0.01
C GLN B 451 -44.31 -2.44 0.51
N THR B 452 -44.38 -1.63 1.56
CA THR B 452 -45.64 -1.19 2.13
C THR B 452 -45.37 0.12 2.87
N ARG B 453 -46.41 0.94 3.02
CA ARG B 453 -46.27 2.22 3.70
C ARG B 453 -46.52 2.05 5.19
N TYR B 454 -45.69 2.69 6.00
CA TYR B 454 -45.68 2.48 7.44
C TYR B 454 -46.26 3.65 8.23
N GLY B 455 -45.74 4.85 8.04
CA GLY B 455 -46.22 5.98 8.80
C GLY B 455 -45.63 7.28 8.31
N GLU B 456 -45.71 8.30 9.17
CA GLU B 456 -45.27 9.63 8.77
C GLU B 456 -43.75 9.76 8.78
N GLY B 457 -43.09 9.18 9.78
CA GLY B 457 -41.65 9.28 9.85
C GLY B 457 -40.93 8.23 9.02
N ILE B 458 -41.62 7.15 8.70
CA ILE B 458 -41.01 6.04 7.98
C ILE B 458 -41.35 6.07 6.50
N GLY B 459 -42.61 6.33 6.17
CA GLY B 459 -43.02 6.40 4.79
C GLY B 459 -43.26 5.03 4.19
N LYS B 460 -43.17 4.96 2.87
CA LYS B 460 -43.37 3.74 2.11
C LYS B 460 -42.00 3.10 1.88
N GLN B 461 -41.73 2.00 2.60
CA GLN B 461 -40.41 1.38 2.57
C GLN B 461 -40.54 -0.12 2.56
N TYR B 462 -39.48 -0.78 2.11
CA TYR B 462 -39.45 -2.24 2.06
C TYR B 462 -39.34 -2.80 3.46
N GLY B 463 -40.23 -3.74 3.79
CA GLY B 463 -40.21 -4.35 5.11
C GLY B 463 -40.62 -5.80 5.04
N PHE B 464 -40.57 -6.45 6.19
CA PHE B 464 -40.86 -7.86 6.32
C PHE B 464 -42.25 -8.06 6.89
N SER B 465 -42.92 -9.13 6.46
CA SER B 465 -44.11 -9.59 7.14
C SER B 465 -43.73 -10.53 8.27
N VAL B 466 -44.14 -10.19 9.48
CA VAL B 466 -43.72 -10.90 10.69
C VAL B 466 -44.85 -11.81 11.14
N ASP B 467 -44.49 -13.05 11.49
CA ASP B 467 -45.44 -14.08 11.89
C ASP B 467 -45.10 -14.52 13.30
N LEU B 468 -45.93 -14.13 14.26
CA LEU B 468 -45.72 -14.47 15.67
C LEU B 468 -46.44 -15.75 16.07
N ALA B 469 -46.71 -16.65 15.12
CA ALA B 469 -47.36 -17.91 15.45
C ALA B 469 -46.53 -18.71 16.45
N SER B 470 -45.21 -18.60 16.35
CA SER B 470 -44.34 -19.30 17.29
C SER B 470 -44.49 -18.74 18.70
N TYR B 471 -44.81 -17.45 18.82
CA TYR B 471 -44.80 -16.82 20.13
C TYR B 471 -46.06 -17.16 20.93
N TYR B 472 -47.24 -16.77 20.42
CA TYR B 472 -48.44 -16.87 21.22
C TYR B 472 -48.91 -18.32 21.37
N LYS B 473 -48.30 -19.24 20.64
CA LYS B 473 -48.60 -20.66 20.82
C LYS B 473 -47.55 -21.31 21.70
N ASN C 15 59.99 -30.99 -6.57
CA ASN C 15 58.55 -31.25 -6.52
C ASN C 15 57.76 -29.94 -6.65
N ASP C 16 57.91 -29.28 -7.79
CA ASP C 16 57.11 -28.09 -8.05
C ASP C 16 55.69 -28.48 -8.42
N TRP C 17 54.72 -27.84 -7.76
CA TRP C 17 53.32 -28.12 -8.05
C TRP C 17 52.95 -27.73 -9.48
N LYS C 18 53.75 -26.89 -10.11
CA LYS C 18 53.45 -26.43 -11.47
C LYS C 18 53.38 -27.59 -12.46
N SER C 19 54.00 -28.72 -12.14
CA SER C 19 53.94 -29.89 -13.02
C SER C 19 52.62 -30.62 -12.96
N GLN C 20 51.81 -30.38 -11.91
CA GLN C 20 50.52 -31.06 -11.82
C GLN C 20 49.49 -30.49 -12.79
N LEU C 21 49.74 -29.32 -13.35
CA LEU C 21 48.77 -28.68 -14.22
C LEU C 21 48.56 -29.50 -15.49
N ARG C 22 47.33 -29.47 -15.99
CA ARG C 22 46.97 -30.16 -17.22
C ARG C 22 47.26 -29.24 -18.40
N ARG C 23 48.08 -29.71 -19.33
CA ARG C 23 48.47 -28.94 -20.50
C ARG C 23 47.72 -29.46 -21.72
N SER C 24 47.40 -28.54 -22.63
CA SER C 24 46.84 -28.94 -23.92
C SER C 24 47.98 -29.38 -24.83
N ALA C 25 48.04 -30.69 -25.12
CA ALA C 25 49.21 -31.26 -25.77
C ALA C 25 49.49 -30.61 -27.12
N THR C 26 48.45 -30.17 -27.83
CA THR C 26 48.65 -29.54 -29.13
C THR C 26 49.42 -28.24 -29.02
N THR C 27 49.11 -27.42 -28.00
CA THR C 27 49.71 -26.11 -27.86
C THR C 27 50.51 -25.92 -26.57
N GLN C 28 50.50 -26.89 -25.66
CA GLN C 28 51.19 -26.79 -24.36
C GLN C 28 50.70 -25.59 -23.56
N ALA C 29 49.41 -25.28 -23.69
CA ALA C 29 48.77 -24.20 -22.95
C ALA C 29 47.82 -24.80 -21.93
N LEU C 30 47.72 -24.13 -20.78
CA LEU C 30 46.87 -24.62 -19.70
C LEU C 30 45.42 -24.69 -20.15
N LYS C 31 44.77 -25.82 -19.87
CA LYS C 31 43.35 -25.97 -20.16
C LYS C 31 42.53 -25.21 -19.13
N LYS C 32 41.50 -24.52 -19.59
CA LYS C 32 40.62 -23.76 -18.72
C LYS C 32 39.60 -24.68 -18.04
N THR C 33 40.14 -25.64 -17.28
CA THR C 33 39.33 -26.60 -16.55
C THR C 33 39.29 -26.25 -15.08
N THR C 34 38.38 -26.92 -14.36
CA THR C 34 38.27 -26.70 -12.92
C THR C 34 39.50 -27.20 -12.18
N THR C 35 40.11 -28.28 -12.67
CA THR C 35 41.27 -28.85 -11.98
C THR C 35 42.43 -27.88 -11.94
N ASN C 36 42.71 -27.22 -13.08
CA ASN C 36 43.81 -26.25 -13.12
C ASN C 36 43.55 -25.08 -12.18
N ALA C 37 42.31 -24.57 -12.18
CA ALA C 37 41.98 -23.47 -11.29
C ALA C 37 42.12 -23.88 -9.83
N GLU C 38 41.67 -25.08 -9.48
CA GLU C 38 41.80 -25.55 -8.11
C GLU C 38 43.26 -25.70 -7.71
N ILE C 39 44.09 -26.25 -8.61
CA ILE C 39 45.51 -26.42 -8.30
C ILE C 39 46.17 -25.06 -8.08
N ILE C 40 45.89 -24.10 -8.97
CA ILE C 40 46.49 -22.78 -8.85
C ILE C 40 46.04 -22.10 -7.56
N LEU C 41 44.74 -22.18 -7.25
CA LEU C 41 44.24 -21.56 -6.03
C LEU C 41 44.86 -22.20 -4.79
N CYS C 42 44.99 -23.53 -4.78
CA CYS C 42 45.48 -24.22 -3.60
C CYS C 42 47.00 -24.17 -3.46
N ASN C 43 47.72 -23.79 -4.51
CA ASN C 43 49.17 -23.83 -4.46
C ASN C 43 49.86 -22.49 -4.68
N ASP C 44 49.21 -21.51 -5.30
CA ASP C 44 49.84 -20.22 -5.49
C ASP C 44 49.99 -19.50 -4.16
N GLU C 45 51.20 -19.02 -3.87
CA GLU C 45 51.48 -18.43 -2.57
C GLU C 45 50.68 -17.16 -2.34
N SER C 46 50.27 -16.47 -3.41
CA SER C 46 49.49 -15.26 -3.29
C SER C 46 47.99 -15.52 -3.24
N LEU C 47 47.55 -16.76 -3.46
CA LEU C 47 46.13 -17.11 -3.48
C LEU C 47 45.84 -18.33 -2.63
N LYS C 48 46.79 -18.75 -1.80
CA LYS C 48 46.67 -19.96 -1.02
C LYS C 48 45.83 -19.70 0.23
N GLY C 49 44.66 -20.29 0.28
CA GLY C 49 43.84 -20.26 1.50
C GLY C 49 43.48 -18.87 1.97
N LEU C 50 42.82 -18.09 1.12
CA LEU C 50 42.40 -16.74 1.50
C LEU C 50 40.89 -16.58 1.53
N VAL C 51 40.13 -17.67 1.50
CA VAL C 51 38.67 -17.62 1.60
C VAL C 51 38.21 -18.70 2.57
N GLN C 52 37.07 -18.47 3.20
CA GLN C 52 36.41 -19.46 4.03
C GLN C 52 34.90 -19.20 4.00
N TYR C 53 34.13 -20.26 4.14
CA TYR C 53 32.67 -20.16 4.03
C TYR C 53 32.08 -19.87 5.41
N ASP C 54 31.24 -18.84 5.48
CA ASP C 54 30.60 -18.44 6.72
C ASP C 54 29.31 -19.24 6.87
N ALA C 55 29.31 -20.22 7.78
CA ALA C 55 28.16 -21.11 7.89
C ALA C 55 26.95 -20.41 8.49
N PHE C 56 27.15 -19.35 9.27
CA PHE C 56 26.02 -18.65 9.87
C PHE C 56 25.27 -17.85 8.82
N GLU C 57 25.93 -16.88 8.21
CA GLU C 57 25.39 -16.14 7.08
C GLU C 57 26.08 -16.65 5.82
N LYS C 58 25.30 -17.17 4.88
CA LYS C 58 25.84 -17.93 3.76
C LYS C 58 26.56 -16.99 2.80
N VAL C 59 27.75 -16.58 3.21
CA VAL C 59 28.62 -15.72 2.40
C VAL C 59 30.03 -16.28 2.43
N THR C 60 30.82 -15.93 1.42
CA THR C 60 32.22 -16.28 1.37
C THR C 60 33.06 -15.16 1.95
N LYS C 61 33.67 -15.40 3.11
CA LYS C 61 34.44 -14.37 3.79
C LYS C 61 35.92 -14.61 3.54
N LEU C 62 36.76 -13.69 4.03
CA LEU C 62 38.20 -13.73 3.80
C LEU C 62 38.88 -14.30 5.03
N LYS C 63 39.79 -15.25 4.82
CA LYS C 63 40.57 -15.76 5.94
C LYS C 63 41.76 -14.86 6.23
N ARG C 64 42.26 -14.16 5.22
CA ARG C 64 43.36 -13.22 5.36
C ARG C 64 43.18 -12.10 4.34
N LEU C 65 43.90 -11.02 4.54
CA LEU C 65 43.84 -9.93 3.60
C LEU C 65 44.74 -10.22 2.39
N PRO C 66 44.18 -10.26 1.19
CA PRO C 66 44.98 -10.47 -0.01
C PRO C 66 45.80 -9.23 -0.33
N TYR C 67 46.82 -9.42 -1.16
CA TYR C 67 47.78 -8.36 -1.45
C TYR C 67 47.14 -7.16 -2.16
N TRP C 68 45.97 -7.31 -2.75
CA TRP C 68 45.34 -6.22 -3.47
C TRP C 68 44.42 -5.38 -2.60
N ARG C 69 44.33 -5.68 -1.30
CA ARG C 69 43.46 -4.97 -0.39
C ARG C 69 44.29 -4.13 0.58
N SER C 70 43.77 -2.95 0.91
CA SER C 70 44.43 -2.09 1.88
C SER C 70 44.51 -2.79 3.23
N LYS C 71 45.61 -2.54 3.95
CA LYS C 71 45.86 -3.27 5.20
C LYS C 71 44.80 -2.97 6.24
N GLY C 72 44.37 -1.72 6.35
CA GLY C 72 43.45 -1.30 7.37
C GLY C 72 41.98 -1.21 6.97
N ASP C 73 41.60 -1.74 5.80
CA ASP C 73 40.21 -1.64 5.37
C ASP C 73 39.28 -2.40 6.31
N ALA C 74 39.72 -3.58 6.78
CA ALA C 74 39.01 -4.33 7.81
C ALA C 74 37.58 -4.68 7.40
N ASN C 75 37.39 -5.04 6.14
CA ASN C 75 36.19 -5.75 5.70
C ASN C 75 36.60 -7.10 5.17
N TYR C 76 35.85 -8.14 5.53
CA TYR C 76 36.24 -9.51 5.24
C TYR C 76 35.20 -10.22 4.39
N TYR C 77 34.68 -9.54 3.37
CA TYR C 77 33.71 -10.14 2.45
C TYR C 77 34.33 -10.24 1.07
N TRP C 78 34.16 -11.40 0.44
CA TRP C 78 34.71 -11.63 -0.89
C TRP C 78 33.74 -11.08 -1.92
N ALA C 79 34.10 -9.97 -2.55
CA ALA C 79 33.26 -9.29 -3.52
C ALA C 79 33.69 -9.69 -4.94
N ASP C 80 33.03 -9.07 -5.93
CA ASP C 80 33.38 -9.34 -7.31
C ASP C 80 34.75 -8.79 -7.68
N ILE C 81 35.18 -7.73 -6.98
CA ILE C 81 36.50 -7.17 -7.27
C ILE C 81 37.59 -8.15 -6.88
N ASP C 82 37.38 -8.96 -5.85
CA ASP C 82 38.37 -9.94 -5.47
C ASP C 82 38.47 -11.05 -6.52
N THR C 83 37.33 -11.46 -7.08
CA THR C 83 37.36 -12.42 -8.18
C THR C 83 38.05 -11.82 -9.40
N THR C 84 37.82 -10.53 -9.65
CA THR C 84 38.52 -9.85 -10.73
C THR C 84 40.03 -9.90 -10.52
N HIS C 85 40.47 -9.61 -9.30
CA HIS C 85 41.90 -9.61 -9.02
C HIS C 85 42.48 -11.02 -9.10
N VAL C 86 41.71 -12.03 -8.69
CA VAL C 86 42.18 -13.41 -8.81
C VAL C 86 42.36 -13.79 -10.28
N ILE C 87 41.38 -13.43 -11.10
CA ILE C 87 41.48 -13.73 -12.53
C ILE C 87 42.67 -13.01 -13.14
N SER C 88 42.86 -11.74 -12.81
CA SER C 88 43.97 -10.98 -13.37
C SER C 88 45.31 -11.55 -12.92
N HIS C 89 45.44 -11.92 -11.64
CA HIS C 89 46.68 -12.49 -11.15
C HIS C 89 46.99 -13.82 -11.82
N ILE C 90 45.98 -14.67 -11.96
CA ILE C 90 46.17 -15.96 -12.62
C ILE C 90 46.59 -15.75 -14.07
N ASP C 91 45.94 -14.81 -14.76
CA ASP C 91 46.29 -14.53 -16.15
C ASP C 91 47.73 -14.02 -16.27
N LYS C 92 48.12 -13.10 -15.38
CA LYS C 92 49.46 -12.52 -15.47
C LYS C 92 50.53 -13.57 -15.18
N LEU C 93 50.35 -14.37 -14.14
CA LEU C 93 51.34 -15.38 -13.81
C LEU C 93 51.29 -16.55 -14.79
N TYR C 94 50.08 -16.99 -15.15
CA TYR C 94 49.88 -18.15 -15.98
C TYR C 94 49.08 -17.75 -17.21
N ASN C 95 49.55 -18.17 -18.39
CA ASN C 95 48.94 -17.67 -19.63
C ASN C 95 47.46 -18.03 -19.77
N VAL C 96 46.92 -18.83 -18.85
CA VAL C 96 45.51 -19.20 -18.91
C VAL C 96 44.66 -18.05 -18.36
N GLN C 97 43.52 -17.80 -18.99
CA GLN C 97 42.61 -16.73 -18.59
C GLN C 97 41.24 -17.36 -18.34
N PHE C 98 40.98 -17.70 -17.09
CA PHE C 98 39.75 -18.40 -16.75
C PHE C 98 38.54 -17.49 -16.84
N SER C 99 37.38 -18.10 -17.08
CA SER C 99 36.13 -17.35 -17.07
C SER C 99 35.74 -16.97 -15.65
N ARG C 100 34.91 -15.94 -15.54
CA ARG C 100 34.49 -15.48 -14.22
C ARG C 100 33.66 -16.54 -13.49
N ASP C 101 32.80 -17.24 -14.22
CA ASP C 101 31.96 -18.26 -13.58
C ASP C 101 32.80 -19.40 -13.03
N LEU C 102 33.81 -19.84 -13.78
CA LEU C 102 34.66 -20.93 -13.30
C LEU C 102 35.44 -20.52 -12.05
N ILE C 103 35.98 -19.30 -12.04
CA ILE C 103 36.73 -18.84 -10.88
C ILE C 103 35.80 -18.67 -9.68
N ASP C 104 34.58 -18.18 -9.91
CA ASP C 104 33.61 -18.08 -8.83
C ASP C 104 33.28 -19.45 -8.25
N THR C 105 33.10 -20.44 -9.13
CA THR C 105 32.81 -21.80 -8.67
C THR C 105 33.96 -22.38 -7.87
N VAL C 106 35.19 -22.16 -8.35
CA VAL C 106 36.36 -22.68 -7.64
C VAL C 106 36.52 -21.99 -6.29
N ILE C 107 36.27 -20.68 -6.23
CA ILE C 107 36.35 -19.94 -4.98
C ILE C 107 35.30 -20.44 -4.00
N GLU C 108 34.09 -20.70 -4.49
CA GLU C 108 33.04 -21.23 -3.63
C GLU C 108 33.43 -22.59 -3.07
N LYS C 109 33.99 -23.46 -3.91
CA LYS C 109 34.40 -24.78 -3.43
C LYS C 109 35.53 -24.67 -2.42
N GLU C 110 36.52 -23.81 -2.68
CA GLU C 110 37.62 -23.64 -1.75
C GLU C 110 37.13 -23.08 -0.41
N ALA C 111 36.21 -22.13 -0.45
CA ALA C 111 35.62 -21.61 0.78
C ALA C 111 34.87 -22.70 1.53
N TYR C 112 34.07 -23.50 0.82
CA TYR C 112 33.30 -24.55 1.47
C TYR C 112 34.20 -25.60 2.08
N GLN C 113 35.40 -25.82 1.52
CA GLN C 113 36.35 -26.70 2.19
C GLN C 113 36.76 -26.14 3.54
N ASN C 114 36.88 -24.81 3.65
CA ASN C 114 37.28 -24.16 4.88
C ASN C 114 36.09 -23.55 5.62
N ARG C 115 34.91 -24.14 5.49
CA ARG C 115 33.72 -23.57 6.09
C ARG C 115 33.85 -23.53 7.61
N PHE C 116 33.32 -22.47 8.21
CA PHE C 116 33.39 -22.29 9.65
C PHE C 116 32.10 -21.63 10.11
N HIS C 117 31.83 -21.73 11.41
CA HIS C 117 30.73 -21.00 12.02
C HIS C 117 31.33 -19.91 12.89
N PRO C 118 31.06 -18.64 12.60
CA PRO C 118 31.76 -17.56 13.30
C PRO C 118 31.45 -17.52 14.79
N ILE C 119 30.17 -17.61 15.16
CA ILE C 119 29.82 -17.56 16.57
C ILE C 119 30.25 -18.84 17.26
N LYS C 120 30.09 -19.99 16.60
CA LYS C 120 30.57 -21.23 17.21
C LYS C 120 32.08 -21.19 17.44
N SER C 121 32.81 -20.45 16.62
CA SER C 121 34.23 -20.27 16.84
C SER C 121 34.49 -19.28 17.97
N MET C 122 33.67 -18.24 18.08
CA MET C 122 33.84 -17.27 19.15
C MET C 122 33.58 -17.92 20.52
N ILE C 123 32.50 -18.68 20.62
CA ILE C 123 32.13 -19.33 21.88
C ILE C 123 33.22 -20.32 22.30
N GLU C 124 33.74 -21.08 21.35
CA GLU C 124 34.76 -22.08 21.60
C GLU C 124 36.17 -21.53 21.46
N SER C 125 36.33 -20.22 21.27
CA SER C 125 37.66 -19.64 21.14
C SER C 125 38.50 -19.88 22.38
N LYS C 126 37.92 -19.65 23.56
CA LYS C 126 38.57 -19.92 24.83
C LYS C 126 37.59 -20.62 25.75
N SER C 127 38.11 -21.44 26.67
CA SER C 127 37.25 -22.14 27.66
C SER C 127 36.76 -21.17 28.73
N TRP C 128 35.64 -21.47 29.38
CA TRP C 128 35.07 -20.56 30.41
C TRP C 128 35.95 -20.51 31.66
N ASP C 129 36.08 -19.34 32.29
CA ASP C 129 36.87 -19.16 33.54
C ASP C 129 35.99 -19.45 34.76
N GLY C 130 36.47 -19.15 35.98
CA GLY C 130 35.71 -19.45 37.20
C GLY C 130 34.95 -18.25 37.74
N ILE C 131 34.88 -17.15 36.99
CA ILE C 131 34.25 -15.89 37.49
C ILE C 131 32.75 -16.09 37.81
N LYS C 132 32.01 -16.83 36.97
CA LYS C 132 30.55 -17.06 37.16
C LYS C 132 29.78 -15.73 37.10
N ARG C 133 29.82 -15.03 35.95
CA ARG C 133 29.16 -13.70 35.84
C ARG C 133 27.88 -13.76 35.00
N ILE C 134 27.45 -14.95 34.56
CA ILE C 134 26.27 -15.03 33.64
C ILE C 134 25.00 -14.52 34.34
N GLU C 135 24.81 -14.82 35.62
CA GLU C 135 23.55 -14.46 36.32
C GLU C 135 23.51 -12.96 36.60
N THR C 136 24.68 -12.32 36.74
CA THR C 136 24.67 -10.91 37.12
C THR C 136 25.06 -10.01 35.95
N LEU C 137 24.69 -10.39 34.72
CA LEU C 137 25.01 -9.57 33.57
C LEU C 137 24.21 -8.25 33.61
N PHE C 138 22.89 -8.35 33.55
CA PHE C 138 22.06 -7.16 33.62
C PHE C 138 21.97 -6.60 35.03
N ILE C 139 22.27 -7.40 36.04
CA ILE C 139 22.31 -6.88 37.41
C ILE C 139 23.51 -5.97 37.60
N ASP C 140 24.68 -6.36 37.05
CA ASP C 140 25.87 -5.54 37.20
C ASP C 140 25.89 -4.38 36.21
N TYR C 141 25.80 -4.69 34.92
CA TYR C 141 26.02 -3.67 33.91
C TYR C 141 24.83 -2.71 33.81
N LEU C 142 23.61 -3.25 33.88
CA LEU C 142 22.42 -2.41 33.73
C LEU C 142 21.86 -1.90 35.05
N GLY C 143 22.23 -2.51 36.17
CA GLY C 143 21.74 -2.03 37.45
C GLY C 143 20.44 -2.63 37.91
N ALA C 144 20.02 -3.75 37.31
CA ALA C 144 18.77 -4.38 37.73
C ALA C 144 18.90 -4.94 39.14
N GLU C 145 17.76 -5.15 39.78
CA GLU C 145 17.74 -5.67 41.14
C GLU C 145 18.26 -7.10 41.18
N ASP C 146 18.92 -7.46 42.27
CA ASP C 146 19.52 -8.79 42.43
C ASP C 146 18.47 -9.73 43.02
N ASN C 147 17.57 -10.19 42.16
CA ASN C 147 16.53 -11.14 42.54
C ASN C 147 16.97 -12.55 42.14
N HIS C 148 16.14 -13.53 42.49
CA HIS C 148 16.25 -14.83 41.84
C HIS C 148 15.68 -14.79 40.43
N TYR C 149 14.62 -13.98 40.24
CA TYR C 149 14.01 -13.85 38.93
C TYR C 149 14.99 -13.30 37.91
N ASN C 150 15.67 -12.20 38.23
CA ASN C 150 16.58 -11.59 37.28
C ASN C 150 17.73 -12.53 36.94
N ARG C 151 18.31 -13.18 37.95
CA ARG C 151 19.43 -14.07 37.70
C ARG C 151 19.01 -15.25 36.84
N GLU C 152 17.88 -15.87 37.17
CA GLU C 152 17.43 -17.02 36.38
C GLU C 152 17.09 -16.61 34.96
N VAL C 153 16.43 -15.46 34.79
CA VAL C 153 16.05 -15.01 33.45
C VAL C 153 17.29 -14.75 32.60
N THR C 154 18.28 -14.05 33.16
CA THR C 154 19.48 -13.77 32.39
C THR C 154 20.25 -15.04 32.05
N LYS C 155 20.39 -15.95 33.02
CA LYS C 155 21.06 -17.22 32.76
C LYS C 155 20.36 -17.99 31.66
N LYS C 156 19.04 -18.16 31.78
CA LYS C 156 18.31 -18.93 30.79
C LYS C 156 18.28 -18.25 29.44
N TRP C 157 18.40 -16.91 29.40
CA TRP C 157 18.42 -16.24 28.12
C TRP C 157 19.75 -16.44 27.40
N MET C 158 20.87 -16.36 28.12
CA MET C 158 22.14 -16.64 27.47
C MET C 158 22.25 -18.10 27.05
N MET C 159 21.76 -19.00 27.90
CA MET C 159 21.65 -20.41 27.52
C MET C 159 20.79 -20.57 26.28
N GLY C 160 19.68 -19.81 26.21
CA GLY C 160 18.82 -19.90 25.04
C GLY C 160 19.48 -19.38 23.78
N ALA C 161 20.31 -18.34 23.90
CA ALA C 161 21.04 -17.86 22.74
C ALA C 161 21.99 -18.93 22.21
N VAL C 162 22.83 -19.48 23.10
CA VAL C 162 23.76 -20.49 22.62
C VAL C 162 23.03 -21.75 22.16
N ALA C 163 21.82 -22.00 22.68
CA ALA C 163 21.04 -23.14 22.21
C ALA C 163 20.46 -22.89 20.82
N ARG C 164 19.87 -21.71 20.62
CA ARG C 164 19.31 -21.38 19.32
C ARG C 164 20.38 -21.37 18.25
N ILE C 165 21.63 -21.17 18.62
CA ILE C 165 22.66 -21.21 17.59
C ILE C 165 23.36 -22.56 17.49
N TYR C 166 23.32 -23.38 18.54
CA TYR C 166 23.86 -24.73 18.42
C TYR C 166 22.82 -25.71 17.88
N GLN C 167 21.57 -25.57 18.30
CA GLN C 167 20.46 -26.31 17.71
C GLN C 167 19.52 -25.32 17.06
N PRO C 168 19.63 -25.11 15.75
CA PRO C 168 18.92 -23.98 15.13
C PRO C 168 17.42 -24.00 15.31
N GLY C 169 16.79 -25.16 15.36
CA GLY C 169 15.35 -25.21 15.49
C GLY C 169 14.82 -25.31 16.90
N ILE C 170 15.68 -25.24 17.91
CA ILE C 170 15.23 -25.49 19.28
C ILE C 170 14.17 -24.47 19.69
N LYS C 171 13.20 -24.93 20.46
CA LYS C 171 12.03 -24.14 20.83
C LYS C 171 12.36 -23.29 22.05
N TYR C 172 12.34 -21.97 21.87
CA TYR C 172 12.66 -21.04 22.95
C TYR C 172 11.78 -19.80 22.78
N ASP C 173 10.67 -19.75 23.51
CA ASP C 173 9.70 -18.68 23.36
C ASP C 173 10.07 -17.41 24.11
N SER C 174 11.02 -17.49 25.03
CA SER C 174 11.30 -16.38 25.94
C SER C 174 11.76 -15.13 25.18
N MET C 175 11.68 -14.00 25.89
CA MET C 175 12.13 -12.71 25.38
C MET C 175 12.32 -11.77 26.55
N ILE C 176 13.56 -11.34 26.79
CA ILE C 176 13.79 -10.31 27.79
C ILE C 176 13.39 -8.96 27.23
N ILE C 177 12.71 -8.16 28.06
CA ILE C 177 12.42 -6.77 27.73
C ILE C 177 13.05 -5.92 28.82
N LEU C 178 14.05 -5.12 28.45
CA LEU C 178 14.79 -4.30 29.39
C LEU C 178 14.07 -2.95 29.52
N TYR C 179 13.49 -2.72 30.69
CA TYR C 179 12.88 -1.44 31.01
C TYR C 179 13.86 -0.63 31.85
N GLY C 180 13.93 0.68 31.57
CA GLY C 180 14.81 1.57 32.34
C GLY C 180 14.78 2.99 31.84
N GLY C 181 15.71 3.83 32.29
CA GLY C 181 15.78 5.25 31.88
C GLY C 181 16.32 5.40 30.46
N GLN C 182 16.11 6.57 29.85
CA GLN C 182 16.54 6.82 28.46
C GLN C 182 18.07 6.69 28.32
N GLY C 183 18.83 7.11 29.34
CA GLY C 183 20.30 7.09 29.22
C GLY C 183 20.96 5.89 29.89
N VAL C 184 20.19 4.87 30.29
CA VAL C 184 20.77 3.72 31.06
C VAL C 184 21.85 3.00 30.23
N GLY C 185 21.66 2.83 28.93
CA GLY C 185 22.65 2.06 28.15
C GLY C 185 22.17 0.66 27.81
N LYS C 186 20.86 0.42 27.89
CA LYS C 186 20.31 -0.95 27.65
C LYS C 186 20.65 -1.38 26.21
N SER C 187 20.48 -0.49 25.24
CA SER C 187 20.81 -0.80 23.82
C SER C 187 22.31 -1.06 23.67
N THR C 188 23.14 -0.28 24.36
CA THR C 188 24.63 -0.44 24.26
C THR C 188 25.02 -1.83 24.75
N ALA C 189 24.41 -2.31 25.84
CA ALA C 189 24.73 -3.66 26.38
C ALA C 189 24.36 -4.72 25.35
N VAL C 190 23.16 -4.60 24.75
CA VAL C 190 22.67 -5.59 23.76
C VAL C 190 23.64 -5.61 22.57
N SER C 191 24.11 -4.43 22.15
CA SER C 191 25.02 -4.34 20.98
C SER C 191 26.32 -5.07 21.29
N LYS C 192 26.84 -4.94 22.51
CA LYS C 192 28.10 -5.62 22.91
C LYS C 192 27.91 -7.15 22.85
N LEU C 193 26.77 -7.65 23.33
CA LEU C 193 26.51 -9.11 23.34
C LEU C 193 26.37 -9.60 21.90
N GLY C 194 25.60 -8.87 21.08
CA GLY C 194 25.41 -9.23 19.66
C GLY C 194 26.70 -9.12 18.87
N GLY C 195 27.50 -8.09 19.14
CA GLY C 195 28.73 -7.86 18.36
C GLY C 195 28.43 -7.65 16.89
N HIS C 196 29.11 -8.36 16.00
CA HIS C 196 28.87 -8.26 14.54
C HIS C 196 27.45 -8.71 14.22
N TRP C 197 26.94 -9.72 14.92
CA TRP C 197 25.62 -10.32 14.58
C TRP C 197 24.46 -9.60 15.28
N TYR C 198 24.73 -8.49 15.97
CA TYR C 198 23.63 -7.68 16.58
C TYR C 198 22.73 -7.12 15.48
N ASN C 199 21.41 -7.19 15.66
CA ASN C 199 20.45 -6.64 14.67
C ASN C 199 19.47 -5.71 15.40
N GLN C 200 19.32 -4.47 14.94
CA GLN C 200 18.29 -3.56 15.53
C GLN C 200 17.29 -3.13 14.46
N SER C 201 17.34 -3.75 13.28
CA SER C 201 16.49 -3.28 12.15
C SER C 201 15.14 -4.00 12.09
N ILE C 202 14.74 -4.70 13.16
CA ILE C 202 13.42 -5.32 13.14
C ILE C 202 12.39 -4.29 13.59
N LYS C 203 11.84 -3.57 12.62
CA LYS C 203 10.88 -2.50 12.92
C LYS C 203 9.43 -2.95 12.83
N THR C 204 9.16 -4.13 12.28
CA THR C 204 7.80 -4.62 12.16
C THR C 204 7.82 -6.14 12.08
N PHE C 205 6.67 -6.74 12.35
CA PHE C 205 6.54 -8.19 12.40
C PHE C 205 5.73 -8.76 11.26
N LYS C 206 5.42 -7.96 10.24
CA LYS C 206 4.60 -8.40 9.13
C LYS C 206 5.41 -8.40 7.84
N GLY C 207 5.12 -9.37 6.98
CA GLY C 207 5.81 -9.51 5.71
C GLY C 207 6.91 -10.55 5.77
N ASP C 208 7.48 -10.82 4.59
CA ASP C 208 8.60 -11.74 4.48
C ASP C 208 9.95 -11.03 4.57
N GLU C 209 9.97 -9.71 4.66
CA GLU C 209 11.24 -8.99 4.77
C GLU C 209 11.83 -9.13 6.17
N VAL C 210 10.99 -9.27 7.19
CA VAL C 210 11.50 -9.40 8.55
C VAL C 210 12.28 -10.71 8.70
N TYR C 211 11.82 -11.79 8.07
CA TYR C 211 12.58 -13.04 8.10
C TYR C 211 13.93 -12.88 7.42
N LYS C 212 13.95 -12.17 6.29
CA LYS C 212 15.21 -11.92 5.60
C LYS C 212 16.16 -11.13 6.47
N LYS C 213 15.63 -10.16 7.23
CA LYS C 213 16.48 -9.44 8.17
C LYS C 213 16.99 -10.35 9.28
N LEU C 214 16.14 -11.24 9.78
CA LEU C 214 16.54 -12.16 10.84
C LEU C 214 17.63 -13.11 10.39
N GLN C 215 17.65 -13.45 9.11
CA GLN C 215 18.44 -14.59 8.66
C GLN C 215 19.91 -14.49 9.06
N GLY C 216 20.55 -13.37 8.76
CA GLY C 216 21.98 -13.30 8.96
C GLY C 216 22.47 -12.92 10.34
N SER C 217 21.59 -12.69 11.30
CA SER C 217 21.96 -12.13 12.58
C SER C 217 21.60 -13.07 13.72
N TRP C 218 22.17 -12.83 14.90
CA TRP C 218 21.97 -13.76 16.05
C TRP C 218 21.18 -13.10 17.18
N ILE C 219 21.68 -11.99 17.73
CA ILE C 219 20.91 -11.26 18.78
C ILE C 219 20.15 -10.12 18.12
N CYS C 220 18.81 -10.14 18.22
CA CYS C 220 17.98 -9.11 17.55
C CYS C 220 17.32 -8.23 18.59
N GLU C 221 17.41 -6.90 18.43
CA GLU C 221 16.86 -5.97 19.44
C GLU C 221 15.58 -5.31 18.92
N ILE C 222 14.47 -5.44 19.62
CA ILE C 222 13.25 -4.68 19.22
C ILE C 222 13.36 -3.34 19.95
N GLU C 223 14.16 -2.40 19.43
CA GLU C 223 14.41 -1.14 20.18
C GLU C 223 13.13 -0.32 20.33
N GLU C 224 12.80 0.07 21.56
CA GLU C 224 11.61 0.91 21.83
C GLU C 224 10.32 0.13 21.56
N LEU C 225 10.43 -1.19 21.33
CA LEU C 225 9.26 -2.04 21.03
C LEU C 225 8.46 -1.41 19.88
N SER C 226 9.17 -0.90 18.87
CA SER C 226 8.49 -0.25 17.71
C SER C 226 7.64 -1.26 16.96
N ALA C 227 8.15 -2.48 16.78
CA ALA C 227 7.38 -3.55 16.09
C ALA C 227 6.11 -3.87 16.88
N PHE C 228 6.22 -3.88 18.22
CA PHE C 228 5.06 -4.21 19.08
C PHE C 228 3.87 -3.28 18.76
N GLN C 229 4.15 -2.02 18.39
CA GLN C 229 3.05 -1.10 18.12
C GLN C 229 2.46 -1.27 16.73
N LYS C 230 3.23 -1.84 15.80
CA LYS C 230 2.76 -1.97 14.42
C LYS C 230 2.04 -3.28 14.15
N SER C 231 1.83 -4.11 15.16
CA SER C 231 1.19 -5.40 14.98
C SER C 231 0.34 -5.72 16.21
N THR C 232 -0.67 -6.56 16.01
CA THR C 232 -1.56 -6.95 17.09
C THR C 232 -0.83 -7.90 18.04
N ILE C 233 -1.52 -8.28 19.12
CA ILE C 233 -0.93 -9.17 20.11
C ILE C 233 -0.70 -10.54 19.50
N GLU C 234 -1.66 -11.03 18.71
CA GLU C 234 -1.54 -12.36 18.13
C GLU C 234 -0.34 -12.44 17.19
N ASP C 235 -0.12 -11.38 16.40
CA ASP C 235 1.04 -11.36 15.51
C ASP C 235 2.35 -11.39 16.30
N ILE C 236 2.41 -10.61 17.38
CA ILE C 236 3.61 -10.60 18.21
C ILE C 236 3.89 -11.99 18.78
N LYS C 237 2.85 -12.63 19.32
CA LYS C 237 3.03 -13.95 19.90
C LYS C 237 3.46 -14.96 18.85
N GLY C 238 2.82 -14.94 17.68
CA GLY C 238 3.18 -15.88 16.63
C GLY C 238 4.60 -15.68 16.13
N PHE C 239 5.06 -14.42 16.07
CA PHE C 239 6.41 -14.16 15.60
C PHE C 239 7.45 -14.54 16.63
N ILE C 240 7.20 -14.22 17.90
CA ILE C 240 8.19 -14.51 18.95
C ILE C 240 8.29 -16.01 19.20
N SER C 241 7.16 -16.71 19.18
CA SER C 241 7.16 -18.12 19.55
C SER C 241 7.50 -19.06 18.40
N ALA C 242 7.76 -18.53 17.21
CA ALA C 242 8.03 -19.40 16.07
C ALA C 242 9.36 -20.11 16.23
N ILE C 243 9.51 -21.22 15.49
CA ILE C 243 10.74 -22.01 15.54
C ILE C 243 11.33 -22.12 14.15
N VAL C 244 10.50 -22.01 13.13
CA VAL C 244 10.95 -22.06 11.74
C VAL C 244 10.30 -20.92 10.97
N ASP C 245 10.95 -20.50 9.90
CA ASP C 245 10.43 -19.49 8.99
C ASP C 245 10.33 -20.11 7.60
N ILE C 246 9.12 -20.27 7.11
CA ILE C 246 8.88 -20.86 5.80
C ILE C 246 8.62 -19.70 4.85
N TYR C 247 9.62 -19.33 4.06
CA TYR C 247 9.47 -18.18 3.18
C TYR C 247 10.36 -18.36 1.97
N ARG C 248 10.08 -17.56 0.94
CA ARG C 248 10.76 -17.67 -0.34
C ARG C 248 11.89 -16.64 -0.41
N ALA C 249 13.10 -17.11 -0.69
CA ALA C 249 14.24 -16.21 -0.80
C ALA C 249 14.01 -15.17 -1.88
N SER C 250 14.83 -14.12 -1.86
CA SER C 250 14.59 -12.98 -2.73
C SER C 250 14.75 -13.30 -4.21
N TYR C 251 15.41 -14.42 -4.54
CA TYR C 251 15.51 -14.88 -5.93
C TYR C 251 15.37 -16.40 -5.97
N GLY C 252 14.41 -16.94 -5.22
CA GLY C 252 14.32 -18.35 -4.99
C GLY C 252 13.28 -19.06 -5.85
N LYS C 253 13.56 -20.33 -6.15
CA LYS C 253 12.62 -21.16 -6.89
C LYS C 253 11.35 -21.41 -6.10
N ARG C 254 11.48 -21.67 -4.80
CA ARG C 254 10.34 -22.07 -3.99
C ARG C 254 10.62 -21.70 -2.54
N THR C 255 9.57 -21.72 -1.73
CA THR C 255 9.71 -21.40 -0.31
C THR C 255 10.55 -22.45 0.39
N GLU C 256 11.40 -22.00 1.31
CA GLU C 256 12.29 -22.86 2.06
C GLU C 256 12.07 -22.66 3.55
N ARG C 257 12.52 -23.67 4.30
CA ARG C 257 12.43 -23.69 5.76
C ARG C 257 13.76 -23.20 6.34
N HIS C 258 13.70 -22.16 7.15
CA HIS C 258 14.87 -21.64 7.85
C HIS C 258 14.66 -21.75 9.35
N PRO C 259 15.35 -22.65 10.04
CA PRO C 259 15.23 -22.68 11.50
C PRO C 259 15.73 -21.38 12.10
N ARG C 260 15.13 -20.98 13.21
CA ARG C 260 15.39 -19.69 13.81
C ARG C 260 16.61 -19.76 14.73
N GLN C 261 17.72 -19.18 14.28
CA GLN C 261 18.93 -19.10 15.08
C GLN C 261 19.03 -17.81 15.86
N CYS C 262 18.01 -16.95 15.79
CA CYS C 262 18.03 -15.65 16.42
C CYS C 262 17.33 -15.68 17.76
N VAL C 263 17.84 -14.90 18.71
CA VAL C 263 17.21 -14.73 20.02
C VAL C 263 16.89 -13.26 20.19
N PHE C 264 15.71 -12.98 20.76
CA PHE C 264 15.15 -11.63 20.78
C PHE C 264 15.32 -11.01 22.15
N VAL C 265 15.78 -9.76 22.18
CA VAL C 265 15.76 -8.93 23.38
C VAL C 265 15.22 -7.57 22.99
N GLY C 266 14.30 -7.03 23.79
CA GLY C 266 13.74 -5.69 23.52
C GLY C 266 14.13 -4.69 24.58
N THR C 267 14.18 -3.40 24.23
CA THR C 267 14.49 -2.33 25.21
C THR C 267 13.35 -1.31 25.17
N THR C 268 12.81 -0.88 26.31
CA THR C 268 11.75 0.17 26.32
C THR C 268 11.90 1.09 27.53
N ASN C 269 11.45 2.34 27.41
CA ASN C 269 11.46 3.27 28.57
C ASN C 269 10.03 3.41 29.12
N ASN C 270 9.08 2.64 28.57
CA ASN C 270 7.66 2.70 29.00
C ASN C 270 7.42 1.57 30.01
N TYR C 271 6.66 1.82 31.08
CA TYR C 271 6.45 0.80 32.10
C TYR C 271 5.36 -0.18 31.69
N GLU C 272 4.27 0.30 31.10
CA GLU C 272 3.13 -0.54 30.75
C GLU C 272 3.20 -0.93 29.28
N PHE C 273 4.19 -1.76 28.96
CA PHE C 273 4.44 -2.07 27.55
C PHE C 273 3.75 -3.35 27.07
N LEU C 274 3.09 -4.10 27.94
CA LEU C 274 2.44 -5.35 27.57
C LEU C 274 0.94 -5.11 27.46
N LYS C 275 0.42 -5.13 26.23
CA LYS C 275 -1.00 -4.88 26.01
C LYS C 275 -1.86 -6.11 26.25
N ASP C 276 -1.26 -7.30 26.35
CA ASP C 276 -2.04 -8.53 26.47
C ASP C 276 -2.52 -8.72 27.90
N GLN C 277 -3.84 -8.77 28.08
CA GLN C 277 -4.41 -9.08 29.38
C GLN C 277 -4.38 -10.57 29.68
N THR C 278 -4.58 -11.41 28.67
CA THR C 278 -4.68 -12.84 28.89
C THR C 278 -3.31 -13.47 29.20
N GLY C 279 -2.29 -13.09 28.43
CA GLY C 279 -1.06 -13.87 28.44
C GLY C 279 0.17 -13.19 29.00
N ASN C 280 1.03 -12.68 28.11
CA ASN C 280 2.36 -12.21 28.47
C ASN C 280 3.21 -13.32 29.08
N ARG C 281 3.21 -14.48 28.43
CA ARG C 281 4.01 -15.61 28.87
C ARG C 281 5.41 -15.60 28.26
N ARG C 282 5.53 -15.07 27.04
CA ARG C 282 6.82 -15.11 26.36
C ARG C 282 7.78 -14.06 26.89
N PHE C 283 7.27 -12.96 27.45
CA PHE C 283 8.09 -11.82 27.78
C PHE C 283 8.47 -11.82 29.25
N PHE C 284 9.74 -11.55 29.52
CA PHE C 284 10.28 -11.47 30.88
C PHE C 284 10.86 -10.07 31.08
N PRO C 285 10.09 -9.13 31.61
CA PRO C 285 10.61 -7.78 31.83
C PRO C 285 11.68 -7.77 32.90
N ILE C 286 12.73 -6.98 32.66
CA ILE C 286 13.81 -6.77 33.62
C ILE C 286 13.95 -5.27 33.84
N THR C 287 13.67 -4.83 35.07
CA THR C 287 13.69 -3.41 35.39
C THR C 287 15.11 -2.99 35.73
N THR C 288 15.75 -2.26 34.81
CA THR C 288 17.15 -1.82 35.02
C THR C 288 17.14 -0.42 35.64
N ASP C 289 17.96 -0.20 36.67
CA ASP C 289 18.03 1.12 37.33
C ASP C 289 19.43 1.72 37.14
N LYS C 290 19.52 2.93 36.59
CA LYS C 290 20.84 3.60 36.46
C LYS C 290 21.30 4.02 37.86
N ASN C 291 22.62 4.00 38.12
CA ASN C 291 23.20 4.41 39.43
C ASN C 291 23.20 3.21 40.39
N LYS C 292 22.55 2.11 40.03
CA LYS C 292 22.61 0.89 40.87
C LYS C 292 23.64 -0.05 40.20
N ALA C 293 24.12 0.35 39.02
CA ALA C 293 25.08 -0.48 38.26
C ALA C 293 26.46 -0.43 38.92
N THR C 294 27.18 -1.56 38.94
CA THR C 294 28.56 -1.58 39.47
C THR C 294 29.50 -1.32 38.30
N LYS C 295 29.41 -2.14 37.24
CA LYS C 295 30.20 -1.92 36.04
C LYS C 295 29.42 -1.01 35.07
N SER C 296 29.98 -0.85 33.87
CA SER C 296 29.33 -0.01 32.83
C SER C 296 29.31 -0.78 31.51
N PRO C 297 28.16 -0.91 30.77
CA PRO C 297 28.16 -1.69 29.53
C PRO C 297 28.99 -1.00 28.46
N PHE C 298 29.10 0.32 28.52
CA PHE C 298 29.83 1.09 27.49
C PHE C 298 31.33 0.76 27.47
N ASP C 299 31.96 0.65 28.65
CA ASP C 299 33.44 0.46 28.66
C ASP C 299 33.87 -0.88 29.25
N ASP C 300 32.98 -1.57 29.99
CA ASP C 300 33.41 -2.82 30.67
C ASP C 300 32.90 -4.05 29.93
N LEU C 301 32.13 -3.84 28.85
CA LEU C 301 31.64 -4.98 28.05
C LEU C 301 32.52 -5.14 26.81
N THR C 302 33.78 -5.44 27.06
CA THR C 302 34.71 -5.77 25.99
C THR C 302 34.34 -7.13 25.41
N PRO C 303 34.71 -7.40 24.16
CA PRO C 303 34.38 -8.70 23.55
C PRO C 303 34.95 -9.88 24.32
N VAL C 304 36.02 -9.69 25.09
CA VAL C 304 36.54 -10.79 25.90
C VAL C 304 35.53 -11.20 26.98
N VAL C 305 34.96 -10.21 27.66
CA VAL C 305 33.97 -10.50 28.70
C VAL C 305 32.73 -11.15 28.09
N VAL C 306 32.29 -10.64 26.94
CA VAL C 306 31.13 -11.22 26.25
C VAL C 306 31.40 -12.66 25.87
N GLN C 307 32.60 -12.93 25.34
CA GLN C 307 32.96 -14.30 25.00
C GLN C 307 32.97 -15.19 26.23
N GLN C 308 33.42 -14.65 27.37
CA GLN C 308 33.42 -15.44 28.60
C GLN C 308 32.00 -15.76 29.05
N MET C 309 31.09 -14.79 28.97
CA MET C 309 29.70 -15.08 29.32
C MET C 309 29.11 -16.13 28.41
N PHE C 310 29.41 -16.06 27.10
CA PHE C 310 28.84 -17.04 26.19
C PHE C 310 29.49 -18.40 26.35
N ALA C 311 30.75 -18.47 26.77
CA ALA C 311 31.35 -19.76 27.09
C ALA C 311 30.71 -20.37 28.33
N GLU C 312 30.42 -19.54 29.33
CA GLU C 312 29.71 -20.04 30.50
C GLU C 312 28.32 -20.54 30.13
N ALA C 313 27.63 -19.80 29.25
CA ALA C 313 26.33 -20.24 28.78
C ALA C 313 26.43 -21.56 28.03
N ARG C 314 27.47 -21.71 27.22
CA ARG C 314 27.68 -22.97 26.50
C ARG C 314 27.87 -24.12 27.48
N VAL C 315 28.65 -23.89 28.54
CA VAL C 315 28.85 -24.95 29.54
C VAL C 315 27.53 -25.32 30.20
N TYR C 316 26.78 -24.33 30.66
CA TYR C 316 25.52 -24.59 31.35
C TYR C 316 24.54 -25.33 30.44
N PHE C 317 24.46 -24.93 29.17
CA PHE C 317 23.56 -25.60 28.24
C PHE C 317 24.03 -27.02 27.96
N ASP C 318 25.34 -27.21 27.78
CA ASP C 318 25.87 -28.53 27.46
C ASP C 318 25.79 -29.49 28.63
N GLU C 319 25.53 -28.99 29.85
CA GLU C 319 25.24 -29.91 30.94
C GLU C 319 24.06 -30.81 30.59
N ASN C 320 23.04 -30.27 29.93
CA ASN C 320 21.97 -31.07 29.33
C ASN C 320 21.37 -30.28 28.18
N PRO C 321 21.73 -30.62 26.94
CA PRO C 321 21.32 -29.81 25.77
C PRO C 321 19.94 -30.17 25.23
N THR C 322 18.91 -29.71 25.93
CA THR C 322 17.53 -29.90 25.50
C THR C 322 16.74 -28.63 25.80
N ASP C 323 15.65 -28.44 25.05
CA ASP C 323 14.84 -27.24 25.22
C ASP C 323 14.17 -27.14 26.57
N LYS C 324 14.10 -28.24 27.32
CA LYS C 324 13.54 -28.18 28.67
C LYS C 324 14.51 -27.49 29.63
N ALA C 325 15.81 -27.53 29.34
CA ALA C 325 16.79 -26.86 30.18
C ALA C 325 16.68 -25.35 30.11
N LEU C 326 16.06 -24.81 29.06
CA LEU C 326 15.95 -23.37 28.90
C LEU C 326 14.76 -22.77 29.65
N LEU C 327 13.94 -23.60 30.28
CA LEU C 327 12.81 -23.09 31.04
C LEU C 327 13.27 -22.57 32.40
N LEU C 328 12.52 -21.60 32.90
CA LEU C 328 12.81 -21.04 34.22
C LEU C 328 12.48 -22.05 35.31
N ASP C 329 13.09 -21.87 36.47
CA ASP C 329 12.80 -22.70 37.63
C ASP C 329 11.36 -22.46 38.09
N LYS C 330 10.94 -23.24 39.09
CA LYS C 330 9.61 -23.05 39.64
C LYS C 330 9.50 -21.69 40.34
N GLU C 331 10.48 -21.35 41.17
CA GLU C 331 10.46 -20.07 41.86
C GLU C 331 10.56 -18.92 40.87
N ALA C 332 11.44 -19.05 39.88
CA ALA C 332 11.58 -18.01 38.87
C ALA C 332 10.30 -17.85 38.07
N SER C 333 9.62 -18.96 37.77
CA SER C 333 8.36 -18.86 37.04
C SER C 333 7.27 -18.19 37.89
N GLU C 334 7.21 -18.52 39.17
CA GLU C 334 6.24 -17.89 40.05
C GLU C 334 6.48 -16.38 40.14
N MET C 335 7.75 -15.97 40.24
CA MET C 335 8.04 -14.54 40.24
C MET C 335 7.77 -13.91 38.88
N ALA C 336 7.98 -14.65 37.80
CA ALA C 336 7.76 -14.12 36.46
C ALA C 336 6.28 -13.85 36.21
N LEU C 337 5.41 -14.70 36.75
CA LEU C 337 3.97 -14.43 36.64
C LEU C 337 3.63 -13.07 37.22
N LYS C 338 4.11 -12.80 38.44
CA LYS C 338 3.82 -11.52 39.09
C LYS C 338 4.45 -10.36 38.33
N VAL C 339 5.66 -10.54 37.81
CA VAL C 339 6.33 -9.46 37.09
C VAL C 339 5.58 -9.14 35.81
N GLN C 340 5.19 -10.17 35.05
CA GLN C 340 4.45 -9.94 33.81
C GLN C 340 3.09 -9.34 34.08
N GLU C 341 2.46 -9.67 35.20
CA GLU C 341 1.22 -8.99 35.55
C GLU C 341 1.47 -7.54 35.92
N ALA C 342 2.60 -7.26 36.58
CA ALA C 342 2.92 -5.89 36.96
C ALA C 342 3.16 -5.01 35.74
N HIS C 343 3.82 -5.54 34.71
CA HIS C 343 4.18 -4.75 33.54
C HIS C 343 3.14 -4.79 32.43
N SER C 344 1.99 -5.40 32.67
CA SER C 344 0.95 -5.52 31.66
C SER C 344 -0.19 -4.54 31.93
N GLU C 345 -0.86 -4.12 30.86
CA GLU C 345 -1.95 -3.18 30.98
C GLU C 345 -3.19 -3.85 31.55
N LYS C 346 -3.92 -3.12 32.39
CA LYS C 346 -5.07 -3.65 33.09
C LYS C 346 -6.37 -3.22 32.43
N ASP C 347 -7.47 -3.76 32.94
CA ASP C 347 -8.81 -3.42 32.49
C ASP C 347 -9.62 -2.94 33.69
N ALA C 348 -10.06 -1.68 33.64
CA ALA C 348 -10.94 -1.17 34.69
C ALA C 348 -12.35 -1.73 34.56
N LEU C 349 -12.71 -2.17 33.35
CA LEU C 349 -14.05 -2.68 33.12
C LEU C 349 -14.31 -3.92 33.96
N VAL C 350 -13.31 -4.78 34.15
CA VAL C 350 -13.53 -5.98 34.94
C VAL C 350 -13.83 -5.61 36.39
N GLY C 351 -13.15 -4.60 36.92
CA GLY C 351 -13.44 -4.16 38.27
C GLY C 351 -14.84 -3.56 38.39
N GLU C 352 -15.23 -2.74 37.42
CA GLU C 352 -16.58 -2.16 37.44
C GLU C 352 -17.64 -3.25 37.36
N ILE C 353 -17.44 -4.24 36.49
CA ILE C 353 -18.39 -5.35 36.36
C ILE C 353 -18.47 -6.11 37.67
N GLU C 354 -17.32 -6.41 38.27
CA GLU C 354 -17.33 -7.15 39.54
C GLU C 354 -18.07 -6.38 40.61
N GLU C 355 -17.90 -5.06 40.66
CA GLU C 355 -18.65 -4.26 41.62
C GLU C 355 -20.15 -4.29 41.32
N PHE C 356 -20.52 -4.24 40.04
CA PHE C 356 -21.94 -4.21 39.67
C PHE C 356 -22.62 -5.54 39.99
N LEU C 357 -21.92 -6.65 39.81
CA LEU C 357 -22.52 -7.96 40.06
C LEU C 357 -22.73 -8.20 41.55
N GLU C 358 -21.83 -7.67 42.39
CA GLU C 358 -21.92 -7.91 43.83
C GLU C 358 -23.13 -7.23 44.46
N ARG C 359 -23.76 -6.28 43.79
CA ARG C 359 -24.94 -5.64 44.36
C ARG C 359 -26.10 -6.63 44.41
N PRO C 360 -26.74 -6.82 45.56
CA PRO C 360 -27.94 -7.64 45.59
C PRO C 360 -29.04 -6.99 44.77
N ILE C 361 -29.85 -7.83 44.11
CA ILE C 361 -30.95 -7.34 43.30
C ILE C 361 -32.25 -7.79 43.96
N PRO C 362 -33.34 -7.03 43.85
CA PRO C 362 -34.59 -7.43 44.48
C PRO C 362 -35.16 -8.67 43.82
N SER C 363 -35.93 -9.43 44.59
CA SER C 363 -36.74 -10.48 43.99
C SER C 363 -37.74 -9.84 43.05
N ASP C 364 -38.09 -10.58 41.98
CA ASP C 364 -38.88 -10.03 40.88
C ASP C 364 -38.12 -8.89 40.22
N TYR C 365 -36.81 -9.07 40.04
CA TYR C 365 -36.00 -8.10 39.31
C TYR C 365 -36.18 -8.22 37.81
N TRP C 366 -36.35 -9.45 37.32
CA TRP C 366 -36.40 -9.68 35.88
C TRP C 366 -37.73 -9.28 35.25
N TYR C 367 -38.81 -9.34 36.00
CA TYR C 367 -40.12 -8.93 35.49
C TYR C 367 -40.37 -7.45 35.79
N ARG C 368 -39.40 -6.64 35.36
CA ARG C 368 -39.42 -5.20 35.58
C ARG C 368 -39.14 -4.51 34.25
N THR C 369 -39.62 -3.28 34.14
CA THR C 369 -39.28 -2.46 32.98
C THR C 369 -37.78 -2.11 33.03
N LEU C 370 -37.24 -1.72 31.88
CA LEU C 370 -35.82 -1.38 31.82
C LEU C 370 -35.49 -0.21 32.73
N GLU C 371 -36.36 0.80 32.77
CA GLU C 371 -36.12 1.94 33.65
C GLU C 371 -36.19 1.53 35.12
N GLU C 372 -37.13 0.66 35.49
CA GLU C 372 -37.18 0.17 36.86
C GLU C 372 -35.95 -0.64 37.20
N LYS C 373 -35.42 -1.41 36.25
CA LYS C 373 -34.19 -2.16 36.50
C LYS C 373 -33.01 -1.21 36.67
N ARG C 374 -32.98 -0.13 35.89
CA ARG C 374 -31.94 0.89 36.09
C ARG C 374 -32.03 1.49 37.48
N VAL C 375 -33.25 1.80 37.93
CA VAL C 375 -33.43 2.40 39.24
C VAL C 375 -33.02 1.43 40.35
N SER C 376 -33.43 0.16 40.24
CA SER C 376 -33.19 -0.80 41.31
C SER C 376 -31.73 -1.21 41.36
N ALA C 377 -31.08 -1.35 40.21
CA ALA C 377 -29.69 -1.80 40.19
C ALA C 377 -28.72 -0.73 40.66
N HIS C 378 -29.07 0.54 40.46
CA HIS C 378 -28.20 1.65 40.86
C HIS C 378 -28.53 2.20 42.23
N ASP C 379 -29.53 1.63 42.92
CA ASP C 379 -29.69 1.92 44.34
C ASP C 379 -28.62 1.17 45.12
N VAL C 380 -28.00 1.86 46.07
CA VAL C 380 -26.85 1.32 46.79
C VAL C 380 -27.30 0.90 48.18
N ILE C 381 -26.93 -0.33 48.56
CA ILE C 381 -27.32 -0.87 49.87
C ILE C 381 -26.27 -0.58 50.94
N ASP C 382 -25.04 -0.27 50.55
CA ASP C 382 -23.99 0.22 51.45
C ASP C 382 -23.58 -0.82 52.49
N GLN C 383 -23.72 -2.10 52.16
CA GLN C 383 -23.20 -3.20 52.98
C GLN C 383 -23.75 -3.18 54.41
N ASP C 384 -25.02 -2.85 54.57
CA ASP C 384 -25.65 -2.87 55.89
C ASP C 384 -26.50 -4.12 56.12
N TYR C 385 -26.45 -5.10 55.23
CA TYR C 385 -27.27 -6.29 55.36
C TYR C 385 -26.56 -7.36 56.18
N ILE C 386 -27.27 -8.45 56.43
CA ILE C 386 -26.73 -9.58 57.19
C ILE C 386 -26.71 -10.84 56.33
N LEU C 394 -24.46 -16.33 52.65
CA LEU C 394 -25.77 -16.94 52.90
C LEU C 394 -26.84 -16.31 52.01
N ILE C 395 -28.11 -16.55 52.35
CA ILE C 395 -29.20 -15.90 51.64
C ILE C 395 -29.25 -14.44 52.06
N GLU C 396 -29.29 -13.55 51.07
CA GLU C 396 -29.28 -12.12 51.34
C GLU C 396 -30.49 -11.73 52.18
N LEU C 397 -30.23 -10.98 53.26
CA LEU C 397 -31.28 -10.60 54.20
C LEU C 397 -31.06 -9.14 54.57
N PRO C 398 -31.65 -8.22 53.83
CA PRO C 398 -31.54 -6.80 54.16
C PRO C 398 -32.46 -6.44 55.33
N ASN C 399 -32.49 -5.16 55.67
CA ASN C 399 -33.34 -4.70 56.76
C ASN C 399 -34.80 -4.62 56.35
N ALA C 400 -35.10 -4.40 55.07
CA ALA C 400 -36.47 -4.23 54.63
C ALA C 400 -37.27 -5.53 54.76
N LYS C 401 -36.72 -6.63 54.26
CA LYS C 401 -37.41 -7.91 54.29
C LYS C 401 -36.40 -9.01 54.00
N PRO C 402 -36.49 -10.17 54.66
CA PRO C 402 -35.50 -11.22 54.40
C PRO C 402 -35.41 -11.66 52.95
N GLY C 403 -36.51 -12.13 52.38
CA GLY C 403 -36.53 -12.67 51.04
C GLY C 403 -36.74 -11.68 49.92
N ALA C 404 -36.78 -10.38 50.22
CA ALA C 404 -37.04 -9.38 49.19
C ALA C 404 -35.87 -9.27 48.21
N TYR C 405 -34.65 -9.43 48.69
CA TYR C 405 -33.45 -9.23 47.89
C TYR C 405 -32.67 -10.53 47.79
N VAL C 406 -32.06 -10.76 46.63
CA VAL C 406 -31.28 -11.96 46.35
C VAL C 406 -30.03 -11.57 45.59
N TRP C 407 -29.05 -12.48 45.60
CA TRP C 407 -27.86 -12.30 44.79
C TRP C 407 -28.19 -12.54 43.32
N ARG C 408 -27.44 -11.87 42.44
CA ARG C 408 -27.64 -12.04 41.02
C ARG C 408 -27.34 -13.48 40.61
N ASP C 409 -28.10 -13.97 39.63
CA ASP C 409 -27.91 -15.32 39.12
C ASP C 409 -27.44 -15.37 37.67
N LYS C 410 -27.82 -14.39 36.85
CA LYS C 410 -27.38 -14.33 35.47
C LYS C 410 -27.10 -12.89 35.08
N VAL C 411 -26.22 -12.73 34.10
CA VAL C 411 -25.88 -11.41 33.57
C VAL C 411 -25.65 -11.56 32.07
N CYS C 412 -25.90 -10.47 31.34
CA CYS C 412 -25.72 -10.44 29.90
C CYS C 412 -24.94 -9.18 29.53
N SER C 413 -24.18 -9.28 28.43
CA SER C 413 -23.42 -8.12 27.97
C SER C 413 -24.35 -6.96 27.64
N MET C 414 -25.47 -7.24 27.00
CA MET C 414 -26.45 -6.20 26.73
C MET C 414 -27.09 -5.66 28.00
N GLU C 415 -27.29 -6.51 29.01
CA GLU C 415 -27.82 -6.03 30.28
C GLU C 415 -26.87 -5.06 30.94
N ILE C 416 -25.57 -5.34 30.90
CA ILE C 416 -24.59 -4.41 31.44
C ILE C 416 -24.54 -3.15 30.60
N TRP C 417 -24.69 -3.28 29.29
CA TRP C 417 -24.70 -2.13 28.41
C TRP C 417 -25.87 -1.20 28.72
N LYS C 418 -27.03 -1.76 29.02
CA LYS C 418 -28.25 -0.97 29.17
C LYS C 418 -28.55 -0.57 30.61
N VAL C 419 -28.06 -1.29 31.60
CA VAL C 419 -28.40 -1.08 32.99
C VAL C 419 -27.24 -0.49 33.77
N MET C 420 -26.08 -1.16 33.73
CA MET C 420 -24.92 -0.66 34.48
C MET C 420 -24.43 0.67 33.93
N MET C 421 -24.40 0.81 32.61
CA MET C 421 -23.94 2.04 31.99
C MET C 421 -25.06 3.01 31.67
N LYS C 422 -26.32 2.61 31.85
CA LYS C 422 -27.46 3.49 31.62
C LYS C 422 -27.49 4.02 30.18
N ARG C 423 -26.87 3.30 29.26
CA ARG C 423 -26.72 3.76 27.89
C ARG C 423 -27.80 3.13 27.03
N ASP C 424 -28.61 3.98 26.39
CA ASP C 424 -29.71 3.53 25.55
C ASP C 424 -29.36 3.55 24.07
N ASP C 425 -28.09 3.73 23.73
CA ASP C 425 -27.65 3.69 22.35
C ASP C 425 -27.51 2.24 21.88
N GLN C 426 -27.44 2.06 20.57
CA GLN C 426 -27.23 0.74 20.01
C GLN C 426 -25.76 0.35 20.16
N PRO C 427 -25.44 -0.76 20.83
CA PRO C 427 -24.05 -1.20 20.90
C PRO C 427 -23.53 -1.60 19.52
N GLN C 428 -22.24 -1.36 19.30
CA GLN C 428 -21.64 -1.45 17.97
C GLN C 428 -20.87 -2.74 17.75
N GLN C 429 -21.23 -3.81 18.45
CA GLN C 429 -20.69 -5.15 18.24
C GLN C 429 -19.22 -5.24 18.65
N HIS C 430 -18.63 -4.11 19.03
CA HIS C 430 -17.31 -4.11 19.63
C HIS C 430 -17.31 -3.60 21.07
N HIS C 431 -18.34 -2.87 21.48
CA HIS C 431 -18.56 -2.64 22.90
C HIS C 431 -18.93 -3.93 23.60
N LEU C 432 -19.82 -4.73 23.00
CA LEU C 432 -20.23 -5.99 23.61
C LEU C 432 -19.08 -6.98 23.65
N ARG C 433 -18.17 -6.91 22.69
CA ARG C 433 -16.98 -7.76 22.73
C ARG C 433 -16.14 -7.45 23.97
N LYS C 434 -15.94 -6.15 24.25
CA LYS C 434 -15.22 -5.75 25.45
C LYS C 434 -15.97 -6.19 26.70
N ILE C 435 -17.29 -6.06 26.69
CA ILE C 435 -18.09 -6.45 27.86
C ILE C 435 -17.94 -7.95 28.12
N ASP C 436 -17.97 -8.76 27.06
CA ASP C 436 -17.85 -10.20 27.23
C ASP C 436 -16.45 -10.58 27.68
N LYS C 437 -15.42 -9.90 27.17
CA LYS C 437 -14.07 -10.16 27.66
C LYS C 437 -13.95 -9.84 29.14
N ALA C 438 -14.50 -8.70 29.56
CA ALA C 438 -14.48 -8.33 30.97
C ALA C 438 -15.27 -9.34 31.81
N LEU C 439 -16.40 -9.81 31.30
CA LEU C 439 -17.22 -10.76 32.04
C LEU C 439 -16.51 -12.10 32.19
N ARG C 440 -15.78 -12.52 31.16
CA ARG C 440 -15.01 -13.75 31.26
C ARG C 440 -13.86 -13.59 32.25
N ASN C 441 -13.22 -12.42 32.27
CA ASN C 441 -12.17 -12.18 33.25
C ASN C 441 -12.70 -12.01 34.67
N THR C 442 -14.01 -11.86 34.84
CA THR C 442 -14.60 -11.71 36.16
C THR C 442 -14.50 -13.02 36.94
N ASN C 443 -14.25 -12.90 38.24
CA ASN C 443 -14.12 -14.09 39.09
C ASN C 443 -15.44 -14.85 39.21
N TYR C 444 -16.57 -14.16 39.04
CA TYR C 444 -17.87 -14.75 39.30
C TYR C 444 -18.42 -15.48 38.05
N CYS C 445 -18.56 -14.76 36.95
CA CYS C 445 -19.14 -15.33 35.75
C CYS C 445 -18.27 -16.45 35.20
N GLY C 446 -18.92 -17.54 34.79
CA GLY C 446 -18.22 -18.64 34.17
C GLY C 446 -17.78 -18.33 32.76
N THR C 447 -17.45 -19.39 32.02
CA THR C 447 -17.00 -19.26 30.64
C THR C 447 -18.03 -19.78 29.63
N VAL C 448 -19.12 -20.37 30.10
CA VAL C 448 -20.16 -20.93 29.24
C VAL C 448 -21.39 -20.03 29.31
N LYS C 449 -21.87 -19.60 28.15
CA LYS C 449 -23.06 -18.77 28.06
C LYS C 449 -24.29 -19.63 27.81
N LYS C 450 -25.42 -19.18 28.35
CA LYS C 450 -26.70 -19.84 28.16
C LYS C 450 -27.73 -18.79 27.74
N GLN C 451 -28.72 -19.22 26.97
CA GLN C 451 -29.72 -18.30 26.44
C GLN C 451 -30.91 -18.25 27.38
N THR C 452 -31.19 -17.06 27.92
CA THR C 452 -32.31 -16.86 28.82
C THR C 452 -32.93 -15.49 28.56
N ARG C 453 -34.16 -15.31 29.01
CA ARG C 453 -34.88 -14.06 28.80
C ARG C 453 -34.50 -13.06 29.89
N TYR C 454 -34.16 -11.84 29.47
CA TYR C 454 -33.71 -10.80 30.39
C TYR C 454 -34.71 -9.66 30.56
N GLY C 455 -35.82 -9.67 29.83
CA GLY C 455 -36.89 -8.75 30.15
C GLY C 455 -37.22 -7.67 29.15
N GLU C 456 -37.38 -6.45 29.66
CA GLU C 456 -38.01 -5.37 28.90
C GLU C 456 -37.21 -5.01 27.64
N GLY C 457 -36.00 -4.49 27.83
CA GLY C 457 -35.27 -3.93 26.71
C GLY C 457 -34.17 -4.80 26.18
N ILE C 458 -33.97 -5.98 26.79
CA ILE C 458 -32.91 -6.88 26.39
C ILE C 458 -33.44 -8.06 25.60
N GLY C 459 -34.54 -8.66 26.04
CA GLY C 459 -35.06 -9.84 25.39
C GLY C 459 -34.25 -11.06 25.74
N LYS C 460 -34.57 -12.17 25.07
CA LYS C 460 -33.85 -13.41 25.31
C LYS C 460 -32.48 -13.32 24.66
N GLN C 461 -31.43 -13.47 25.46
CA GLN C 461 -30.07 -13.27 25.01
C GLN C 461 -29.16 -14.30 25.66
N TYR C 462 -27.94 -14.38 25.13
CA TYR C 462 -26.92 -15.29 25.63
C TYR C 462 -26.13 -14.59 26.72
N GLY C 463 -26.26 -15.07 27.96
CA GLY C 463 -25.58 -14.47 29.07
C GLY C 463 -24.94 -15.53 29.95
N PHE C 464 -24.04 -15.07 30.82
CA PHE C 464 -23.33 -15.95 31.72
C PHE C 464 -24.17 -16.25 32.96
N SER C 465 -23.74 -17.25 33.71
CA SER C 465 -24.35 -17.60 34.98
C SER C 465 -23.44 -17.09 36.09
N VAL C 466 -23.95 -16.16 36.89
CA VAL C 466 -23.14 -15.47 37.89
C VAL C 466 -23.22 -16.24 39.21
N ASP C 467 -22.06 -16.52 39.80
CA ASP C 467 -21.96 -17.27 41.05
C ASP C 467 -21.23 -16.40 42.06
N LEU C 468 -21.97 -15.83 43.01
CA LEU C 468 -21.41 -14.96 44.04
C LEU C 468 -20.89 -15.73 45.26
N ALA C 469 -20.61 -17.03 45.10
CA ALA C 469 -20.18 -17.82 46.25
C ALA C 469 -18.89 -17.29 46.84
N SER C 470 -17.92 -16.92 45.99
CA SER C 470 -16.66 -16.39 46.49
C SER C 470 -16.81 -15.02 47.12
N TYR C 471 -17.88 -14.29 46.80
CA TYR C 471 -18.04 -12.95 47.34
C TYR C 471 -18.44 -12.98 48.81
N TYR C 472 -19.36 -13.86 49.17
CA TYR C 472 -19.80 -13.97 50.56
C TYR C 472 -19.28 -15.23 51.23
N ASN D 15 62.47 1.75 -24.70
CA ASN D 15 61.77 0.48 -24.82
C ASN D 15 60.27 0.70 -24.87
N ASP D 16 59.65 0.30 -25.97
CA ASP D 16 58.21 0.44 -26.12
C ASP D 16 57.48 -0.57 -25.25
N TRP D 17 56.44 -0.10 -24.55
CA TRP D 17 55.66 -0.97 -23.69
C TRP D 17 54.87 -1.99 -24.50
N LYS D 18 54.63 -1.74 -25.78
CA LYS D 18 53.86 -2.66 -26.61
C LYS D 18 54.57 -4.00 -26.79
N SER D 19 55.85 -4.10 -26.45
CA SER D 19 56.54 -5.38 -26.47
C SER D 19 56.09 -6.30 -25.35
N GLN D 20 55.41 -5.77 -24.33
CA GLN D 20 54.86 -6.60 -23.28
C GLN D 20 53.55 -7.27 -23.67
N LEU D 21 52.93 -6.81 -24.75
CA LEU D 21 51.64 -7.35 -25.16
C LEU D 21 51.77 -8.81 -25.58
N ARG D 22 50.82 -9.62 -25.14
CA ARG D 22 50.81 -11.05 -25.44
C ARG D 22 50.01 -11.27 -26.71
N ARG D 23 50.66 -11.76 -27.75
CA ARG D 23 50.04 -11.98 -29.04
C ARG D 23 50.21 -13.44 -29.45
N SER D 24 49.27 -13.92 -30.26
CA SER D 24 49.28 -15.32 -30.67
C SER D 24 50.49 -15.62 -31.54
N ALA D 25 51.14 -16.75 -31.26
CA ALA D 25 52.30 -17.14 -32.05
C ALA D 25 51.89 -17.54 -33.47
N THR D 26 50.74 -18.19 -33.62
CA THR D 26 50.32 -18.67 -34.92
C THR D 26 49.87 -17.51 -35.83
N THR D 27 49.10 -16.57 -35.27
CA THR D 27 48.47 -15.52 -36.08
C THR D 27 49.16 -14.18 -35.97
N GLN D 28 49.94 -13.95 -34.91
CA GLN D 28 50.53 -12.63 -34.61
C GLN D 28 49.44 -11.59 -34.43
N ALA D 29 48.34 -11.98 -33.80
CA ALA D 29 47.27 -11.09 -33.40
C ALA D 29 47.17 -11.10 -31.89
N LEU D 30 46.95 -9.92 -31.31
CA LEU D 30 46.91 -9.79 -29.86
C LEU D 30 45.77 -10.63 -29.28
N LYS D 31 46.08 -11.36 -28.22
CA LYS D 31 45.06 -12.16 -27.56
C LYS D 31 44.09 -11.26 -26.80
N LYS D 32 42.81 -11.62 -26.83
CA LYS D 32 41.80 -10.86 -26.09
C LYS D 32 41.79 -11.27 -24.63
N THR D 33 42.96 -11.25 -24.00
CA THR D 33 43.10 -11.66 -22.61
C THR D 33 43.02 -10.45 -21.70
N THR D 34 42.95 -10.72 -20.39
CA THR D 34 42.86 -9.64 -19.41
C THR D 34 44.16 -8.84 -19.35
N THR D 35 45.29 -9.53 -19.42
CA THR D 35 46.58 -8.84 -19.27
C THR D 35 46.81 -7.84 -20.40
N ASN D 36 46.41 -8.19 -21.62
CA ASN D 36 46.57 -7.26 -22.74
C ASN D 36 45.73 -6.01 -22.52
N ALA D 37 44.49 -6.18 -22.06
CA ALA D 37 43.64 -5.02 -21.80
C ALA D 37 44.21 -4.16 -20.69
N GLU D 38 44.73 -4.77 -19.63
CA GLU D 38 45.35 -4.00 -18.56
C GLU D 38 46.58 -3.26 -19.06
N ILE D 39 47.39 -3.89 -19.89
CA ILE D 39 48.59 -3.26 -20.41
C ILE D 39 48.23 -2.05 -21.27
N ILE D 40 47.28 -2.22 -22.19
CA ILE D 40 46.94 -1.12 -23.09
C ILE D 40 45.91 -0.16 -22.50
N LEU D 41 45.49 -0.38 -21.25
CA LEU D 41 44.69 0.60 -20.53
C LEU D 41 45.50 1.32 -19.45
N CYS D 42 46.65 0.77 -19.06
CA CYS D 42 47.52 1.39 -18.08
C CYS D 42 48.69 2.12 -18.71
N ASN D 43 48.93 1.93 -20.00
CA ASN D 43 50.05 2.57 -20.69
C ASN D 43 49.64 3.45 -21.85
N ASP D 44 48.43 3.31 -22.38
CA ASP D 44 47.98 4.17 -23.46
C ASP D 44 47.81 5.59 -22.95
N GLU D 45 48.40 6.55 -23.66
CA GLU D 45 48.37 7.94 -23.20
C GLU D 45 46.96 8.50 -23.17
N SER D 46 46.09 8.04 -24.08
CA SER D 46 44.72 8.49 -24.08
C SER D 46 43.86 7.83 -23.01
N LEU D 47 44.36 6.75 -22.41
CA LEU D 47 43.53 5.99 -21.42
C LEU D 47 44.29 5.86 -20.11
N LYS D 48 45.13 6.84 -19.76
CA LYS D 48 45.98 6.69 -18.55
C LYS D 48 45.43 7.51 -17.39
N GLY D 49 45.20 6.87 -16.24
CA GLY D 49 44.75 7.59 -15.02
C GLY D 49 43.46 8.36 -15.19
N LEU D 50 42.47 7.82 -15.90
CA LEU D 50 41.14 8.50 -15.98
C LEU D 50 40.11 7.77 -15.11
N VAL D 51 40.53 6.76 -14.34
CA VAL D 51 39.55 5.95 -13.55
C VAL D 51 39.92 5.94 -12.06
N GLN D 52 38.91 6.08 -11.19
CA GLN D 52 39.15 6.03 -9.72
C GLN D 52 37.92 5.43 -9.03
N TYR D 53 38.10 4.75 -7.89
CA TYR D 53 36.99 4.13 -7.18
C TYR D 53 36.59 5.00 -6.01
N ASP D 54 35.32 5.40 -5.97
CA ASP D 54 34.80 6.27 -4.92
C ASP D 54 34.33 5.38 -3.79
N ALA D 55 35.16 5.23 -2.75
CA ALA D 55 34.90 4.25 -1.70
C ALA D 55 33.75 4.64 -0.78
N PHE D 56 33.30 5.89 -0.79
CA PHE D 56 32.19 6.27 0.07
C PHE D 56 30.85 5.87 -0.56
N GLU D 57 30.53 6.46 -1.71
CA GLU D 57 29.44 5.99 -2.55
C GLU D 57 30.07 5.10 -3.62
N LYS D 58 29.87 3.80 -3.51
CA LYS D 58 30.70 2.84 -4.22
C LYS D 58 30.42 2.85 -5.71
N VAL D 59 31.06 3.77 -6.43
CA VAL D 59 30.95 3.90 -7.87
C VAL D 59 32.35 4.08 -8.45
N THR D 60 32.41 4.15 -9.77
CA THR D 60 33.65 4.44 -10.50
C THR D 60 33.55 5.85 -11.06
N LYS D 61 34.44 6.72 -10.63
CA LYS D 61 34.47 8.11 -11.05
C LYS D 61 35.65 8.34 -11.99
N LEU D 62 35.62 9.49 -12.66
CA LEU D 62 36.70 9.88 -13.55
C LEU D 62 37.77 10.64 -12.77
N LYS D 63 39.01 10.18 -12.88
CA LYS D 63 40.11 10.93 -12.27
C LYS D 63 40.43 12.17 -13.08
N ARG D 64 40.33 12.08 -14.41
CA ARG D 64 40.49 13.22 -15.30
C ARG D 64 39.43 13.11 -16.38
N LEU D 65 39.45 14.06 -17.31
CA LEU D 65 38.41 14.13 -18.34
C LEU D 65 38.92 13.46 -19.60
N PRO D 66 38.28 12.39 -20.08
CA PRO D 66 38.74 11.75 -21.31
C PRO D 66 38.44 12.61 -22.53
N TYR D 67 39.16 12.31 -23.61
CA TYR D 67 39.10 13.14 -24.81
C TYR D 67 37.74 13.12 -25.50
N TRP D 68 36.86 12.18 -25.14
CA TRP D 68 35.54 12.10 -25.76
C TRP D 68 34.47 12.82 -24.96
N ARG D 69 34.85 13.59 -23.94
CA ARG D 69 33.91 14.33 -23.12
C ARG D 69 34.05 15.83 -23.35
N SER D 70 32.93 16.53 -23.31
CA SER D 70 32.95 17.98 -23.42
C SER D 70 33.64 18.61 -22.22
N LYS D 71 34.25 19.77 -22.44
CA LYS D 71 35.06 20.40 -21.40
C LYS D 71 34.22 20.77 -20.18
N GLY D 72 33.02 21.31 -20.40
CA GLY D 72 32.22 21.80 -19.30
C GLY D 72 31.13 20.86 -18.84
N ASP D 73 31.31 19.55 -19.05
CA ASP D 73 30.29 18.59 -18.64
C ASP D 73 30.17 18.52 -17.13
N ALA D 74 31.29 18.56 -16.42
CA ALA D 74 31.34 18.50 -14.95
C ALA D 74 30.79 17.18 -14.41
N ASN D 75 30.46 16.25 -15.30
CA ASN D 75 30.00 14.92 -14.90
C ASN D 75 31.22 14.02 -14.73
N TYR D 76 31.34 13.41 -13.55
CA TYR D 76 32.49 12.61 -13.19
C TYR D 76 32.09 11.19 -12.81
N TYR D 77 31.17 10.60 -13.56
CA TYR D 77 30.74 9.23 -13.35
C TYR D 77 31.05 8.41 -14.59
N TRP D 78 31.67 7.26 -14.42
CA TRP D 78 31.90 6.35 -15.53
C TRP D 78 30.59 5.74 -15.99
N ALA D 79 30.22 6.01 -17.23
CA ALA D 79 28.97 5.54 -17.81
C ALA D 79 29.25 4.41 -18.80
N ASP D 80 28.17 3.89 -19.39
CA ASP D 80 28.32 2.85 -20.41
C ASP D 80 28.96 3.40 -21.66
N ILE D 81 28.65 4.65 -22.02
CA ILE D 81 29.21 5.25 -23.22
C ILE D 81 30.73 5.41 -23.09
N ASP D 82 31.22 5.61 -21.87
CA ASP D 82 32.67 5.67 -21.67
C ASP D 82 33.33 4.33 -21.95
N THR D 83 32.70 3.24 -21.50
CA THR D 83 33.21 1.91 -21.84
C THR D 83 33.14 1.67 -23.34
N THR D 84 32.08 2.14 -23.99
CA THR D 84 31.98 2.03 -25.45
C THR D 84 33.14 2.75 -26.13
N HIS D 85 33.44 3.95 -25.67
CA HIS D 85 34.54 4.72 -26.27
C HIS D 85 35.88 4.06 -26.01
N VAL D 86 36.07 3.46 -24.82
CA VAL D 86 37.30 2.73 -24.55
C VAL D 86 37.45 1.55 -25.50
N ILE D 87 36.36 0.80 -25.68
CA ILE D 87 36.39 -0.34 -26.60
C ILE D 87 36.74 0.12 -28.01
N SER D 88 36.09 1.19 -28.47
CA SER D 88 36.32 1.68 -29.82
C SER D 88 37.76 2.18 -30.01
N HIS D 89 38.27 2.93 -29.04
CA HIS D 89 39.63 3.44 -29.15
C HIS D 89 40.64 2.31 -29.16
N ILE D 90 40.45 1.30 -28.29
CA ILE D 90 41.36 0.17 -28.26
C ILE D 90 41.30 -0.60 -29.57
N ASP D 91 40.10 -0.83 -30.09
CA ASP D 91 39.94 -1.57 -31.33
C ASP D 91 40.41 -0.78 -32.54
N LYS D 92 40.51 0.54 -32.44
CA LYS D 92 41.01 1.35 -33.53
C LYS D 92 42.53 1.42 -33.54
N LEU D 93 43.13 1.91 -32.45
CA LEU D 93 44.58 2.00 -32.38
C LEU D 93 45.22 0.62 -32.49
N TYR D 94 44.66 -0.35 -31.77
CA TYR D 94 45.12 -1.73 -31.78
C TYR D 94 44.14 -2.55 -32.62
N ASN D 95 44.29 -3.86 -32.61
CA ASN D 95 43.41 -4.67 -33.44
C ASN D 95 42.72 -5.77 -32.63
N VAL D 96 42.15 -5.41 -31.49
CA VAL D 96 41.44 -6.35 -30.64
C VAL D 96 40.05 -5.80 -30.33
N GLN D 97 39.04 -6.66 -30.47
CA GLN D 97 37.66 -6.33 -30.12
C GLN D 97 37.39 -6.93 -28.75
N PHE D 98 37.74 -6.18 -27.71
CA PHE D 98 37.52 -6.66 -26.35
C PHE D 98 36.04 -6.73 -26.05
N SER D 99 35.64 -7.75 -25.28
CA SER D 99 34.27 -7.85 -24.84
C SER D 99 33.93 -6.69 -23.90
N ARG D 100 32.66 -6.32 -23.89
CA ARG D 100 32.22 -5.31 -22.94
C ARG D 100 32.39 -5.78 -21.51
N ASP D 101 32.13 -7.06 -21.27
CA ASP D 101 32.33 -7.62 -19.93
C ASP D 101 33.79 -7.54 -19.51
N LEU D 102 34.70 -7.96 -20.40
CA LEU D 102 36.12 -8.00 -20.06
C LEU D 102 36.68 -6.60 -19.85
N ILE D 103 36.38 -5.67 -20.75
CA ILE D 103 36.91 -4.33 -20.62
C ILE D 103 36.26 -3.61 -19.44
N ASP D 104 34.99 -3.93 -19.14
CA ASP D 104 34.36 -3.36 -17.95
C ASP D 104 35.03 -3.88 -16.68
N THR D 105 35.38 -5.16 -16.65
CA THR D 105 36.11 -5.72 -15.52
C THR D 105 37.48 -5.05 -15.37
N VAL D 106 38.17 -4.82 -16.48
CA VAL D 106 39.48 -4.18 -16.42
C VAL D 106 39.36 -2.75 -15.93
N ILE D 107 38.34 -2.02 -16.41
CA ILE D 107 38.10 -0.66 -15.95
C ILE D 107 37.80 -0.65 -14.45
N GLU D 108 36.97 -1.58 -13.99
CA GLU D 108 36.63 -1.65 -12.58
C GLU D 108 37.86 -1.93 -11.73
N LYS D 109 38.71 -2.86 -12.16
CA LYS D 109 39.91 -3.16 -11.39
C LYS D 109 40.89 -1.99 -11.39
N GLU D 110 41.06 -1.33 -12.53
CA GLU D 110 41.96 -0.19 -12.58
C GLU D 110 41.45 0.95 -11.70
N ALA D 111 40.13 1.16 -11.68
CA ALA D 111 39.56 2.15 -10.77
C ALA D 111 39.78 1.76 -9.32
N TYR D 112 39.61 0.47 -9.01
CA TYR D 112 39.81 0.02 -7.63
C TYR D 112 41.26 0.18 -7.19
N GLN D 113 42.21 0.04 -8.12
CA GLN D 113 43.60 0.24 -7.75
C GLN D 113 43.85 1.68 -7.30
N ASN D 114 43.28 2.65 -8.01
CA ASN D 114 43.35 4.05 -7.59
C ASN D 114 42.12 4.44 -6.79
N ARG D 115 41.79 3.67 -5.76
CA ARG D 115 40.62 3.96 -4.95
C ARG D 115 40.91 5.06 -3.96
N PHE D 116 39.88 5.81 -3.60
CA PHE D 116 40.02 6.92 -2.67
C PHE D 116 38.74 7.06 -1.87
N HIS D 117 38.85 7.67 -0.71
CA HIS D 117 37.69 8.07 0.07
C HIS D 117 37.50 9.57 -0.06
N PRO D 118 36.41 10.04 -0.65
CA PRO D 118 36.33 11.47 -0.96
C PRO D 118 36.25 12.36 0.27
N ILE D 119 35.49 11.97 1.29
CA ILE D 119 35.45 12.77 2.51
C ILE D 119 36.79 12.71 3.23
N LYS D 120 37.38 11.52 3.34
CA LYS D 120 38.68 11.40 3.98
C LYS D 120 39.74 12.16 3.20
N SER D 121 39.57 12.29 1.89
CA SER D 121 40.52 13.07 1.10
C SER D 121 40.31 14.57 1.31
N MET D 122 39.05 15.00 1.43
CA MET D 122 38.78 16.41 1.69
C MET D 122 39.29 16.83 3.06
N ILE D 123 39.04 16.01 4.08
CA ILE D 123 39.43 16.37 5.44
C ILE D 123 40.94 16.48 5.56
N GLU D 124 41.67 15.54 4.95
CA GLU D 124 43.13 15.52 5.02
C GLU D 124 43.79 16.18 3.83
N SER D 125 43.02 16.87 2.98
CA SER D 125 43.63 17.56 1.84
C SER D 125 44.61 18.63 2.31
N LYS D 126 44.23 19.39 3.33
CA LYS D 126 45.08 20.43 3.89
C LYS D 126 45.04 20.34 5.40
N SER D 127 46.21 20.39 6.03
CA SER D 127 46.28 20.31 7.48
C SER D 127 45.61 21.53 8.13
N TRP D 128 45.51 21.50 9.44
CA TRP D 128 44.75 22.49 10.19
C TRP D 128 45.67 23.58 10.72
N ASP D 129 45.37 24.83 10.38
CA ASP D 129 45.98 25.99 11.02
C ASP D 129 45.15 26.38 12.23
N GLY D 130 45.78 27.00 13.21
CA GLY D 130 45.07 27.27 14.44
C GLY D 130 44.20 28.51 14.35
N ILE D 131 42.91 28.30 14.08
CA ILE D 131 41.94 29.39 14.05
C ILE D 131 40.72 29.12 14.91
N LYS D 132 40.39 27.85 15.20
CA LYS D 132 39.29 27.48 16.09
C LYS D 132 37.95 28.02 15.57
N ARG D 133 37.56 27.51 14.40
CA ARG D 133 36.26 27.84 13.82
C ARG D 133 35.16 26.87 14.25
N ILE D 134 35.51 25.74 14.87
CA ILE D 134 34.56 24.66 15.03
C ILE D 134 33.49 25.02 16.06
N GLU D 135 33.88 25.64 17.18
CA GLU D 135 32.94 25.86 18.27
C GLU D 135 31.97 27.00 17.96
N THR D 136 32.45 28.05 17.32
CA THR D 136 31.64 29.21 16.98
C THR D 136 31.09 29.12 15.56
N LEU D 137 30.82 27.90 15.09
CA LEU D 137 30.29 27.72 13.73
C LEU D 137 28.87 28.27 13.63
N PHE D 138 27.94 27.69 14.39
CA PHE D 138 26.57 28.17 14.38
C PHE D 138 26.40 29.49 15.12
N ILE D 139 27.34 29.83 16.01
CA ILE D 139 27.27 31.10 16.71
C ILE D 139 27.55 32.26 15.76
N ASP D 140 28.56 32.11 14.91
CA ASP D 140 28.93 33.18 13.99
C ASP D 140 28.03 33.18 12.75
N TYR D 141 27.90 32.04 12.10
CA TYR D 141 27.22 32.00 10.81
C TYR D 141 25.71 32.07 10.95
N LEU D 142 25.15 31.59 12.05
CA LEU D 142 23.71 31.55 12.21
C LEU D 142 23.20 32.40 13.37
N GLY D 143 24.09 32.98 14.17
CA GLY D 143 23.67 33.91 15.20
C GLY D 143 23.19 33.28 16.48
N ALA D 144 23.46 31.99 16.70
CA ALA D 144 23.11 31.37 17.96
C ALA D 144 23.88 32.03 19.09
N GLU D 145 23.25 32.09 20.26
CA GLU D 145 23.87 32.75 21.40
C GLU D 145 25.17 32.08 21.77
N ASP D 146 26.18 32.90 22.11
CA ASP D 146 27.51 32.40 22.42
C ASP D 146 27.49 31.77 23.82
N ASN D 147 26.82 30.63 23.91
CA ASN D 147 26.65 29.90 25.15
C ASN D 147 27.59 28.71 25.16
N HIS D 148 28.01 28.30 26.36
CA HIS D 148 28.91 27.15 26.46
C HIS D 148 28.25 25.89 25.91
N TYR D 149 26.95 25.73 26.14
CA TYR D 149 26.22 24.59 25.59
C TYR D 149 26.29 24.59 24.07
N ASN D 150 26.11 25.76 23.44
CA ASN D 150 26.15 25.83 21.99
C ASN D 150 27.52 25.45 21.45
N ARG D 151 28.58 26.01 22.05
CA ARG D 151 29.93 25.71 21.59
C ARG D 151 30.23 24.23 21.74
N GLU D 152 29.89 23.66 22.90
CA GLU D 152 30.19 22.26 23.14
C GLU D 152 29.42 21.36 22.18
N VAL D 153 28.15 21.64 21.95
CA VAL D 153 27.36 20.77 21.09
C VAL D 153 27.83 20.88 19.65
N THR D 154 28.20 22.09 19.20
CA THR D 154 28.70 22.23 17.83
C THR D 154 30.02 21.49 17.65
N LYS D 155 30.93 21.65 18.61
CA LYS D 155 32.22 20.95 18.51
C LYS D 155 32.02 19.44 18.52
N LYS D 156 31.18 18.94 19.41
CA LYS D 156 30.96 17.51 19.49
C LYS D 156 30.25 16.99 18.25
N TRP D 157 29.39 17.80 17.62
CA TRP D 157 28.72 17.35 16.40
C TRP D 157 29.70 17.24 15.24
N MET D 158 30.59 18.22 15.08
CA MET D 158 31.57 18.12 14.01
C MET D 158 32.53 16.96 14.26
N MET D 159 32.95 16.77 15.51
CA MET D 159 33.78 15.61 15.83
C MET D 159 33.04 14.31 15.56
N GLY D 160 31.73 14.28 15.83
CA GLY D 160 30.95 13.09 15.55
C GLY D 160 30.83 12.80 14.07
N ALA D 161 30.70 13.84 13.25
CA ALA D 161 30.68 13.65 11.81
C ALA D 161 31.99 13.06 11.31
N VAL D 162 33.11 13.62 11.79
CA VAL D 162 34.42 13.10 11.39
C VAL D 162 34.57 11.65 11.85
N ALA D 163 34.13 11.35 13.08
CA ALA D 163 34.21 9.98 13.58
C ALA D 163 33.37 9.03 12.75
N ARG D 164 32.16 9.45 12.38
CA ARG D 164 31.29 8.62 11.55
C ARG D 164 31.96 8.30 10.23
N ILE D 165 32.71 9.26 9.68
CA ILE D 165 33.48 8.97 8.47
C ILE D 165 34.59 7.99 8.76
N TYR D 166 35.34 8.20 9.84
CA TYR D 166 36.54 7.40 10.07
C TYR D 166 36.21 6.05 10.70
N GLN D 167 35.28 6.05 11.66
CA GLN D 167 34.83 4.79 12.29
C GLN D 167 33.33 4.64 11.98
N PRO D 168 32.94 3.85 10.95
CA PRO D 168 31.53 3.77 10.54
C PRO D 168 30.61 3.24 11.65
N GLY D 169 31.09 2.29 12.46
CA GLY D 169 30.25 1.68 13.50
C GLY D 169 30.29 2.44 14.82
N ILE D 170 30.94 3.60 14.87
CA ILE D 170 31.07 4.34 16.17
C ILE D 170 29.66 4.73 16.64
N LYS D 171 29.48 4.94 17.95
CA LYS D 171 28.11 5.22 18.47
C LYS D 171 27.91 6.71 18.65
N TYR D 172 27.11 7.34 17.79
CA TYR D 172 26.75 8.77 17.99
C TYR D 172 25.24 8.90 17.87
N ASP D 173 24.56 9.27 18.94
CA ASP D 173 23.07 9.38 18.91
C ASP D 173 22.66 10.86 18.99
N SER D 174 23.63 11.77 18.96
CA SER D 174 23.31 13.21 19.16
C SER D 174 22.94 13.87 17.82
N MET D 175 21.74 14.45 17.73
CA MET D 175 21.37 15.21 16.53
C MET D 175 21.16 16.66 16.92
N ILE D 176 21.73 17.56 16.15
CA ILE D 176 21.51 18.99 16.34
C ILE D 176 20.28 19.41 15.56
N ILE D 177 19.35 20.09 16.22
CA ILE D 177 18.16 20.64 15.58
C ILE D 177 18.28 22.15 15.61
N LEU D 178 18.27 22.76 14.43
CA LEU D 178 18.44 24.20 14.29
C LEU D 178 17.07 24.86 14.16
N TYR D 179 16.75 25.72 15.11
CA TYR D 179 15.48 26.43 15.13
C TYR D 179 15.72 27.92 14.86
N GLY D 180 14.99 28.47 13.91
CA GLY D 180 15.13 29.88 13.58
C GLY D 180 14.01 30.30 12.66
N GLY D 181 14.12 31.54 12.17
CA GLY D 181 13.17 32.04 11.20
C GLY D 181 13.31 31.35 9.86
N GLN D 182 12.75 31.99 8.84
CA GLN D 182 12.85 31.47 7.49
C GLN D 182 13.93 32.14 6.65
N GLY D 183 14.86 32.86 7.28
CA GLY D 183 15.92 33.48 6.52
C GLY D 183 17.27 33.42 7.22
N VAL D 184 17.32 32.68 8.32
CA VAL D 184 18.55 32.59 9.10
C VAL D 184 19.65 31.91 8.30
N GLY D 185 19.28 31.03 7.39
CA GLY D 185 20.24 30.31 6.58
C GLY D 185 20.59 28.91 7.04
N LYS D 186 19.73 28.28 7.85
CA LYS D 186 20.06 26.98 8.42
C LYS D 186 20.31 25.95 7.33
N SER D 187 19.37 25.81 6.39
CA SER D 187 19.53 24.81 5.34
C SER D 187 20.71 25.13 4.44
N THR D 188 20.96 26.42 4.19
CA THR D 188 22.11 26.80 3.37
C THR D 188 23.42 26.47 4.09
N ALA D 189 23.49 26.75 5.39
CA ALA D 189 24.69 26.42 6.15
C ALA D 189 24.93 24.92 6.18
N VAL D 190 23.86 24.14 6.36
CA VAL D 190 24.00 22.68 6.34
C VAL D 190 24.45 22.20 4.97
N SER D 191 23.92 22.80 3.91
CA SER D 191 24.32 22.41 2.56
C SER D 191 25.79 22.72 2.31
N LYS D 192 26.28 23.83 2.85
CA LYS D 192 27.70 24.15 2.70
C LYS D 192 28.57 23.22 3.54
N LEU D 193 28.10 22.85 4.74
CA LEU D 193 28.87 21.96 5.60
C LEU D 193 28.98 20.57 4.99
N GLY D 194 27.85 19.98 4.59
CA GLY D 194 27.89 18.69 3.93
C GLY D 194 28.60 18.73 2.60
N GLY D 195 28.36 19.78 1.84
CA GLY D 195 29.02 19.91 0.54
C GLY D 195 28.37 19.00 -0.46
N HIS D 196 29.21 18.26 -1.19
CA HIS D 196 28.69 17.33 -2.19
C HIS D 196 27.89 16.21 -1.55
N TRP D 197 28.32 15.76 -0.37
CA TRP D 197 27.72 14.59 0.28
C TRP D 197 26.64 14.98 1.26
N TYR D 198 25.69 15.79 0.80
CA TYR D 198 24.65 16.35 1.66
C TYR D 198 23.30 15.84 1.21
N ASN D 199 22.54 15.25 2.13
CA ASN D 199 21.26 14.64 1.82
C ASN D 199 20.15 15.37 2.55
N GLN D 200 19.12 15.76 1.81
CA GLN D 200 17.94 16.40 2.38
C GLN D 200 16.67 15.68 1.94
N SER D 201 16.78 14.44 1.48
CA SER D 201 15.65 13.69 0.98
C SER D 201 15.08 12.71 2.00
N ILE D 202 15.50 12.80 3.25
CA ILE D 202 14.98 11.94 4.30
C ILE D 202 13.64 12.52 4.77
N LYS D 203 12.56 12.06 4.14
CA LYS D 203 11.22 12.57 4.45
C LYS D 203 10.44 11.69 5.40
N THR D 204 10.85 10.43 5.58
CA THR D 204 10.17 9.53 6.49
C THR D 204 11.18 8.56 7.08
N PHE D 205 10.83 7.99 8.23
CA PHE D 205 11.73 7.10 8.96
C PHE D 205 11.30 5.63 8.89
N LYS D 206 10.27 5.32 8.12
CA LYS D 206 9.74 3.96 8.05
C LYS D 206 10.01 3.35 6.69
N GLY D 207 10.21 2.04 6.69
CA GLY D 207 10.55 1.31 5.48
C GLY D 207 12.04 1.18 5.29
N ASP D 208 12.41 0.34 4.33
CA ASP D 208 13.80 0.13 3.98
C ASP D 208 14.29 1.09 2.91
N GLU D 209 13.44 2.00 2.44
CA GLU D 209 13.86 2.97 1.45
C GLU D 209 14.68 4.10 2.06
N VAL D 210 14.38 4.49 3.30
CA VAL D 210 15.18 5.53 3.95
C VAL D 210 16.61 5.04 4.16
N TYR D 211 16.78 3.76 4.46
CA TYR D 211 18.12 3.20 4.59
C TYR D 211 18.87 3.26 3.26
N LYS D 212 18.16 3.03 2.16
CA LYS D 212 18.80 3.14 0.85
C LYS D 212 19.19 4.58 0.55
N LYS D 213 18.29 5.53 0.84
CA LYS D 213 18.62 6.94 0.66
C LYS D 213 19.73 7.39 1.59
N LEU D 214 20.00 6.64 2.66
CA LEU D 214 20.96 7.02 3.66
C LEU D 214 22.39 6.66 3.29
N GLN D 215 22.59 5.93 2.20
CA GLN D 215 23.93 5.53 1.78
C GLN D 215 24.47 6.46 0.71
N GLY D 216 25.78 6.64 0.71
CA GLY D 216 26.42 7.61 -0.15
C GLY D 216 26.32 9.03 0.34
N SER D 217 25.63 9.27 1.44
CA SER D 217 25.45 10.60 2.01
C SER D 217 26.13 10.69 3.35
N TRP D 218 26.65 11.88 3.65
CA TRP D 218 27.39 12.12 4.89
C TRP D 218 26.59 12.92 5.91
N ILE D 219 26.12 14.10 5.54
CA ILE D 219 25.37 14.96 6.45
C ILE D 219 23.93 14.96 5.99
N CYS D 220 23.07 14.24 6.71
CA CYS D 220 21.67 14.11 6.35
C CYS D 220 20.88 15.18 7.10
N GLU D 221 20.16 16.01 6.34
CA GLU D 221 19.39 17.09 6.92
C GLU D 221 17.91 16.71 6.90
N ILE D 222 17.30 16.70 8.08
CA ILE D 222 15.85 16.49 8.22
C ILE D 222 15.20 17.85 8.02
N GLU D 223 14.75 18.12 6.80
CA GLU D 223 14.13 19.39 6.49
C GLU D 223 12.78 19.52 7.18
N GLU D 224 12.56 20.64 7.84
CA GLU D 224 11.31 20.97 8.51
C GLU D 224 10.91 19.93 9.55
N LEU D 225 11.82 19.02 9.91
CA LEU D 225 11.52 17.87 10.76
C LEU D 225 10.35 17.07 10.21
N SER D 226 10.30 16.96 8.88
CA SER D 226 9.17 16.31 8.22
C SER D 226 8.96 14.90 8.74
N ALA D 227 10.02 14.10 8.79
CA ALA D 227 9.91 12.72 9.26
C ALA D 227 9.36 12.66 10.68
N PHE D 228 9.67 13.67 11.51
CA PHE D 228 9.18 13.66 12.88
C PHE D 228 7.67 13.69 12.93
N GLN D 229 7.03 14.28 11.93
CA GLN D 229 5.57 14.29 11.89
C GLN D 229 5.01 12.98 11.35
N LYS D 230 5.79 12.25 10.56
CA LYS D 230 5.30 11.05 9.90
C LYS D 230 5.59 9.77 10.68
N SER D 231 6.23 9.87 11.84
CA SER D 231 6.64 8.70 12.60
C SER D 231 6.34 8.90 14.07
N THR D 232 6.20 7.79 14.78
CA THR D 232 6.02 7.82 16.21
C THR D 232 7.35 8.13 16.90
N ILE D 233 7.27 8.42 18.21
CA ILE D 233 8.46 8.76 18.97
C ILE D 233 9.45 7.60 18.98
N GLU D 234 8.93 6.38 19.13
CA GLU D 234 9.80 5.20 19.16
C GLU D 234 10.53 5.03 17.83
N ASP D 235 9.84 5.26 16.71
CA ASP D 235 10.47 5.10 15.41
C ASP D 235 11.63 6.08 15.23
N ILE D 236 11.39 7.34 15.60
CA ILE D 236 12.44 8.39 15.43
C ILE D 236 13.61 8.10 16.37
N LYS D 237 13.34 7.69 17.61
CA LYS D 237 14.42 7.37 18.58
C LYS D 237 15.23 6.19 18.07
N GLY D 238 14.57 5.17 17.53
CA GLY D 238 15.26 3.98 17.02
C GLY D 238 16.09 4.31 15.79
N PHE D 239 15.61 5.21 14.94
CA PHE D 239 16.36 5.59 13.71
C PHE D 239 17.67 6.29 14.09
N ILE D 240 17.60 7.42 14.80
CA ILE D 240 18.82 8.22 15.11
C ILE D 240 19.82 7.38 15.94
N SER D 241 19.31 6.63 16.92
CA SER D 241 20.19 5.82 17.81
C SER D 241 20.93 4.72 17.05
N ALA D 242 20.31 4.14 16.01
CA ALA D 242 20.91 2.97 15.32
C ALA D 242 22.34 3.28 14.83
N ILE D 243 23.28 2.37 15.09
CA ILE D 243 24.68 2.54 14.61
C ILE D 243 24.92 1.61 13.41
N VAL D 244 23.99 0.68 13.15
CA VAL D 244 24.11 -0.24 11.99
C VAL D 244 22.73 -0.39 11.33
N ASP D 245 22.69 -0.57 10.01
CA ASP D 245 21.41 -0.76 9.28
C ASP D 245 21.47 -2.08 8.52
N ILE D 246 20.65 -3.07 8.91
CA ILE D 246 20.62 -4.34 8.16
C ILE D 246 19.42 -4.30 7.21
N TYR D 247 19.67 -4.40 5.90
CA TYR D 247 18.57 -4.32 4.90
C TYR D 247 19.02 -4.94 3.59
N ARG D 248 18.07 -5.26 2.72
CA ARG D 248 18.37 -5.88 1.43
C ARG D 248 18.38 -4.82 0.34
N ALA D 249 19.47 -4.75 -0.41
CA ALA D 249 19.50 -3.89 -1.58
C ALA D 249 18.43 -4.33 -2.57
N SER D 250 17.96 -3.36 -3.38
CA SER D 250 16.79 -3.57 -4.22
C SER D 250 16.88 -4.89 -4.99
N TYR D 251 17.86 -5.01 -5.87
CA TYR D 251 18.07 -6.25 -6.62
C TYR D 251 19.13 -7.09 -5.93
N GLY D 252 18.89 -7.41 -4.66
CA GLY D 252 19.85 -8.10 -3.84
C GLY D 252 19.36 -9.47 -3.42
N LYS D 253 20.29 -10.42 -3.33
CA LYS D 253 19.94 -11.77 -2.93
C LYS D 253 19.63 -11.85 -1.44
N ARG D 254 20.44 -11.20 -0.62
CA ARG D 254 20.34 -11.33 0.83
C ARG D 254 20.57 -9.97 1.49
N THR D 255 20.07 -9.84 2.70
CA THR D 255 20.23 -8.61 3.46
C THR D 255 21.69 -8.43 3.88
N GLU D 256 22.20 -7.21 3.72
CA GLU D 256 23.63 -6.95 4.08
C GLU D 256 23.68 -6.04 5.31
N ARG D 257 24.86 -5.96 5.95
CA ARG D 257 25.03 -5.11 7.15
C ARG D 257 25.74 -3.83 6.73
N HIS D 258 25.14 -2.68 7.02
CA HIS D 258 25.73 -1.39 6.56
C HIS D 258 26.01 -0.49 7.77
N PRO D 259 27.26 -0.32 8.31
CA PRO D 259 27.47 0.60 9.42
C PRO D 259 27.05 2.01 9.02
N ARG D 260 26.58 2.77 9.99
CA ARG D 260 25.98 4.07 9.73
C ARG D 260 27.07 5.13 9.63
N GLN D 261 27.36 5.58 8.41
CA GLN D 261 28.39 6.57 8.17
C GLN D 261 27.86 7.99 8.09
N CYS D 262 26.58 8.19 8.41
CA CYS D 262 25.95 9.50 8.28
C CYS D 262 25.76 10.14 9.65
N VAL D 263 25.69 11.46 9.63
CA VAL D 263 25.37 12.25 10.82
C VAL D 263 24.19 13.14 10.49
N PHE D 264 23.28 13.30 11.45
CA PHE D 264 21.99 13.93 11.22
C PHE D 264 21.96 15.34 11.79
N VAL D 265 21.37 16.25 11.03
CA VAL D 265 21.04 17.59 11.51
C VAL D 265 19.65 17.93 11.02
N GLY D 266 18.82 18.47 11.90
CA GLY D 266 17.45 18.80 11.58
C GLY D 266 17.27 20.30 11.49
N THR D 267 16.30 20.73 10.69
CA THR D 267 16.01 22.15 10.52
C THR D 267 14.53 22.37 10.80
N THR D 268 14.21 23.40 11.58
CA THR D 268 12.81 23.67 11.89
C THR D 268 12.65 25.15 12.23
N ASN D 269 11.41 25.62 12.16
CA ASN D 269 11.04 26.94 12.62
C ASN D 269 10.00 26.92 13.72
N ASN D 270 9.60 25.74 14.19
CA ASN D 270 8.70 25.61 15.33
C ASN D 270 9.50 25.58 16.62
N TYR D 271 8.89 26.09 17.69
CA TYR D 271 9.56 26.12 18.98
C TYR D 271 9.36 24.85 19.79
N GLU D 272 8.23 24.16 19.60
CA GLU D 272 7.92 22.93 20.32
C GLU D 272 7.88 21.79 19.30
N PHE D 273 9.04 21.20 19.05
CA PHE D 273 9.14 20.12 18.06
C PHE D 273 9.46 18.77 18.67
N LEU D 274 9.78 18.71 19.96
CA LEU D 274 10.07 17.45 20.62
C LEU D 274 8.79 16.92 21.25
N LYS D 275 8.27 15.83 20.69
CA LYS D 275 7.01 15.25 21.15
C LYS D 275 7.17 14.27 22.29
N ASP D 276 8.40 13.92 22.66
CA ASP D 276 8.64 12.95 23.73
C ASP D 276 8.60 13.65 25.07
N GLN D 277 7.85 13.08 26.02
CA GLN D 277 7.75 13.62 27.36
C GLN D 277 8.54 12.82 28.38
N THR D 278 9.01 11.62 28.04
CA THR D 278 9.86 10.86 28.94
C THR D 278 11.29 11.38 28.94
N GLY D 279 11.76 11.88 27.80
CA GLY D 279 13.12 12.37 27.68
C GLY D 279 13.51 12.60 26.23
N ASN D 280 14.47 13.50 26.00
CA ASN D 280 14.92 13.80 24.61
C ASN D 280 16.45 13.88 24.58
N ARG D 281 17.16 12.85 25.07
CA ARG D 281 18.64 12.89 25.16
C ARG D 281 19.27 13.04 23.77
N ARG D 282 18.72 12.33 22.78
CA ARG D 282 19.33 12.33 21.41
C ARG D 282 19.31 13.74 20.79
N PHE D 283 18.23 14.49 20.98
CA PHE D 283 18.10 15.79 20.27
C PHE D 283 18.79 16.94 21.01
N PHE D 284 19.49 17.81 20.28
CA PHE D 284 20.14 18.98 20.86
C PHE D 284 19.69 20.22 20.09
N PRO D 285 18.70 20.94 20.61
CA PRO D 285 18.20 22.11 19.88
C PRO D 285 19.14 23.29 20.00
N ILE D 286 19.32 24.00 18.89
CA ILE D 286 20.11 25.23 18.84
C ILE D 286 19.22 26.33 18.28
N THR D 287 19.05 27.39 19.05
CA THR D 287 18.19 28.51 18.65
C THR D 287 19.04 29.50 17.85
N THR D 288 18.88 29.48 16.53
CA THR D 288 19.64 30.35 15.65
C THR D 288 18.86 31.64 15.42
N ASP D 289 19.57 32.76 15.48
CA ASP D 289 18.95 34.09 15.41
C ASP D 289 19.60 34.88 14.28
N LYS D 290 18.78 35.34 13.33
CA LYS D 290 19.26 36.28 12.34
C LYS D 290 19.50 37.64 13.00
N ASN D 291 20.02 38.58 12.23
CA ASN D 291 20.37 39.92 12.71
C ASN D 291 21.40 39.89 13.83
N LYS D 292 22.00 38.73 14.08
CA LYS D 292 23.03 38.57 15.09
C LYS D 292 24.21 37.75 14.58
N ALA D 293 24.19 37.33 13.33
CA ALA D 293 25.25 36.51 12.76
C ALA D 293 26.32 37.40 12.18
N THR D 294 27.55 37.28 12.70
CA THR D 294 28.65 38.09 12.21
C THR D 294 29.01 37.73 10.77
N LYS D 295 29.03 36.44 10.46
CA LYS D 295 29.33 35.96 9.12
C LYS D 295 28.06 35.45 8.45
N SER D 296 28.13 35.32 7.13
CA SER D 296 26.98 34.94 6.33
C SER D 296 27.20 33.56 5.71
N PRO D 297 26.37 32.56 6.05
CA PRO D 297 26.55 31.23 5.44
C PRO D 297 26.31 31.20 3.95
N PHE D 298 25.68 32.24 3.38
CA PHE D 298 25.41 32.26 1.96
C PHE D 298 26.65 32.55 1.13
N ASP D 299 27.60 33.30 1.67
CA ASP D 299 28.79 33.70 0.93
C ASP D 299 30.11 33.42 1.64
N ASP D 300 30.11 33.14 2.94
CA ASP D 300 31.35 32.94 3.66
C ASP D 300 31.66 31.48 3.96
N LEU D 301 30.70 30.57 3.77
CA LEU D 301 30.97 29.14 3.89
C LEU D 301 31.47 28.60 2.54
N THR D 302 32.62 29.10 2.14
CA THR D 302 33.31 28.52 1.01
C THR D 302 33.84 27.14 1.39
N PRO D 303 34.04 26.26 0.42
CA PRO D 303 34.52 24.90 0.76
C PRO D 303 35.85 24.89 1.50
N VAL D 304 36.66 25.94 1.33
CA VAL D 304 37.90 26.03 2.09
C VAL D 304 37.62 26.13 3.58
N VAL D 305 36.64 26.95 3.97
CA VAL D 305 36.35 27.15 5.37
C VAL D 305 35.81 25.87 6.00
N VAL D 306 34.88 25.19 5.31
CA VAL D 306 34.34 23.96 5.88
C VAL D 306 35.41 22.88 5.91
N GLN D 307 36.32 22.86 4.93
CA GLN D 307 37.43 21.94 4.99
C GLN D 307 38.31 22.20 6.21
N GLN D 308 38.55 23.47 6.53
CA GLN D 308 39.32 23.80 7.72
C GLN D 308 38.60 23.37 8.99
N MET D 309 37.28 23.59 9.05
CA MET D 309 36.52 23.16 10.22
C MET D 309 36.59 21.65 10.39
N PHE D 310 36.50 20.89 9.30
CA PHE D 310 36.55 19.44 9.42
C PHE D 310 37.95 18.95 9.73
N ALA D 311 38.98 19.66 9.26
CA ALA D 311 40.34 19.32 9.68
C ALA D 311 40.51 19.52 11.18
N GLU D 312 39.98 20.64 11.71
CA GLU D 312 40.04 20.86 13.14
C GLU D 312 39.27 19.79 13.91
N ALA D 313 38.10 19.40 13.38
CA ALA D 313 37.32 18.34 14.01
C ALA D 313 38.10 17.04 14.03
N ARG D 314 38.79 16.72 12.93
CA ARG D 314 39.61 15.51 12.90
C ARG D 314 40.73 15.58 13.92
N VAL D 315 41.34 16.75 14.08
CA VAL D 315 42.40 16.90 15.08
C VAL D 315 41.86 16.64 16.47
N TYR D 316 40.75 17.29 16.81
CA TYR D 316 40.15 17.12 18.14
C TYR D 316 39.75 15.68 18.39
N PHE D 317 39.18 15.02 17.37
CA PHE D 317 38.79 13.62 17.52
C PHE D 317 40.01 12.72 17.66
N ASP D 318 41.08 13.02 16.92
CA ASP D 318 42.28 12.20 16.97
C ASP D 318 43.02 12.34 18.28
N GLU D 319 42.80 13.43 19.01
CA GLU D 319 43.34 13.51 20.37
C GLU D 319 42.85 12.35 21.24
N ASN D 320 41.63 11.87 21.00
CA ASN D 320 41.07 10.69 21.67
C ASN D 320 40.00 10.06 20.80
N PRO D 321 40.33 9.04 20.01
CA PRO D 321 39.37 8.48 19.03
C PRO D 321 38.48 7.39 19.59
N THR D 322 37.55 7.81 20.46
CA THR D 322 36.58 6.87 21.08
C THR D 322 35.18 7.49 21.08
N ASP D 323 34.14 6.69 21.33
CA ASP D 323 32.75 7.20 21.42
C ASP D 323 32.61 8.14 22.63
N LYS D 324 33.35 7.87 23.70
CA LYS D 324 33.26 8.68 24.94
C LYS D 324 33.65 10.14 24.63
N ALA D 325 34.64 10.33 23.76
CA ALA D 325 35.08 11.70 23.38
C ALA D 325 33.93 12.46 22.73
N LEU D 326 33.10 11.77 21.93
CA LEU D 326 31.96 12.41 21.23
C LEU D 326 30.96 12.98 22.25
N LEU D 327 30.77 12.32 23.39
CA LEU D 327 29.76 12.77 24.40
C LEU D 327 30.11 14.17 24.92
N LEU D 328 29.10 14.99 25.22
CA LEU D 328 29.31 16.39 25.67
C LEU D 328 29.90 16.46 27.09
N ASP D 329 30.29 17.66 27.53
CA ASP D 329 30.86 17.84 28.86
C ASP D 329 29.76 17.79 29.92
N LYS D 330 30.16 17.66 31.17
CA LYS D 330 29.19 17.56 32.27
C LYS D 330 28.33 18.80 32.35
N GLU D 331 28.96 19.99 32.36
CA GLU D 331 28.21 21.23 32.41
C GLU D 331 27.30 21.38 31.20
N ALA D 332 27.82 21.06 30.01
CA ALA D 332 27.00 21.11 28.80
C ALA D 332 25.84 20.14 28.88
N SER D 333 26.04 18.97 29.50
CA SER D 333 24.95 18.03 29.67
C SER D 333 23.86 18.58 30.59
N GLU D 334 24.27 19.22 31.70
CA GLU D 334 23.28 19.81 32.59
C GLU D 334 22.48 20.91 31.90
N MET D 335 23.16 21.75 31.11
CA MET D 335 22.42 22.76 30.35
C MET D 335 21.56 22.12 29.27
N ALA D 336 22.02 21.02 28.68
CA ALA D 336 21.27 20.37 27.62
C ALA D 336 19.99 19.74 28.13
N LEU D 337 19.98 19.24 29.36
CA LEU D 337 18.73 18.75 29.95
C LEU D 337 17.67 19.85 29.93
N LYS D 338 18.03 21.04 30.42
CA LYS D 338 17.09 22.15 30.47
C LYS D 338 16.69 22.60 29.07
N VAL D 339 17.63 22.63 28.13
CA VAL D 339 17.31 23.08 26.78
C VAL D 339 16.39 22.10 26.08
N GLN D 340 16.60 20.79 26.30
CA GLN D 340 15.71 19.80 25.71
C GLN D 340 14.33 19.86 26.34
N GLU D 341 14.26 20.11 27.65
CA GLU D 341 12.95 20.28 28.28
C GLU D 341 12.23 21.51 27.73
N ALA D 342 12.97 22.60 27.49
CA ALA D 342 12.35 23.85 27.07
C ALA D 342 11.76 23.76 25.67
N HIS D 343 12.17 22.80 24.86
CA HIS D 343 11.69 22.67 23.49
C HIS D 343 10.76 21.48 23.28
N SER D 344 10.28 20.87 24.36
CA SER D 344 9.48 19.66 24.27
C SER D 344 8.02 19.93 24.61
N GLU D 345 7.16 19.01 24.18
CA GLU D 345 5.74 19.10 24.50
C GLU D 345 5.52 18.87 25.98
N LYS D 346 4.58 19.62 26.55
CA LYS D 346 4.27 19.55 27.97
C LYS D 346 2.91 18.90 28.15
N ASP D 347 2.85 17.91 29.05
CA ASP D 347 1.59 17.24 29.35
C ASP D 347 0.80 18.08 30.34
N ALA D 348 -0.29 18.69 29.87
CA ALA D 348 -1.09 19.54 30.73
C ALA D 348 -1.94 18.75 31.72
N LEU D 349 -2.17 17.47 31.46
CA LEU D 349 -2.98 16.67 32.37
C LEU D 349 -2.30 16.46 33.71
N VAL D 350 -0.96 16.50 33.73
CA VAL D 350 -0.23 16.23 34.97
C VAL D 350 -0.55 17.28 36.02
N GLY D 351 -0.68 18.54 35.61
CA GLY D 351 -1.04 19.59 36.56
C GLY D 351 -2.42 19.37 37.16
N GLU D 352 -3.38 18.97 36.32
CA GLU D 352 -4.72 18.67 36.82
C GLU D 352 -4.68 17.51 37.82
N ILE D 353 -3.94 16.45 37.48
CA ILE D 353 -3.85 15.30 38.37
C ILE D 353 -3.22 15.71 39.69
N GLU D 354 -2.17 16.52 39.64
CA GLU D 354 -1.52 16.97 40.88
C GLU D 354 -2.47 17.79 41.73
N GLU D 355 -3.20 18.73 41.11
CA GLU D 355 -4.12 19.56 41.89
C GLU D 355 -5.21 18.72 42.51
N PHE D 356 -5.76 17.77 41.76
CA PHE D 356 -6.80 16.90 42.30
C PHE D 356 -6.25 16.04 43.44
N LEU D 357 -5.03 15.55 43.30
CA LEU D 357 -4.42 14.73 44.33
C LEU D 357 -4.09 15.53 45.59
N GLU D 358 -3.87 16.84 45.46
CA GLU D 358 -3.54 17.67 46.61
C GLU D 358 -4.76 18.07 47.43
N ARG D 359 -5.96 17.74 46.98
CA ARG D 359 -7.15 18.09 47.74
C ARG D 359 -7.31 17.16 48.94
N PRO D 360 -7.53 17.69 50.14
CA PRO D 360 -7.89 16.83 51.27
C PRO D 360 -9.26 16.20 51.03
N ILE D 361 -9.42 14.98 51.54
CA ILE D 361 -10.67 14.24 51.34
C ILE D 361 -11.22 13.82 52.69
N PRO D 362 -12.53 13.62 52.81
CA PRO D 362 -13.11 13.22 54.10
C PRO D 362 -12.62 11.84 54.52
N SER D 363 -12.69 11.60 55.83
CA SER D 363 -12.21 10.34 56.38
C SER D 363 -12.98 9.15 55.84
N ASP D 364 -14.26 9.34 55.52
CA ASP D 364 -15.10 8.29 54.96
C ASP D 364 -15.25 8.43 53.45
N TYR D 365 -14.20 8.89 52.76
CA TYR D 365 -14.29 9.14 51.33
C TYR D 365 -14.55 7.86 50.55
N TRP D 366 -13.91 6.76 50.95
CA TRP D 366 -14.02 5.50 50.22
C TRP D 366 -15.33 4.77 50.49
N TYR D 367 -16.13 5.22 51.45
CA TYR D 367 -17.39 4.59 51.77
C TYR D 367 -18.59 5.34 51.19
N ARG D 368 -18.35 6.34 50.34
CA ARG D 368 -19.42 7.16 49.80
C ARG D 368 -19.86 6.67 48.43
N THR D 369 -21.08 7.05 48.05
CA THR D 369 -21.56 6.81 46.70
C THR D 369 -20.73 7.63 45.72
N LEU D 370 -20.73 7.20 44.45
CA LEU D 370 -19.92 7.89 43.45
C LEU D 370 -20.32 9.35 43.31
N GLU D 371 -21.63 9.64 43.37
CA GLU D 371 -22.07 11.03 43.33
C GLU D 371 -21.59 11.80 44.55
N GLU D 372 -21.59 11.15 45.72
CA GLU D 372 -21.08 11.80 46.92
C GLU D 372 -19.59 12.08 46.80
N LYS D 373 -18.84 11.17 46.17
CA LYS D 373 -17.43 11.44 45.89
C LYS D 373 -17.28 12.62 44.94
N ARG D 374 -18.12 12.68 43.91
CA ARG D 374 -18.02 13.78 42.95
C ARG D 374 -18.36 15.11 43.59
N VAL D 375 -19.22 15.11 44.61
CA VAL D 375 -19.60 16.37 45.24
C VAL D 375 -18.66 16.74 46.39
N SER D 376 -17.98 15.77 46.99
CA SER D 376 -17.08 16.07 48.09
C SER D 376 -15.66 16.38 47.60
N ALA D 377 -15.20 15.68 46.56
CA ALA D 377 -13.86 15.94 46.04
C ALA D 377 -13.79 17.30 45.37
N HIS D 378 -14.83 17.67 44.61
CA HIS D 378 -14.81 18.93 43.88
C HIS D 378 -15.07 20.13 44.76
N ASP D 379 -15.47 19.93 46.02
CA ASP D 379 -15.42 21.00 46.99
C ASP D 379 -13.97 21.29 47.34
N VAL D 380 -13.62 22.58 47.46
CA VAL D 380 -12.26 23.00 47.69
C VAL D 380 -12.22 23.93 48.89
N ILE D 381 -11.19 23.76 49.73
CA ILE D 381 -10.93 24.64 50.86
C ILE D 381 -9.54 25.23 50.70
N ASP D 382 -9.39 26.50 51.05
CA ASP D 382 -8.15 27.23 50.76
C ASP D 382 -7.21 27.21 51.95
N GLN D 383 -7.66 27.69 53.10
CA GLN D 383 -6.83 27.80 54.29
C GLN D 383 -6.84 26.47 55.05
N ASP D 384 -5.66 25.95 55.32
CA ASP D 384 -5.49 24.69 56.03
C ASP D 384 -4.61 24.90 57.26
N TYR D 385 -4.97 24.26 58.36
CA TYR D 385 -4.11 24.16 59.53
C TYR D 385 -3.69 22.71 59.68
N ILE D 386 -2.38 22.46 59.75
CA ILE D 386 -1.82 21.12 59.74
C ILE D 386 -1.22 20.84 61.10
N LYS D 387 -1.45 19.63 61.61
CA LYS D 387 -0.98 19.20 62.93
C LYS D 387 -1.50 20.12 64.03
N LEU D 394 0.70 15.41 59.18
CA LEU D 394 -0.31 14.62 58.48
C LEU D 394 -1.70 14.94 59.01
N ILE D 395 -1.79 15.27 60.30
CA ILE D 395 -3.07 15.60 60.91
C ILE D 395 -3.58 16.92 60.34
N GLU D 396 -4.85 16.95 59.97
CA GLU D 396 -5.44 18.08 59.28
C GLU D 396 -6.47 18.75 60.19
N LEU D 397 -6.47 20.08 60.18
CA LEU D 397 -7.41 20.88 60.97
C LEU D 397 -8.13 21.85 60.04
N PRO D 398 -9.09 21.36 59.26
CA PRO D 398 -9.81 22.24 58.33
C PRO D 398 -10.76 23.18 59.05
N ASN D 399 -11.57 23.90 58.27
CA ASN D 399 -12.47 24.91 58.85
C ASN D 399 -13.46 24.29 59.84
N ALA D 400 -13.83 23.03 59.64
CA ALA D 400 -14.77 22.36 60.53
C ALA D 400 -14.31 20.95 60.81
N LYS D 401 -14.61 20.49 62.03
CA LYS D 401 -14.40 19.10 62.44
C LYS D 401 -12.94 18.67 62.28
N PRO D 402 -12.04 19.14 63.13
CA PRO D 402 -10.63 18.73 63.02
C PRO D 402 -10.49 17.21 63.08
N GLY D 403 -9.73 16.67 62.14
CA GLY D 403 -9.56 15.24 62.01
C GLY D 403 -10.50 14.56 61.04
N ALA D 404 -11.53 15.27 60.56
CA ALA D 404 -12.48 14.66 59.64
C ALA D 404 -11.89 14.50 58.24
N TYR D 405 -11.08 15.47 57.82
CA TYR D 405 -10.47 15.44 56.49
C TYR D 405 -9.05 14.94 56.57
N VAL D 406 -8.68 14.06 55.64
CA VAL D 406 -7.35 13.47 55.58
C VAL D 406 -6.81 13.60 54.17
N TRP D 407 -5.50 13.47 54.05
CA TRP D 407 -4.86 13.48 52.75
C TRP D 407 -5.11 12.17 52.02
N ARG D 408 -4.97 12.21 50.70
CA ARG D 408 -5.19 11.01 49.90
C ARG D 408 -4.16 9.94 50.23
N ASP D 409 -4.58 8.69 50.07
CA ASP D 409 -3.69 7.55 50.27
C ASP D 409 -3.60 6.63 49.07
N LYS D 410 -4.55 6.70 48.14
CA LYS D 410 -4.52 5.90 46.92
C LYS D 410 -5.38 6.58 45.87
N VAL D 411 -5.07 6.29 44.61
CA VAL D 411 -5.83 6.84 43.50
C VAL D 411 -5.70 5.89 42.32
N CYS D 412 -6.81 5.74 41.58
CA CYS D 412 -6.87 4.90 40.40
C CYS D 412 -7.13 5.75 39.17
N SER D 413 -6.73 5.22 38.02
CA SER D 413 -6.99 5.94 36.77
C SER D 413 -8.48 6.11 36.54
N MET D 414 -9.27 5.06 36.80
CA MET D 414 -10.71 5.19 36.65
C MET D 414 -11.32 6.09 37.72
N GLU D 415 -10.73 6.13 38.92
CA GLU D 415 -11.21 7.06 39.92
C GLU D 415 -10.99 8.50 39.46
N ILE D 416 -9.88 8.75 38.78
CA ILE D 416 -9.66 10.05 38.16
C ILE D 416 -10.70 10.30 37.07
N TRP D 417 -10.93 9.31 36.21
CA TRP D 417 -11.81 9.49 35.06
C TRP D 417 -13.25 9.72 35.49
N LYS D 418 -13.65 9.18 36.64
CA LYS D 418 -15.03 9.29 37.09
C LYS D 418 -15.26 10.42 38.09
N VAL D 419 -14.26 10.75 38.91
CA VAL D 419 -14.42 11.76 39.95
C VAL D 419 -13.83 13.09 39.54
N MET D 420 -12.59 13.10 39.04
CA MET D 420 -11.95 14.36 38.67
C MET D 420 -12.63 14.99 37.46
N MET D 421 -12.88 14.21 36.42
CA MET D 421 -13.53 14.73 35.23
C MET D 421 -15.04 14.56 35.24
N LYS D 422 -15.60 13.85 36.21
CA LYS D 422 -17.05 13.66 36.33
C LYS D 422 -17.64 13.16 35.02
N ARG D 423 -16.98 12.18 34.41
CA ARG D 423 -17.38 11.64 33.13
C ARG D 423 -18.08 10.29 33.34
N ASP D 424 -19.39 10.28 33.16
CA ASP D 424 -20.15 9.04 33.28
C ASP D 424 -19.88 8.09 32.11
N ASP D 425 -19.28 8.58 31.03
CA ASP D 425 -18.96 7.75 29.88
C ASP D 425 -17.86 6.77 30.23
N GLN D 426 -17.77 5.70 29.44
CA GLN D 426 -16.73 4.72 29.71
C GLN D 426 -15.48 5.01 28.89
N PRO D 427 -14.29 4.83 29.48
CA PRO D 427 -13.06 5.09 28.75
C PRO D 427 -12.79 4.03 27.70
N GLN D 428 -12.00 4.42 26.70
CA GLN D 428 -11.74 3.59 25.53
C GLN D 428 -10.39 2.88 25.59
N GLN D 429 -9.86 2.67 26.78
CA GLN D 429 -8.58 2.00 27.04
C GLN D 429 -7.39 2.81 26.55
N HIS D 430 -7.62 3.95 25.89
CA HIS D 430 -6.54 4.89 25.60
C HIS D 430 -6.67 6.18 26.39
N HIS D 431 -7.86 6.47 26.92
CA HIS D 431 -7.95 7.49 27.96
C HIS D 431 -7.26 7.03 29.22
N LEU D 432 -7.50 5.79 29.63
CA LEU D 432 -6.92 5.27 30.86
C LEU D 432 -5.40 5.15 30.76
N ARG D 433 -4.88 4.82 29.57
CA ARG D 433 -3.43 4.82 29.39
C ARG D 433 -2.86 6.21 29.60
N LYS D 434 -3.54 7.24 29.08
CA LYS D 434 -3.10 8.61 29.29
C LYS D 434 -3.16 8.99 30.77
N ILE D 435 -4.21 8.57 31.48
CA ILE D 435 -4.31 8.85 32.90
C ILE D 435 -3.17 8.17 33.66
N ASP D 436 -2.85 6.93 33.29
CA ASP D 436 -1.75 6.22 33.94
C ASP D 436 -0.42 6.93 33.68
N LYS D 437 -0.20 7.38 32.45
CA LYS D 437 1.03 8.10 32.14
C LYS D 437 1.13 9.39 32.95
N ALA D 438 0.03 10.13 33.03
CA ALA D 438 0.03 11.36 33.82
C ALA D 438 0.27 11.08 35.30
N LEU D 439 -0.33 10.01 35.81
CA LEU D 439 -0.17 9.67 37.22
C LEU D 439 1.25 9.25 37.52
N ARG D 440 1.87 8.50 36.61
CA ARG D 440 3.27 8.11 36.79
C ARG D 440 4.19 9.32 36.73
N ASN D 441 3.91 10.25 35.82
CA ASN D 441 4.72 11.47 35.75
C ASN D 441 4.53 12.36 36.98
N THR D 442 3.43 12.16 37.73
CA THR D 442 3.21 12.94 38.94
C THR D 442 4.23 12.57 40.01
N ASN D 443 4.68 13.59 40.76
CA ASN D 443 5.65 13.35 41.82
C ASN D 443 5.07 12.46 42.92
N TYR D 444 3.81 12.70 43.29
CA TYR D 444 3.24 12.01 44.44
C TYR D 444 3.05 10.53 44.19
N CYS D 445 2.47 10.17 43.04
CA CYS D 445 2.17 8.77 42.76
C CYS D 445 3.45 7.99 42.49
N GLY D 446 3.51 6.78 43.02
CA GLY D 446 4.67 5.93 42.84
C GLY D 446 4.75 5.35 41.44
N THR D 447 5.36 4.18 41.35
CA THR D 447 5.54 3.50 40.08
C THR D 447 4.76 2.20 39.98
N VAL D 448 4.68 1.45 41.07
CA VAL D 448 4.00 0.16 41.09
C VAL D 448 2.57 0.36 41.54
N LYS D 449 1.65 -0.38 40.92
CA LYS D 449 0.23 -0.32 41.23
C LYS D 449 -0.17 -1.49 42.11
N LYS D 450 -1.14 -1.23 43.00
CA LYS D 450 -1.65 -2.25 43.91
C LYS D 450 -3.16 -2.31 43.77
N GLN D 451 -3.71 -3.51 43.97
CA GLN D 451 -5.14 -3.73 43.78
C GLN D 451 -5.88 -3.46 45.08
N THR D 452 -6.79 -2.50 45.06
CA THR D 452 -7.60 -2.13 46.21
C THR D 452 -8.99 -1.73 45.75
N ARG D 453 -9.93 -1.74 46.69
CA ARG D 453 -11.30 -1.35 46.40
C ARG D 453 -11.45 0.16 46.48
N TYR D 454 -12.19 0.75 45.53
CA TYR D 454 -12.33 2.20 45.46
C TYR D 454 -13.76 2.68 45.66
N GLY D 455 -14.72 1.79 45.81
CA GLY D 455 -16.09 2.18 46.09
C GLY D 455 -17.02 1.88 44.94
N GLU D 456 -18.26 2.33 45.08
CA GLU D 456 -19.28 2.06 44.08
C GLU D 456 -18.96 2.79 42.79
N GLY D 457 -19.12 2.09 41.67
CA GLY D 457 -18.87 2.65 40.36
C GLY D 457 -17.45 2.48 39.85
N ILE D 458 -16.50 2.17 40.73
CA ILE D 458 -15.14 1.90 40.34
C ILE D 458 -14.75 0.45 40.63
N GLY D 459 -15.09 -0.06 41.81
CA GLY D 459 -14.84 -1.44 42.12
C GLY D 459 -13.44 -1.69 42.63
N LYS D 460 -13.00 -2.94 42.51
CA LYS D 460 -11.67 -3.36 42.95
C LYS D 460 -10.72 -3.20 41.78
N GLN D 461 -9.83 -2.22 41.86
CA GLN D 461 -9.01 -1.84 40.72
C GLN D 461 -7.56 -1.66 41.13
N TYR D 462 -6.69 -1.63 40.13
CA TYR D 462 -5.26 -1.42 40.31
C TYR D 462 -4.98 0.07 40.28
N GLY D 463 -4.47 0.61 41.39
CA GLY D 463 -4.19 2.03 41.47
C GLY D 463 -2.89 2.28 42.21
N PHE D 464 -2.42 3.52 42.10
CA PHE D 464 -1.17 3.91 42.73
C PHE D 464 -1.40 4.25 44.20
N SER D 465 -0.31 4.24 44.96
CA SER D 465 -0.33 4.71 46.34
C SER D 465 0.28 6.11 46.36
N VAL D 466 -0.54 7.11 46.68
CA VAL D 466 -0.14 8.50 46.60
C VAL D 466 0.43 8.93 47.95
N ASP D 467 1.58 9.59 47.92
CA ASP D 467 2.24 10.12 49.12
C ASP D 467 2.43 11.61 48.93
N LEU D 468 1.90 12.40 49.85
CA LEU D 468 1.85 13.85 49.71
C LEU D 468 2.79 14.56 50.69
N ALA D 469 3.93 13.93 51.01
CA ALA D 469 4.89 14.57 51.89
C ALA D 469 5.45 15.84 51.27
N SER D 470 5.73 15.79 49.96
CA SER D 470 6.22 16.98 49.26
C SER D 470 5.23 18.11 49.30
N TYR D 471 3.94 17.81 49.46
CA TYR D 471 2.94 18.84 49.67
C TYR D 471 2.92 19.32 51.12
N TYR D 472 3.23 18.43 52.07
CA TYR D 472 3.32 18.84 53.47
C TYR D 472 4.46 19.83 53.67
N LYS D 473 5.59 19.60 53.00
CA LYS D 473 6.80 20.38 53.28
C LYS D 473 6.67 21.83 52.82
N ASN D 474 5.66 22.17 52.04
CA ASN D 474 5.48 23.54 51.59
C ASN D 474 4.54 24.30 52.53
N ASN E 15 41.41 8.41 -50.93
CA ASN E 15 41.07 7.03 -51.22
C ASN E 15 39.59 6.75 -50.94
N ASP E 16 39.05 5.73 -51.60
CA ASP E 16 37.68 5.31 -51.34
C ASP E 16 37.58 4.75 -49.92
N TRP E 17 36.50 5.13 -49.22
CA TRP E 17 36.37 4.74 -47.82
C TRP E 17 36.25 3.23 -47.67
N LYS E 18 35.78 2.53 -48.69
CA LYS E 18 35.66 1.07 -48.62
C LYS E 18 37.02 0.40 -48.49
N SER E 19 38.10 1.09 -48.83
CA SER E 19 39.44 0.54 -48.65
C SER E 19 39.94 0.65 -47.22
N GLN E 20 39.29 1.47 -46.39
CA GLN E 20 39.65 1.54 -44.98
C GLN E 20 39.17 0.34 -44.17
N LEU E 21 38.16 -0.38 -44.68
CA LEU E 21 37.58 -1.49 -43.94
C LEU E 21 38.63 -2.55 -43.65
N ARG E 22 38.68 -3.00 -42.40
CA ARG E 22 39.66 -3.99 -41.98
C ARG E 22 39.15 -5.37 -42.37
N ARG E 23 39.78 -5.96 -43.38
CA ARG E 23 39.34 -7.22 -43.95
C ARG E 23 40.28 -8.33 -43.53
N SER E 24 39.71 -9.47 -43.14
CA SER E 24 40.51 -10.61 -42.73
C SER E 24 41.41 -11.08 -43.86
N ALA E 25 42.72 -10.91 -43.71
CA ALA E 25 43.64 -11.20 -44.80
C ALA E 25 43.63 -12.68 -45.17
N THR E 26 43.33 -13.56 -44.23
CA THR E 26 43.32 -14.98 -44.52
C THR E 26 42.16 -15.36 -45.43
N THR E 27 40.96 -14.87 -45.12
CA THR E 27 39.74 -15.29 -45.82
C THR E 27 39.12 -14.19 -46.66
N GLN E 28 39.72 -12.99 -46.69
CA GLN E 28 39.24 -11.88 -47.51
C GLN E 28 37.80 -11.49 -47.19
N ALA E 29 37.38 -11.69 -45.94
CA ALA E 29 36.06 -11.32 -45.48
C ALA E 29 36.17 -10.26 -44.39
N LEU E 30 35.23 -9.32 -44.37
CA LEU E 30 35.24 -8.30 -43.34
C LEU E 30 34.97 -8.92 -41.98
N LYS E 31 35.70 -8.45 -40.97
CA LYS E 31 35.55 -8.94 -39.61
C LYS E 31 34.54 -8.08 -38.86
N LYS E 32 33.76 -8.73 -38.01
CA LYS E 32 32.69 -8.05 -37.26
C LYS E 32 33.30 -7.31 -36.07
N THR E 33 34.07 -6.27 -36.41
CA THR E 33 34.75 -5.45 -35.43
C THR E 33 34.10 -4.07 -35.38
N THR E 34 34.37 -3.34 -34.29
CA THR E 34 33.71 -2.06 -34.09
C THR E 34 34.19 -1.01 -35.08
N THR E 35 35.46 -1.08 -35.50
CA THR E 35 35.95 -0.09 -36.45
C THR E 35 35.25 -0.22 -37.79
N ASN E 36 34.98 -1.45 -38.24
CA ASN E 36 34.27 -1.62 -39.51
C ASN E 36 32.87 -1.04 -39.44
N ALA E 37 32.16 -1.30 -38.33
CA ALA E 37 30.82 -0.74 -38.18
C ALA E 37 30.86 0.78 -38.14
N GLU E 38 31.83 1.34 -37.41
CA GLU E 38 31.95 2.80 -37.35
C GLU E 38 32.23 3.40 -38.71
N ILE E 39 33.14 2.78 -39.46
CA ILE E 39 33.49 3.28 -40.79
C ILE E 39 32.27 3.23 -41.69
N ILE E 40 31.54 2.11 -41.65
CA ILE E 40 30.37 1.96 -42.51
C ILE E 40 29.31 2.99 -42.17
N LEU E 41 29.03 3.18 -40.88
CA LEU E 41 27.99 4.13 -40.49
C LEU E 41 28.41 5.57 -40.78
N CYS E 42 29.70 5.87 -40.65
CA CYS E 42 30.15 7.24 -40.91
C CYS E 42 30.30 7.53 -42.39
N ASN E 43 30.39 6.51 -43.24
CA ASN E 43 30.67 6.72 -44.66
C ASN E 43 29.63 6.05 -45.57
N ASP E 44 28.44 5.78 -45.08
CA ASP E 44 27.37 5.24 -45.91
C ASP E 44 26.28 6.29 -46.08
N GLU E 45 25.96 6.61 -47.34
CA GLU E 45 25.00 7.66 -47.62
C GLU E 45 23.64 7.37 -46.97
N SER E 46 23.25 6.10 -46.93
CA SER E 46 21.98 5.74 -46.31
C SER E 46 22.04 5.80 -44.79
N LEU E 47 23.24 5.87 -44.20
CA LEU E 47 23.39 5.86 -42.76
C LEU E 47 24.31 6.98 -42.28
N LYS E 48 24.63 7.95 -43.12
CA LYS E 48 25.56 9.01 -42.77
C LYS E 48 24.88 9.99 -41.82
N GLY E 49 25.23 9.92 -40.55
CA GLY E 49 24.78 10.89 -39.57
C GLY E 49 23.30 11.09 -39.31
N LEU E 50 22.57 9.99 -39.10
CA LEU E 50 21.15 10.06 -38.81
C LEU E 50 20.74 9.89 -37.35
N VAL E 51 21.67 10.02 -36.42
CA VAL E 51 21.36 9.93 -35.00
C VAL E 51 22.02 11.08 -34.25
N GLN E 52 21.46 11.39 -33.09
CA GLN E 52 22.01 12.37 -32.17
C GLN E 52 21.55 12.01 -30.77
N TYR E 53 22.17 12.62 -29.77
CA TYR E 53 21.91 12.28 -28.38
C TYR E 53 21.32 13.49 -27.66
N ASP E 54 20.12 13.33 -27.10
CA ASP E 54 19.46 14.39 -26.35
C ASP E 54 20.03 14.39 -24.93
N ALA E 55 20.75 15.45 -24.58
CA ALA E 55 21.39 15.50 -23.26
C ALA E 55 20.41 15.80 -22.14
N PHE E 56 19.23 16.34 -22.43
CA PHE E 56 18.27 16.61 -21.37
C PHE E 56 17.48 15.37 -21.01
N GLU E 57 16.72 14.84 -21.95
CA GLU E 57 16.13 13.51 -21.82
C GLU E 57 17.10 12.51 -22.44
N LYS E 58 17.64 11.62 -21.62
CA LYS E 58 18.79 10.83 -22.00
C LYS E 58 18.42 9.75 -23.02
N VAL E 59 18.15 10.17 -24.27
CA VAL E 59 17.72 9.24 -25.31
C VAL E 59 18.41 9.58 -26.63
N THR E 60 18.43 8.59 -27.52
CA THR E 60 18.94 8.77 -28.87
C THR E 60 17.79 9.12 -29.81
N LYS E 61 17.95 10.21 -30.55
CA LYS E 61 16.92 10.71 -31.44
C LYS E 61 17.46 10.76 -32.86
N LEU E 62 16.54 10.95 -33.81
CA LEU E 62 16.88 10.99 -35.23
C LEU E 62 17.24 12.40 -35.65
N LYS E 63 18.40 12.55 -36.29
CA LYS E 63 18.74 13.83 -36.91
C LYS E 63 17.94 14.06 -38.19
N ARG E 64 17.77 13.00 -38.98
CA ARG E 64 16.97 13.07 -40.19
C ARG E 64 16.15 11.79 -40.29
N LEU E 65 15.41 11.66 -41.40
CA LEU E 65 14.52 10.52 -41.58
C LEU E 65 15.19 9.45 -42.42
N PRO E 66 15.34 8.23 -41.92
CA PRO E 66 15.97 7.17 -42.72
C PRO E 66 15.09 6.77 -43.89
N TYR E 67 15.72 6.15 -44.88
CA TYR E 67 15.01 5.82 -46.12
C TYR E 67 13.96 4.73 -45.91
N TRP E 68 14.00 4.01 -44.79
CA TRP E 68 13.04 2.93 -44.55
C TRP E 68 11.82 3.39 -43.78
N ARG E 69 11.69 4.68 -43.50
CA ARG E 69 10.56 5.22 -42.75
C ARG E 69 9.65 6.00 -43.67
N SER E 70 8.35 5.95 -43.38
CA SER E 70 7.37 6.69 -44.16
C SER E 70 7.64 8.19 -44.06
N LYS E 71 7.39 8.90 -45.16
CA LYS E 71 7.74 10.32 -45.23
C LYS E 71 6.98 11.12 -44.18
N GLY E 72 5.69 10.86 -44.01
CA GLY E 72 4.92 11.51 -42.98
C GLY E 72 4.98 10.76 -41.66
N ASP E 73 6.16 10.77 -41.03
CA ASP E 73 6.38 9.96 -39.83
C ASP E 73 6.32 10.79 -38.55
N ALA E 74 7.12 11.85 -38.48
CA ALA E 74 7.14 12.79 -37.35
C ALA E 74 7.53 12.11 -36.03
N ASN E 75 8.06 10.90 -36.09
CA ASN E 75 8.58 10.22 -34.91
C ASN E 75 10.11 10.19 -35.03
N TYR E 76 10.78 10.79 -34.05
CA TYR E 76 12.22 10.94 -34.08
C TYR E 76 12.88 10.26 -32.89
N TYR E 77 12.44 9.04 -32.59
CA TYR E 77 13.06 8.21 -31.56
C TYR E 77 13.62 6.96 -32.25
N TRP E 78 14.90 6.70 -32.02
CA TRP E 78 15.54 5.54 -32.62
C TRP E 78 15.04 4.27 -31.92
N ALA E 79 14.35 3.42 -32.65
CA ALA E 79 13.71 2.23 -32.10
C ALA E 79 14.45 0.98 -32.55
N ASP E 80 13.95 -0.18 -32.11
CA ASP E 80 14.59 -1.44 -32.46
C ASP E 80 14.50 -1.73 -33.95
N ILE E 81 13.39 -1.35 -34.59
CA ILE E 81 13.24 -1.60 -36.02
C ILE E 81 14.27 -0.81 -36.81
N ASP E 82 14.69 0.34 -36.30
CA ASP E 82 15.76 1.08 -36.96
C ASP E 82 17.06 0.31 -36.94
N THR E 83 17.39 -0.29 -35.79
CA THR E 83 18.58 -1.14 -35.72
C THR E 83 18.46 -2.36 -36.62
N THR E 84 17.27 -2.95 -36.67
CA THR E 84 17.02 -4.06 -37.59
C THR E 84 17.34 -3.66 -39.02
N HIS E 85 16.84 -2.50 -39.44
CA HIS E 85 17.06 -2.06 -40.82
C HIS E 85 18.52 -1.71 -41.07
N VAL E 86 19.20 -1.14 -40.08
CA VAL E 86 20.63 -0.85 -40.23
C VAL E 86 21.42 -2.14 -40.42
N ILE E 87 21.14 -3.15 -39.58
CA ILE E 87 21.85 -4.42 -39.69
C ILE E 87 21.57 -5.06 -41.04
N SER E 88 20.31 -5.07 -41.46
CA SER E 88 19.95 -5.70 -42.72
C SER E 88 20.60 -4.99 -43.91
N HIS E 89 20.60 -3.66 -43.89
CA HIS E 89 21.20 -2.92 -45.00
C HIS E 89 22.71 -3.12 -45.05
N ILE E 90 23.38 -3.10 -43.89
CA ILE E 90 24.81 -3.33 -43.87
C ILE E 90 25.14 -4.72 -44.37
N ASP E 91 24.34 -5.71 -43.99
CA ASP E 91 24.57 -7.06 -44.49
C ASP E 91 24.32 -7.15 -45.98
N LYS E 92 23.28 -6.49 -46.48
CA LYS E 92 22.97 -6.55 -47.90
C LYS E 92 24.09 -5.93 -48.73
N LEU E 93 24.67 -4.84 -48.26
CA LEU E 93 25.70 -4.16 -49.04
C LEU E 93 27.08 -4.79 -48.86
N TYR E 94 27.44 -5.21 -47.64
CA TYR E 94 28.80 -5.63 -47.35
C TYR E 94 28.92 -7.01 -46.74
N ASN E 95 27.83 -7.79 -46.69
CA ASN E 95 27.77 -9.17 -46.16
C ASN E 95 28.68 -9.38 -44.95
N VAL E 96 28.43 -8.60 -43.90
CA VAL E 96 29.18 -8.68 -42.66
C VAL E 96 28.37 -9.34 -41.55
N GLN E 97 27.08 -9.01 -41.44
CA GLN E 97 26.20 -9.53 -40.39
C GLN E 97 26.72 -9.16 -39.00
N PHE E 98 26.70 -7.86 -38.74
CA PHE E 98 27.05 -7.37 -37.42
C PHE E 98 26.02 -7.83 -36.38
N SER E 99 26.47 -7.93 -35.15
CA SER E 99 25.59 -8.32 -34.06
C SER E 99 24.62 -7.19 -33.73
N ARG E 100 23.50 -7.56 -33.10
CA ARG E 100 22.54 -6.56 -32.65
C ARG E 100 23.15 -5.65 -31.59
N ASP E 101 23.86 -6.24 -30.62
CA ASP E 101 24.45 -5.44 -29.55
C ASP E 101 25.58 -4.57 -30.07
N LEU E 102 26.39 -5.09 -30.99
CA LEU E 102 27.46 -4.28 -31.56
C LEU E 102 26.91 -3.08 -32.32
N ILE E 103 25.85 -3.29 -33.10
CA ILE E 103 25.27 -2.19 -33.85
C ILE E 103 24.63 -1.18 -32.91
N ASP E 104 23.95 -1.64 -31.86
CA ASP E 104 23.43 -0.70 -30.86
C ASP E 104 24.54 0.11 -30.23
N THR E 105 25.66 -0.53 -29.90
CA THR E 105 26.79 0.17 -29.30
C THR E 105 27.34 1.23 -30.24
N VAL E 106 27.49 0.88 -31.53
CA VAL E 106 28.07 1.83 -32.48
C VAL E 106 27.10 2.98 -32.74
N ILE E 107 25.79 2.70 -32.81
CA ILE E 107 24.80 3.77 -32.94
C ILE E 107 24.85 4.69 -31.73
N GLU E 108 24.95 4.13 -30.53
CA GLU E 108 25.01 4.96 -29.33
C GLU E 108 26.26 5.83 -29.34
N LYS E 109 27.41 5.28 -29.75
CA LYS E 109 28.62 6.07 -29.81
C LYS E 109 28.53 7.16 -30.87
N GLU E 110 27.93 6.85 -32.02
CA GLU E 110 27.76 7.86 -33.07
C GLU E 110 26.83 8.97 -32.62
N ALA E 111 25.75 8.62 -31.92
CA ALA E 111 24.86 9.64 -31.38
C ALA E 111 25.56 10.51 -30.35
N TYR E 112 26.33 9.89 -29.45
CA TYR E 112 27.05 10.65 -28.45
C TYR E 112 28.09 11.56 -29.10
N GLN E 113 28.63 11.17 -30.26
CA GLN E 113 29.53 12.05 -30.98
C GLN E 113 28.81 13.29 -31.49
N ASN E 114 27.50 13.20 -31.70
CA ASN E 114 26.68 14.32 -32.15
C ASN E 114 25.66 14.72 -31.08
N ARG E 115 26.05 14.64 -29.82
CA ARG E 115 25.14 14.94 -28.73
C ARG E 115 24.77 16.42 -28.74
N PHE E 116 23.63 16.72 -28.13
CA PHE E 116 23.16 18.09 -28.07
C PHE E 116 22.29 18.25 -26.83
N HIS E 117 22.17 19.49 -26.36
CA HIS E 117 21.22 19.83 -25.31
C HIS E 117 20.10 20.63 -25.95
N PRO E 118 18.86 20.13 -25.94
CA PRO E 118 17.78 20.79 -26.69
C PRO E 118 17.47 22.19 -26.18
N ILE E 119 17.32 22.32 -24.86
CA ILE E 119 17.01 23.63 -24.28
C ILE E 119 18.18 24.58 -24.45
N LYS E 120 19.41 24.13 -24.19
CA LYS E 120 20.56 24.98 -24.41
C LYS E 120 20.70 25.37 -25.88
N SER E 121 20.34 24.46 -26.79
CA SER E 121 20.36 24.80 -28.21
C SER E 121 19.33 25.87 -28.53
N MET E 122 18.13 25.77 -27.93
CA MET E 122 17.09 26.76 -28.20
C MET E 122 17.45 28.13 -27.63
N ILE E 123 18.04 28.16 -26.42
CA ILE E 123 18.28 29.43 -25.74
C ILE E 123 19.24 30.31 -26.54
N GLU E 124 20.34 29.72 -27.02
CA GLU E 124 21.32 30.46 -27.80
C GLU E 124 21.21 30.17 -29.29
N SER E 125 20.04 29.70 -29.75
CA SER E 125 19.83 29.52 -31.17
C SER E 125 19.95 30.85 -31.92
N LYS E 126 19.38 31.91 -31.37
CA LYS E 126 19.47 33.25 -31.94
C LYS E 126 19.83 34.22 -30.84
N SER E 127 20.74 35.15 -31.15
CA SER E 127 21.13 36.16 -30.19
C SER E 127 19.94 37.03 -29.81
N TRP E 128 20.09 37.76 -28.71
CA TRP E 128 18.99 38.52 -28.13
C TRP E 128 19.04 39.97 -28.62
N ASP E 129 17.99 40.39 -29.32
CA ASP E 129 17.82 41.80 -29.65
C ASP E 129 17.27 42.55 -28.45
N GLY E 130 17.70 43.81 -28.30
CA GLY E 130 17.36 44.57 -27.12
C GLY E 130 15.93 45.05 -27.10
N ILE E 131 14.98 44.14 -26.89
CA ILE E 131 13.56 44.46 -26.87
C ILE E 131 13.02 44.60 -25.45
N LYS E 132 13.67 43.99 -24.46
CA LYS E 132 13.30 44.12 -23.05
C LYS E 132 11.89 43.57 -22.80
N ARG E 133 11.70 42.30 -23.13
CA ARG E 133 10.40 41.66 -22.95
C ARG E 133 10.37 40.66 -21.80
N ILE E 134 11.42 40.60 -20.98
CA ILE E 134 11.43 39.62 -19.90
C ILE E 134 10.70 40.13 -18.68
N GLU E 135 10.84 41.42 -18.37
CA GLU E 135 10.30 41.97 -17.14
C GLU E 135 8.79 42.16 -17.18
N THR E 136 8.18 42.10 -18.35
CA THR E 136 6.75 42.32 -18.50
C THR E 136 6.01 41.09 -18.99
N LEU E 137 6.63 39.91 -18.90
CA LEU E 137 6.06 38.69 -19.48
C LEU E 137 4.62 38.51 -19.03
N PHE E 138 4.40 38.35 -17.73
CA PHE E 138 3.05 38.23 -17.18
C PHE E 138 2.29 39.54 -17.18
N ILE E 139 2.99 40.67 -17.32
CA ILE E 139 2.32 41.96 -17.22
C ILE E 139 1.44 42.21 -18.44
N ASP E 140 1.96 41.95 -19.64
CA ASP E 140 1.23 42.23 -20.86
C ASP E 140 0.73 40.97 -21.57
N TYR E 141 0.90 39.80 -20.96
CA TYR E 141 0.31 38.57 -21.47
C TYR E 141 -0.75 37.99 -20.56
N LEU E 142 -0.69 38.24 -19.25
CA LEU E 142 -1.73 37.82 -18.33
C LEU E 142 -2.40 38.98 -17.62
N GLY E 143 -1.97 40.21 -17.86
CA GLY E 143 -2.66 41.37 -17.34
C GLY E 143 -2.33 41.75 -15.91
N ALA E 144 -1.27 41.19 -15.33
CA ALA E 144 -0.88 41.59 -13.99
C ALA E 144 -0.49 43.07 -13.97
N GLU E 145 -0.59 43.68 -12.79
CA GLU E 145 -0.30 45.09 -12.66
C GLU E 145 1.18 45.37 -12.92
N ASP E 146 1.47 46.59 -13.33
CA ASP E 146 2.84 46.99 -13.66
C ASP E 146 3.61 47.46 -12.43
N ASN E 147 3.61 46.63 -11.39
CA ASN E 147 4.37 46.93 -10.19
C ASN E 147 5.85 46.61 -10.41
N HIS E 148 6.69 47.17 -9.53
CA HIS E 148 8.09 46.79 -9.53
C HIS E 148 8.27 45.35 -9.07
N TYR E 149 7.42 44.91 -8.14
CA TYR E 149 7.48 43.54 -7.65
C TYR E 149 7.25 42.54 -8.77
N ASN E 150 6.24 42.79 -9.61
CA ASN E 150 5.92 41.85 -10.68
C ASN E 150 7.07 41.74 -11.67
N ARG E 151 7.60 42.87 -12.12
CA ARG E 151 8.71 42.86 -13.06
C ARG E 151 9.92 42.14 -12.47
N GLU E 152 10.27 42.47 -11.22
CA GLU E 152 11.44 41.86 -10.62
C GLU E 152 11.25 40.35 -10.47
N VAL E 153 10.07 39.91 -10.03
CA VAL E 153 9.89 38.49 -9.78
C VAL E 153 9.89 37.70 -11.08
N THR E 154 9.25 38.24 -12.14
CA THR E 154 9.24 37.47 -13.39
C THR E 154 10.61 37.45 -14.05
N LYS E 155 11.36 38.57 -13.98
CA LYS E 155 12.70 38.59 -14.51
C LYS E 155 13.59 37.59 -13.78
N LYS E 156 13.54 37.59 -12.44
CA LYS E 156 14.35 36.66 -11.68
C LYS E 156 13.91 35.22 -11.90
N TRP E 157 12.62 34.99 -12.17
CA TRP E 157 12.16 33.64 -12.44
C TRP E 157 12.73 33.12 -13.75
N MET E 158 12.71 33.94 -14.80
CA MET E 158 13.30 33.49 -16.06
C MET E 158 14.81 33.32 -15.94
N MET E 159 15.48 34.21 -15.22
CA MET E 159 16.90 34.04 -14.97
C MET E 159 17.18 32.75 -14.23
N GLY E 160 16.33 32.41 -13.25
CA GLY E 160 16.50 31.17 -12.52
C GLY E 160 16.26 29.95 -13.39
N ALA E 161 15.31 30.03 -14.31
CA ALA E 161 15.09 28.93 -15.25
C ALA E 161 16.34 28.69 -16.11
N VAL E 162 16.90 29.77 -16.65
CA VAL E 162 18.10 29.63 -17.47
C VAL E 162 19.26 29.13 -16.62
N ALA E 163 19.36 29.59 -15.38
CA ALA E 163 20.41 29.13 -14.48
C ALA E 163 20.29 27.64 -14.24
N ARG E 164 19.09 27.17 -13.89
CA ARG E 164 18.91 25.76 -13.58
C ARG E 164 19.10 24.88 -14.79
N ILE E 165 18.86 25.41 -15.99
CA ILE E 165 19.18 24.59 -17.16
C ILE E 165 20.67 24.66 -17.49
N TYR E 166 21.37 25.69 -17.02
CA TYR E 166 22.82 25.80 -17.21
C TYR E 166 23.63 25.30 -16.02
N GLN E 167 23.28 25.74 -14.81
CA GLN E 167 23.92 25.29 -13.58
C GLN E 167 22.91 24.44 -12.81
N PRO E 168 22.89 23.13 -13.00
CA PRO E 168 21.81 22.31 -12.41
C PRO E 168 21.71 22.42 -10.90
N GLY E 169 22.81 22.63 -10.20
CA GLY E 169 22.74 22.67 -8.76
C GLY E 169 22.41 24.00 -8.15
N ILE E 170 22.16 25.04 -8.95
CA ILE E 170 21.96 26.38 -8.42
C ILE E 170 20.79 26.38 -7.43
N LYS E 171 20.88 27.24 -6.43
CA LYS E 171 19.88 27.32 -5.39
C LYS E 171 18.84 28.38 -5.76
N TYR E 172 17.62 27.93 -6.05
CA TYR E 172 16.53 28.83 -6.42
C TYR E 172 15.28 28.35 -5.67
N ASP E 173 15.06 28.92 -4.50
CA ASP E 173 13.94 28.51 -3.66
C ASP E 173 12.60 29.01 -4.17
N SER E 174 12.60 30.03 -5.01
CA SER E 174 11.36 30.68 -5.42
C SER E 174 10.56 29.82 -6.40
N MET E 175 9.25 30.08 -6.43
CA MET E 175 8.38 29.58 -7.47
C MET E 175 7.21 30.55 -7.59
N ILE E 176 6.84 30.88 -8.82
CA ILE E 176 5.82 31.88 -9.08
C ILE E 176 4.45 31.23 -9.07
N ILE E 177 3.51 31.80 -8.32
CA ILE E 177 2.12 31.36 -8.31
C ILE E 177 1.30 32.41 -9.03
N LEU E 178 0.63 32.01 -10.09
CA LEU E 178 -0.23 32.90 -10.87
C LEU E 178 -1.67 32.71 -10.41
N TYR E 179 -2.18 33.70 -9.71
CA TYR E 179 -3.58 33.71 -9.29
C TYR E 179 -4.37 34.56 -10.28
N GLY E 180 -5.51 34.04 -10.72
CA GLY E 180 -6.33 34.80 -11.64
C GLY E 180 -7.59 34.04 -11.99
N GLY E 181 -8.40 34.66 -12.85
CA GLY E 181 -9.62 34.05 -13.30
C GLY E 181 -9.38 32.76 -14.06
N GLN E 182 -10.46 32.13 -14.53
CA GLN E 182 -10.34 30.84 -15.20
C GLN E 182 -10.18 30.98 -16.71
N GLY E 183 -10.07 32.21 -17.21
CA GLY E 183 -9.90 32.41 -18.64
C GLY E 183 -8.74 33.32 -19.00
N VAL E 184 -7.90 33.67 -18.01
CA VAL E 184 -6.79 34.55 -18.29
C VAL E 184 -5.69 33.86 -19.08
N GLY E 185 -5.67 32.53 -19.10
CA GLY E 185 -4.67 31.80 -19.85
C GLY E 185 -3.35 31.65 -19.13
N LYS E 186 -3.40 31.29 -17.84
CA LYS E 186 -2.17 31.02 -17.11
C LYS E 186 -1.50 29.75 -17.62
N SER E 187 -2.27 28.66 -17.73
CA SER E 187 -1.70 27.40 -18.20
C SER E 187 -1.19 27.53 -19.63
N THR E 188 -1.91 28.29 -20.46
CA THR E 188 -1.48 28.47 -21.84
C THR E 188 -0.15 29.21 -21.93
N ALA E 189 -0.01 30.30 -21.17
CA ALA E 189 1.24 31.03 -21.16
C ALA E 189 2.37 30.18 -20.63
N VAL E 190 2.11 29.41 -19.57
CA VAL E 190 3.15 28.55 -19.01
C VAL E 190 3.57 27.49 -20.02
N SER E 191 2.60 26.89 -20.72
CA SER E 191 2.93 25.87 -21.72
C SER E 191 3.72 26.47 -22.87
N LYS E 192 3.35 27.67 -23.33
CA LYS E 192 4.11 28.32 -24.39
C LYS E 192 5.54 28.61 -23.94
N LEU E 193 5.71 29.02 -22.69
CA LEU E 193 7.05 29.24 -22.16
C LEU E 193 7.84 27.94 -22.14
N GLY E 194 7.24 26.87 -21.61
CA GLY E 194 7.96 25.61 -21.46
C GLY E 194 8.34 24.97 -22.78
N GLY E 195 7.40 24.94 -23.73
CA GLY E 195 7.65 24.23 -24.97
C GLY E 195 7.49 22.74 -24.80
N HIS E 196 8.33 21.96 -25.48
CA HIS E 196 8.24 20.48 -25.40
C HIS E 196 8.59 20.01 -23.99
N TRP E 197 9.09 20.90 -23.14
CA TRP E 197 9.56 20.49 -21.79
C TRP E 197 8.58 20.90 -20.69
N TYR E 198 7.40 21.40 -21.06
CA TYR E 198 6.36 21.75 -20.06
C TYR E 198 5.81 20.48 -19.40
N ASN E 199 5.58 20.51 -18.09
CA ASN E 199 5.04 19.32 -17.37
C ASN E 199 3.85 19.71 -16.49
N GLN E 200 2.72 19.00 -16.61
CA GLN E 200 1.56 19.25 -15.71
C GLN E 200 1.30 17.97 -14.89
N SER E 201 2.20 16.98 -14.98
CA SER E 201 2.00 15.67 -14.31
C SER E 201 1.97 15.77 -12.77
N ILE E 202 2.77 16.65 -12.18
CA ILE E 202 2.86 16.69 -10.68
C ILE E 202 1.48 16.93 -10.06
N LYS E 203 1.13 16.13 -9.04
CA LYS E 203 -0.19 16.26 -8.36
C LYS E 203 0.00 16.18 -6.84
N THR E 204 1.15 15.67 -6.37
CA THR E 204 1.44 15.64 -4.94
C THR E 204 2.95 15.65 -4.74
N PHE E 205 3.36 16.06 -3.55
CA PHE E 205 4.78 16.14 -3.20
C PHE E 205 5.24 15.02 -2.28
N LYS E 206 4.49 13.93 -2.21
CA LYS E 206 4.77 12.86 -1.26
C LYS E 206 5.31 11.65 -2.01
N GLY E 207 6.46 11.14 -1.58
CA GLY E 207 7.08 9.98 -2.17
C GLY E 207 8.12 10.34 -3.21
N ASP E 208 8.74 9.30 -3.76
CA ASP E 208 9.73 9.45 -4.82
C ASP E 208 9.10 9.54 -6.20
N GLU E 209 7.79 9.31 -6.32
CA GLU E 209 7.14 9.40 -7.61
C GLU E 209 7.21 10.82 -8.18
N VAL E 210 7.14 11.83 -7.32
CA VAL E 210 7.26 13.21 -7.80
C VAL E 210 8.66 13.47 -8.35
N TYR E 211 9.69 12.98 -7.65
CA TYR E 211 11.05 13.12 -8.16
C TYR E 211 11.22 12.40 -9.49
N LYS E 212 10.53 11.27 -9.65
CA LYS E 212 10.65 10.47 -10.91
C LYS E 212 9.89 11.17 -12.04
N LYS E 213 8.89 11.99 -11.71
CA LYS E 213 8.13 12.75 -12.74
C LYS E 213 8.78 14.12 -12.94
N LEU E 214 9.86 14.41 -12.22
CA LEU E 214 10.49 15.75 -12.26
C LEU E 214 11.83 15.67 -13.01
N GLN E 215 12.11 14.56 -13.70
CA GLN E 215 13.44 14.45 -14.29
C GLN E 215 13.55 15.07 -15.68
N GLY E 216 12.67 14.67 -16.61
CA GLY E 216 12.79 15.16 -17.99
C GLY E 216 12.01 16.45 -18.24
N SER E 217 11.68 17.21 -17.18
CA SER E 217 10.83 18.41 -17.36
C SER E 217 11.57 19.69 -16.96
N TRP E 218 11.77 20.61 -17.89
CA TRP E 218 12.40 21.93 -17.55
C TRP E 218 11.44 22.77 -16.70
N ILE E 219 10.16 22.80 -17.06
CA ILE E 219 9.18 23.65 -16.32
C ILE E 219 8.05 22.75 -15.82
N CYS E 220 7.74 22.83 -14.52
CA CYS E 220 6.68 21.98 -13.93
C CYS E 220 5.55 22.87 -13.42
N GLU E 221 4.30 22.55 -13.76
CA GLU E 221 3.17 23.42 -13.36
C GLU E 221 2.34 22.75 -12.26
N ILE E 222 2.12 23.45 -11.15
CA ILE E 222 1.25 22.90 -10.07
C ILE E 222 -0.18 23.29 -10.43
N GLU E 223 -0.89 22.42 -11.16
CA GLU E 223 -2.24 22.70 -11.63
C GLU E 223 -3.16 22.95 -10.44
N GLU E 224 -3.78 24.13 -10.41
CA GLU E 224 -4.73 24.53 -9.37
C GLU E 224 -4.15 24.35 -7.96
N LEU E 225 -2.83 24.26 -7.88
CA LEU E 225 -2.13 24.05 -6.61
C LEU E 225 -2.68 22.83 -5.87
N SER E 226 -3.09 21.82 -6.64
CA SER E 226 -3.71 20.63 -6.05
C SER E 226 -2.77 19.96 -5.06
N ALA E 227 -1.49 19.86 -5.40
CA ALA E 227 -0.51 19.27 -4.48
C ALA E 227 -0.50 20.02 -3.15
N PHE E 228 -0.63 21.35 -3.19
CA PHE E 228 -0.64 22.13 -1.96
C PHE E 228 -1.78 21.71 -1.04
N GLN E 229 -2.89 21.24 -1.62
CA GLN E 229 -4.00 20.75 -0.82
C GLN E 229 -3.72 19.36 -0.27
N LYS E 230 -2.96 18.54 -0.98
CA LYS E 230 -2.75 17.15 -0.58
C LYS E 230 -1.50 16.95 0.25
N SER E 231 -0.74 18.00 0.54
CA SER E 231 0.52 17.87 1.26
C SER E 231 0.58 18.85 2.41
N THR E 232 1.42 18.53 3.39
CA THR E 232 1.61 19.37 4.55
C THR E 232 2.46 20.59 4.20
N ILE E 233 2.46 21.57 5.12
CA ILE E 233 3.27 22.76 4.92
C ILE E 233 4.75 22.41 4.86
N GLU E 234 5.19 21.55 5.79
CA GLU E 234 6.58 21.15 5.82
C GLU E 234 6.99 20.42 4.55
N ASP E 235 6.10 19.57 4.04
CA ASP E 235 6.43 18.80 2.84
C ASP E 235 6.63 19.70 1.63
N ILE E 236 5.70 20.63 1.41
CA ILE E 236 5.81 21.52 0.26
C ILE E 236 7.01 22.47 0.42
N LYS E 237 7.25 22.94 1.64
CA LYS E 237 8.39 23.81 1.88
C LYS E 237 9.70 23.09 1.60
N GLY E 238 9.81 21.83 2.04
CA GLY E 238 11.02 21.07 1.76
C GLY E 238 11.19 20.74 0.30
N PHE E 239 10.09 20.41 -0.39
CA PHE E 239 10.18 20.00 -1.78
C PHE E 239 10.51 21.18 -2.69
N ILE E 240 9.91 22.34 -2.43
CA ILE E 240 10.09 23.48 -3.34
C ILE E 240 11.52 23.99 -3.30
N SER E 241 12.12 24.04 -2.12
CA SER E 241 13.43 24.66 -1.92
C SER E 241 14.54 23.60 -1.81
N ALA E 242 14.44 22.53 -2.58
CA ALA E 242 15.42 21.46 -2.57
C ALA E 242 16.33 21.61 -3.78
N ILE E 243 17.65 21.50 -3.53
CA ILE E 243 18.61 21.70 -4.61
C ILE E 243 18.95 20.38 -5.29
N VAL E 244 18.86 19.27 -4.56
CA VAL E 244 19.18 17.96 -5.10
C VAL E 244 18.06 16.99 -4.76
N ASP E 245 17.98 15.91 -5.53
CA ASP E 245 17.04 14.83 -5.30
C ASP E 245 17.85 13.54 -5.26
N ILE E 246 17.97 12.95 -4.08
CA ILE E 246 18.69 11.70 -3.90
C ILE E 246 17.65 10.60 -3.81
N TYR E 247 17.53 9.80 -4.87
CA TYR E 247 16.52 8.76 -4.89
C TYR E 247 16.95 7.65 -5.84
N ARG E 248 16.24 6.52 -5.74
CA ARG E 248 16.53 5.37 -6.59
C ARG E 248 15.61 5.40 -7.81
N ALA E 249 16.18 5.09 -8.97
CA ALA E 249 15.42 5.06 -10.21
C ALA E 249 14.27 4.05 -10.09
N SER E 250 13.38 4.08 -11.09
CA SER E 250 12.18 3.25 -11.05
C SER E 250 12.52 1.79 -10.81
N TYR E 251 13.44 1.23 -11.61
CA TYR E 251 13.91 -0.13 -11.43
C TYR E 251 15.42 -0.19 -11.21
N GLY E 252 15.99 0.87 -10.65
CA GLY E 252 17.44 0.93 -10.47
C GLY E 252 17.91 0.11 -9.28
N LYS E 253 19.24 -0.04 -9.21
CA LYS E 253 19.86 -0.80 -8.14
C LYS E 253 20.24 0.06 -6.94
N ARG E 254 20.79 1.25 -7.17
CA ARG E 254 21.31 2.10 -6.10
C ARG E 254 20.68 3.48 -6.22
N THR E 255 20.77 4.24 -5.11
CA THR E 255 20.21 5.59 -5.07
C THR E 255 21.20 6.57 -5.69
N GLU E 256 20.74 7.32 -6.68
CA GLU E 256 21.55 8.30 -7.37
C GLU E 256 21.08 9.71 -7.07
N ARG E 257 21.95 10.67 -7.39
CA ARG E 257 21.81 12.08 -7.04
C ARG E 257 21.52 12.89 -8.30
N HIS E 258 20.39 13.59 -8.31
CA HIS E 258 20.03 14.44 -9.44
C HIS E 258 19.94 15.90 -8.99
N PRO E 259 20.81 16.79 -9.46
CA PRO E 259 20.60 18.22 -9.20
C PRO E 259 19.28 18.70 -9.80
N ARG E 260 18.67 19.69 -9.15
CA ARG E 260 17.33 20.13 -9.51
C ARG E 260 17.41 20.99 -10.77
N GLN E 261 16.89 20.46 -11.89
CA GLN E 261 17.00 21.09 -13.18
C GLN E 261 15.67 21.68 -13.66
N CYS E 262 14.74 21.93 -12.74
CA CYS E 262 13.41 22.39 -13.10
C CYS E 262 13.02 23.59 -12.25
N VAL E 263 12.17 24.44 -12.82
CA VAL E 263 11.59 25.57 -12.11
C VAL E 263 10.09 25.36 -12.03
N PHE E 264 9.52 25.66 -10.87
CA PHE E 264 8.11 25.43 -10.60
C PHE E 264 7.33 26.72 -10.80
N VAL E 265 6.22 26.62 -11.53
CA VAL E 265 5.23 27.67 -11.61
C VAL E 265 3.87 27.05 -11.33
N GLY E 266 3.11 27.67 -10.45
CA GLY E 266 1.81 27.14 -10.11
C GLY E 266 0.70 28.04 -10.59
N THR E 267 -0.48 27.49 -10.83
CA THR E 267 -1.61 28.29 -11.30
C THR E 267 -2.80 28.07 -10.39
N THR E 268 -3.57 29.13 -10.15
CA THR E 268 -4.71 29.00 -9.26
C THR E 268 -5.70 30.14 -9.48
N ASN E 269 -6.91 29.93 -8.98
CA ASN E 269 -7.93 30.97 -8.93
C ASN E 269 -8.39 31.27 -7.51
N ASN E 270 -7.84 30.58 -6.51
CA ASN E 270 -8.11 30.90 -5.12
C ASN E 270 -7.26 32.09 -4.68
N TYR E 271 -7.86 32.98 -3.89
CA TYR E 271 -7.10 34.10 -3.37
C TYR E 271 -6.29 33.75 -2.13
N GLU E 272 -6.57 32.61 -1.51
CA GLU E 272 -5.85 32.15 -0.31
C GLU E 272 -5.38 30.72 -0.55
N PHE E 273 -4.16 30.59 -1.04
CA PHE E 273 -3.57 29.29 -1.31
C PHE E 273 -2.38 28.96 -0.41
N LEU E 274 -1.85 29.95 0.31
CA LEU E 274 -0.67 29.76 1.14
C LEU E 274 -1.11 29.33 2.52
N LYS E 275 -0.99 28.03 2.82
CA LYS E 275 -1.46 27.48 4.09
C LYS E 275 -0.55 27.87 5.24
N ASP E 276 0.74 28.06 5.00
CA ASP E 276 1.67 28.38 6.07
C ASP E 276 1.34 29.75 6.64
N GLN E 277 1.35 29.85 7.98
CA GLN E 277 1.05 31.10 8.66
C GLN E 277 2.30 31.81 9.16
N THR E 278 3.43 31.12 9.24
CA THR E 278 4.70 31.71 9.65
C THR E 278 5.57 32.00 8.42
N GLY E 279 5.11 32.92 7.58
CA GLY E 279 5.87 33.32 6.42
C GLY E 279 5.84 32.34 5.27
N ASN E 280 5.91 32.85 4.05
CA ASN E 280 5.80 32.06 2.82
C ASN E 280 6.85 32.50 1.82
N ARG E 281 8.12 32.58 2.26
CA ARG E 281 9.15 33.20 1.44
C ARG E 281 9.42 32.44 0.15
N ARG E 282 9.07 31.15 0.06
CA ARG E 282 9.26 30.43 -1.20
C ARG E 282 8.40 31.01 -2.31
N PHE E 283 7.11 31.17 -2.04
CA PHE E 283 6.11 31.37 -3.07
C PHE E 283 5.86 32.86 -3.31
N PHE E 284 5.94 33.26 -4.57
CA PHE E 284 5.69 34.65 -4.95
C PHE E 284 4.41 34.73 -5.77
N PRO E 285 3.31 35.18 -5.19
CA PRO E 285 2.04 35.20 -5.93
C PRO E 285 1.95 36.40 -6.85
N ILE E 286 1.56 36.15 -8.09
CA ILE E 286 1.30 37.20 -9.07
C ILE E 286 -0.18 37.15 -9.41
N THR E 287 -0.87 38.26 -9.18
CA THR E 287 -2.30 38.34 -9.46
C THR E 287 -2.50 38.78 -10.90
N THR E 288 -3.13 37.92 -11.69
CA THR E 288 -3.32 38.16 -13.12
C THR E 288 -4.75 38.63 -13.37
N ASP E 289 -4.88 39.72 -14.13
CA ASP E 289 -6.17 40.33 -14.43
C ASP E 289 -6.48 40.15 -15.90
N LYS E 290 -7.61 39.53 -16.20
CA LYS E 290 -8.07 39.52 -17.58
C LYS E 290 -8.55 40.91 -17.98
N ASN E 291 -8.68 41.13 -19.29
CA ASN E 291 -9.05 42.39 -19.91
C ASN E 291 -7.99 43.47 -19.72
N LYS E 292 -6.89 43.16 -19.02
CA LYS E 292 -5.73 44.04 -18.94
C LYS E 292 -4.52 43.45 -19.65
N ALA E 293 -4.70 42.33 -20.34
CA ALA E 293 -3.61 41.69 -21.06
C ALA E 293 -3.49 42.37 -22.43
N THR E 294 -2.41 43.13 -22.61
CA THR E 294 -2.19 43.82 -23.89
C THR E 294 -2.04 42.82 -25.03
N LYS E 295 -1.30 41.74 -24.80
CA LYS E 295 -1.06 40.71 -25.80
C LYS E 295 -1.68 39.41 -25.31
N SER E 296 -2.41 38.73 -26.18
CA SER E 296 -3.06 37.49 -25.82
C SER E 296 -2.03 36.35 -25.79
N PRO E 297 -1.95 35.58 -24.71
CA PRO E 297 -0.99 34.46 -24.67
C PRO E 297 -1.39 33.30 -25.55
N PHE E 298 -2.53 33.38 -26.23
CA PHE E 298 -2.98 32.29 -27.09
C PHE E 298 -2.44 32.41 -28.50
N ASP E 299 -2.26 33.64 -28.99
CA ASP E 299 -1.80 33.86 -30.35
C ASP E 299 -0.54 34.70 -30.47
N ASP E 300 -0.03 35.28 -29.37
CA ASP E 300 1.13 36.15 -29.43
C ASP E 300 2.38 35.53 -28.83
N LEU E 301 2.25 34.48 -28.01
CA LEU E 301 3.41 33.71 -27.56
C LEU E 301 3.67 32.60 -28.57
N THR E 302 4.74 32.76 -29.33
CA THR E 302 5.19 31.79 -30.31
C THR E 302 6.63 31.43 -29.99
N PRO E 303 7.09 30.24 -30.39
CA PRO E 303 8.45 29.80 -30.07
C PRO E 303 9.53 30.85 -30.27
N VAL E 304 9.35 31.73 -31.25
CA VAL E 304 10.30 32.82 -31.45
C VAL E 304 10.29 33.76 -30.26
N VAL E 305 9.11 34.12 -29.77
CA VAL E 305 9.01 35.09 -28.70
C VAL E 305 9.57 34.52 -27.39
N VAL E 306 9.23 33.27 -27.08
CA VAL E 306 9.75 32.65 -25.87
C VAL E 306 11.25 32.43 -25.99
N GLN E 307 11.74 32.11 -27.20
CA GLN E 307 13.18 31.98 -27.39
C GLN E 307 13.88 33.30 -27.13
N GLN E 308 13.29 34.42 -27.59
CA GLN E 308 13.88 35.72 -27.32
C GLN E 308 13.87 36.04 -25.83
N MET E 309 12.77 35.71 -25.14
CA MET E 309 12.73 35.90 -23.70
C MET E 309 13.83 35.11 -22.99
N PHE E 310 14.03 33.86 -23.39
CA PHE E 310 15.04 33.05 -22.74
C PHE E 310 16.45 33.49 -23.11
N ALA E 311 16.65 34.03 -24.31
CA ALA E 311 17.95 34.61 -24.64
C ALA E 311 18.23 35.82 -23.77
N GLU E 312 17.22 36.67 -23.55
CA GLU E 312 17.39 37.80 -22.66
C GLU E 312 17.72 37.35 -21.24
N ALA E 313 17.02 36.32 -20.76
CA ALA E 313 17.32 35.78 -19.43
C ALA E 313 18.72 35.21 -19.38
N ARG E 314 19.17 34.56 -20.45
CA ARG E 314 20.53 34.04 -20.52
C ARG E 314 21.55 35.18 -20.40
N VAL E 315 21.31 36.28 -21.10
CA VAL E 315 22.22 37.42 -21.02
C VAL E 315 22.27 37.95 -19.58
N TYR E 316 21.10 38.16 -18.97
CA TYR E 316 21.06 38.70 -17.63
C TYR E 316 21.75 37.78 -16.63
N PHE E 317 21.55 36.47 -16.77
CA PHE E 317 22.19 35.53 -15.85
C PHE E 317 23.69 35.48 -16.08
N ASP E 318 24.13 35.55 -17.33
CA ASP E 318 25.56 35.54 -17.62
C ASP E 318 26.25 36.82 -17.17
N GLU E 319 25.49 37.89 -16.94
CA GLU E 319 26.10 39.08 -16.32
C GLU E 319 26.66 38.74 -14.94
N ASN E 320 25.96 37.91 -14.17
CA ASN E 320 26.43 37.48 -12.87
C ASN E 320 25.97 36.04 -12.64
N PRO E 321 26.79 35.06 -13.00
CA PRO E 321 26.36 33.64 -12.95
C PRO E 321 26.46 33.04 -11.55
N THR E 322 25.68 33.58 -10.62
CA THR E 322 25.64 33.08 -9.26
C THR E 322 24.22 33.14 -8.73
N ASP E 323 23.95 32.32 -7.72
CA ASP E 323 22.60 32.27 -7.14
C ASP E 323 22.20 33.58 -6.48
N LYS E 324 23.18 34.42 -6.12
CA LYS E 324 22.84 35.71 -5.53
C LYS E 324 22.11 36.61 -6.52
N ALA E 325 22.40 36.47 -7.81
CA ALA E 325 21.73 37.27 -8.83
C ALA E 325 20.28 36.87 -9.03
N LEU E 326 19.84 35.77 -8.44
CA LEU E 326 18.48 35.27 -8.61
C LEU E 326 17.52 35.78 -7.54
N LEU E 327 18.00 36.54 -6.56
CA LEU E 327 17.15 37.06 -5.50
C LEU E 327 16.55 38.39 -5.89
N LEU E 328 15.43 38.72 -5.26
CA LEU E 328 14.72 39.95 -5.56
C LEU E 328 15.47 41.16 -5.02
N ASP E 329 15.13 42.33 -5.57
CA ASP E 329 15.67 43.59 -5.09
C ASP E 329 15.14 43.88 -3.68
N LYS E 330 15.78 44.82 -3.00
CA LYS E 330 15.40 45.14 -1.63
C LYS E 330 13.95 45.63 -1.57
N GLU E 331 13.58 46.59 -2.42
CA GLU E 331 12.21 47.06 -2.44
C GLU E 331 11.28 46.00 -3.03
N ALA E 332 11.77 45.22 -3.99
CA ALA E 332 10.97 44.12 -4.52
C ALA E 332 10.69 43.08 -3.45
N SER E 333 11.70 42.77 -2.63
CA SER E 333 11.49 41.83 -1.54
C SER E 333 10.57 42.40 -0.47
N GLU E 334 10.67 43.71 -0.22
CA GLU E 334 9.76 44.37 0.72
C GLU E 334 8.31 44.25 0.25
N MET E 335 8.06 44.50 -1.02
CA MET E 335 6.71 44.31 -1.55
C MET E 335 6.32 42.84 -1.55
N ALA E 336 7.30 41.94 -1.74
CA ALA E 336 7.02 40.51 -1.73
C ALA E 336 6.52 40.05 -0.37
N LEU E 337 7.09 40.60 0.70
CA LEU E 337 6.62 40.28 2.04
C LEU E 337 5.13 40.60 2.18
N LYS E 338 4.74 41.82 1.77
CA LYS E 338 3.34 42.21 1.88
C LYS E 338 2.45 41.33 1.02
N VAL E 339 2.89 41.02 -0.20
CA VAL E 339 2.05 40.21 -1.10
C VAL E 339 1.87 38.80 -0.54
N GLN E 340 2.96 38.19 -0.07
CA GLN E 340 2.87 36.85 0.50
C GLN E 340 1.99 36.84 1.75
N GLU E 341 2.10 37.87 2.59
CA GLU E 341 1.24 37.93 3.76
C GLU E 341 -0.22 38.10 3.35
N ALA E 342 -0.49 38.91 2.34
CA ALA E 342 -1.87 39.15 1.90
C ALA E 342 -2.49 37.91 1.29
N HIS E 343 -1.69 37.07 0.62
CA HIS E 343 -2.21 35.84 0.03
C HIS E 343 -2.10 34.64 0.95
N SER E 344 -1.66 34.84 2.20
CA SER E 344 -1.47 33.76 3.14
C SER E 344 -2.70 33.60 4.03
N GLU E 345 -2.95 32.36 4.46
CA GLU E 345 -4.06 32.08 5.35
C GLU E 345 -3.81 32.72 6.72
N LYS E 346 -4.89 33.21 7.33
CA LYS E 346 -4.82 33.89 8.61
C LYS E 346 -5.39 33.00 9.71
N ASP E 347 -4.70 32.96 10.84
CA ASP E 347 -5.20 32.22 11.99
C ASP E 347 -6.28 33.02 12.70
N ALA E 348 -7.33 32.32 13.11
CA ALA E 348 -8.44 32.98 13.79
C ALA E 348 -8.25 33.00 15.30
N LEU E 349 -7.70 31.94 15.88
CA LEU E 349 -7.55 31.84 17.33
C LEU E 349 -6.78 33.02 17.89
N VAL E 350 -5.88 33.61 17.11
CA VAL E 350 -5.08 34.73 17.59
C VAL E 350 -5.97 35.88 18.01
N GLY E 351 -7.03 36.14 17.25
CA GLY E 351 -7.92 37.24 17.60
C GLY E 351 -8.63 37.05 18.92
N GLU E 352 -9.19 35.85 19.14
CA GLU E 352 -9.87 35.58 20.40
C GLU E 352 -8.89 35.57 21.57
N ILE E 353 -7.69 35.02 21.34
CA ILE E 353 -6.69 35.03 22.41
C ILE E 353 -6.34 36.46 22.79
N GLU E 354 -6.13 37.32 21.80
CA GLU E 354 -5.82 38.71 22.09
C GLU E 354 -6.97 39.40 22.83
N GLU E 355 -8.20 39.16 22.39
CA GLU E 355 -9.34 39.79 23.04
C GLU E 355 -9.48 39.31 24.48
N PHE E 356 -9.30 38.01 24.71
CA PHE E 356 -9.43 37.47 26.06
C PHE E 356 -8.31 37.98 26.96
N LEU E 357 -7.09 38.05 26.46
CA LEU E 357 -5.97 38.54 27.24
C LEU E 357 -6.06 40.04 27.50
N GLU E 358 -6.81 40.77 26.66
CA GLU E 358 -6.95 42.20 26.86
C GLU E 358 -7.95 42.57 27.95
N ARG E 359 -8.72 41.60 28.45
CA ARG E 359 -9.68 41.89 29.50
C ARG E 359 -8.98 42.06 30.84
N PRO E 360 -9.27 43.11 31.59
CA PRO E 360 -8.75 43.20 32.96
C PRO E 360 -9.38 42.13 33.84
N ILE E 361 -8.64 41.71 34.85
CA ILE E 361 -9.09 40.65 35.75
C ILE E 361 -9.02 41.16 37.19
N PRO E 362 -9.87 40.64 38.08
CA PRO E 362 -9.84 41.12 39.47
C PRO E 362 -8.56 40.74 40.18
N SER E 363 -8.25 41.48 41.25
CA SER E 363 -7.02 41.25 42.00
C SER E 363 -7.01 39.86 42.63
N ASP E 364 -8.18 39.33 42.98
CA ASP E 364 -8.26 38.02 43.62
C ASP E 364 -8.24 36.88 42.61
N TYR E 365 -8.12 37.17 41.32
CA TYR E 365 -7.90 36.13 40.33
C TYR E 365 -6.70 35.28 40.72
N TRP E 366 -6.73 34.01 40.33
CA TRP E 366 -5.84 32.92 40.72
C TRP E 366 -6.13 32.46 42.14
N TYR E 367 -7.01 33.13 42.88
CA TYR E 367 -7.45 32.69 44.20
C TYR E 367 -8.92 32.32 44.19
N ARG E 368 -9.49 32.07 43.02
CA ARG E 368 -10.90 31.78 42.85
C ARG E 368 -11.07 30.43 42.20
N THR E 369 -12.24 29.83 42.40
CA THR E 369 -12.54 28.55 41.79
C THR E 369 -12.64 28.71 40.27
N LEU E 370 -12.70 27.56 39.58
CA LEU E 370 -12.78 27.59 38.12
C LEU E 370 -14.07 28.27 37.65
N GLU E 371 -15.19 27.99 38.31
CA GLU E 371 -16.44 28.64 37.95
C GLU E 371 -16.39 30.13 38.22
N GLU E 372 -15.76 30.53 39.33
CA GLU E 372 -15.59 31.95 39.60
C GLU E 372 -14.74 32.62 38.54
N LYS E 373 -13.68 31.94 38.09
CA LYS E 373 -12.87 32.47 37.00
C LYS E 373 -13.69 32.64 35.73
N ARG E 374 -14.50 31.64 35.40
CA ARG E 374 -15.30 31.71 34.19
C ARG E 374 -16.30 32.85 34.25
N VAL E 375 -16.96 33.03 35.39
CA VAL E 375 -17.94 34.10 35.49
C VAL E 375 -17.28 35.47 35.66
N SER E 376 -16.03 35.52 36.09
CA SER E 376 -15.32 36.79 36.23
C SER E 376 -14.52 37.16 35.01
N ALA E 377 -14.43 36.27 34.02
CA ALA E 377 -13.78 36.59 32.75
C ALA E 377 -14.76 36.86 31.63
N HIS E 378 -15.88 36.14 31.59
CA HIS E 378 -16.83 36.31 30.50
C HIS E 378 -17.61 37.61 30.61
N ASP E 379 -17.78 38.15 31.81
CA ASP E 379 -18.31 39.50 31.93
C ASP E 379 -17.25 40.49 31.44
N VAL E 380 -17.71 41.56 30.81
CA VAL E 380 -16.81 42.49 30.12
C VAL E 380 -17.12 43.91 30.58
N ILE E 381 -16.11 44.77 30.50
CA ILE E 381 -16.22 46.17 30.88
C ILE E 381 -15.85 47.02 29.67
N ASP E 382 -16.63 48.07 29.46
CA ASP E 382 -16.41 48.99 28.34
C ASP E 382 -15.02 49.61 28.38
N ASP E 384 -12.84 51.78 27.82
CA ASP E 384 -13.41 53.06 28.22
C ASP E 384 -13.48 53.18 29.74
N TYR E 385 -12.32 53.39 30.36
CA TYR E 385 -12.21 53.54 31.80
C TYR E 385 -10.90 54.21 32.13
N ILE E 386 -10.80 54.73 33.37
CA ILE E 386 -9.69 55.58 33.73
C ILE E 386 -8.40 54.78 33.79
N LYS E 387 -7.42 55.20 32.98
CA LYS E 387 -6.14 54.49 32.95
C LYS E 387 -5.31 54.78 34.19
N LEU E 388 -5.39 56.01 34.69
CA LEU E 388 -4.64 56.45 35.88
C LEU E 388 -3.14 56.25 35.69
N GLY E 390 0.51 53.27 33.93
CA GLY E 390 -0.59 52.67 33.21
C GLY E 390 -1.26 51.53 33.96
N ASP E 391 -1.11 51.54 35.28
CA ASP E 391 -1.67 50.51 36.15
C ASP E 391 -2.61 51.14 37.16
N GLY E 392 -3.70 50.43 37.44
CA GLY E 392 -4.74 50.95 38.31
C GLY E 392 -5.93 51.40 37.50
N LYS E 393 -7.04 50.67 37.60
CA LYS E 393 -8.23 50.90 36.78
C LYS E 393 -9.43 51.19 37.66
N LEU E 394 -10.11 52.31 37.37
CA LEU E 394 -11.32 52.69 38.09
C LEU E 394 -12.54 52.22 37.31
N ILE E 395 -12.77 50.91 37.37
CA ILE E 395 -13.91 50.32 36.67
C ILE E 395 -15.22 50.86 37.22
N GLU E 396 -15.34 50.90 38.55
CA GLU E 396 -16.52 51.41 39.24
C GLU E 396 -17.81 50.79 38.73
N LYS E 401 -14.69 49.87 42.15
CA LYS E 401 -13.59 49.74 43.09
C LYS E 401 -12.28 50.19 42.43
N PRO E 402 -11.49 50.99 43.15
CA PRO E 402 -10.23 51.48 42.59
C PRO E 402 -9.05 50.57 42.89
N GLY E 403 -8.40 50.11 41.81
CA GLY E 403 -7.25 49.24 41.93
C GLY E 403 -7.57 47.77 42.14
N ALA E 404 -8.84 47.40 42.17
CA ALA E 404 -9.23 46.00 42.34
C ALA E 404 -9.23 45.23 41.03
N TYR E 405 -8.96 45.89 39.91
CA TYR E 405 -8.87 45.24 38.60
C TYR E 405 -7.48 45.49 38.03
N VAL E 406 -6.81 44.41 37.61
CA VAL E 406 -5.44 44.49 37.11
C VAL E 406 -5.35 43.69 35.82
N TRP E 407 -4.33 44.02 35.03
CA TRP E 407 -4.10 43.32 33.77
C TRP E 407 -3.58 41.91 34.02
N ARG E 408 -3.66 41.08 32.99
CA ARG E 408 -3.18 39.71 33.10
C ARG E 408 -1.70 39.67 33.38
N ASP E 409 -1.30 38.77 34.27
CA ASP E 409 0.10 38.49 34.56
C ASP E 409 0.61 37.26 33.84
N LYS E 410 -0.17 36.18 33.85
CA LYS E 410 0.22 34.92 33.25
C LYS E 410 -0.99 34.34 32.51
N VAL E 411 -0.70 33.43 31.58
CA VAL E 411 -1.75 32.72 30.86
C VAL E 411 -1.22 31.35 30.46
N CYS E 412 -2.11 30.37 30.44
CA CYS E 412 -1.75 29.00 30.10
C CYS E 412 -2.68 28.49 29.01
N SER E 413 -2.25 27.42 28.34
CA SER E 413 -3.12 26.78 27.36
C SER E 413 -4.36 26.22 28.02
N MET E 414 -4.22 25.62 29.21
CA MET E 414 -5.37 25.13 29.94
C MET E 414 -6.23 26.28 30.46
N GLU E 415 -5.61 27.40 30.83
CA GLU E 415 -6.36 28.60 31.17
C GLU E 415 -7.30 28.98 30.02
N ILE E 416 -6.76 29.01 28.80
CA ILE E 416 -7.56 29.32 27.62
C ILE E 416 -8.65 28.28 27.44
N TRP E 417 -8.29 27.01 27.57
CA TRP E 417 -9.23 25.93 27.25
C TRP E 417 -10.39 25.90 28.24
N LYS E 418 -10.14 26.16 29.51
CA LYS E 418 -11.16 26.00 30.53
C LYS E 418 -11.88 27.30 30.88
N VAL E 419 -11.25 28.45 30.66
CA VAL E 419 -11.86 29.73 31.03
C VAL E 419 -12.38 30.46 29.80
N MET E 420 -11.57 30.58 28.75
CA MET E 420 -12.02 31.29 27.56
C MET E 420 -13.04 30.46 26.78
N MET E 421 -12.65 29.25 26.35
CA MET E 421 -13.59 28.39 25.65
C MET E 421 -14.67 27.84 26.56
N LYS E 422 -14.47 27.92 27.88
CA LYS E 422 -15.47 27.51 28.86
C LYS E 422 -15.91 26.07 28.63
N ARG E 423 -14.93 25.19 28.46
CA ARG E 423 -15.17 23.78 28.16
C ARG E 423 -14.76 22.92 29.34
N ASP E 424 -15.63 22.00 29.73
CA ASP E 424 -15.34 21.03 30.78
C ASP E 424 -14.76 19.74 30.23
N ASP E 425 -14.57 19.65 28.92
CA ASP E 425 -14.04 18.44 28.30
C ASP E 425 -12.53 18.38 28.53
N GLN E 426 -11.87 17.43 27.89
CA GLN E 426 -10.42 17.32 27.98
C GLN E 426 -9.80 17.63 26.64
N PRO E 427 -8.79 18.51 26.60
CA PRO E 427 -8.16 18.83 25.31
C PRO E 427 -7.48 17.61 24.71
N GLN E 428 -7.44 17.58 23.38
CA GLN E 428 -7.00 16.42 22.64
C GLN E 428 -5.51 16.44 22.31
N GLN E 429 -4.73 17.26 23.02
CA GLN E 429 -3.28 17.37 22.86
C GLN E 429 -2.93 18.10 21.56
N HIS E 430 -3.94 18.36 20.72
CA HIS E 430 -3.76 19.25 19.59
C HIS E 430 -4.54 20.55 19.73
N HIS E 431 -5.59 20.55 20.54
CA HIS E 431 -6.19 21.82 20.96
C HIS E 431 -5.18 22.64 21.75
N LEU E 432 -4.44 21.98 22.66
CA LEU E 432 -3.40 22.66 23.41
C LEU E 432 -2.29 23.13 22.49
N ARG E 433 -1.93 22.33 21.50
CA ARG E 433 -0.90 22.74 20.54
C ARG E 433 -1.34 23.97 19.75
N LYS E 434 -2.59 23.99 19.29
CA LYS E 434 -3.10 25.15 18.59
C LYS E 434 -3.13 26.38 19.48
N ILE E 435 -3.53 26.20 20.74
CA ILE E 435 -3.56 27.32 21.67
C ILE E 435 -2.16 27.84 21.94
N ASP E 436 -1.18 26.95 22.05
CA ASP E 436 0.20 27.36 22.27
C ASP E 436 0.73 28.14 21.07
N LYS E 437 0.43 27.67 19.86
CA LYS E 437 0.86 28.39 18.67
C LYS E 437 0.21 29.77 18.60
N ALA E 438 -1.09 29.85 18.91
CA ALA E 438 -1.77 31.14 18.89
C ALA E 438 -1.28 32.07 20.00
N LEU E 439 -0.81 31.51 21.11
CA LEU E 439 -0.27 32.32 22.17
C LEU E 439 1.11 32.85 21.82
N ARG E 440 1.94 32.01 21.19
CA ARG E 440 3.24 32.48 20.73
C ARG E 440 3.11 33.54 19.65
N ASN E 441 2.19 33.34 18.70
CA ASN E 441 1.94 34.33 17.66
C ASN E 441 1.25 35.58 18.20
N THR E 442 0.72 35.53 19.42
CA THR E 442 0.09 36.69 20.01
C THR E 442 1.12 37.78 20.28
N ASN E 443 0.72 39.03 20.05
CA ASN E 443 1.60 40.17 20.25
C ASN E 443 1.93 40.40 21.72
N TYR E 444 1.22 39.76 22.64
CA TYR E 444 1.36 40.04 24.06
C TYR E 444 2.18 39.01 24.82
N CYS E 445 2.17 37.76 24.37
CA CYS E 445 2.84 36.67 25.10
C CYS E 445 4.25 36.46 24.55
N GLY E 446 5.17 36.13 25.45
CA GLY E 446 6.52 35.79 25.06
C GLY E 446 6.59 34.45 24.35
N THR E 447 7.79 33.90 24.32
CA THR E 447 8.03 32.60 23.69
C THR E 447 8.52 31.55 24.66
N VAL E 448 8.95 31.94 25.87
CA VAL E 448 9.45 31.01 26.87
C VAL E 448 8.37 30.78 27.90
N LYS E 449 8.09 29.51 28.21
CA LYS E 449 7.04 29.14 29.14
C LYS E 449 7.62 28.90 30.52
N LYS E 450 6.99 29.50 31.53
CA LYS E 450 7.39 29.33 32.92
C LYS E 450 6.30 28.55 33.65
N GLN E 451 6.72 27.71 34.60
CA GLN E 451 5.79 26.85 35.32
C GLN E 451 5.33 27.53 36.59
N THR E 452 4.02 27.78 36.69
CA THR E 452 3.43 28.42 37.85
C THR E 452 2.07 27.81 38.14
N ARG E 453 1.60 28.02 39.37
CA ARG E 453 0.30 27.52 39.78
C ARG E 453 -0.81 28.44 39.29
N TYR E 454 -1.91 27.86 38.85
CA TYR E 454 -2.99 28.64 38.24
C TYR E 454 -4.29 28.58 39.04
N GLY E 455 -4.83 27.41 39.32
CA GLY E 455 -6.10 27.33 40.01
C GLY E 455 -6.51 25.91 40.29
N GLU E 456 -7.80 25.73 40.57
CA GLU E 456 -8.30 24.42 40.95
C GLU E 456 -8.44 23.49 39.75
N GLY E 457 -8.83 24.04 38.60
CA GLY E 457 -9.10 23.20 37.46
C GLY E 457 -7.94 23.13 36.49
N ILE E 458 -6.91 23.93 36.75
CA ILE E 458 -5.76 24.03 35.87
C ILE E 458 -4.51 23.48 36.52
N GLY E 459 -4.34 23.70 37.82
CA GLY E 459 -3.15 23.22 38.49
C GLY E 459 -1.92 24.04 38.13
N LYS E 460 -0.76 23.49 38.46
CA LYS E 460 0.50 24.14 38.10
C LYS E 460 0.86 23.74 36.68
N GLN E 461 0.99 24.74 35.81
CA GLN E 461 1.15 24.50 34.39
C GLN E 461 2.28 25.38 33.84
N TYR E 462 2.76 25.00 32.67
CA TYR E 462 3.74 25.78 31.93
C TYR E 462 2.97 26.79 31.08
N GLY E 463 3.00 28.06 31.48
CA GLY E 463 2.27 29.09 30.78
C GLY E 463 3.18 30.25 30.43
N PHE E 464 2.66 31.13 29.57
CA PHE E 464 3.41 32.28 29.10
C PHE E 464 3.25 33.45 30.05
N SER E 465 4.26 34.32 30.06
CA SER E 465 4.22 35.56 30.83
C SER E 465 3.74 36.67 29.91
N VAL E 466 2.49 37.09 30.11
CA VAL E 466 1.82 38.03 29.22
C VAL E 466 1.97 39.43 29.78
N ASP E 467 2.35 40.37 28.92
CA ASP E 467 2.42 41.78 29.29
C ASP E 467 1.58 42.58 28.29
N LEU E 468 0.80 43.53 28.82
CA LEU E 468 -0.11 44.31 28.01
C LEU E 468 0.38 45.75 27.81
N ALA E 469 1.70 45.96 27.89
CA ALA E 469 2.23 47.31 27.72
C ALA E 469 1.90 47.88 26.35
N SER E 470 1.88 47.02 25.32
CA SER E 470 1.52 47.48 23.99
C SER E 470 0.04 47.84 23.89
N TYR E 471 -0.79 47.28 24.78
CA TYR E 471 -2.23 47.44 24.65
C TYR E 471 -2.71 48.82 25.06
N TYR E 472 -2.05 49.46 26.04
CA TYR E 472 -2.54 50.74 26.53
C TYR E 472 -2.48 51.81 25.45
N LYS E 473 -1.48 51.72 24.56
CA LYS E 473 -1.25 52.75 23.56
C LYS E 473 -1.66 52.27 22.17
N ASN F 15 14.19 -16.91 -63.93
CA ASN F 15 15.28 -17.66 -63.32
C ASN F 15 15.01 -17.86 -61.83
N ASP F 16 15.49 -18.99 -61.30
CA ASP F 16 15.28 -19.29 -59.89
C ASP F 16 16.05 -18.32 -59.00
N TRP F 17 15.50 -18.06 -57.83
CA TRP F 17 16.10 -17.14 -56.87
C TRP F 17 17.20 -17.79 -56.03
N LYS F 18 17.41 -19.10 -56.18
CA LYS F 18 18.42 -19.78 -55.37
C LYS F 18 19.80 -19.19 -55.58
N SER F 19 20.08 -18.65 -56.77
CA SER F 19 21.37 -18.04 -57.03
C SER F 19 21.60 -16.78 -56.20
N GLN F 20 20.53 -16.16 -55.70
CA GLN F 20 20.70 -14.98 -54.86
C GLN F 20 21.23 -15.31 -53.48
N LEU F 21 21.03 -16.54 -53.01
CA LEU F 21 21.45 -16.91 -51.66
C LEU F 21 22.97 -16.88 -51.55
N ARG F 22 23.44 -16.40 -50.40
CA ARG F 22 24.88 -16.26 -50.14
C ARG F 22 25.34 -17.50 -49.38
N ARG F 23 26.06 -18.38 -50.05
CA ARG F 23 26.54 -19.63 -49.47
C ARG F 23 28.05 -19.56 -49.30
N SER F 24 28.53 -20.21 -48.23
CA SER F 24 29.95 -20.22 -47.95
C SER F 24 30.72 -20.92 -49.07
N ALA F 25 31.78 -20.30 -49.55
CA ALA F 25 32.50 -20.82 -50.70
C ALA F 25 33.14 -22.17 -50.39
N THR F 26 33.73 -22.30 -49.20
CA THR F 26 34.44 -23.54 -48.86
C THR F 26 33.50 -24.74 -48.82
N THR F 27 32.31 -24.57 -48.24
CA THR F 27 31.42 -25.69 -48.00
C THR F 27 30.24 -25.74 -48.96
N GLN F 28 29.91 -24.63 -49.61
CA GLN F 28 28.71 -24.52 -50.44
C GLN F 28 27.45 -24.82 -49.62
N ALA F 29 27.46 -24.37 -48.37
CA ALA F 29 26.30 -24.45 -47.48
C ALA F 29 25.85 -23.03 -47.16
N LEU F 30 24.53 -22.85 -47.03
CA LEU F 30 23.98 -21.52 -46.80
C LEU F 30 24.51 -20.93 -45.50
N LYS F 31 24.76 -19.63 -45.52
CA LYS F 31 25.19 -18.92 -44.33
C LYS F 31 23.96 -18.46 -43.54
N LYS F 32 24.04 -18.62 -42.22
CA LYS F 32 22.98 -18.15 -41.33
C LYS F 32 23.07 -16.63 -41.27
N THR F 33 22.51 -16.00 -42.30
CA THR F 33 22.71 -14.59 -42.57
C THR F 33 21.34 -13.93 -42.76
N THR F 34 21.26 -12.64 -42.39
CA THR F 34 19.99 -11.93 -42.48
C THR F 34 19.48 -11.87 -43.92
N THR F 35 20.38 -11.66 -44.88
CA THR F 35 19.94 -11.56 -46.26
C THR F 35 19.45 -12.89 -46.80
N ASN F 36 20.06 -14.00 -46.39
CA ASN F 36 19.55 -15.31 -46.81
C ASN F 36 18.13 -15.52 -46.31
N ALA F 37 17.88 -15.18 -45.05
CA ALA F 37 16.52 -15.31 -44.51
C ALA F 37 15.56 -14.37 -45.23
N GLU F 38 16.00 -13.16 -45.53
CA GLU F 38 15.14 -12.22 -46.25
C GLU F 38 14.77 -12.76 -47.62
N ILE F 39 15.75 -13.31 -48.35
CA ILE F 39 15.48 -13.86 -49.67
C ILE F 39 14.52 -15.04 -49.57
N ILE F 40 14.74 -15.93 -48.59
CA ILE F 40 13.88 -17.09 -48.46
C ILE F 40 12.46 -16.67 -48.12
N LEU F 41 12.29 -15.74 -47.18
CA LEU F 41 10.95 -15.30 -46.80
C LEU F 41 10.26 -14.53 -47.94
N CYS F 42 11.02 -13.81 -48.75
CA CYS F 42 10.43 -13.04 -49.84
C CYS F 42 10.35 -13.81 -51.15
N ASN F 43 10.77 -15.08 -51.17
CA ASN F 43 10.71 -15.87 -52.39
C ASN F 43 10.11 -17.25 -52.23
N ASP F 44 10.11 -17.84 -51.03
CA ASP F 44 9.56 -19.18 -50.85
C ASP F 44 8.04 -19.14 -51.00
N GLU F 45 7.50 -20.08 -51.78
CA GLU F 45 6.07 -20.09 -52.05
C GLU F 45 5.26 -20.29 -50.77
N SER F 46 5.73 -21.17 -49.88
CA SER F 46 5.01 -21.43 -48.64
C SER F 46 5.08 -20.25 -47.68
N LEU F 47 6.08 -19.39 -47.80
CA LEU F 47 6.26 -18.27 -46.88
C LEU F 47 6.19 -16.91 -47.58
N LYS F 48 5.68 -16.86 -48.80
CA LYS F 48 5.70 -15.62 -49.58
C LYS F 48 4.63 -14.68 -49.08
N GLY F 49 5.04 -13.58 -48.46
CA GLY F 49 4.14 -12.49 -48.14
C GLY F 49 2.97 -12.86 -47.26
N LEU F 50 3.21 -13.55 -46.14
CA LEU F 50 2.16 -13.90 -45.21
C LEU F 50 2.27 -13.15 -43.89
N VAL F 51 3.05 -12.08 -43.84
CA VAL F 51 3.14 -11.22 -42.67
C VAL F 51 3.02 -9.78 -43.09
N GLN F 52 2.42 -8.96 -42.22
CA GLN F 52 2.27 -7.54 -42.45
C GLN F 52 2.26 -6.83 -41.09
N TYR F 53 2.48 -5.52 -41.11
CA TYR F 53 2.63 -4.76 -39.89
C TYR F 53 1.36 -3.93 -39.63
N ASP F 54 0.67 -4.24 -38.55
CA ASP F 54 -0.42 -3.40 -38.07
C ASP F 54 0.18 -2.20 -37.38
N ALA F 55 0.21 -1.06 -38.10
CA ALA F 55 0.90 0.13 -37.61
C ALA F 55 0.14 0.77 -36.46
N PHE F 56 -1.19 0.76 -36.50
CA PHE F 56 -1.95 1.30 -35.40
C PHE F 56 -1.77 0.46 -34.14
N GLU F 57 -1.96 -0.85 -34.26
CA GLU F 57 -1.77 -1.76 -33.14
C GLU F 57 -0.30 -2.08 -32.89
N LYS F 58 0.59 -1.67 -33.80
CA LYS F 58 2.03 -1.86 -33.63
C LYS F 58 2.39 -3.33 -33.45
N VAL F 59 1.77 -4.21 -34.25
CA VAL F 59 1.99 -5.63 -34.12
C VAL F 59 2.21 -6.24 -35.50
N THR F 60 2.42 -7.56 -35.50
CA THR F 60 2.64 -8.31 -36.74
C THR F 60 1.42 -9.19 -37.00
N LYS F 61 0.63 -8.83 -38.00
CA LYS F 61 -0.53 -9.61 -38.39
C LYS F 61 -0.20 -10.50 -39.58
N LEU F 62 -1.13 -11.38 -39.91
CA LEU F 62 -0.99 -12.29 -41.04
C LEU F 62 -1.75 -11.75 -42.24
N LYS F 63 -1.08 -11.68 -43.38
CA LYS F 63 -1.80 -11.41 -44.63
C LYS F 63 -2.75 -12.54 -44.97
N ARG F 64 -2.30 -13.78 -44.76
CA ARG F 64 -3.06 -14.97 -45.10
C ARG F 64 -2.69 -16.08 -44.11
N LEU F 65 -3.57 -17.06 -43.99
CA LEU F 65 -3.29 -18.17 -43.09
C LEU F 65 -2.17 -19.03 -43.66
N PRO F 66 -1.11 -19.28 -42.91
CA PRO F 66 -0.06 -20.18 -43.38
C PRO F 66 -0.54 -21.62 -43.40
N TYR F 67 0.24 -22.48 -44.04
CA TYR F 67 -0.17 -23.85 -44.24
C TYR F 67 -0.13 -24.68 -42.96
N TRP F 68 0.41 -24.15 -41.87
CA TRP F 68 0.50 -24.90 -40.62
C TRP F 68 -0.62 -24.54 -39.64
N ARG F 69 -1.59 -23.73 -40.03
CA ARG F 69 -2.71 -23.39 -39.17
C ARG F 69 -3.98 -24.07 -39.66
N SER F 70 -4.92 -24.23 -38.73
CA SER F 70 -6.22 -24.76 -39.07
C SER F 70 -6.97 -23.78 -39.97
N LYS F 71 -7.90 -24.31 -40.76
CA LYS F 71 -8.60 -23.49 -41.74
C LYS F 71 -9.44 -22.40 -41.08
N GLY F 72 -10.06 -22.71 -39.95
CA GLY F 72 -10.93 -21.75 -39.28
C GLY F 72 -10.42 -21.29 -37.93
N ASP F 73 -9.12 -21.07 -37.81
CA ASP F 73 -8.56 -20.59 -36.55
C ASP F 73 -8.97 -19.15 -36.26
N ALA F 74 -8.99 -18.31 -37.30
CA ALA F 74 -9.38 -16.90 -37.18
C ALA F 74 -8.54 -16.17 -36.14
N ASN F 75 -7.25 -16.50 -36.06
CA ASN F 75 -6.30 -15.80 -35.21
C ASN F 75 -5.22 -15.24 -36.14
N TYR F 76 -5.38 -13.98 -36.54
CA TYR F 76 -4.53 -13.36 -37.55
C TYR F 76 -3.35 -12.61 -36.95
N TYR F 77 -2.86 -13.04 -35.79
CA TYR F 77 -1.71 -12.43 -35.16
C TYR F 77 -0.53 -13.40 -35.20
N TRP F 78 0.64 -12.88 -35.52
CA TRP F 78 1.85 -13.70 -35.54
C TRP F 78 2.20 -14.11 -34.12
N ALA F 79 2.51 -15.39 -33.94
CA ALA F 79 2.82 -15.95 -32.63
C ALA F 79 4.19 -16.62 -32.67
N ASP F 80 4.64 -17.06 -31.49
CA ASP F 80 5.94 -17.73 -31.40
C ASP F 80 5.95 -19.03 -32.18
N ILE F 81 4.85 -19.79 -32.17
CA ILE F 81 4.84 -21.06 -32.88
C ILE F 81 4.83 -20.87 -34.39
N ASP F 82 4.37 -19.72 -34.88
CA ASP F 82 4.56 -19.42 -36.30
C ASP F 82 6.03 -19.27 -36.62
N THR F 83 6.80 -18.64 -35.73
CA THR F 83 8.25 -18.58 -35.91
C THR F 83 8.86 -19.97 -35.85
N THR F 84 8.38 -20.81 -34.94
CA THR F 84 8.85 -22.19 -34.86
C THR F 84 8.65 -22.90 -36.20
N HIS F 85 7.44 -22.77 -36.76
CA HIS F 85 7.15 -23.44 -38.03
C HIS F 85 7.94 -22.83 -39.18
N VAL F 86 8.20 -21.53 -39.15
CA VAL F 86 9.01 -20.90 -40.19
C VAL F 86 10.43 -21.46 -40.15
N ILE F 87 11.01 -21.54 -38.95
CA ILE F 87 12.36 -22.08 -38.80
C ILE F 87 12.40 -23.53 -39.29
N SER F 88 11.42 -24.32 -38.85
CA SER F 88 11.40 -25.73 -39.22
C SER F 88 11.26 -25.91 -40.73
N HIS F 89 10.38 -25.12 -41.36
CA HIS F 89 10.18 -25.24 -42.81
C HIS F 89 11.42 -24.81 -43.57
N ILE F 90 12.03 -23.69 -43.17
CA ILE F 90 13.23 -23.23 -43.84
C ILE F 90 14.32 -24.28 -43.75
N ASP F 91 14.50 -24.85 -42.56
CA ASP F 91 15.55 -25.86 -42.39
C ASP F 91 15.23 -27.14 -43.14
N LYS F 92 13.95 -27.51 -43.20
CA LYS F 92 13.56 -28.71 -43.93
C LYS F 92 13.85 -28.57 -45.41
N LEU F 93 13.40 -27.48 -46.03
CA LEU F 93 13.62 -27.29 -47.45
C LEU F 93 15.08 -26.95 -47.74
N TYR F 94 15.66 -26.05 -46.95
CA TYR F 94 17.01 -25.56 -47.17
C TYR F 94 17.86 -25.95 -45.97
N ASN F 95 18.98 -26.62 -46.21
CA ASN F 95 19.75 -27.14 -45.08
C ASN F 95 20.47 -26.03 -44.34
N VAL F 96 19.69 -25.13 -43.72
CA VAL F 96 20.22 -24.05 -42.89
C VAL F 96 19.35 -23.92 -41.66
N GLN F 97 19.98 -23.83 -40.50
CA GLN F 97 19.28 -23.74 -39.22
C GLN F 97 19.38 -22.31 -38.72
N PHE F 98 18.30 -21.55 -38.86
CA PHE F 98 18.28 -20.16 -38.45
C PHE F 98 17.91 -20.04 -36.98
N SER F 99 18.61 -19.15 -36.27
CA SER F 99 18.28 -18.88 -34.90
C SER F 99 16.92 -18.19 -34.79
N ARG F 100 16.26 -18.38 -33.65
CA ARG F 100 14.94 -17.79 -33.47
C ARG F 100 15.01 -16.27 -33.47
N ASP F 101 16.07 -15.71 -32.90
CA ASP F 101 16.23 -14.26 -32.88
C ASP F 101 16.33 -13.70 -34.30
N LEU F 102 17.13 -14.35 -35.15
CA LEU F 102 17.29 -13.88 -36.53
C LEU F 102 15.98 -13.97 -37.29
N ILE F 103 15.23 -15.05 -37.11
CA ILE F 103 13.97 -15.21 -37.84
C ILE F 103 12.94 -14.20 -37.35
N ASP F 104 12.89 -13.95 -36.04
CA ASP F 104 11.99 -12.91 -35.53
C ASP F 104 12.37 -11.55 -36.08
N THR F 105 13.66 -11.25 -36.15
CA THR F 105 14.10 -9.97 -36.71
C THR F 105 13.70 -9.85 -38.18
N VAL F 106 13.90 -10.91 -38.95
CA VAL F 106 13.55 -10.89 -40.37
C VAL F 106 12.05 -10.74 -40.56
N ILE F 107 11.26 -11.45 -39.76
CA ILE F 107 9.81 -11.34 -39.84
C ILE F 107 9.36 -9.93 -39.50
N GLU F 108 9.95 -9.34 -38.45
CA GLU F 108 9.59 -7.97 -38.09
C GLU F 108 9.92 -7.00 -39.22
N LYS F 109 11.10 -7.14 -39.82
CA LYS F 109 11.45 -6.25 -40.92
C LYS F 109 10.53 -6.43 -42.12
N GLU F 110 10.23 -7.68 -42.48
CA GLU F 110 9.36 -7.93 -43.62
C GLU F 110 7.96 -7.38 -43.37
N ALA F 111 7.43 -7.56 -42.16
CA ALA F 111 6.14 -7.00 -41.82
C ALA F 111 6.17 -5.48 -41.90
N TYR F 112 7.21 -4.87 -41.33
CA TYR F 112 7.33 -3.41 -41.37
C TYR F 112 7.40 -2.91 -42.81
N GLN F 113 7.97 -3.70 -43.72
CA GLN F 113 7.97 -3.30 -45.13
C GLN F 113 6.55 -3.32 -45.70
N ASN F 114 5.77 -4.34 -45.36
CA ASN F 114 4.37 -4.44 -45.78
C ASN F 114 3.43 -3.91 -44.70
N ARG F 115 3.67 -2.68 -44.26
CA ARG F 115 2.89 -2.10 -43.17
C ARG F 115 1.63 -1.43 -43.70
N PHE F 116 0.60 -1.41 -42.86
CA PHE F 116 -0.66 -0.78 -43.22
C PHE F 116 -1.24 -0.15 -41.96
N HIS F 117 -2.22 0.72 -42.16
CA HIS F 117 -2.96 1.32 -41.06
C HIS F 117 -4.45 1.07 -41.28
N PRO F 118 -5.13 0.31 -40.43
CA PRO F 118 -6.55 0.02 -40.69
C PRO F 118 -7.44 1.23 -40.52
N ILE F 119 -7.22 2.03 -39.48
CA ILE F 119 -8.04 3.22 -39.27
C ILE F 119 -7.78 4.24 -40.38
N LYS F 120 -6.51 4.46 -40.73
CA LYS F 120 -6.21 5.36 -41.84
C LYS F 120 -6.81 4.86 -43.14
N SER F 121 -6.96 3.54 -43.28
CA SER F 121 -7.63 2.98 -44.45
C SER F 121 -9.13 3.27 -44.42
N MET F 122 -9.76 3.04 -43.27
CA MET F 122 -11.20 3.25 -43.17
C MET F 122 -11.57 4.71 -43.37
N ILE F 123 -10.81 5.62 -42.74
CA ILE F 123 -11.11 7.05 -42.86
C ILE F 123 -10.98 7.50 -44.31
N GLU F 124 -10.00 6.96 -45.03
CA GLU F 124 -9.82 7.26 -46.44
C GLU F 124 -10.41 6.21 -47.36
N SER F 125 -11.20 5.27 -46.84
CA SER F 125 -11.83 4.27 -47.68
C SER F 125 -12.76 4.91 -48.70
N LYS F 126 -13.45 5.96 -48.31
CA LYS F 126 -14.38 6.67 -49.19
C LYS F 126 -14.38 8.14 -48.85
N SER F 127 -14.39 8.99 -49.88
CA SER F 127 -14.40 10.43 -49.66
C SER F 127 -15.72 10.85 -49.02
N TRP F 128 -15.78 12.14 -48.67
CA TRP F 128 -16.92 12.69 -47.95
C TRP F 128 -17.72 13.57 -48.89
N ASP F 129 -18.97 13.18 -49.15
CA ASP F 129 -19.91 14.02 -49.86
C ASP F 129 -20.52 15.02 -48.87
N GLY F 130 -21.22 16.03 -49.39
CA GLY F 130 -21.73 17.06 -48.51
C GLY F 130 -23.02 16.68 -47.84
N ILE F 131 -22.93 16.21 -46.60
CA ILE F 131 -24.11 15.83 -45.82
C ILE F 131 -24.15 16.47 -44.44
N LYS F 132 -23.01 16.89 -43.88
CA LYS F 132 -22.96 17.57 -42.57
C LYS F 132 -23.47 16.67 -41.45
N ARG F 133 -22.78 15.54 -41.26
CA ARG F 133 -23.13 14.61 -40.20
C ARG F 133 -22.34 14.82 -38.92
N ILE F 134 -21.19 15.49 -38.98
CA ILE F 134 -20.29 15.58 -37.82
C ILE F 134 -20.95 16.34 -36.68
N GLU F 135 -21.72 17.38 -36.99
CA GLU F 135 -22.25 18.24 -35.93
C GLU F 135 -23.39 17.56 -35.18
N THR F 136 -24.27 16.87 -35.90
CA THR F 136 -25.37 16.15 -35.26
C THR F 136 -25.01 14.66 -35.10
N LEU F 137 -23.98 14.43 -34.28
CA LEU F 137 -23.63 13.06 -33.91
C LEU F 137 -24.47 12.57 -32.74
N PHE F 138 -24.36 13.21 -31.59
CA PHE F 138 -25.08 12.78 -30.41
C PHE F 138 -26.42 13.49 -30.27
N ILE F 139 -26.72 14.44 -31.14
CA ILE F 139 -27.98 15.17 -31.07
C ILE F 139 -29.13 14.29 -31.54
N ASP F 140 -29.03 13.76 -32.76
CA ASP F 140 -30.10 12.97 -33.35
C ASP F 140 -29.96 11.48 -33.10
N TYR F 141 -28.86 11.04 -32.48
CA TYR F 141 -28.69 9.62 -32.16
C TYR F 141 -28.90 9.33 -30.68
N LEU F 142 -28.56 10.26 -29.80
CA LEU F 142 -28.77 10.09 -28.36
C LEU F 142 -29.73 11.11 -27.79
N GLY F 143 -30.46 11.83 -28.62
CA GLY F 143 -31.43 12.80 -28.14
C GLY F 143 -30.87 13.95 -27.36
N ALA F 144 -29.70 14.46 -27.76
CA ALA F 144 -29.11 15.63 -27.13
C ALA F 144 -29.85 16.87 -27.61
N GLU F 145 -29.36 18.04 -27.22
CA GLU F 145 -29.99 19.30 -27.57
C GLU F 145 -29.36 19.88 -28.83
N ASP F 146 -30.21 20.40 -29.72
CA ASP F 146 -29.71 21.07 -30.92
C ASP F 146 -29.15 22.43 -30.52
N ASN F 147 -28.03 22.42 -29.79
CA ASN F 147 -27.43 23.62 -29.25
C ASN F 147 -26.09 23.85 -29.94
N HIS F 148 -25.64 25.10 -29.93
CA HIS F 148 -24.35 25.41 -30.54
C HIS F 148 -23.22 24.70 -29.79
N TYR F 149 -23.30 24.65 -28.47
CA TYR F 149 -22.26 23.97 -27.69
C TYR F 149 -22.19 22.49 -28.05
N ASN F 150 -23.35 21.83 -28.16
CA ASN F 150 -23.35 20.40 -28.49
C ASN F 150 -22.74 20.15 -29.86
N ARG F 151 -23.19 20.89 -30.87
CA ARG F 151 -22.67 20.72 -32.22
C ARG F 151 -21.16 20.98 -32.24
N GLU F 152 -20.74 22.10 -31.64
CA GLU F 152 -19.33 22.46 -31.67
C GLU F 152 -18.47 21.43 -30.97
N VAL F 153 -18.90 20.94 -29.81
CA VAL F 153 -18.05 20.04 -29.06
C VAL F 153 -18.03 18.66 -29.71
N THR F 154 -19.14 18.19 -30.28
CA THR F 154 -19.12 16.92 -30.99
C THR F 154 -18.25 17.00 -32.24
N LYS F 155 -18.35 18.11 -32.99
CA LYS F 155 -17.49 18.29 -34.15
C LYS F 155 -16.02 18.31 -33.74
N LYS F 156 -15.69 19.05 -32.68
CA LYS F 156 -14.30 19.12 -32.23
C LYS F 156 -13.82 17.77 -31.70
N TRP F 157 -14.72 16.97 -31.12
CA TRP F 157 -14.33 15.65 -30.67
C TRP F 157 -14.01 14.73 -31.84
N MET F 158 -14.83 14.76 -32.90
CA MET F 158 -14.53 13.95 -34.07
C MET F 158 -13.24 14.40 -34.75
N MET F 159 -13.03 15.72 -34.84
CA MET F 159 -11.77 16.23 -35.37
C MET F 159 -10.59 15.79 -34.52
N GLY F 160 -10.76 15.80 -33.19
CA GLY F 160 -9.69 15.34 -32.32
C GLY F 160 -9.38 13.87 -32.51
N ALA F 161 -10.42 13.06 -32.70
CA ALA F 161 -10.22 11.64 -32.96
C ALA F 161 -9.41 11.43 -34.24
N VAL F 162 -9.85 12.04 -35.35
CA VAL F 162 -9.15 11.83 -36.60
C VAL F 162 -7.77 12.49 -36.58
N ALA F 163 -7.58 13.53 -35.76
CA ALA F 163 -6.26 14.14 -35.63
C ALA F 163 -5.32 13.22 -34.87
N ARG F 164 -5.79 12.66 -33.76
CA ARG F 164 -4.99 11.68 -33.04
C ARG F 164 -4.64 10.49 -33.91
N ILE F 165 -5.52 10.16 -34.86
CA ILE F 165 -5.17 9.13 -35.83
C ILE F 165 -4.09 9.62 -36.78
N TYR F 166 -4.22 10.84 -37.29
CA TYR F 166 -3.30 11.33 -38.32
C TYR F 166 -2.07 12.01 -37.72
N GLN F 167 -2.28 12.97 -36.82
CA GLN F 167 -1.15 13.54 -36.10
C GLN F 167 -1.12 12.88 -34.73
N PRO F 168 -0.38 11.79 -34.58
CA PRO F 168 -0.57 10.92 -33.41
C PRO F 168 -0.32 11.62 -32.09
N GLY F 169 0.87 12.17 -31.91
CA GLY F 169 1.15 12.88 -30.68
C GLY F 169 0.70 14.32 -30.77
N ILE F 170 -0.50 14.58 -30.28
CA ILE F 170 -1.13 15.89 -30.37
C ILE F 170 -1.69 16.27 -29.01
N LYS F 171 -1.91 17.56 -28.82
CA LYS F 171 -2.45 18.07 -27.56
C LYS F 171 -3.97 18.16 -27.70
N TYR F 172 -4.67 17.21 -27.09
CA TYR F 172 -6.14 17.21 -27.04
C TYR F 172 -6.53 16.58 -25.71
N ASP F 173 -6.77 17.43 -24.71
CA ASP F 173 -7.08 16.98 -23.37
C ASP F 173 -8.57 16.99 -23.06
N SER F 174 -9.41 17.34 -24.04
CA SER F 174 -10.84 17.37 -23.83
C SER F 174 -11.41 15.96 -23.75
N MET F 175 -12.64 15.85 -23.26
CA MET F 175 -13.28 14.56 -23.10
C MET F 175 -14.80 14.74 -23.08
N ILE F 176 -15.47 14.28 -24.13
CA ILE F 176 -16.92 14.24 -24.15
C ILE F 176 -17.42 13.30 -23.06
N ILE F 177 -18.36 13.76 -22.25
CA ILE F 177 -19.02 12.93 -21.25
C ILE F 177 -20.51 12.95 -21.53
N LEU F 178 -21.10 11.76 -21.64
CA LEU F 178 -22.50 11.60 -21.99
C LEU F 178 -23.29 11.21 -20.74
N TYR F 179 -24.31 11.99 -20.42
CA TYR F 179 -25.22 11.69 -19.32
C TYR F 179 -26.55 11.21 -19.89
N GLY F 180 -27.10 10.18 -19.27
CA GLY F 180 -28.39 9.66 -19.70
C GLY F 180 -28.82 8.52 -18.81
N GLY F 181 -29.98 7.97 -19.13
CA GLY F 181 -30.54 6.88 -18.36
C GLY F 181 -29.74 5.60 -18.52
N GLN F 182 -30.38 4.50 -18.12
CA GLN F 182 -29.73 3.20 -18.19
C GLN F 182 -29.74 2.61 -19.59
N GLY F 183 -30.55 3.15 -20.50
CA GLY F 183 -30.66 2.55 -21.81
C GLY F 183 -30.74 3.50 -23.00
N VAL F 184 -30.21 4.71 -22.86
CA VAL F 184 -30.27 5.66 -23.97
C VAL F 184 -29.33 5.28 -25.11
N GLY F 185 -28.54 4.22 -24.96
CA GLY F 185 -27.67 3.79 -26.03
C GLY F 185 -26.42 4.61 -26.20
N LYS F 186 -25.91 5.22 -25.12
CA LYS F 186 -24.66 5.98 -25.22
C LYS F 186 -23.46 5.05 -25.38
N SER F 187 -23.40 3.97 -24.59
CA SER F 187 -22.33 3.00 -24.75
C SER F 187 -22.42 2.31 -26.11
N THR F 188 -23.64 2.00 -26.55
CA THR F 188 -23.83 1.40 -27.87
C THR F 188 -23.35 2.32 -28.97
N ALA F 189 -23.69 3.61 -28.88
CA ALA F 189 -23.24 4.57 -29.89
C ALA F 189 -21.72 4.71 -29.87
N VAL F 190 -21.12 4.74 -28.69
CA VAL F 190 -19.67 4.84 -28.60
C VAL F 190 -19.01 3.61 -29.22
N SER F 191 -19.57 2.42 -28.95
CA SER F 191 -19.01 1.21 -29.54
C SER F 191 -19.19 1.19 -31.06
N LYS F 192 -20.32 1.69 -31.55
CA LYS F 192 -20.53 1.78 -32.99
C LYS F 192 -19.50 2.71 -33.63
N LEU F 193 -19.21 3.84 -32.98
CA LEU F 193 -18.19 4.75 -33.49
C LEU F 193 -16.82 4.09 -33.46
N GLY F 194 -16.48 3.41 -32.38
CA GLY F 194 -15.15 2.84 -32.25
C GLY F 194 -14.90 1.69 -33.20
N GLY F 195 -15.88 0.82 -33.40
CA GLY F 195 -15.67 -0.34 -34.24
C GLY F 195 -14.76 -1.35 -33.57
N HIS F 196 -13.85 -1.93 -34.35
CA HIS F 196 -12.91 -2.91 -33.81
C HIS F 196 -11.97 -2.29 -32.79
N TRP F 197 -11.68 -1.00 -32.92
CA TRP F 197 -10.70 -0.33 -32.07
C TRP F 197 -11.35 0.42 -30.92
N TYR F 198 -12.65 0.22 -30.69
CA TYR F 198 -13.28 0.69 -29.47
C TYR F 198 -12.75 -0.07 -28.27
N ASN F 199 -12.62 0.62 -27.15
CA ASN F 199 -12.08 0.01 -25.94
C ASN F 199 -12.86 0.50 -24.72
N GLN F 200 -13.21 -0.45 -23.86
CA GLN F 200 -13.82 -0.16 -22.57
C GLN F 200 -13.11 -0.85 -21.41
N SER F 201 -12.17 -1.75 -21.67
CA SER F 201 -11.51 -2.52 -20.62
C SER F 201 -10.38 -1.72 -19.98
N ILE F 202 -10.70 -0.50 -19.55
CA ILE F 202 -9.79 0.33 -18.78
C ILE F 202 -10.56 0.85 -17.58
N LYS F 203 -10.18 0.41 -16.38
CA LYS F 203 -10.89 0.77 -15.17
C LYS F 203 -10.02 1.49 -14.15
N THR F 204 -8.71 1.28 -14.18
CA THR F 204 -7.77 2.05 -13.37
C THR F 204 -6.90 2.88 -14.30
N PHE F 205 -6.51 4.06 -13.82
CA PHE F 205 -5.86 5.04 -14.67
C PHE F 205 -4.55 5.56 -14.11
N LYS F 206 -4.02 4.97 -13.04
CA LYS F 206 -2.73 5.34 -12.48
C LYS F 206 -1.82 4.11 -12.50
N GLY F 207 -0.57 4.32 -12.85
CA GLY F 207 0.41 3.26 -12.91
C GLY F 207 1.16 3.31 -14.21
N ASP F 208 1.79 2.19 -14.55
CA ASP F 208 2.57 2.06 -15.78
C ASP F 208 1.97 1.08 -16.78
N GLU F 209 1.38 -0.02 -16.29
CA GLU F 209 0.82 -1.03 -17.19
C GLU F 209 -0.43 -0.54 -17.91
N VAL F 210 -1.05 0.56 -17.46
CA VAL F 210 -2.23 1.07 -18.14
C VAL F 210 -1.91 1.48 -19.57
N TYR F 211 -0.71 2.03 -19.79
CA TYR F 211 -0.31 2.44 -21.12
C TYR F 211 -0.15 1.25 -22.06
N LYS F 212 -0.04 0.03 -21.53
CA LYS F 212 -0.04 -1.16 -22.38
C LYS F 212 -1.44 -1.48 -22.88
N LYS F 213 -2.47 -1.18 -22.09
CA LYS F 213 -3.84 -1.48 -22.46
C LYS F 213 -4.35 -0.60 -23.58
N LEU F 214 -3.60 0.42 -23.99
CA LEU F 214 -4.00 1.36 -25.03
C LEU F 214 -3.48 0.97 -26.41
N GLN F 215 -2.81 -0.17 -26.52
CA GLN F 215 -2.04 -0.46 -27.74
C GLN F 215 -2.93 -0.51 -28.98
N GLY F 216 -4.00 -1.29 -28.95
CA GLY F 216 -4.84 -1.44 -30.12
C GLY F 216 -6.13 -0.65 -30.05
N SER F 217 -6.21 0.29 -29.12
CA SER F 217 -7.43 1.04 -28.86
C SER F 217 -7.36 2.42 -29.50
N TRP F 218 -8.47 2.83 -30.10
CA TRP F 218 -8.60 4.16 -30.68
C TRP F 218 -9.58 5.03 -29.88
N ILE F 219 -10.81 4.58 -29.71
CA ILE F 219 -11.80 5.29 -28.92
C ILE F 219 -11.95 4.54 -27.61
N CYS F 220 -11.44 5.11 -26.53
CA CYS F 220 -11.52 4.51 -25.21
C CYS F 220 -12.66 5.15 -24.44
N GLU F 221 -13.55 4.31 -23.91
CA GLU F 221 -14.71 4.77 -23.17
C GLU F 221 -14.54 4.45 -21.70
N ILE F 222 -14.79 5.45 -20.86
CA ILE F 222 -14.76 5.31 -19.41
C ILE F 222 -16.20 5.36 -18.92
N GLU F 223 -16.71 4.23 -18.45
CA GLU F 223 -18.09 4.16 -18.01
C GLU F 223 -18.15 4.26 -16.49
N GLU F 224 -18.97 5.19 -16.01
CA GLU F 224 -19.14 5.46 -14.59
C GLU F 224 -20.52 4.94 -14.20
N LEU F 225 -20.55 3.72 -13.67
CA LEU F 225 -21.82 3.16 -13.20
C LEU F 225 -22.18 3.72 -11.85
N SER F 226 -21.33 3.50 -10.85
CA SER F 226 -21.43 4.17 -9.56
C SER F 226 -20.52 5.38 -9.54
N ALA F 227 -20.78 6.28 -8.59
CA ALA F 227 -20.02 7.53 -8.53
C ALA F 227 -18.55 7.25 -8.30
N PHE F 228 -17.70 7.86 -9.13
CA PHE F 228 -16.27 7.71 -8.98
C PHE F 228 -15.79 8.38 -7.70
N GLN F 229 -14.75 7.81 -7.10
CA GLN F 229 -14.14 8.43 -5.95
C GLN F 229 -13.41 9.71 -6.37
N LYS F 230 -13.01 10.51 -5.37
CA LYS F 230 -12.30 11.74 -5.67
C LYS F 230 -10.95 11.47 -6.32
N SER F 231 -10.34 10.33 -6.02
CA SER F 231 -9.04 10.00 -6.62
C SER F 231 -9.19 9.64 -8.10
N THR F 232 -10.27 8.95 -8.46
CA THR F 232 -10.42 8.47 -9.82
C THR F 232 -10.57 9.62 -10.82
N ILE F 233 -11.21 10.71 -10.41
CA ILE F 233 -11.35 11.85 -11.30
C ILE F 233 -9.99 12.46 -11.62
N GLU F 234 -9.15 12.63 -10.59
CA GLU F 234 -7.80 13.12 -10.82
C GLU F 234 -6.99 12.13 -11.66
N ASP F 235 -7.24 10.83 -11.46
CA ASP F 235 -6.55 9.82 -12.25
C ASP F 235 -6.91 9.94 -13.73
N ILE F 236 -8.19 10.09 -14.04
CA ILE F 236 -8.57 10.21 -15.45
C ILE F 236 -8.11 11.54 -16.03
N LYS F 237 -8.06 12.61 -15.21
CA LYS F 237 -7.48 13.86 -15.69
C LYS F 237 -6.02 13.68 -16.09
N GLY F 238 -5.22 13.12 -15.18
CA GLY F 238 -3.82 12.89 -15.47
C GLY F 238 -3.58 11.86 -16.54
N PHE F 239 -4.57 11.01 -16.83
CA PHE F 239 -4.44 10.01 -17.87
C PHE F 239 -4.72 10.61 -19.24
N ILE F 240 -5.86 11.29 -19.40
CA ILE F 240 -6.17 11.91 -20.68
C ILE F 240 -5.27 13.11 -20.95
N SER F 241 -4.60 13.65 -19.93
CA SER F 241 -3.71 14.78 -20.17
C SER F 241 -2.42 14.38 -20.88
N ALA F 242 -2.05 13.11 -20.85
CA ALA F 242 -0.81 12.66 -21.44
C ALA F 242 -0.91 12.65 -22.97
N ILE F 243 0.26 12.73 -23.62
CA ILE F 243 0.34 12.72 -25.08
C ILE F 243 1.40 11.73 -25.54
N VAL F 244 1.97 10.98 -24.59
CA VAL F 244 3.07 10.07 -24.90
C VAL F 244 3.03 8.91 -23.92
N ASP F 245 3.50 7.75 -24.38
CA ASP F 245 3.62 6.56 -23.57
C ASP F 245 4.99 5.95 -23.78
N ILE F 246 5.54 5.36 -22.71
CA ILE F 246 6.86 4.74 -22.74
C ILE F 246 6.69 3.27 -22.38
N TYR F 247 7.27 2.39 -23.20
CA TYR F 247 7.15 0.96 -22.99
C TYR F 247 8.39 0.26 -23.52
N ARG F 248 8.94 -0.66 -22.72
CA ARG F 248 10.12 -1.43 -23.07
C ARG F 248 11.29 -0.54 -23.45
N TYR F 251 12.57 -4.70 -26.93
CA TYR F 251 13.65 -5.30 -26.15
C TYR F 251 14.89 -4.41 -26.17
N GLY F 252 14.70 -3.13 -26.48
CA GLY F 252 15.79 -2.18 -26.49
C GLY F 252 15.31 -0.82 -26.94
N LYS F 253 16.19 0.16 -26.79
CA LYS F 253 15.97 1.55 -27.19
C LYS F 253 14.77 2.18 -26.50
N ARG F 254 14.18 1.50 -25.51
CA ARG F 254 13.15 2.03 -24.63
C ARG F 254 11.82 2.20 -25.34
N THR F 255 11.82 2.05 -26.67
CA THR F 255 10.62 1.94 -27.51
C THR F 255 9.49 2.86 -27.02
N GLU F 256 9.78 4.16 -26.99
CA GLU F 256 8.80 5.13 -26.53
C GLU F 256 7.63 5.17 -27.50
N ARG F 257 6.50 4.59 -27.09
CA ARG F 257 5.31 4.55 -27.94
C ARG F 257 4.70 5.93 -28.01
N HIS F 258 5.42 6.85 -28.67
CA HIS F 258 5.04 8.26 -28.70
C HIS F 258 3.63 8.53 -29.20
N PRO F 259 3.10 7.86 -30.25
CA PRO F 259 1.83 8.30 -30.86
C PRO F 259 0.69 8.66 -29.91
N ARG F 260 0.21 7.72 -29.10
CA ARG F 260 -0.98 7.95 -28.27
C ARG F 260 -2.17 8.39 -29.15
N GLN F 261 -2.61 7.47 -30.00
CA GLN F 261 -3.74 7.75 -30.89
C GLN F 261 -5.07 7.79 -30.16
N CYS F 262 -5.12 7.44 -28.88
CA CYS F 262 -6.38 7.24 -28.21
C CYS F 262 -7.13 8.56 -28.00
N VAL F 263 -8.45 8.51 -28.21
CA VAL F 263 -9.35 9.60 -27.85
C VAL F 263 -10.38 9.04 -26.88
N PHE F 264 -10.72 9.82 -25.86
CA PHE F 264 -11.46 9.32 -24.71
C PHE F 264 -12.86 9.93 -24.65
N VAL F 265 -13.83 9.07 -24.34
CA VAL F 265 -15.21 9.50 -24.11
C VAL F 265 -15.71 8.80 -22.85
N GLY F 266 -16.38 9.54 -21.98
CA GLY F 266 -16.94 8.99 -20.77
C GLY F 266 -18.46 8.92 -20.86
N THR F 267 -19.02 7.94 -20.16
CA THR F 267 -20.46 7.75 -20.10
C THR F 267 -20.87 7.59 -18.64
N THR F 268 -21.61 8.56 -18.12
CA THR F 268 -21.91 8.61 -16.70
C THR F 268 -23.40 8.42 -16.47
N ASN F 269 -23.72 7.81 -15.32
CA ASN F 269 -25.10 7.58 -14.92
C ASN F 269 -25.63 8.66 -14.00
N ASN F 270 -24.80 9.14 -13.07
CA ASN F 270 -25.19 10.21 -12.17
C ASN F 270 -25.24 11.54 -12.92
N TYR F 271 -26.23 12.36 -12.58
CA TYR F 271 -26.35 13.68 -13.20
C TYR F 271 -25.16 14.57 -12.83
N GLU F 272 -24.85 14.65 -11.54
CA GLU F 272 -23.76 15.49 -11.05
C GLU F 272 -22.54 14.61 -10.84
N PHE F 273 -21.62 14.63 -11.80
CA PHE F 273 -20.40 13.85 -11.74
C PHE F 273 -19.16 14.69 -11.52
N LEU F 274 -19.27 16.01 -11.65
CA LEU F 274 -18.13 16.92 -11.48
C LEU F 274 -18.08 17.38 -10.03
N LYS F 275 -16.92 17.21 -9.40
CA LYS F 275 -16.72 17.61 -8.02
C LYS F 275 -15.72 18.74 -7.88
N ASP F 276 -14.51 18.56 -8.43
CA ASP F 276 -13.48 19.57 -8.33
C ASP F 276 -13.68 20.68 -9.36
N GLN F 277 -13.25 21.88 -9.02
CA GLN F 277 -13.20 22.98 -9.97
C GLN F 277 -12.01 22.83 -10.93
N THR F 278 -11.00 22.05 -10.55
CA THR F 278 -9.87 21.80 -11.43
C THR F 278 -10.29 21.05 -12.69
N GLY F 279 -11.15 20.04 -12.54
CA GLY F 279 -11.53 19.20 -13.66
C GLY F 279 -12.33 19.93 -14.73
N ASN F 280 -12.93 21.07 -14.39
CA ASN F 280 -13.71 21.81 -15.36
C ASN F 280 -12.83 22.31 -16.50
N ARG F 281 -13.50 22.78 -17.56
CA ARG F 281 -12.89 23.33 -18.76
C ARG F 281 -12.23 22.25 -19.60
N ARG F 282 -12.20 21.02 -19.08
CA ARG F 282 -11.67 19.87 -19.81
C ARG F 282 -12.69 18.77 -20.02
N PHE F 283 -13.61 18.60 -19.07
CA PHE F 283 -14.73 17.68 -19.27
C PHE F 283 -15.89 18.46 -19.88
N PHE F 284 -16.38 18.00 -21.02
CA PHE F 284 -17.46 18.68 -21.75
C PHE F 284 -18.71 17.81 -21.71
N PRO F 285 -19.57 17.98 -20.71
CA PRO F 285 -20.74 17.11 -20.59
C PRO F 285 -21.75 17.38 -21.71
N ILE F 286 -22.48 16.32 -22.07
CA ILE F 286 -23.60 16.41 -22.98
C ILE F 286 -24.76 15.64 -22.37
N THR F 287 -25.92 16.28 -22.28
CA THR F 287 -27.11 15.67 -21.70
C THR F 287 -27.88 14.94 -22.78
N THR F 288 -27.99 13.62 -22.66
CA THR F 288 -28.67 12.79 -23.63
C THR F 288 -30.01 12.35 -23.08
N ASP F 289 -31.06 12.53 -23.86
CA ASP F 289 -32.41 12.15 -23.47
C ASP F 289 -32.97 11.14 -24.49
N LYS F 290 -34.06 10.50 -24.11
CA LYS F 290 -34.69 9.50 -24.95
C LYS F 290 -36.04 10.00 -25.47
N ASN F 291 -36.57 9.27 -26.45
CA ASN F 291 -37.85 9.56 -27.10
C ASN F 291 -37.75 10.77 -28.00
N LYS F 292 -36.59 11.45 -27.99
CA LYS F 292 -36.34 12.58 -28.87
C LYS F 292 -35.17 12.35 -29.81
N ALA F 293 -34.61 11.14 -29.83
CA ALA F 293 -33.52 10.81 -30.73
C ALA F 293 -34.10 10.48 -32.10
N THR F 294 -33.68 11.24 -33.12
CA THR F 294 -34.21 11.05 -34.47
C THR F 294 -33.83 9.67 -35.01
N LYS F 295 -32.59 9.25 -34.81
CA LYS F 295 -32.11 7.97 -35.31
C LYS F 295 -31.71 7.08 -34.14
N SER F 296 -32.07 5.81 -34.24
CA SER F 296 -31.75 4.84 -33.20
C SER F 296 -30.27 4.44 -33.30
N PRO F 297 -29.48 4.59 -32.24
CA PRO F 297 -28.07 4.18 -32.32
C PRO F 297 -27.90 2.69 -32.52
N PHE F 298 -28.92 1.88 -32.23
CA PHE F 298 -28.82 0.43 -32.39
C PHE F 298 -29.02 -0.02 -33.82
N ASP F 299 -29.52 0.85 -34.70
CA ASP F 299 -29.85 0.42 -36.06
C ASP F 299 -29.28 1.36 -37.11
N ASP F 300 -29.06 2.62 -36.76
CA ASP F 300 -28.70 3.64 -37.73
C ASP F 300 -27.22 3.99 -37.75
N LEU F 301 -26.50 3.78 -36.66
CA LEU F 301 -25.04 3.93 -36.69
C LEU F 301 -24.45 2.70 -37.35
N THR F 302 -24.34 2.73 -38.68
CA THR F 302 -23.74 1.67 -39.47
C THR F 302 -22.30 2.06 -39.82
N PRO F 303 -21.46 1.08 -40.17
CA PRO F 303 -20.08 1.43 -40.52
C PRO F 303 -19.96 2.43 -41.66
N VAL F 304 -20.89 2.42 -42.61
CA VAL F 304 -20.85 3.37 -43.70
C VAL F 304 -21.02 4.79 -43.18
N VAL F 305 -22.00 5.00 -42.31
CA VAL F 305 -22.30 6.34 -41.83
C VAL F 305 -21.16 6.86 -40.94
N VAL F 306 -20.64 6.01 -40.06
CA VAL F 306 -19.53 6.45 -39.21
C VAL F 306 -18.27 6.69 -40.04
N GLN F 307 -18.06 5.90 -41.09
CA GLN F 307 -16.93 6.15 -41.98
C GLN F 307 -17.08 7.49 -42.68
N GLN F 308 -18.29 7.82 -43.13
CA GLN F 308 -18.52 9.12 -43.75
C GLN F 308 -18.31 10.25 -42.75
N MET F 309 -18.74 10.05 -41.50
CA MET F 309 -18.52 11.05 -40.48
C MET F 309 -17.04 11.28 -40.22
N PHE F 310 -16.26 10.20 -40.15
CA PHE F 310 -14.83 10.35 -39.95
C PHE F 310 -14.15 10.97 -41.16
N ALA F 311 -14.66 10.71 -42.37
CA ALA F 311 -14.14 11.39 -43.55
C ALA F 311 -14.42 12.90 -43.48
N GLU F 312 -15.62 13.26 -43.04
CA GLU F 312 -15.95 14.68 -42.85
C GLU F 312 -15.04 15.32 -41.80
N ALA F 313 -14.78 14.61 -40.71
CA ALA F 313 -13.86 15.10 -39.70
C ALA F 313 -12.46 15.26 -40.28
N ARG F 314 -12.03 14.32 -41.12
CA ARG F 314 -10.75 14.43 -41.80
C ARG F 314 -10.68 15.70 -42.63
N VAL F 315 -11.74 15.98 -43.39
CA VAL F 315 -11.77 17.18 -44.22
C VAL F 315 -11.65 18.43 -43.35
N TYR F 316 -12.47 18.50 -42.31
CA TYR F 316 -12.48 19.69 -41.46
C TYR F 316 -11.14 19.89 -40.76
N PHE F 317 -10.54 18.81 -40.25
CA PHE F 317 -9.26 18.93 -39.56
C PHE F 317 -8.14 19.27 -40.55
N ASP F 318 -8.18 18.71 -41.76
CA ASP F 318 -7.16 19.01 -42.75
C ASP F 318 -7.29 20.42 -43.27
N GLU F 319 -8.45 21.06 -43.11
CA GLU F 319 -8.54 22.48 -43.40
C GLU F 319 -7.65 23.31 -42.49
N ASN F 320 -7.23 22.77 -41.34
CA ASN F 320 -6.32 23.44 -40.41
C ASN F 320 -5.65 22.41 -39.50
N PRO F 321 -4.62 21.71 -39.98
CA PRO F 321 -4.01 20.65 -39.16
C PRO F 321 -3.19 21.20 -37.99
N THR F 322 -3.87 21.63 -36.94
CA THR F 322 -3.18 22.14 -35.75
C THR F 322 -4.02 21.80 -34.53
N ASP F 323 -3.33 21.67 -33.38
CA ASP F 323 -4.05 21.44 -32.13
C ASP F 323 -4.95 22.61 -31.77
N LYS F 324 -4.55 23.83 -32.13
CA LYS F 324 -5.40 24.99 -31.90
C LYS F 324 -6.73 24.89 -32.64
N ALA F 325 -6.79 24.11 -33.71
CA ALA F 325 -8.04 23.91 -34.43
C ALA F 325 -8.96 22.93 -33.71
N LEU F 326 -8.47 22.21 -32.72
CA LEU F 326 -9.29 21.29 -31.93
C LEU F 326 -9.95 21.96 -30.73
N LEU F 327 -9.58 23.20 -30.44
CA LEU F 327 -10.19 23.93 -29.33
C LEU F 327 -11.56 24.47 -29.75
N LEU F 328 -12.38 24.76 -28.74
CA LEU F 328 -13.73 25.22 -28.99
C LEU F 328 -13.74 26.69 -29.39
N ASP F 329 -14.86 27.11 -29.97
CA ASP F 329 -15.08 28.52 -30.25
C ASP F 329 -15.16 29.31 -28.94
N LYS F 330 -14.86 30.61 -29.03
CA LYS F 330 -14.79 31.44 -27.84
C LYS F 330 -16.12 31.45 -27.09
N GLU F 331 -17.21 31.75 -27.79
CA GLU F 331 -18.53 31.69 -27.17
C GLU F 331 -18.93 30.25 -26.84
N ALA F 332 -18.50 29.28 -27.66
CA ALA F 332 -18.74 27.89 -27.31
C ALA F 332 -18.07 27.54 -25.99
N SER F 333 -16.83 28.00 -25.78
CA SER F 333 -16.16 27.74 -24.51
C SER F 333 -16.82 28.48 -23.35
N GLU F 334 -17.22 29.73 -23.58
CA GLU F 334 -17.79 30.49 -22.47
C GLU F 334 -19.13 29.91 -22.02
N MET F 335 -19.89 29.31 -22.93
CA MET F 335 -21.14 28.68 -22.48
C MET F 335 -20.91 27.22 -22.08
N ALA F 336 -19.82 26.60 -22.54
CA ALA F 336 -19.37 25.36 -21.93
C ALA F 336 -19.06 25.55 -20.46
N LEU F 337 -18.58 26.73 -20.07
CA LEU F 337 -18.42 27.04 -18.66
C LEU F 337 -19.77 26.94 -17.93
N LYS F 338 -20.83 27.48 -18.54
CA LYS F 338 -22.16 27.39 -17.93
C LYS F 338 -22.60 25.94 -17.79
N VAL F 339 -22.37 25.12 -18.82
CA VAL F 339 -22.76 23.72 -18.74
C VAL F 339 -22.00 23.01 -17.63
N GLN F 340 -20.68 23.25 -17.56
CA GLN F 340 -19.86 22.60 -16.55
C GLN F 340 -20.26 23.04 -15.14
N GLU F 341 -20.74 24.27 -14.99
CA GLU F 341 -21.30 24.66 -13.70
C GLU F 341 -22.63 23.97 -13.44
N ALA F 342 -23.44 23.79 -14.47
CA ALA F 342 -24.73 23.12 -14.29
C ALA F 342 -24.61 21.63 -14.07
N HIS F 343 -23.42 21.05 -14.27
CA HIS F 343 -23.21 19.62 -14.03
C HIS F 343 -22.29 19.35 -12.85
N SER F 344 -22.08 20.34 -11.98
CA SER F 344 -21.17 20.20 -10.85
C SER F 344 -21.92 20.32 -9.54
N GLU F 345 -21.30 19.81 -8.47
CA GLU F 345 -21.86 19.94 -7.14
C GLU F 345 -21.91 21.41 -6.71
N LYS F 346 -22.91 21.75 -5.91
CA LYS F 346 -23.23 23.14 -5.63
C LYS F 346 -22.69 23.65 -4.30
N ASP F 347 -22.44 22.76 -3.34
CA ASP F 347 -21.85 23.04 -2.04
C ASP F 347 -22.82 23.76 -1.10
N ALA F 348 -23.92 24.27 -1.65
CA ALA F 348 -25.13 24.60 -0.89
C ALA F 348 -24.92 25.51 0.31
N LEU F 349 -23.71 26.06 0.48
CA LEU F 349 -23.41 26.87 1.65
C LEU F 349 -23.29 28.35 1.32
N VAL F 350 -22.93 28.68 0.08
CA VAL F 350 -22.83 30.07 -0.32
C VAL F 350 -24.20 30.74 -0.26
N GLY F 351 -25.26 30.01 -0.59
CA GLY F 351 -26.59 30.58 -0.51
C GLY F 351 -27.01 30.92 0.91
N GLU F 352 -26.72 30.01 1.84
CA GLU F 352 -27.06 30.26 3.24
C GLU F 352 -26.29 31.45 3.80
N ILE F 353 -25.00 31.56 3.45
CA ILE F 353 -24.21 32.69 3.90
C ILE F 353 -24.71 33.98 3.26
N GLU F 354 -25.13 33.91 1.99
CA GLU F 354 -25.71 35.09 1.35
C GLU F 354 -26.96 35.54 2.08
N GLU F 355 -27.82 34.59 2.45
CA GLU F 355 -29.02 34.94 3.19
C GLU F 355 -28.68 35.55 4.54
N PHE F 356 -27.67 35.01 5.22
CA PHE F 356 -27.23 35.59 6.48
C PHE F 356 -26.72 37.01 6.31
N LEU F 357 -25.95 37.27 5.26
CA LEU F 357 -25.42 38.59 4.98
C LEU F 357 -26.49 39.58 4.56
N GLU F 358 -27.58 39.11 3.95
CA GLU F 358 -28.61 39.99 3.42
C GLU F 358 -29.50 40.60 4.50
N ARG F 359 -29.47 40.07 5.72
CA ARG F 359 -30.37 40.69 6.68
C ARG F 359 -29.71 41.90 7.33
N PRO F 360 -30.49 42.92 7.67
CA PRO F 360 -29.92 44.10 8.32
C PRO F 360 -29.51 43.80 9.76
N ILE F 361 -28.59 44.63 10.25
CA ILE F 361 -28.06 44.48 11.60
C ILE F 361 -28.24 45.80 12.34
N PRO F 362 -28.31 45.79 13.67
CA PRO F 362 -28.42 47.05 14.41
C PRO F 362 -27.20 47.94 14.21
N SER F 363 -27.40 49.23 14.45
CA SER F 363 -26.30 50.18 14.32
C SER F 363 -25.17 49.86 15.30
N ASP F 364 -25.53 49.50 16.53
CA ASP F 364 -24.56 49.13 17.56
C ASP F 364 -24.25 47.64 17.57
N TYR F 365 -24.42 46.96 16.44
CA TYR F 365 -24.23 45.51 16.39
C TYR F 365 -22.80 45.10 16.71
N TRP F 366 -21.82 45.96 16.42
CA TRP F 366 -20.42 45.62 16.66
C TRP F 366 -19.99 45.86 18.10
N TYR F 367 -20.64 46.78 18.81
CA TYR F 367 -20.33 47.02 20.21
C TYR F 367 -21.06 46.08 21.15
N ARG F 368 -22.04 45.34 20.65
CA ARG F 368 -22.73 44.35 21.47
C ARG F 368 -21.84 43.14 21.69
N THR F 369 -21.97 42.54 22.85
CA THR F 369 -21.23 41.32 23.15
C THR F 369 -21.78 40.15 22.33
N LEU F 370 -20.95 39.13 22.16
CA LEU F 370 -21.46 37.89 21.62
C LEU F 370 -22.40 37.26 22.64
N GLU F 371 -23.31 36.42 22.14
CA GLU F 371 -24.48 35.84 22.80
C GLU F 371 -25.63 36.85 22.87
N GLU F 372 -25.41 38.11 22.49
CA GLU F 372 -26.50 39.00 22.13
C GLU F 372 -26.37 39.52 20.70
N LYS F 373 -25.17 39.50 20.12
CA LYS F 373 -25.06 39.64 18.68
C LYS F 373 -25.81 38.53 17.97
N ARG F 374 -25.82 37.33 18.54
CA ARG F 374 -26.57 36.22 17.95
C ARG F 374 -28.06 36.52 17.91
N VAL F 375 -28.63 36.97 19.03
CA VAL F 375 -30.06 37.25 19.05
C VAL F 375 -30.37 38.47 18.20
N SER F 376 -29.44 39.42 18.10
CA SER F 376 -29.64 40.55 17.20
C SER F 376 -29.62 40.10 15.75
N ALA F 377 -28.91 39.01 15.45
CA ALA F 377 -28.83 38.53 14.07
C ALA F 377 -29.88 37.46 13.76
N HIS F 378 -30.42 36.80 14.78
CA HIS F 378 -31.30 35.66 14.56
C HIS F 378 -32.75 35.93 14.96
N ASP F 379 -33.16 37.19 15.08
CA ASP F 379 -34.55 37.53 15.33
C ASP F 379 -35.09 38.67 14.48
N VAL F 380 -34.21 39.48 13.88
CA VAL F 380 -34.63 40.65 13.10
C VAL F 380 -35.06 40.25 11.69
N ILE F 381 -35.10 38.96 11.41
CA ILE F 381 -35.35 38.50 10.05
C ILE F 381 -36.74 38.93 9.61
N ASP F 382 -36.79 39.87 8.67
CA ASP F 382 -38.04 40.44 8.17
C ASP F 382 -37.87 40.73 6.68
N GLN F 383 -38.97 41.08 6.03
CA GLN F 383 -38.91 41.60 4.66
C GLN F 383 -39.88 42.75 4.42
N ASP F 384 -40.50 43.29 5.47
CA ASP F 384 -41.42 44.42 5.34
C ASP F 384 -40.67 45.74 5.58
N TYR F 385 -39.62 45.94 4.78
CA TYR F 385 -38.70 47.04 4.97
C TYR F 385 -39.19 48.28 4.25
N ILE F 386 -38.68 49.44 4.69
CA ILE F 386 -38.90 50.71 4.00
C ILE F 386 -37.53 51.25 3.64
N LYS F 387 -37.15 51.10 2.37
CA LYS F 387 -35.84 51.52 1.88
C LYS F 387 -35.98 52.93 1.28
N LEU F 388 -35.31 53.90 1.90
CA LEU F 388 -35.45 55.29 1.51
C LEU F 388 -34.58 55.64 0.31
N TYR F 389 -33.30 55.30 0.35
CA TYR F 389 -32.37 55.69 -0.71
C TYR F 389 -31.63 54.49 -1.28
N GLY F 392 -28.51 52.22 1.79
CA GLY F 392 -28.94 53.52 2.28
C GLY F 392 -29.79 53.46 3.54
N LYS F 393 -30.66 54.45 3.70
CA LYS F 393 -31.53 54.50 4.87
C LYS F 393 -32.53 53.34 4.84
N LEU F 394 -32.91 52.89 6.04
CA LEU F 394 -33.78 51.73 6.18
C LEU F 394 -34.68 51.93 7.39
N ILE F 395 -35.96 51.61 7.25
CA ILE F 395 -36.93 51.70 8.34
C ILE F 395 -37.60 50.34 8.49
N GLU F 396 -37.81 49.93 9.74
CA GLU F 396 -38.40 48.65 10.09
C GLU F 396 -39.80 48.86 10.66
N LEU F 397 -40.41 47.77 11.10
CA LEU F 397 -41.75 47.82 11.70
C LEU F 397 -41.66 47.98 13.22
N LYS F 401 -38.20 51.06 14.38
CA LYS F 401 -37.78 52.44 14.59
C LYS F 401 -36.76 52.85 13.53
N PRO F 402 -37.00 53.96 12.85
CA PRO F 402 -36.12 54.36 11.75
C PRO F 402 -34.74 54.76 12.26
N GLY F 403 -33.74 54.47 11.44
CA GLY F 403 -32.36 54.79 11.79
C GLY F 403 -31.76 53.91 12.86
N ALA F 404 -32.31 52.71 13.05
CA ALA F 404 -31.83 51.77 14.06
C ALA F 404 -31.06 50.61 13.48
N TYR F 405 -31.44 50.11 12.31
CA TYR F 405 -30.76 49.01 11.66
C TYR F 405 -30.07 49.49 10.39
N VAL F 406 -28.82 49.11 10.24
CA VAL F 406 -28.02 49.50 9.08
C VAL F 406 -27.60 48.23 8.34
N TRP F 407 -27.42 48.36 7.03
CA TRP F 407 -26.95 47.24 6.25
C TRP F 407 -25.54 46.85 6.67
N ARG F 408 -25.21 45.57 6.52
CA ARG F 408 -23.95 45.05 7.01
C ARG F 408 -22.78 45.71 6.32
N ASP F 409 -21.68 45.89 7.06
CA ASP F 409 -20.47 46.52 6.57
C ASP F 409 -19.33 45.52 6.36
N LYS F 410 -19.05 44.69 7.38
CA LYS F 410 -17.94 43.77 7.35
C LYS F 410 -18.38 42.42 7.88
N VAL F 411 -17.69 41.36 7.46
CA VAL F 411 -17.95 40.02 7.94
C VAL F 411 -16.66 39.22 7.90
N CYS F 412 -16.52 38.29 8.85
CA CYS F 412 -15.36 37.42 8.91
C CYS F 412 -15.85 35.98 9.07
N SER F 413 -14.96 35.05 8.74
CA SER F 413 -15.32 33.63 8.81
C SER F 413 -15.68 33.21 10.22
N MET F 414 -14.97 33.75 11.22
CA MET F 414 -15.28 33.40 12.60
C MET F 414 -16.63 33.94 13.02
N GLU F 415 -17.06 35.08 12.46
CA GLU F 415 -18.42 35.55 12.74
C GLU F 415 -19.45 34.59 12.20
N ILE F 416 -19.22 34.05 11.01
CA ILE F 416 -20.10 33.03 10.46
C ILE F 416 -20.11 31.79 11.35
N TRP F 417 -18.94 31.45 11.90
CA TRP F 417 -18.83 30.24 12.71
C TRP F 417 -19.46 30.41 14.08
N LYS F 418 -19.44 31.63 14.62
CA LYS F 418 -19.91 31.90 15.98
C LYS F 418 -21.30 32.53 16.02
N VAL F 419 -21.57 33.51 15.16
CA VAL F 419 -22.85 34.21 15.21
C VAL F 419 -23.91 33.47 14.39
N MET F 420 -23.59 33.12 13.15
CA MET F 420 -24.56 32.49 12.27
C MET F 420 -24.70 31.00 12.58
N MET F 421 -23.58 30.28 12.62
CA MET F 421 -23.64 28.84 12.84
C MET F 421 -23.75 28.50 14.32
N LYS F 422 -23.46 29.44 15.22
CA LYS F 422 -23.63 29.26 16.66
C LYS F 422 -22.90 28.03 17.17
N ARG F 423 -21.70 27.80 16.66
CA ARG F 423 -21.01 26.54 16.94
C ARG F 423 -20.40 26.51 18.33
N ASP F 424 -19.86 27.63 18.80
CA ASP F 424 -19.23 27.75 20.12
C ASP F 424 -18.05 26.80 20.30
N ASP F 425 -17.51 26.26 19.21
CA ASP F 425 -16.38 25.35 19.26
C ASP F 425 -15.18 25.98 18.56
N GLN F 426 -14.00 25.48 18.90
CA GLN F 426 -12.79 25.91 18.22
C GLN F 426 -12.76 25.31 16.82
N PRO F 427 -12.67 26.13 15.78
CA PRO F 427 -12.58 25.57 14.42
C PRO F 427 -11.20 25.01 14.15
N GLN F 428 -11.16 23.96 13.33
CA GLN F 428 -9.91 23.26 13.04
C GLN F 428 -9.17 23.82 11.85
N GLN F 429 -9.41 25.10 11.50
CA GLN F 429 -8.71 25.82 10.45
C GLN F 429 -9.11 25.29 9.08
N HIS F 430 -9.88 24.20 9.05
CA HIS F 430 -10.46 23.70 7.81
C HIS F 430 -11.95 23.93 7.72
N HIS F 431 -12.62 24.25 8.84
CA HIS F 431 -13.98 24.77 8.76
C HIS F 431 -13.97 26.21 8.28
N LEU F 432 -13.02 27.01 8.78
CA LEU F 432 -12.93 28.40 8.34
C LEU F 432 -12.45 28.50 6.91
N ARG F 433 -11.65 27.54 6.45
CA ARG F 433 -11.31 27.46 5.04
C ARG F 433 -12.56 27.38 4.18
N LYS F 434 -13.45 26.45 4.52
CA LYS F 434 -14.71 26.33 3.78
C LYS F 434 -15.54 27.59 3.92
N ILE F 435 -15.59 28.17 5.11
CA ILE F 435 -16.46 29.31 5.36
C ILE F 435 -16.02 30.52 4.54
N ASP F 436 -14.73 30.84 4.56
CA ASP F 436 -14.31 32.02 3.80
C ASP F 436 -14.19 31.72 2.31
N LYS F 437 -14.02 30.46 1.90
CA LYS F 437 -14.16 30.14 0.49
C LYS F 437 -15.58 30.42 0.01
N ALA F 438 -16.58 30.00 0.79
CA ALA F 438 -17.96 30.30 0.45
C ALA F 438 -18.24 31.79 0.51
N LEU F 439 -17.59 32.51 1.43
CA LEU F 439 -17.75 33.96 1.48
C LEU F 439 -17.19 34.62 0.23
N ARG F 440 -16.06 34.13 -0.27
CA ARG F 440 -15.51 34.63 -1.52
C ARG F 440 -16.43 34.32 -2.69
N ASN F 441 -17.03 33.13 -2.70
CA ASN F 441 -17.99 32.80 -3.75
C ASN F 441 -19.24 33.65 -3.69
N THR F 442 -19.51 34.31 -2.57
CA THR F 442 -20.65 35.20 -2.44
C THR F 442 -20.44 36.46 -3.29
N ASN F 443 -21.52 36.91 -3.94
CA ASN F 443 -21.43 38.09 -4.78
C ASN F 443 -21.12 39.34 -3.97
N TYR F 444 -21.59 39.39 -2.72
CA TYR F 444 -21.43 40.60 -1.92
C TYR F 444 -19.99 40.79 -1.47
N CYS F 445 -19.34 39.73 -1.01
CA CYS F 445 -18.01 39.82 -0.41
C CYS F 445 -16.97 39.89 -1.52
N GLY F 446 -16.00 40.81 -1.37
CA GLY F 446 -14.90 40.93 -2.29
C GLY F 446 -13.85 39.85 -2.08
N THR F 447 -12.61 40.22 -2.40
CA THR F 447 -11.50 39.29 -2.19
C THR F 447 -10.51 39.82 -1.16
N VAL F 448 -10.28 41.12 -1.10
CA VAL F 448 -9.33 41.70 -0.17
C VAL F 448 -9.94 41.71 1.23
N LYS F 449 -9.16 41.29 2.21
CA LYS F 449 -9.59 41.25 3.60
C LYS F 449 -8.83 42.29 4.42
N LYS F 450 -9.52 42.91 5.36
CA LYS F 450 -8.92 43.89 6.26
C LYS F 450 -9.02 43.40 7.69
N GLN F 451 -8.02 43.75 8.50
CA GLN F 451 -8.02 43.40 9.92
C GLN F 451 -8.80 44.46 10.68
N THR F 452 -9.81 44.03 11.42
CA THR F 452 -10.67 44.96 12.13
C THR F 452 -11.21 44.26 13.38
N ARG F 453 -11.65 45.06 14.34
CA ARG F 453 -12.25 44.55 15.56
C ARG F 453 -13.70 44.17 15.31
N TYR F 454 -14.13 43.03 15.84
CA TYR F 454 -15.47 42.52 15.58
C TYR F 454 -16.33 42.37 16.83
N GLY F 455 -15.75 42.35 18.02
CA GLY F 455 -16.56 42.35 19.21
C GLY F 455 -16.00 41.43 20.28
N GLU F 456 -16.90 40.95 21.14
CA GLU F 456 -16.51 40.24 22.34
C GLU F 456 -15.79 38.93 22.01
N GLY F 457 -16.48 37.99 21.39
CA GLY F 457 -15.95 36.66 21.18
C GLY F 457 -15.19 36.46 19.89
N ILE F 458 -14.94 37.52 19.13
CA ILE F 458 -14.24 37.43 17.85
C ILE F 458 -12.92 38.19 17.87
N GLY F 459 -12.89 39.37 18.49
CA GLY F 459 -11.65 40.11 18.61
C GLY F 459 -11.24 40.78 17.31
N LYS F 460 -9.93 40.99 17.17
CA LYS F 460 -9.36 41.63 15.99
C LYS F 460 -9.02 40.56 14.97
N GLN F 461 -9.72 40.54 13.84
CA GLN F 461 -9.58 39.48 12.88
C GLN F 461 -9.65 40.03 11.46
N TYR F 462 -9.15 39.22 10.52
CA TYR F 462 -9.09 39.60 9.10
C TYR F 462 -10.37 39.15 8.42
N GLY F 463 -11.25 40.10 8.08
CA GLY F 463 -12.52 39.79 7.46
C GLY F 463 -12.75 40.62 6.22
N PHE F 464 -13.74 40.21 5.44
CA PHE F 464 -14.10 40.88 4.20
C PHE F 464 -14.92 42.13 4.49
N SER F 465 -15.11 42.94 3.44
CA SER F 465 -15.96 44.11 3.49
C SER F 465 -17.08 43.90 2.49
N VAL F 466 -18.32 43.86 2.97
CA VAL F 466 -19.47 43.52 2.14
C VAL F 466 -20.10 44.78 1.58
N ASP F 467 -20.70 44.67 0.40
CA ASP F 467 -21.55 45.71 -0.15
C ASP F 467 -22.84 45.06 -0.64
N LEU F 468 -23.98 45.53 -0.12
CA LEU F 468 -25.27 44.95 -0.44
C LEU F 468 -26.04 45.78 -1.47
N ALA F 469 -25.33 46.60 -2.24
CA ALA F 469 -26.00 47.37 -3.29
C ALA F 469 -26.67 46.46 -4.32
N SER F 470 -26.05 45.31 -4.61
CA SER F 470 -26.67 44.34 -5.50
C SER F 470 -27.96 43.79 -4.93
N TYR F 471 -28.18 43.93 -3.62
CA TYR F 471 -29.36 43.41 -2.96
C TYR F 471 -30.43 44.46 -2.73
N TYR F 472 -30.10 45.73 -2.87
CA TYR F 472 -31.06 46.81 -2.66
C TYR F 472 -32.11 46.83 -3.76
#